data_8RED
#
_entry.id   8RED
#
_cell.length_a   1.00
_cell.length_b   1.00
_cell.length_c   1.00
_cell.angle_alpha   90.00
_cell.angle_beta   90.00
_cell.angle_gamma   90.00
#
_symmetry.space_group_name_H-M   'P 1'
#
loop_
_entity.id
_entity.type
_entity.pdbx_description
1 polymer 'DNA (46-MER)'
2 polymer "RNA (5'-R(P*GP*CP*CP*GP*CP*GP*AP*U)-3')"
3 polymer 'DNA (51-MER)'
4 polymer 'DNA-directed RNA polymerase subunit alpha'
5 polymer 'DNA-directed RNA polymerase subunit beta'
6 polymer "DNA-directed RNA polymerase subunit beta'"
7 polymer 'DNA-directed RNA polymerase subunit omega'
8 polymer 'RNA polymerase sigma-54 factor'
9 non-polymer 'MAGNESIUM ION'
10 non-polymer 'ZINC ION'
#
loop_
_entity_poly.entity_id
_entity_poly.type
_entity_poly.pdbx_seq_one_letter_code
_entity_poly.pdbx_strand_id
1 'polydeoxyribonucleotide'
;(DG)(DC)(DT)(DG)(DG)(DC)(DA)(DC)(DG)(DA)(DC)(DT)(DT)(DT)(DT)(DG)(DC)(DA)(DC)(DT)
(DC)(DG)(DA)(DT)(DA)(DT)(DC)(DG)(DC)(DA)(DT)(DG)(DC)(DT)(DG)(DT)(DT)(DG)(DC)(DA)
(DC)(DA)(DT)(DT)(DC)(DA)
;
N
2 'polyribonucleotide' GCCGCGAU R
3 'polydeoxyribonucleotide'
;(DT)(DG)(DA)(DA)(DT)(DG)(DT)(DG)(DC)(DA)(DA)(DC)(DA)(DG)(DC)(DA)(DT)(DG)(DA)(DT)
(DC)(DG)(DC)(DG)(DG)(DC)(DA)(DA)(DG)(DC)(DT)(DC)(DG)(DT)(DG)(DC)(DA)(DA)(DA)(DA)
(DG)(DT)(DC)(DG)(DT)(DG)(DC)(DC)(DA)(DG)(DC)
;
T
4 'polypeptide(L)'
;SVTEFLKPRLVDIEQVSSTHAKVTLEPLERGFGHTLGNALRRILLSSMPGCAVTEVEIDGVLHEYSTKEGVQEDILEILL
NLKGLAVRVQGKDEVILTLNKSGIGPVTAADITHDGDVEIVKPQHVICHLTDENASISMRIKVQRGRGYVPASTRIHSEE
DERPIGRLLVDACYSPVERIAYNVEAARVEQRTDLDKLVIEMETNGTIDPEEAIRRAATILAEQLEAFVDLRDVRQPEVK
EEKPEFDPILLRPVDDLELTVRSANCLKAEAIHYIGDLVQRTEVELLKTPNLGKKSLTEIKDVLASRGLSLGMRLENWPP
A
;
A,B
5 'polypeptide(L)'
;MVYSYTEKKRIRKDFGKRPQVLDVPYLLSIQLDSFQKFIEQDPEGQYGLEAAFRSVFPIQSYSGNSELQYVSYRLGEPVF
DVQECQIRGVTYSAPLRVKLRLVIYEREAPEGTVKDIKEQEVYMGEIPLMTDNGTFVINGTERVIVSQLHRSPGVFFDSD
KGKTHSSGKVLYNARIIPYRGSWLDFEFDPKDNLFVRIDRRRKLPATIILRALNYTTEQILDLFFEKVIFEIRDNKLQME
LVPERLRGETASFDIEANGKVYVEKGRRITARHIRQLEKDDVKLIEVPVEYIAGKVVAKDYIDESTGELICAANMELSLD
LLAKLSQSGHKRIETLFTNDLDHGPYISETLRVDPTNDRLSALVEIYRMMRPGEPPTREAAESLFENLFFSEDRYDLSAV
GRMKFNRSLLREEIEGSGILSKDDIIDVMKKLIDIRNGKGEVDDIDHLGNRRIRSVGEMAENQFRVGLVRVERAVKERLS
LGDLDTLMPQDMINAKPISAAVKEFFGSSQLSQFMDQNNPLSEITHKRRISALGPGGLTRERAGFEVRDVHPTHYGRVCP
IETPEGPNIGLINSLSVYAQTNEYGFLETPYRKVTDGVVTDEIHYLSAIEEGNYVIAQANSNLDEEGHFVEDLVTCRSKG
ESSLFSRDQVDYMDVSTQQVVSVGASLIPFLEHDDANRALMGANMQRQAVPTLRADKPLVGTGMERAVAVDSGVTAVAKR
GGVVQYVDASRIVIKVNEDEMYPGEAGIDIYNLTKYTRSNQNTCINQMPCVSLGEPVERGDVLADGPSTDLGELALGQNM
RVAFMPWNGYNFEDSILVSERVVQEDRFTTIHIQELACVSRDTKLGPEEITADIPNVGEAALSKLDESGIVYIGAEVTGG
DILVGKVTPKGETQLTPEEKLLRAIFGEKASDVKDSSLRVPNGVSGTVIDVQVFTRDGVEKDKRALEIEEMQLKQAKKDL
SEELQILEAGLFSRIRAVLVAGGVEAEKLDKLPRDRWLELGLTDEEKQNQLEQLAEQYDELKHEFEKKLEAKRRKITQGD
DLAPGVLKIVKVYLAVKRRIQPGDKMAGRHGNKGVISKINPIEDMPYDENGTPVDIVLNPLGVPSRMNIGQILETHLGMA
AKGIGDKINAMLKQQQEVAKLREFIQRAYDLGADVRQKVDLSTFSDEEVMRLAENLRKGMPIATPVFDGAKEAEIKELLK
LGDLPTSGQIRLYDGRTGEQFERPVTVGYMYMLKLNHLVDDKMHARSTGSYSLVTQQPLGGKAQFGGQRFGEMEVWALEA
YGAAYTLQEMLTVKSDDVNGRTKMYKNIVDGNHQMEPGMPESFNVLLKEIRSLGINIELED
;
C
6 'polypeptide(L)'
;LLKFLKAQTKTEEFDAIKIALASPDMIRSWSFGEVKKPETINYRTFKPERDGLFCARIFGPVKDYECLCGKYKRLKHRGV
ICEKCGVEVTQTKVRRERMGHIELASPTAHIWFLKSLPSRIGLLLDMPLRDIERVLYFESYVVIEGGMTNLERQQILTEE
QYLDALEEFGDEFDAKMGAEAIQALLKSMDLEQECEQLREELNETNSETKRKKLTKRIKLLEAFVQSGNKPEWMILTVLP
VLPPDLRPLVPLDGGRFATSDLNDLYRRVINRNNRLKRLLDLAAPDIIVRNEKRMLQEAVDALLDNGRRGRAITGSNKRP
LKSLADMIKGKQGRFRQNLLGKRVDYSGRSVITVGPYLRLHQCGLPKKMALELFKPFIYGKLELRGLATTIKAAKKMVER
EEAVVWDILDEVIREHPVLLNRAPTLHRLGIQAFEPVLIEGKAIQLHPLVCAAYNADFDGDQMAVHVPLTLEAQLEARAL
MMSTNNILSPANGEPIIVPSQDVVLGLYYMTRDCVNAKGEGMVLTGPKEAERLYRSGLASLHARVKVRITEYEKDANGEL
VAKTSLKDTTVGRAILWMIVPKGLPYSIVNQALGKKAISKMLNTCYRILGLKPTVIFADQIMYTGFAYAARSGASVGIDD
MVIPEKKHEIISEAEAEVAEIQEQFQSGLVTAGERYNKVIDIWAAANDRVSKAMMDNLQTETVINRDGQEEKQVSFNSIY
MMADSGARGSAAQIRQLAGMRGLMAKPDGSIIETPITANFREGLNVLQYFISTHGARKGLADTALKTANSGYLTRRLVDV
AQDLVVTEDDCGTHEGIMMTPVIEGGDVKEPLRDRVLGRVTAEDVLKPGTADILVPRNTLLHEQWCDLLEENSVDAVKVR
SVVSCDTDFGVCAHCYGRDLARGHIINKGEAIGVIAAQSIGEPGTQLTMRTFHIGGAASRAAAESSIQVKNKGSIKLSNV
KSVVNSSGKLVITSRNTELKLIDEFGRTKESYKVPYGAVLAKGDGEQVAGGETVANWDPHTMPVITEVSGFVRFTDMIDG
QTITRQTDELTGLSSLVVLDSAERTAGGKDLRPALKIVDAQGNDVLIPGTDMPAQYFLPGKAIVQLEDGVQISSGDTLAR
IPQESGGTKDITGGLPRVADLFEARRPKEPAILAEISGIVSFGKETKGKRRLVITPVDGSDPYEEMIPKWRQLNVFEGER
VERGDVISDGPEAPHDILRLRGVHAVTRYIVNEVQDVYRLQGVKINDKHIEVIVRQMLRKATIVNAGSSDFLEGEQVEYS
RVKIANRELEANGKVGATYSRDLLGITKASLATESFISAASFQETTRVLTEAAVAGKRDELRGLKENVIVGRLIPAGTGY
AYHQDRMRRRAAG
;
D
7 'polypeptide(L)' ARVTVQDAVEKIGNRFDLVLVAARRARQMQVGGKDPLVPEENDKTTVIALREIEEGLINNQILDVRERQEQQEQ E
8 'polypeptide(L)'
;GTPSGNGVDQGETTQSLQDYLMWQVELTPFTDTDRAIATSIVDAVDDTGYLTIQIEDIVDSIGDDEIGLEEVEAVLKRIQ
RFDPVGVAAKDLRDCLLIQLSQFAKETPWLEEARLIISDHLDLLANHDFRTLMRVTRLKEEVLKEAVNLIQSLDPRPGQS
IQTGEPEYVIPDVLVRKVNDRWVVELNSSLESANDTLLRVSRCIVEQQQAFFEQGEEYMKPMVLADIAQAVEMHESTISR
VTTQKYLHSPRGIFELKYFFSSHVNTEGGGEASSTAIRALVKKLIAAENPAKPLSDSKLTSMLSEQGIMVARRTVAKYRE
SLSIPPSNQ
;
M
#
# COMPACT_ATOMS: atom_id res chain seq x y z
N GLU D 4 -47.85 -44.42 -20.29
CA GLU D 4 -47.23 -44.18 -21.60
C GLU D 4 -45.71 -44.22 -21.47
N PHE D 5 -45.23 -44.20 -20.23
CA PHE D 5 -43.81 -44.21 -19.93
C PHE D 5 -43.46 -45.48 -19.17
N LEU D 6 -42.43 -46.19 -19.62
CA LEU D 6 -41.96 -47.35 -18.89
C LEU D 6 -41.36 -46.93 -17.56
N LYS D 7 -41.60 -47.74 -16.53
CA LYS D 7 -41.10 -47.44 -15.20
C LYS D 7 -39.73 -48.07 -15.01
N PRO D 8 -38.69 -47.30 -14.70
CA PRO D 8 -37.37 -47.90 -14.51
C PRO D 8 -37.37 -48.86 -13.32
N ARG D 9 -36.54 -49.89 -13.44
CA ARG D 9 -36.44 -50.93 -12.44
C ARG D 9 -34.98 -51.13 -12.05
N LEU D 10 -34.77 -51.57 -10.81
CA LEU D 10 -33.43 -51.83 -10.30
C LEU D 10 -33.09 -53.29 -10.57
N VAL D 11 -32.11 -53.52 -11.44
CA VAL D 11 -31.71 -54.87 -11.83
C VAL D 11 -30.22 -54.87 -12.13
N ASP D 12 -29.61 -56.04 -12.02
CA ASP D 12 -28.19 -56.25 -12.33
C ASP D 12 -27.30 -55.32 -11.52
N ILE D 13 -27.35 -55.50 -10.20
CA ILE D 13 -26.48 -54.78 -9.28
C ILE D 13 -25.30 -55.68 -8.95
N GLU D 14 -24.09 -55.16 -9.18
CA GLU D 14 -22.87 -55.92 -8.96
C GLU D 14 -21.86 -55.05 -8.25
N GLN D 15 -20.92 -55.70 -7.56
CA GLN D 15 -19.89 -55.02 -6.79
C GLN D 15 -18.51 -55.42 -7.31
N VAL D 16 -17.70 -54.43 -7.65
CA VAL D 16 -16.33 -54.70 -8.09
C VAL D 16 -15.44 -55.04 -6.91
N SER D 17 -15.54 -54.25 -5.84
CA SER D 17 -14.75 -54.47 -4.63
C SER D 17 -15.64 -54.16 -3.44
N SER D 18 -15.02 -54.03 -2.26
CA SER D 18 -15.77 -53.70 -1.06
C SER D 18 -16.29 -52.27 -1.09
N THR D 19 -15.74 -51.42 -1.94
CA THR D 19 -16.18 -50.03 -2.07
C THR D 19 -16.79 -49.75 -3.44
N HIS D 20 -16.05 -50.02 -4.51
CA HIS D 20 -16.54 -49.78 -5.86
C HIS D 20 -17.78 -50.61 -6.13
N ALA D 21 -18.80 -49.99 -6.71
CA ALA D 21 -20.02 -50.71 -7.03
C ALA D 21 -20.65 -50.13 -8.29
N LYS D 22 -21.37 -50.98 -9.02
CA LYS D 22 -22.08 -50.59 -10.23
C LYS D 22 -23.55 -50.95 -10.09
N VAL D 23 -24.43 -50.03 -10.47
CA VAL D 23 -25.87 -50.19 -10.37
C VAL D 23 -26.48 -49.91 -11.74
N THR D 24 -27.38 -50.77 -12.16
CA THR D 24 -27.97 -50.69 -13.50
C THR D 24 -29.48 -50.47 -13.40
N LEU D 25 -29.97 -49.52 -14.19
CA LEU D 25 -31.40 -49.27 -14.35
C LEU D 25 -31.69 -49.44 -15.83
N GLU D 26 -32.26 -50.58 -16.20
CA GLU D 26 -32.32 -50.97 -17.61
C GLU D 26 -33.40 -50.26 -18.42
N PRO D 27 -34.66 -50.18 -17.95
CA PRO D 27 -35.68 -49.52 -18.77
C PRO D 27 -35.76 -48.02 -18.54
N LEU D 28 -35.50 -47.23 -19.59
CA LEU D 28 -35.58 -45.78 -19.50
C LEU D 28 -35.95 -45.23 -20.87
N GLU D 29 -36.63 -44.09 -20.87
CA GLU D 29 -37.09 -43.46 -22.10
C GLU D 29 -35.97 -42.58 -22.67
N ARG D 30 -36.33 -41.72 -23.63
CA ARG D 30 -35.33 -40.96 -24.37
C ARG D 30 -34.58 -39.97 -23.49
N GLY D 31 -35.29 -39.00 -22.92
CA GLY D 31 -34.60 -37.95 -22.19
C GLY D 31 -34.42 -38.18 -20.71
N PHE D 32 -35.05 -39.20 -20.15
CA PHE D 32 -35.03 -39.37 -18.70
C PHE D 32 -33.72 -39.93 -18.17
N GLY D 33 -32.90 -40.53 -19.03
CA GLY D 33 -31.64 -41.08 -18.55
C GLY D 33 -30.74 -40.03 -17.94
N HIS D 34 -30.48 -38.95 -18.70
CA HIS D 34 -29.61 -37.89 -18.19
C HIS D 34 -30.23 -37.18 -17.00
N THR D 35 -31.53 -36.91 -17.05
CA THR D 35 -32.19 -36.21 -15.95
C THR D 35 -32.06 -37.00 -14.66
N LEU D 36 -32.45 -38.28 -14.70
CA LEU D 36 -32.34 -39.10 -13.51
C LEU D 36 -30.89 -39.24 -13.06
N GLY D 37 -29.97 -39.41 -14.01
CA GLY D 37 -28.58 -39.58 -13.63
C GLY D 37 -28.03 -38.38 -12.89
N ASN D 38 -28.25 -37.18 -13.44
CA ASN D 38 -27.74 -35.98 -12.78
C ASN D 38 -28.43 -35.73 -11.45
N ALA D 39 -29.75 -35.89 -11.39
CA ALA D 39 -30.44 -35.66 -10.13
C ALA D 39 -29.96 -36.64 -9.06
N LEU D 40 -29.82 -37.92 -9.41
CA LEU D 40 -29.36 -38.89 -8.44
C LEU D 40 -27.92 -38.64 -8.03
N ARG D 41 -27.07 -38.22 -8.97
CA ARG D 41 -25.70 -37.91 -8.59
C ARG D 41 -25.65 -36.76 -7.60
N ARG D 42 -26.42 -35.70 -7.85
CA ARG D 42 -26.42 -34.58 -6.93
C ARG D 42 -26.97 -34.97 -5.56
N ILE D 43 -28.05 -35.77 -5.55
CA ILE D 43 -28.63 -36.20 -4.27
C ILE D 43 -27.63 -37.07 -3.50
N LEU D 44 -26.98 -38.00 -4.20
CA LEU D 44 -26.08 -38.93 -3.52
C LEU D 44 -24.83 -38.22 -3.00
N LEU D 45 -24.33 -37.24 -3.75
CA LEU D 45 -23.15 -36.53 -3.29
C LEU D 45 -23.48 -35.54 -2.17
N SER D 46 -24.65 -34.90 -2.25
CA SER D 46 -24.95 -33.81 -1.35
C SER D 46 -25.23 -34.32 0.06
N SER D 47 -26.23 -35.18 0.21
CA SER D 47 -26.75 -35.55 1.53
C SER D 47 -26.97 -37.06 1.59
N MET D 48 -25.98 -37.79 2.11
CA MET D 48 -26.12 -39.21 2.41
C MET D 48 -25.79 -39.44 3.88
N PRO D 49 -26.69 -40.04 4.66
CA PRO D 49 -26.39 -40.28 6.07
C PRO D 49 -25.18 -41.18 6.24
N GLY D 50 -24.42 -40.91 7.28
CA GLY D 50 -23.22 -41.68 7.57
C GLY D 50 -22.79 -41.47 9.00
N CYS D 51 -21.68 -42.11 9.35
CA CYS D 51 -21.13 -42.03 10.69
C CYS D 51 -19.66 -41.68 10.62
N ALA D 52 -19.22 -40.76 11.49
CA ALA D 52 -17.83 -40.35 11.53
C ALA D 52 -17.47 -39.92 12.93
N VAL D 53 -16.18 -39.98 13.23
CA VAL D 53 -15.69 -39.70 14.58
C VAL D 53 -15.97 -38.25 14.93
N THR D 54 -16.55 -38.05 16.12
CA THR D 54 -16.90 -36.71 16.58
C THR D 54 -15.88 -36.14 17.55
N GLU D 55 -15.49 -36.88 18.59
CA GLU D 55 -14.48 -36.36 19.51
C GLU D 55 -13.63 -37.50 20.06
N VAL D 56 -12.45 -37.14 20.54
CA VAL D 56 -11.45 -38.09 20.99
C VAL D 56 -10.82 -37.58 22.28
N GLU D 57 -10.70 -38.46 23.28
CA GLU D 57 -10.06 -38.12 24.54
C GLU D 57 -8.91 -39.10 24.77
N ILE D 58 -7.70 -38.57 24.85
CA ILE D 58 -6.50 -39.37 25.11
C ILE D 58 -6.06 -39.13 26.54
N ASP D 59 -5.58 -40.18 27.21
CA ASP D 59 -5.42 -40.15 28.66
C ASP D 59 -4.39 -39.10 29.10
N GLY D 60 -3.27 -38.99 28.40
CA GLY D 60 -2.19 -38.15 28.88
C GLY D 60 -2.06 -36.78 28.27
N VAL D 61 -2.85 -36.47 27.26
CA VAL D 61 -2.70 -35.22 26.53
C VAL D 61 -3.61 -34.14 27.12
N LEU D 62 -3.33 -32.89 26.77
CA LEU D 62 -4.10 -31.74 27.22
C LEU D 62 -4.67 -30.91 26.08
N HIS D 63 -4.01 -30.90 24.92
CA HIS D 63 -4.46 -30.12 23.78
C HIS D 63 -3.92 -30.78 22.51
N GLU D 64 -4.51 -30.41 21.37
CA GLU D 64 -4.16 -31.07 20.12
C GLU D 64 -2.73 -30.77 19.66
N TYR D 65 -2.07 -29.79 20.28
CA TYR D 65 -0.72 -29.37 19.88
C TYR D 65 0.35 -29.89 20.83
N SER D 66 0.19 -31.12 21.32
CA SER D 66 1.12 -31.71 22.26
C SER D 66 1.76 -32.96 21.66
N THR D 67 2.78 -33.46 22.33
CA THR D 67 3.47 -34.68 21.94
C THR D 67 3.44 -35.66 23.10
N LYS D 68 3.03 -36.89 22.83
CA LYS D 68 3.00 -37.94 23.84
C LYS D 68 4.26 -38.79 23.72
N GLU D 69 4.89 -39.06 24.85
CA GLU D 69 6.11 -39.85 24.85
C GLU D 69 5.80 -41.29 24.49
N GLY D 70 6.58 -41.85 23.58
CA GLY D 70 6.42 -43.23 23.18
C GLY D 70 5.70 -43.44 21.86
N VAL D 71 5.11 -42.40 21.29
CA VAL D 71 4.45 -42.51 20.00
C VAL D 71 5.26 -41.75 18.96
N GLN D 72 5.15 -42.19 17.71
CA GLN D 72 5.90 -41.58 16.62
C GLN D 72 5.24 -40.32 16.08
N GLU D 73 3.93 -40.17 16.22
CA GLU D 73 3.21 -39.07 15.61
C GLU D 73 2.70 -38.10 16.66
N ASP D 74 2.64 -36.83 16.28
CA ASP D 74 2.04 -35.81 17.15
C ASP D 74 0.55 -36.08 17.30
N ILE D 75 -0.06 -35.42 18.28
CA ILE D 75 -1.49 -35.59 18.48
C ILE D 75 -2.26 -35.04 17.30
N LEU D 76 -1.75 -33.99 16.65
CA LEU D 76 -2.42 -33.47 15.45
C LEU D 76 -2.54 -34.53 14.38
N GLU D 77 -1.45 -35.25 14.12
CA GLU D 77 -1.49 -36.27 13.08
C GLU D 77 -2.38 -37.45 13.49
N ILE D 78 -2.43 -37.76 14.78
CA ILE D 78 -3.34 -38.81 15.24
C ILE D 78 -4.79 -38.40 14.99
N LEU D 79 -5.13 -37.14 15.27
CA LEU D 79 -6.49 -36.69 15.00
C LEU D 79 -6.80 -36.70 13.52
N LEU D 80 -5.84 -36.29 12.69
CA LEU D 80 -6.05 -36.34 11.24
C LEU D 80 -6.25 -37.78 10.77
N ASN D 81 -5.52 -38.73 11.36
CA ASN D 81 -5.69 -40.14 11.02
C ASN D 81 -7.06 -40.65 11.45
N LEU D 82 -7.51 -40.24 12.63
CA LEU D 82 -8.81 -40.71 13.12
C LEU D 82 -9.95 -40.11 12.31
N LYS D 83 -9.78 -38.90 11.79
CA LYS D 83 -10.85 -38.27 11.02
C LYS D 83 -11.27 -39.13 9.84
N GLY D 84 -10.36 -39.93 9.30
CA GLY D 84 -10.64 -40.81 8.19
C GLY D 84 -11.13 -42.18 8.56
N LEU D 85 -11.43 -42.43 9.83
CA LEU D 85 -11.91 -43.74 10.24
C LEU D 85 -13.30 -44.02 9.66
N ALA D 86 -13.50 -45.26 9.22
CA ALA D 86 -14.77 -45.69 8.64
C ALA D 86 -15.39 -46.75 9.52
N VAL D 87 -16.54 -46.45 10.10
CA VAL D 87 -17.21 -47.34 11.04
C VAL D 87 -18.71 -47.30 10.81
N ARG D 88 -19.34 -48.46 10.90
CA ARG D 88 -20.78 -48.60 10.69
C ARG D 88 -21.43 -49.02 12.00
N VAL D 89 -22.46 -48.29 12.40
CA VAL D 89 -23.17 -48.55 13.65
C VAL D 89 -24.61 -48.94 13.33
N GLN D 90 -25.26 -49.57 14.30
CA GLN D 90 -26.62 -50.05 14.14
C GLN D 90 -27.39 -49.84 15.44
N GLY D 91 -28.44 -49.03 15.38
CA GLY D 91 -29.31 -48.82 16.51
C GLY D 91 -28.82 -47.82 17.54
N LYS D 92 -27.67 -47.19 17.32
CA LYS D 92 -27.15 -46.21 18.26
C LYS D 92 -26.63 -45.01 17.48
N ASP D 93 -26.49 -43.89 18.17
CA ASP D 93 -26.06 -42.65 17.55
C ASP D 93 -24.97 -41.91 18.30
N GLU D 94 -24.58 -42.36 19.49
CA GLU D 94 -23.56 -41.69 20.29
C GLU D 94 -22.57 -42.71 20.84
N VAL D 95 -22.08 -43.59 19.97
CA VAL D 95 -21.40 -44.79 20.46
C VAL D 95 -19.95 -44.48 20.80
N ILE D 96 -19.49 -45.02 21.93
CA ILE D 96 -18.15 -44.80 22.43
C ILE D 96 -17.28 -45.99 22.05
N LEU D 97 -16.10 -45.71 21.50
CA LEU D 97 -15.12 -46.72 21.14
C LEU D 97 -13.87 -46.49 21.99
N THR D 98 -13.41 -47.54 22.66
CA THR D 98 -12.20 -47.47 23.45
C THR D 98 -11.08 -48.26 22.78
N LEU D 99 -9.86 -47.73 22.88
CA LEU D 99 -8.69 -48.37 22.27
C LEU D 99 -7.54 -48.33 23.26
N ASN D 100 -7.04 -49.50 23.64
CA ASN D 100 -5.90 -49.63 24.54
C ASN D 100 -4.90 -50.60 23.92
N LYS D 101 -3.63 -50.19 23.85
CA LYS D 101 -2.59 -51.07 23.34
C LYS D 101 -1.23 -50.65 23.89
N SER D 102 -0.42 -51.66 24.24
CA SER D 102 0.95 -51.45 24.68
C SER D 102 1.86 -52.43 23.96
N GLY D 103 2.94 -51.93 23.41
CA GLY D 103 3.89 -52.79 22.72
C GLY D 103 4.69 -52.00 21.70
N ILE D 104 5.11 -52.70 20.65
CA ILE D 104 5.96 -52.16 19.60
C ILE D 104 5.27 -52.35 18.26
N GLY D 105 5.29 -51.31 17.43
CA GLY D 105 4.78 -51.41 16.09
C GLY D 105 3.57 -50.53 15.86
N PRO D 106 2.95 -50.65 14.70
CA PRO D 106 1.74 -49.86 14.42
C PRO D 106 0.58 -50.36 15.25
N VAL D 107 -0.29 -49.43 15.63
CA VAL D 107 -1.56 -49.75 16.27
C VAL D 107 -2.67 -49.46 15.26
N THR D 108 -3.41 -50.50 14.88
CA THR D 108 -4.38 -50.42 13.81
C THR D 108 -5.79 -50.39 14.38
N ALA D 109 -6.76 -50.14 13.49
CA ALA D 109 -8.15 -50.06 13.90
C ALA D 109 -8.67 -51.38 14.44
N ALA D 110 -8.04 -52.50 14.09
CA ALA D 110 -8.50 -53.80 14.57
C ALA D 110 -8.31 -53.95 16.08
N ASP D 111 -7.47 -53.12 16.70
CA ASP D 111 -7.24 -53.25 18.13
C ASP D 111 -8.38 -52.66 18.96
N ILE D 112 -9.13 -51.71 18.40
CA ILE D 112 -10.23 -51.09 19.12
C ILE D 112 -11.16 -52.17 19.65
N THR D 113 -11.51 -52.06 20.93
CA THR D 113 -12.29 -53.11 21.59
C THR D 113 -13.61 -53.35 20.85
N HIS D 114 -13.96 -54.63 20.72
CA HIS D 114 -15.14 -55.04 19.96
C HIS D 114 -16.39 -54.60 20.70
N ASP D 115 -17.04 -53.55 20.20
CA ASP D 115 -18.31 -53.14 20.75
C ASP D 115 -19.41 -54.10 20.33
N GLY D 116 -20.58 -53.96 20.94
CA GLY D 116 -21.71 -54.81 20.64
C GLY D 116 -22.08 -54.84 19.18
N ASP D 117 -22.55 -53.70 18.65
CA ASP D 117 -22.93 -53.59 17.24
C ASP D 117 -22.15 -52.42 16.64
N VAL D 118 -20.92 -52.70 16.23
CA VAL D 118 -20.05 -51.74 15.56
C VAL D 118 -19.16 -52.51 14.61
N GLU D 119 -19.20 -52.17 13.33
CA GLU D 119 -18.44 -52.87 12.31
C GLU D 119 -17.40 -51.94 11.73
N ILE D 120 -16.13 -52.36 11.78
CA ILE D 120 -15.04 -51.61 11.17
C ILE D 120 -14.90 -52.11 9.73
N VAL D 121 -15.18 -51.24 8.77
CA VAL D 121 -15.18 -51.67 7.37
C VAL D 121 -13.79 -52.11 6.95
N LYS D 122 -12.76 -51.34 7.32
CA LYS D 122 -11.38 -51.73 7.06
C LYS D 122 -10.63 -51.77 8.40
N PRO D 123 -10.00 -52.87 8.74
CA PRO D 123 -9.27 -52.93 10.02
C PRO D 123 -7.78 -52.65 9.87
N GLN D 124 -7.29 -52.57 8.63
CA GLN D 124 -5.88 -52.32 8.37
C GLN D 124 -5.55 -50.84 8.36
N HIS D 125 -6.38 -50.01 8.98
CA HIS D 125 -6.21 -48.55 8.93
C HIS D 125 -5.31 -48.13 10.08
N VAL D 126 -4.02 -47.96 9.80
CA VAL D 126 -3.07 -47.59 10.83
C VAL D 126 -3.35 -46.18 11.33
N ILE D 127 -3.35 -46.00 12.64
CA ILE D 127 -3.62 -44.70 13.23
C ILE D 127 -2.47 -44.13 14.06
N CYS D 128 -1.54 -44.95 14.55
CA CYS D 128 -0.42 -44.45 15.33
C CYS D 128 0.64 -45.55 15.38
N HIS D 129 1.81 -45.18 15.87
CA HIS D 129 2.94 -46.10 15.98
C HIS D 129 3.54 -46.01 17.38
N LEU D 130 3.75 -47.17 18.00
CA LEU D 130 4.38 -47.26 19.31
C LEU D 130 5.83 -47.69 19.12
N THR D 131 6.75 -46.88 19.66
CA THR D 131 8.17 -47.02 19.33
C THR D 131 9.05 -47.41 20.51
N ASP D 132 8.47 -47.89 21.61
CA ASP D 132 9.29 -48.47 22.66
C ASP D 132 8.52 -49.59 23.33
N GLU D 133 9.21 -50.35 24.18
CA GLU D 133 8.58 -51.50 24.82
C GLU D 133 7.63 -51.11 25.94
N ASN D 134 7.91 -50.00 26.63
CA ASN D 134 7.20 -49.66 27.86
C ASN D 134 6.21 -48.51 27.68
N ALA D 135 5.87 -48.15 26.45
CA ALA D 135 4.88 -47.11 26.20
C ALA D 135 3.54 -47.73 25.87
N SER D 136 2.48 -47.10 26.34
CA SER D 136 1.12 -47.58 26.12
C SER D 136 0.24 -46.42 25.67
N ILE D 137 -0.80 -46.74 24.90
CA ILE D 137 -1.78 -45.77 24.44
C ILE D 137 -3.15 -46.24 24.90
N SER D 138 -3.93 -45.31 25.46
CA SER D 138 -5.28 -45.58 25.91
C SER D 138 -6.14 -44.37 25.60
N MET D 139 -7.15 -44.55 24.76
CA MET D 139 -7.91 -43.41 24.26
C MET D 139 -9.36 -43.83 24.04
N ARG D 140 -10.27 -42.86 24.13
CA ARG D 140 -11.69 -43.08 23.96
C ARG D 140 -12.19 -42.23 22.80
N ILE D 141 -12.94 -42.84 21.91
CA ILE D 141 -13.48 -42.17 20.73
C ILE D 141 -14.99 -42.16 20.83
N LYS D 142 -15.59 -40.97 20.82
CA LYS D 142 -17.04 -40.83 20.71
C LYS D 142 -17.37 -40.55 19.25
N VAL D 143 -18.16 -41.44 18.65
CA VAL D 143 -18.50 -41.35 17.24
C VAL D 143 -20.02 -41.30 17.11
N GLN D 144 -20.49 -40.41 16.23
CA GLN D 144 -21.89 -40.02 16.11
C GLN D 144 -22.40 -40.38 14.72
N ARG D 145 -23.63 -39.94 14.43
CA ARG D 145 -24.27 -40.13 13.13
C ARG D 145 -24.74 -38.77 12.62
N GLY D 146 -24.43 -38.49 11.36
CA GLY D 146 -24.76 -37.19 10.80
C GLY D 146 -25.10 -37.20 9.32
N ARG D 147 -25.25 -36.02 8.73
CA ARG D 147 -25.69 -35.88 7.34
C ARG D 147 -24.66 -35.21 6.45
N GLY D 148 -24.15 -34.05 6.83
CA GLY D 148 -23.22 -33.34 5.98
C GLY D 148 -21.96 -32.91 6.69
N TYR D 149 -21.12 -32.12 6.02
CA TYR D 149 -19.88 -31.67 6.64
C TYR D 149 -20.19 -30.62 7.70
N VAL D 150 -19.70 -30.84 8.91
CA VAL D 150 -19.92 -29.91 10.02
C VAL D 150 -18.59 -29.61 10.70
N PRO D 151 -18.05 -28.40 10.55
CA PRO D 151 -16.76 -28.08 11.17
C PRO D 151 -16.85 -28.09 12.68
N ALA D 152 -15.71 -28.39 13.32
CA ALA D 152 -15.67 -28.35 14.78
C ALA D 152 -15.87 -26.93 15.30
N SER D 153 -15.33 -25.94 14.59
CA SER D 153 -15.42 -24.56 15.06
C SER D 153 -16.86 -24.07 15.06
N THR D 154 -17.64 -24.44 14.05
CA THR D 154 -18.98 -23.89 13.91
C THR D 154 -19.98 -24.48 14.90
N ARG D 155 -19.62 -25.54 15.62
CA ARG D 155 -20.53 -26.12 16.60
C ARG D 155 -20.26 -25.51 17.97
N ILE D 156 -21.32 -25.00 18.60
CA ILE D 156 -21.21 -24.29 19.87
C ILE D 156 -22.17 -24.92 20.86
N HIS D 157 -23.23 -25.54 20.34
CA HIS D 157 -24.19 -26.22 21.21
C HIS D 157 -23.54 -27.34 22.01
N SER D 158 -22.44 -27.90 21.52
CA SER D 158 -21.68 -28.87 22.32
C SER D 158 -21.01 -28.20 23.52
N GLU D 159 -20.85 -26.89 23.50
CA GLU D 159 -20.36 -26.14 24.65
C GLU D 159 -21.49 -25.64 25.54
N GLU D 160 -22.73 -26.04 25.27
CA GLU D 160 -23.82 -25.76 26.21
C GLU D 160 -23.53 -26.38 27.56
N ASP D 161 -23.03 -27.61 27.57
CA ASP D 161 -22.42 -28.22 28.75
C ASP D 161 -20.91 -28.00 28.65
N GLU D 162 -20.31 -27.52 29.73
CA GLU D 162 -18.89 -27.18 29.68
C GLU D 162 -18.04 -28.42 29.49
N ARG D 163 -17.14 -28.37 28.51
CA ARG D 163 -16.29 -29.51 28.22
C ARG D 163 -15.00 -29.42 29.02
N PRO D 164 -14.64 -30.46 29.77
CA PRO D 164 -13.38 -30.43 30.52
C PRO D 164 -12.18 -30.40 29.58
N ILE D 165 -11.10 -29.81 30.07
CA ILE D 165 -9.86 -29.80 29.30
C ILE D 165 -9.40 -31.23 29.08
N GLY D 166 -9.10 -31.57 27.84
CA GLY D 166 -8.76 -32.94 27.50
C GLY D 166 -9.63 -33.47 26.38
N ARG D 167 -10.70 -32.75 26.09
CA ARG D 167 -11.58 -33.11 24.99
C ARG D 167 -11.07 -32.45 23.71
N LEU D 168 -10.56 -33.26 22.78
CA LEU D 168 -10.05 -32.77 21.51
C LEU D 168 -11.16 -32.89 20.48
N LEU D 169 -11.73 -31.77 20.07
CA LEU D 169 -12.79 -31.78 19.07
C LEU D 169 -12.20 -31.94 17.69
N VAL D 170 -12.78 -32.84 16.89
CA VAL D 170 -12.35 -33.07 15.52
C VAL D 170 -13.50 -32.76 14.59
N ASP D 171 -13.16 -32.45 13.34
CA ASP D 171 -14.17 -32.20 12.33
C ASP D 171 -14.83 -33.50 11.90
N ALA D 172 -16.07 -33.39 11.42
CA ALA D 172 -16.84 -34.53 10.97
C ALA D 172 -17.20 -34.36 9.50
N CYS D 173 -17.23 -35.47 8.77
CA CYS D 173 -17.61 -35.45 7.36
C CYS D 173 -18.98 -36.06 7.11
N TYR D 174 -19.24 -37.24 7.67
CA TYR D 174 -20.51 -37.95 7.64
C TYR D 174 -20.90 -38.44 6.24
N SER D 175 -20.18 -38.08 5.19
CA SER D 175 -20.61 -38.42 3.84
C SER D 175 -19.83 -39.63 3.34
N PRO D 176 -20.47 -40.77 3.10
CA PRO D 176 -19.73 -41.97 2.69
C PRO D 176 -19.38 -41.98 1.21
N VAL D 177 -20.19 -41.36 0.38
CA VAL D 177 -20.01 -41.43 -1.07
C VAL D 177 -18.85 -40.52 -1.44
N GLU D 178 -17.68 -41.11 -1.68
CA GLU D 178 -16.52 -40.31 -2.09
C GLU D 178 -16.64 -39.87 -3.53
N ARG D 179 -17.04 -40.78 -4.43
CA ARG D 179 -17.08 -40.49 -5.85
C ARG D 179 -18.26 -41.21 -6.48
N ILE D 180 -18.85 -40.58 -7.49
CA ILE D 180 -19.94 -41.21 -8.22
C ILE D 180 -19.95 -40.66 -9.64
N ALA D 181 -20.16 -41.56 -10.60
CA ALA D 181 -20.31 -41.18 -11.99
C ALA D 181 -21.44 -41.99 -12.59
N TYR D 182 -22.01 -41.48 -13.66
CA TYR D 182 -23.12 -42.14 -14.34
C TYR D 182 -22.85 -42.18 -15.83
N ASN D 183 -23.61 -43.02 -16.52
CA ASN D 183 -23.47 -43.19 -17.95
C ASN D 183 -24.79 -43.72 -18.50
N VAL D 184 -25.08 -43.39 -19.76
CA VAL D 184 -26.29 -43.85 -20.44
C VAL D 184 -25.88 -44.59 -21.70
N GLU D 185 -26.59 -45.68 -21.98
CA GLU D 185 -26.29 -46.53 -23.12
C GLU D 185 -27.58 -46.96 -23.78
N ALA D 186 -27.48 -47.43 -25.02
CA ALA D 186 -28.64 -47.97 -25.71
C ALA D 186 -28.99 -49.33 -25.12
N ALA D 187 -30.27 -49.53 -24.80
CA ALA D 187 -30.70 -50.75 -24.14
C ALA D 187 -30.65 -51.93 -25.10
N ARG D 188 -30.56 -53.13 -24.53
CA ARG D 188 -30.54 -54.36 -25.30
C ARG D 188 -31.93 -54.79 -25.74
N VAL D 189 -32.98 -54.10 -25.30
CA VAL D 189 -34.34 -54.45 -25.71
C VAL D 189 -34.49 -54.20 -27.19
N GLU D 190 -34.94 -55.23 -27.92
CA GLU D 190 -35.08 -55.15 -29.37
C GLU D 190 -36.52 -54.93 -29.82
N GLN D 191 -37.50 -55.34 -29.01
CA GLN D 191 -38.90 -55.15 -29.41
C GLN D 191 -39.25 -53.68 -29.52
N ARG D 192 -38.81 -52.87 -28.56
CA ARG D 192 -39.00 -51.43 -28.66
C ARG D 192 -38.04 -50.84 -29.69
N THR D 193 -38.42 -49.66 -30.21
CA THR D 193 -37.58 -49.00 -31.20
C THR D 193 -36.20 -48.68 -30.65
N ASP D 194 -36.17 -48.02 -29.48
CA ASP D 194 -34.91 -47.66 -28.84
C ASP D 194 -35.16 -47.27 -27.39
N LEU D 195 -34.39 -47.84 -26.48
CA LEU D 195 -34.54 -47.59 -25.06
C LEU D 195 -33.17 -47.32 -24.44
N ASP D 196 -33.17 -46.65 -23.29
CA ASP D 196 -31.96 -46.23 -22.62
C ASP D 196 -31.76 -47.01 -21.34
N LYS D 197 -30.50 -47.30 -21.02
CA LYS D 197 -30.10 -47.99 -19.80
C LYS D 197 -29.06 -47.14 -19.09
N LEU D 198 -29.24 -46.95 -17.78
CA LEU D 198 -28.39 -46.07 -17.00
C LEU D 198 -27.51 -46.90 -16.07
N VAL D 199 -26.23 -46.55 -16.01
CA VAL D 199 -25.26 -47.27 -15.18
C VAL D 199 -24.57 -46.26 -14.27
N ILE D 200 -24.63 -46.52 -12.96
CA ILE D 200 -24.06 -45.62 -11.96
C ILE D 200 -22.96 -46.38 -11.24
N GLU D 201 -21.74 -45.82 -11.26
CA GLU D 201 -20.63 -46.37 -10.50
C GLU D 201 -20.38 -45.48 -9.30
N MET D 202 -20.30 -46.08 -8.11
CA MET D 202 -20.08 -45.33 -6.88
C MET D 202 -18.90 -45.94 -6.13
N GLU D 203 -17.98 -45.08 -5.72
CA GLU D 203 -16.86 -45.45 -4.86
C GLU D 203 -17.06 -44.77 -3.53
N THR D 204 -17.38 -45.56 -2.52
CA THR D 204 -17.68 -45.07 -1.17
C THR D 204 -16.58 -45.54 -0.22
N ASN D 205 -16.76 -45.25 1.06
CA ASN D 205 -15.84 -45.73 2.08
C ASN D 205 -16.27 -47.08 2.65
N GLY D 206 -17.30 -47.69 2.08
CA GLY D 206 -17.78 -48.99 2.52
C GLY D 206 -18.82 -48.95 3.61
N THR D 207 -19.18 -47.78 4.10
CA THR D 207 -20.13 -47.69 5.21
C THR D 207 -21.56 -47.97 4.76
N ILE D 208 -21.92 -47.61 3.53
CA ILE D 208 -23.29 -47.72 3.05
C ILE D 208 -23.33 -48.65 1.85
N ASP D 209 -24.35 -49.50 1.80
CA ASP D 209 -24.54 -50.36 0.64
C ASP D 209 -25.02 -49.55 -0.55
N PRO D 210 -24.62 -49.92 -1.77
CA PRO D 210 -25.05 -49.14 -2.94
C PRO D 210 -26.55 -49.12 -3.15
N GLU D 211 -27.21 -50.27 -3.04
CA GLU D 211 -28.64 -50.33 -3.30
C GLU D 211 -29.42 -49.47 -2.30
N GLU D 212 -29.02 -49.53 -1.03
CA GLU D 212 -29.66 -48.67 -0.02
C GLU D 212 -29.46 -47.21 -0.36
N ALA D 213 -28.28 -46.85 -0.88
CA ALA D 213 -28.03 -45.46 -1.26
C ALA D 213 -28.94 -45.03 -2.39
N ILE D 214 -29.12 -45.89 -3.40
CA ILE D 214 -29.99 -45.54 -4.53
C ILE D 214 -31.43 -45.38 -4.04
N ARG D 215 -31.88 -46.29 -3.17
CA ARG D 215 -33.24 -46.18 -2.64
C ARG D 215 -33.42 -44.91 -1.84
N ARG D 216 -32.44 -44.56 -0.99
CA ARG D 216 -32.56 -43.36 -0.19
C ARG D 216 -32.59 -42.11 -1.06
N ALA D 217 -31.75 -42.07 -2.10
CA ALA D 217 -31.78 -40.93 -3.02
C ALA D 217 -33.13 -40.80 -3.71
N ALA D 218 -33.68 -41.92 -4.16
CA ALA D 218 -34.99 -41.87 -4.81
C ALA D 218 -36.07 -41.40 -3.85
N THR D 219 -36.05 -41.87 -2.60
CA THR D 219 -37.04 -41.42 -1.64
C THR D 219 -36.91 -39.92 -1.37
N ILE D 220 -35.68 -39.43 -1.28
CA ILE D 220 -35.48 -38.00 -1.03
C ILE D 220 -36.01 -37.18 -2.20
N LEU D 221 -35.74 -37.61 -3.42
CA LEU D 221 -36.23 -36.89 -4.58
C LEU D 221 -37.76 -36.90 -4.62
N ALA D 222 -38.38 -38.04 -4.31
CA ALA D 222 -39.84 -38.11 -4.30
C ALA D 222 -40.43 -37.19 -3.24
N GLU D 223 -39.81 -37.17 -2.04
CA GLU D 223 -40.32 -36.31 -0.99
C GLU D 223 -40.21 -34.84 -1.37
N GLN D 224 -39.10 -34.47 -2.04
CA GLN D 224 -38.99 -33.09 -2.51
C GLN D 224 -40.02 -32.77 -3.57
N LEU D 225 -40.31 -33.74 -4.45
CA LEU D 225 -41.32 -33.52 -5.48
C LEU D 225 -42.73 -33.43 -4.91
N GLU D 226 -42.95 -34.00 -3.71
CA GLU D 226 -44.27 -33.95 -3.12
C GLU D 226 -44.78 -32.51 -2.96
N ALA D 227 -43.86 -31.55 -2.82
CA ALA D 227 -44.29 -30.16 -2.80
C ALA D 227 -44.85 -29.72 -4.14
N PHE D 228 -44.21 -30.14 -5.23
CA PHE D 228 -44.66 -29.73 -6.56
C PHE D 228 -45.85 -30.52 -7.06
N VAL D 229 -46.14 -31.68 -6.47
CA VAL D 229 -47.26 -32.49 -6.96
C VAL D 229 -48.59 -31.77 -6.75
N ASP D 230 -48.65 -30.83 -5.81
CA ASP D 230 -49.83 -30.00 -5.61
C ASP D 230 -49.36 -28.60 -5.28
N LEU D 231 -49.56 -27.66 -6.22
CA LEU D 231 -49.08 -26.30 -6.01
C LEU D 231 -50.05 -25.51 -5.12
N ARG D 232 -51.29 -25.33 -5.59
CA ARG D 232 -52.32 -24.64 -4.84
C ARG D 232 -51.79 -23.22 -4.54
N ASP D 233 -52.18 -22.62 -3.41
CA ASP D 233 -51.74 -21.28 -3.02
C ASP D 233 -52.04 -20.26 -4.12
N VAL D 234 -53.23 -20.36 -4.69
CA VAL D 234 -53.67 -19.44 -5.73
C VAL D 234 -55.20 -19.36 -5.75
N GLU D 245 -42.70 -2.55 23.04
CA GLU D 245 -43.23 -2.90 24.35
C GLU D 245 -43.26 -4.41 24.54
N PHE D 246 -42.15 -4.97 25.03
CA PHE D 246 -42.06 -6.40 25.22
C PHE D 246 -41.40 -6.83 26.52
N ASP D 247 -40.61 -5.97 27.16
CA ASP D 247 -39.90 -6.38 28.36
C ASP D 247 -40.87 -6.56 29.53
N PRO D 248 -40.70 -7.64 30.31
CA PRO D 248 -41.53 -7.86 31.48
C PRO D 248 -41.79 -6.65 32.36
N ILE D 249 -40.86 -5.68 32.40
CA ILE D 249 -41.06 -4.50 33.25
C ILE D 249 -42.30 -3.73 32.82
N LEU D 250 -42.49 -3.56 31.52
CA LEU D 250 -43.72 -3.00 31.00
C LEU D 250 -44.82 -4.07 31.01
N LEU D 251 -45.98 -3.72 30.47
CA LEU D 251 -47.15 -4.59 30.49
C LEU D 251 -47.49 -5.01 31.92
N ARG D 252 -47.38 -4.06 32.84
CA ARG D 252 -47.56 -4.30 34.26
C ARG D 252 -48.52 -3.24 34.81
N PRO D 253 -49.62 -3.61 35.47
CA PRO D 253 -50.60 -2.60 35.89
C PRO D 253 -50.00 -1.60 36.86
N VAL D 254 -50.52 -0.37 36.81
CA VAL D 254 -49.89 0.76 37.48
C VAL D 254 -50.04 0.69 39.00
N ASP D 255 -50.94 -0.16 39.49
CA ASP D 255 -51.19 -0.16 40.93
C ASP D 255 -50.18 -1.00 41.69
N ASP D 256 -48.88 -0.77 41.45
CA ASP D 256 -47.83 -1.36 42.26
C ASP D 256 -46.68 -0.42 42.56
N LEU D 257 -46.62 0.76 41.93
CA LEU D 257 -45.53 1.70 42.14
C LEU D 257 -45.50 2.31 43.53
N GLU D 258 -46.41 1.90 44.41
CA GLU D 258 -46.54 2.48 45.75
C GLU D 258 -46.79 3.99 45.62
N LEU D 259 -47.97 4.31 45.08
CA LEU D 259 -48.35 5.67 44.80
C LEU D 259 -49.30 6.20 45.89
N THR D 260 -49.43 7.52 45.95
CA THR D 260 -50.24 8.17 46.96
C THR D 260 -51.72 8.10 46.59
N VAL D 261 -52.57 8.48 47.55
CA VAL D 261 -54.01 8.40 47.34
C VAL D 261 -54.47 9.44 46.33
N ARG D 262 -53.97 10.67 46.43
CA ARG D 262 -54.37 11.70 45.49
C ARG D 262 -53.88 11.42 44.08
N SER D 263 -52.93 10.50 43.94
CA SER D 263 -52.48 10.09 42.61
C SER D 263 -53.36 9.01 42.01
N ALA D 264 -53.84 8.08 42.84
CA ALA D 264 -54.57 6.92 42.32
C ALA D 264 -55.84 7.34 41.59
N ASN D 265 -56.65 8.21 42.19
CA ASN D 265 -57.85 8.67 41.52
C ASN D 265 -57.52 9.49 40.28
N CYS D 266 -56.51 10.35 40.37
CA CYS D 266 -56.09 11.11 39.20
C CYS D 266 -55.51 10.19 38.12
N LEU D 267 -54.76 9.17 38.54
CA LEU D 267 -54.18 8.23 37.58
C LEU D 267 -55.27 7.48 36.83
N LYS D 268 -56.32 7.06 37.54
CA LYS D 268 -57.43 6.37 36.86
C LYS D 268 -58.26 7.33 36.04
N ALA D 269 -58.33 8.60 36.47
CA ALA D 269 -59.15 9.58 35.75
C ALA D 269 -58.61 9.85 34.35
N GLU D 270 -57.30 9.69 34.15
CA GLU D 270 -56.69 9.93 32.85
C GLU D 270 -56.34 8.64 32.11
N ALA D 271 -57.04 7.54 32.42
CA ALA D 271 -56.93 6.29 31.68
C ALA D 271 -55.50 5.77 31.64
N ILE D 272 -54.79 5.89 32.75
CA ILE D 272 -53.46 5.33 32.89
C ILE D 272 -53.58 4.07 33.75
N HIS D 273 -53.65 2.92 33.10
CA HIS D 273 -53.77 1.65 33.79
C HIS D 273 -52.51 0.80 33.74
N TYR D 274 -51.56 1.15 32.89
CA TYR D 274 -50.31 0.41 32.76
C TYR D 274 -49.14 1.32 33.07
N ILE D 275 -48.02 0.70 33.48
CA ILE D 275 -46.82 1.46 33.81
C ILE D 275 -46.26 2.14 32.55
N GLY D 276 -46.35 1.47 31.41
CA GLY D 276 -45.68 1.96 30.21
C GLY D 276 -46.25 3.27 29.69
N ASP D 277 -47.57 3.38 29.64
CA ASP D 277 -48.18 4.58 29.07
C ASP D 277 -47.91 5.81 29.93
N LEU D 278 -47.60 5.61 31.22
CA LEU D 278 -47.19 6.73 32.05
C LEU D 278 -45.81 7.23 31.66
N VAL D 279 -44.93 6.33 31.23
CA VAL D 279 -43.58 6.73 30.85
C VAL D 279 -43.61 7.61 29.61
N GLN D 280 -44.54 7.34 28.69
CA GLN D 280 -44.59 8.05 27.42
C GLN D 280 -45.13 9.47 27.52
N ARG D 281 -45.31 9.99 28.73
CA ARG D 281 -45.86 11.32 28.93
C ARG D 281 -44.72 12.31 29.19
N THR D 282 -44.50 13.22 28.24
CA THR D 282 -43.45 14.22 28.40
C THR D 282 -43.80 15.18 29.54
N GLU D 283 -42.77 15.74 30.16
CA GLU D 283 -42.96 16.51 31.39
C GLU D 283 -43.90 17.69 31.17
N VAL D 284 -43.69 18.46 30.10
CA VAL D 284 -44.41 19.72 29.93
C VAL D 284 -45.91 19.56 29.75
N GLU D 285 -46.43 18.35 29.54
CA GLU D 285 -47.84 18.20 29.22
C GLU D 285 -48.68 17.62 30.36
N LEU D 286 -48.15 16.71 31.18
CA LEU D 286 -49.00 16.18 32.23
C LEU D 286 -49.18 17.15 33.39
N LEU D 287 -48.42 18.26 33.40
CA LEU D 287 -48.64 19.28 34.43
C LEU D 287 -49.99 19.97 34.25
N LYS D 288 -50.55 19.92 33.04
CA LYS D 288 -51.89 20.44 32.79
C LYS D 288 -52.98 19.59 33.41
N THR D 289 -52.64 18.41 33.93
CA THR D 289 -53.62 17.57 34.59
C THR D 289 -54.16 18.30 35.82
N PRO D 290 -55.48 18.25 36.05
CA PRO D 290 -56.03 18.87 37.26
C PRO D 290 -55.47 18.22 38.52
N ASN D 291 -55.25 19.06 39.54
CA ASN D 291 -54.75 18.68 40.86
C ASN D 291 -53.61 17.67 40.80
N LEU D 292 -52.72 17.81 39.81
CA LEU D 292 -51.57 16.91 39.72
C LEU D 292 -50.63 17.11 40.89
N GLY D 293 -50.32 18.35 41.24
CA GLY D 293 -49.46 18.63 42.37
C GLY D 293 -47.99 18.66 41.99
N LYS D 294 -47.32 19.78 42.24
CA LYS D 294 -45.90 19.88 41.94
C LYS D 294 -45.09 18.92 42.78
N LYS D 295 -45.34 18.90 44.09
CA LYS D 295 -44.65 17.95 44.96
C LYS D 295 -45.08 16.52 44.66
N SER D 296 -46.37 16.32 44.35
CA SER D 296 -46.84 14.98 44.00
C SER D 296 -46.21 14.49 42.70
N LEU D 297 -46.11 15.37 41.70
CA LEU D 297 -45.55 14.97 40.41
C LEU D 297 -44.11 14.50 40.57
N THR D 298 -43.33 15.20 41.39
CA THR D 298 -41.97 14.75 41.66
C THR D 298 -41.96 13.37 42.31
N GLU D 299 -42.94 13.10 43.17
CA GLU D 299 -43.04 11.78 43.78
C GLU D 299 -43.29 10.70 42.73
N ILE D 300 -44.14 10.97 41.75
CA ILE D 300 -44.31 10.05 40.64
C ILE D 300 -42.98 9.89 39.90
N LYS D 301 -42.30 10.99 39.63
CA LYS D 301 -40.99 10.92 39.01
C LYS D 301 -39.99 10.21 39.91
N ASP D 302 -40.12 10.38 41.23
CA ASP D 302 -39.22 9.71 42.15
C ASP D 302 -39.38 8.20 42.10
N VAL D 303 -40.62 7.72 42.25
CA VAL D 303 -40.82 6.27 42.33
C VAL D 303 -40.67 5.63 40.96
N LEU D 304 -41.00 6.36 39.89
CA LEU D 304 -40.85 5.79 38.56
C LEU D 304 -39.37 5.69 38.17
N ALA D 305 -38.57 6.70 38.49
CA ALA D 305 -37.14 6.62 38.25
C ALA D 305 -36.47 5.57 39.12
N SER D 306 -37.09 5.21 40.25
CA SER D 306 -36.53 4.15 41.08
C SER D 306 -36.52 2.82 40.34
N ARG D 307 -37.42 2.64 39.37
CA ARG D 307 -37.40 1.46 38.53
C ARG D 307 -36.49 1.63 37.32
N GLY D 308 -35.88 2.80 37.14
CA GLY D 308 -35.01 3.05 36.01
C GLY D 308 -35.69 3.51 34.75
N LEU D 309 -37.00 3.69 34.76
CA LEU D 309 -37.76 4.17 33.61
C LEU D 309 -37.79 5.70 33.68
N SER D 310 -36.89 6.34 32.94
CA SER D 310 -36.90 7.78 32.86
C SER D 310 -38.12 8.26 32.09
N LEU D 311 -38.66 9.40 32.52
CA LEU D 311 -39.85 9.96 31.88
C LEU D 311 -39.54 10.44 30.46
N GLY D 312 -40.47 10.22 29.56
CA GLY D 312 -40.36 10.71 28.21
C GLY D 312 -39.87 9.71 27.17
N MET D 313 -40.06 8.42 27.39
CA MET D 313 -39.63 7.43 26.42
C MET D 313 -40.63 7.35 25.26
N ARG D 314 -40.17 6.80 24.14
CA ARG D 314 -40.95 6.76 22.91
C ARG D 314 -41.10 5.31 22.46
N LEU D 315 -42.33 4.80 22.48
CA LEU D 315 -42.62 3.46 22.02
C LEU D 315 -43.26 3.49 20.64
N GLU D 316 -43.32 2.32 20.00
CA GLU D 316 -43.86 2.21 18.66
C GLU D 316 -45.33 1.77 18.66
N ASN D 317 -45.61 0.62 19.25
CA ASN D 317 -46.97 0.07 19.29
C ASN D 317 -47.34 -0.26 20.72
N TRP D 318 -48.64 -0.27 20.99
CA TRP D 318 -49.16 -0.54 22.32
C TRP D 318 -50.19 -1.67 22.29
N PRO D 319 -49.86 -2.85 22.81
CA PRO D 319 -50.87 -3.90 22.91
C PRO D 319 -51.86 -3.59 24.01
N PRO D 320 -53.04 -4.23 24.00
CA PRO D 320 -54.01 -3.94 25.05
C PRO D 320 -53.87 -4.83 26.28
N ALA D 321 -52.86 -5.69 26.32
CA ALA D 321 -52.64 -6.56 27.47
C ALA D 321 -51.23 -6.40 28.02
N SER E 1 -33.45 -35.39 12.95
CA SER E 1 -32.20 -34.79 12.52
C SER E 1 -31.77 -35.35 11.16
N VAL E 2 -31.34 -36.62 11.16
CA VAL E 2 -31.01 -37.29 9.91
C VAL E 2 -32.29 -37.72 9.22
N THR E 3 -32.29 -37.67 7.88
CA THR E 3 -33.46 -38.00 7.05
C THR E 3 -34.63 -37.06 7.31
N GLU E 4 -34.35 -35.80 7.64
CA GLU E 4 -35.37 -34.77 7.78
C GLU E 4 -34.89 -33.54 7.05
N PHE E 5 -35.58 -33.17 5.98
CA PHE E 5 -35.16 -32.07 5.10
C PHE E 5 -36.22 -30.99 5.05
N LEU E 6 -35.77 -29.78 4.77
CA LEU E 6 -36.68 -28.64 4.70
C LEU E 6 -37.58 -28.77 3.48
N LYS E 7 -38.87 -28.65 3.69
CA LYS E 7 -39.81 -28.63 2.59
C LYS E 7 -40.23 -27.21 2.32
N PRO E 8 -40.31 -26.79 1.05
CA PRO E 8 -40.70 -25.41 0.77
C PRO E 8 -42.10 -25.12 1.29
N ARG E 9 -42.30 -23.91 1.79
CA ARG E 9 -43.59 -23.51 2.33
C ARG E 9 -43.92 -22.11 1.84
N LEU E 10 -45.22 -21.86 1.71
CA LEU E 10 -45.74 -20.58 1.24
C LEU E 10 -45.19 -20.24 -0.14
N VAL E 11 -45.54 -21.09 -1.11
CA VAL E 11 -45.19 -20.81 -2.50
C VAL E 11 -46.01 -19.62 -2.98
N ASP E 12 -45.39 -18.78 -3.80
CA ASP E 12 -46.03 -17.58 -4.30
C ASP E 12 -46.16 -17.65 -5.81
N ILE E 13 -47.36 -17.38 -6.33
CA ILE E 13 -47.61 -17.44 -7.75
C ILE E 13 -48.07 -16.07 -8.23
N GLU E 14 -47.31 -15.50 -9.16
CA GLU E 14 -47.71 -14.26 -9.83
C GLU E 14 -48.11 -14.61 -11.26
N GLN E 15 -49.34 -14.28 -11.63
CA GLN E 15 -49.89 -14.66 -12.92
C GLN E 15 -49.95 -13.44 -13.83
N VAL E 16 -49.38 -13.56 -15.02
CA VAL E 16 -49.42 -12.53 -16.05
C VAL E 16 -50.18 -13.10 -17.24
N SER E 17 -51.19 -12.36 -17.69
CA SER E 17 -52.11 -12.79 -18.75
C SER E 17 -52.73 -14.10 -18.28
N SER E 18 -52.94 -15.08 -19.15
CA SER E 18 -53.43 -16.39 -18.74
C SER E 18 -52.43 -17.49 -19.05
N THR E 19 -51.28 -17.15 -19.63
CA THR E 19 -50.28 -18.13 -20.01
C THR E 19 -48.91 -17.88 -19.38
N HIS E 20 -48.73 -16.77 -18.67
CA HIS E 20 -47.45 -16.47 -18.05
C HIS E 20 -47.55 -16.64 -16.54
N ALA E 21 -46.60 -17.34 -15.94
CA ALA E 21 -46.63 -17.55 -14.50
C ALA E 21 -45.21 -17.47 -13.94
N LYS E 22 -45.12 -16.94 -12.71
CA LYS E 22 -43.86 -16.86 -11.98
C LYS E 22 -44.09 -17.46 -10.60
N VAL E 23 -43.43 -18.59 -10.34
CA VAL E 23 -43.63 -19.36 -9.12
C VAL E 23 -42.38 -19.27 -8.27
N THR E 24 -42.52 -18.84 -7.03
CA THR E 24 -41.41 -18.65 -6.11
C THR E 24 -41.58 -19.61 -4.94
N LEU E 25 -40.57 -20.44 -4.72
CA LEU E 25 -40.57 -21.43 -3.65
C LEU E 25 -39.38 -21.20 -2.73
N GLU E 26 -39.64 -21.23 -1.43
CA GLU E 26 -38.60 -21.02 -0.43
C GLU E 26 -39.08 -21.59 0.89
N PRO E 27 -38.20 -22.16 1.71
CA PRO E 27 -36.78 -22.41 1.47
C PRO E 27 -36.51 -23.83 1.00
N LEU E 28 -35.49 -24.03 0.19
CA LEU E 28 -35.05 -25.36 -0.22
C LEU E 28 -33.62 -25.56 0.27
N GLU E 29 -33.28 -26.80 0.58
CA GLU E 29 -31.93 -27.08 1.08
C GLU E 29 -30.90 -26.75 0.00
N ARG E 30 -29.69 -26.44 0.45
CA ARG E 30 -28.61 -26.11 -0.48
C ARG E 30 -28.36 -27.27 -1.43
N GLY E 31 -28.26 -26.96 -2.71
CA GLY E 31 -28.07 -27.98 -3.71
C GLY E 31 -29.33 -28.68 -4.16
N PHE E 32 -30.50 -28.21 -3.74
CA PHE E 32 -31.76 -28.79 -4.15
C PHE E 32 -32.55 -27.93 -5.12
N GLY E 33 -32.46 -26.61 -4.99
CA GLY E 33 -33.13 -25.75 -5.95
C GLY E 33 -32.68 -26.00 -7.37
N HIS E 34 -31.36 -26.10 -7.57
CA HIS E 34 -30.83 -26.37 -8.89
C HIS E 34 -31.31 -27.72 -9.40
N THR E 35 -31.28 -28.75 -8.55
CA THR E 35 -31.69 -30.09 -8.98
C THR E 35 -33.14 -30.08 -9.44
N LEU E 36 -34.04 -29.54 -8.60
CA LEU E 36 -35.45 -29.53 -8.95
C LEU E 36 -35.70 -28.71 -10.19
N GLY E 37 -35.10 -27.51 -10.28
CA GLY E 37 -35.32 -26.68 -11.44
C GLY E 37 -34.89 -27.35 -12.72
N ASN E 38 -33.68 -27.94 -12.72
CA ASN E 38 -33.20 -28.57 -13.94
C ASN E 38 -34.02 -29.78 -14.32
N ALA E 39 -34.39 -30.62 -13.35
CA ALA E 39 -35.19 -31.79 -13.68
C ALA E 39 -36.54 -31.38 -14.25
N LEU E 40 -37.21 -30.42 -13.62
CA LEU E 40 -38.51 -29.97 -14.12
C LEU E 40 -38.38 -29.35 -15.50
N ARG E 41 -37.37 -28.52 -15.72
CA ARG E 41 -37.22 -27.90 -17.04
C ARG E 41 -36.93 -28.93 -18.11
N ARG E 42 -36.06 -29.90 -17.82
CA ARG E 42 -35.73 -30.91 -18.82
C ARG E 42 -36.95 -31.75 -19.16
N ILE E 43 -37.74 -32.12 -18.16
CA ILE E 43 -38.95 -32.89 -18.43
C ILE E 43 -39.95 -32.06 -19.22
N LEU E 44 -40.15 -30.80 -18.84
CA LEU E 44 -41.14 -29.97 -19.51
C LEU E 44 -40.75 -29.69 -20.96
N LEU E 45 -39.45 -29.64 -21.25
CA LEU E 45 -39.00 -29.28 -22.59
C LEU E 45 -38.85 -30.48 -23.51
N SER E 46 -38.36 -31.61 -22.99
CA SER E 46 -38.00 -32.73 -23.84
C SER E 46 -39.13 -33.73 -24.04
N SER E 47 -39.96 -33.96 -23.02
CA SER E 47 -40.99 -34.99 -23.11
C SER E 47 -42.22 -34.52 -22.34
N MET E 48 -43.26 -34.12 -23.06
CA MET E 48 -44.52 -33.67 -22.49
C MET E 48 -45.62 -33.92 -23.51
N PRO E 49 -46.53 -34.87 -23.26
CA PRO E 49 -47.52 -35.23 -24.28
C PRO E 49 -48.36 -34.03 -24.72
N GLY E 50 -48.63 -33.96 -26.01
CA GLY E 50 -49.39 -32.86 -26.57
C GLY E 50 -49.64 -33.10 -28.04
N CYS E 51 -50.39 -32.18 -28.65
CA CYS E 51 -50.84 -32.32 -30.02
C CYS E 51 -50.49 -31.08 -30.82
N ALA E 52 -50.08 -31.28 -32.08
CA ALA E 52 -49.76 -30.17 -32.96
C ALA E 52 -49.94 -30.61 -34.40
N VAL E 53 -50.28 -29.65 -35.26
CA VAL E 53 -50.46 -29.93 -36.68
C VAL E 53 -49.12 -30.26 -37.30
N THR E 54 -49.08 -31.34 -38.09
CA THR E 54 -47.82 -31.82 -38.66
C THR E 54 -47.83 -31.99 -40.16
N GLU E 55 -48.98 -32.20 -40.81
CA GLU E 55 -49.03 -32.39 -42.24
C GLU E 55 -49.90 -31.31 -42.88
N VAL E 56 -49.43 -30.75 -44.00
CA VAL E 56 -50.16 -29.70 -44.71
C VAL E 56 -50.20 -30.03 -46.19
N GLU E 57 -51.37 -29.85 -46.80
CA GLU E 57 -51.56 -29.99 -48.23
C GLU E 57 -52.22 -28.73 -48.76
N ILE E 58 -51.66 -28.18 -49.83
CA ILE E 58 -52.15 -26.95 -50.45
C ILE E 58 -52.45 -27.24 -51.91
N ASP E 59 -53.64 -26.87 -52.36
CA ASP E 59 -54.00 -27.05 -53.77
C ASP E 59 -53.08 -26.22 -54.65
N GLY E 60 -52.65 -26.81 -55.76
CA GLY E 60 -51.70 -26.18 -56.67
C GLY E 60 -50.38 -26.95 -56.69
N VAL E 61 -49.29 -26.21 -56.84
CA VAL E 61 -47.97 -26.83 -56.86
C VAL E 61 -47.62 -27.29 -55.45
N LEU E 62 -46.84 -28.37 -55.37
CA LEU E 62 -46.50 -28.99 -54.09
C LEU E 62 -45.02 -28.88 -53.75
N HIS E 63 -44.24 -28.16 -54.56
CA HIS E 63 -42.81 -28.07 -54.32
C HIS E 63 -42.52 -27.25 -53.07
N GLU E 64 -41.32 -27.45 -52.52
CA GLU E 64 -40.90 -26.66 -51.36
C GLU E 64 -40.81 -25.17 -51.73
N TYR E 65 -40.28 -24.87 -52.90
CA TYR E 65 -40.30 -23.52 -53.45
C TYR E 65 -41.52 -23.39 -54.36
N SER E 66 -42.45 -22.52 -53.98
CA SER E 66 -43.73 -22.41 -54.66
C SER E 66 -44.02 -20.95 -54.98
N THR E 67 -44.72 -20.73 -56.10
CA THR E 67 -45.13 -19.39 -56.47
C THR E 67 -46.21 -18.83 -55.56
N LYS E 68 -46.85 -19.69 -54.76
CA LYS E 68 -47.89 -19.30 -53.81
C LYS E 68 -49.11 -18.71 -54.50
N GLU E 69 -49.27 -18.95 -55.80
CA GLU E 69 -50.44 -18.59 -56.60
C GLU E 69 -50.93 -17.17 -56.32
N GLY E 70 -50.02 -16.26 -55.97
CA GLY E 70 -50.39 -14.90 -55.64
C GLY E 70 -51.21 -14.77 -54.38
N VAL E 71 -50.81 -15.48 -53.32
CA VAL E 71 -51.49 -15.43 -52.04
C VAL E 71 -50.81 -14.43 -51.09
N GLN E 72 -49.98 -13.53 -51.63
CA GLN E 72 -49.37 -12.37 -50.98
C GLN E 72 -48.62 -12.73 -49.70
N GLU E 73 -48.44 -14.01 -49.43
CA GLU E 73 -47.61 -14.50 -48.34
C GLU E 73 -47.02 -15.83 -48.77
N ASP E 74 -45.70 -15.95 -48.71
CA ASP E 74 -45.05 -17.16 -49.19
C ASP E 74 -45.53 -18.37 -48.40
N ILE E 75 -45.50 -19.53 -49.06
CA ILE E 75 -45.94 -20.77 -48.42
C ILE E 75 -45.10 -21.06 -47.18
N LEU E 76 -43.86 -20.58 -47.16
CA LEU E 76 -43.04 -20.70 -45.95
C LEU E 76 -43.69 -19.97 -44.79
N GLU E 77 -44.21 -18.76 -45.05
CA GLU E 77 -44.93 -18.03 -44.00
C GLU E 77 -46.18 -18.77 -43.58
N ILE E 78 -46.88 -19.39 -44.53
CA ILE E 78 -48.06 -20.16 -44.21
C ILE E 78 -47.71 -21.31 -43.27
N LEU E 79 -46.64 -22.04 -43.57
CA LEU E 79 -46.23 -23.14 -42.72
C LEU E 79 -45.79 -22.66 -41.35
N LEU E 80 -45.13 -21.50 -41.29
CA LEU E 80 -44.75 -20.95 -40.00
C LEU E 80 -45.98 -20.57 -39.18
N ASN E 81 -46.99 -19.97 -39.81
CA ASN E 81 -48.22 -19.67 -39.09
C ASN E 81 -48.90 -20.94 -38.60
N LEU E 82 -48.91 -21.97 -39.43
CA LEU E 82 -49.54 -23.22 -39.03
C LEU E 82 -48.76 -23.95 -37.95
N LYS E 83 -47.47 -23.64 -37.80
CA LYS E 83 -46.67 -24.26 -36.75
C LYS E 83 -47.19 -23.90 -35.37
N GLY E 84 -47.48 -22.62 -35.15
CA GLY E 84 -47.86 -22.11 -33.85
C GLY E 84 -49.30 -22.31 -33.46
N LEU E 85 -50.13 -22.86 -34.34
CA LEU E 85 -51.53 -23.09 -34.01
C LEU E 85 -51.66 -24.13 -32.90
N ALA E 86 -52.52 -23.85 -31.93
CA ALA E 86 -52.73 -24.71 -30.78
C ALA E 86 -54.11 -25.33 -30.84
N VAL E 87 -54.19 -26.65 -30.68
CA VAL E 87 -55.44 -27.40 -30.81
C VAL E 87 -55.60 -28.31 -29.61
N ARG E 88 -56.83 -28.79 -29.41
CA ARG E 88 -57.14 -29.79 -28.39
C ARG E 88 -57.97 -30.90 -29.03
N VAL E 89 -57.37 -32.09 -29.19
CA VAL E 89 -58.10 -33.25 -29.69
C VAL E 89 -58.18 -34.30 -28.60
N GLN E 90 -59.38 -34.86 -28.42
CA GLN E 90 -59.63 -35.83 -27.36
C GLN E 90 -59.85 -37.20 -27.98
N GLY E 91 -59.06 -38.18 -27.57
CA GLY E 91 -59.31 -39.57 -27.91
C GLY E 91 -59.04 -39.99 -29.34
N LYS E 92 -58.40 -39.15 -30.15
CA LYS E 92 -58.02 -39.53 -31.51
C LYS E 92 -56.53 -39.28 -31.70
N ASP E 93 -55.83 -40.28 -32.24
CA ASP E 93 -54.40 -40.15 -32.45
C ASP E 93 -54.08 -39.24 -33.63
N GLU E 94 -54.82 -39.36 -34.72
CA GLU E 94 -54.64 -38.53 -35.90
C GLU E 94 -55.98 -38.03 -36.40
N VAL E 95 -56.04 -36.76 -36.82
CA VAL E 95 -57.26 -36.13 -37.27
C VAL E 95 -56.96 -35.27 -38.48
N ILE E 96 -57.85 -35.29 -39.47
CA ILE E 96 -57.73 -34.49 -40.68
C ILE E 96 -58.74 -33.36 -40.61
N LEU E 97 -58.27 -32.14 -40.88
CA LEU E 97 -59.12 -30.97 -40.95
C LEU E 97 -58.96 -30.31 -42.31
N THR E 98 -59.98 -29.54 -42.70
CA THR E 98 -59.98 -28.86 -43.99
C THR E 98 -60.49 -27.44 -43.83
N LEU E 99 -59.85 -26.49 -44.49
CA LEU E 99 -60.27 -25.11 -44.49
C LEU E 99 -60.37 -24.62 -45.93
N ASN E 100 -61.40 -23.82 -46.21
CA ASN E 100 -61.64 -23.28 -47.55
C ASN E 100 -62.23 -21.90 -47.40
N LYS E 101 -61.55 -20.89 -47.95
CA LYS E 101 -62.05 -19.52 -47.85
C LYS E 101 -61.94 -18.80 -49.19
N SER E 102 -62.99 -18.06 -49.52
CA SER E 102 -63.02 -17.20 -50.70
C SER E 102 -63.53 -15.83 -50.29
N GLY E 103 -63.05 -14.80 -50.95
CA GLY E 103 -63.49 -13.45 -50.66
C GLY E 103 -62.43 -12.67 -49.90
N ILE E 104 -62.44 -11.34 -50.10
CA ILE E 104 -61.43 -10.49 -49.51
C ILE E 104 -61.50 -10.53 -47.99
N GLY E 105 -60.35 -10.69 -47.34
CA GLY E 105 -60.28 -10.69 -45.91
C GLY E 105 -59.28 -11.70 -45.38
N PRO E 106 -58.58 -11.34 -44.30
CA PRO E 106 -57.68 -12.30 -43.66
C PRO E 106 -58.46 -13.49 -43.11
N VAL E 107 -57.81 -14.66 -43.15
CA VAL E 107 -58.42 -15.89 -42.64
C VAL E 107 -57.96 -16.10 -41.21
N THR E 108 -58.84 -16.67 -40.40
CA THR E 108 -58.56 -16.91 -38.99
C THR E 108 -58.60 -18.41 -38.71
N ALA E 109 -58.15 -18.78 -37.51
CA ALA E 109 -58.15 -20.18 -37.12
C ALA E 109 -59.56 -20.75 -36.98
N ALA E 110 -60.57 -19.89 -36.84
CA ALA E 110 -61.94 -20.36 -36.73
C ALA E 110 -62.55 -20.74 -38.07
N ASP E 111 -61.85 -20.50 -39.17
CA ASP E 111 -62.40 -20.80 -40.49
C ASP E 111 -62.44 -22.30 -40.78
N ILE E 112 -61.72 -23.11 -40.00
CA ILE E 112 -61.68 -24.54 -40.24
C ILE E 112 -63.06 -25.13 -40.04
N THR E 113 -63.33 -26.22 -40.77
CA THR E 113 -64.63 -26.89 -40.67
C THR E 113 -64.87 -27.34 -39.23
N HIS E 114 -66.08 -27.07 -38.74
CA HIS E 114 -66.39 -27.37 -37.35
C HIS E 114 -66.50 -28.87 -37.14
N ASP E 115 -65.76 -29.38 -36.16
CA ASP E 115 -65.84 -30.76 -35.74
C ASP E 115 -65.76 -30.82 -34.22
N GLY E 116 -66.51 -31.75 -33.64
CA GLY E 116 -66.68 -31.77 -32.20
C GLY E 116 -65.46 -32.25 -31.43
N ASP E 117 -64.57 -32.98 -32.06
CA ASP E 117 -63.51 -33.65 -31.33
C ASP E 117 -62.23 -32.82 -31.27
N VAL E 118 -62.14 -31.72 -32.03
CA VAL E 118 -61.02 -30.80 -31.94
C VAL E 118 -61.54 -29.42 -31.59
N GLU E 119 -60.93 -28.80 -30.58
CA GLU E 119 -61.25 -27.45 -30.15
C GLU E 119 -60.07 -26.53 -30.45
N ILE E 120 -60.37 -25.29 -30.80
CA ILE E 120 -59.37 -24.27 -31.10
C ILE E 120 -59.35 -23.28 -29.95
N VAL E 121 -58.16 -23.01 -29.42
CA VAL E 121 -58.05 -22.11 -28.27
C VAL E 121 -57.76 -20.67 -28.69
N LYS E 122 -57.29 -20.45 -29.91
CA LYS E 122 -56.96 -19.12 -30.41
C LYS E 122 -57.69 -18.94 -31.73
N PRO E 123 -59.00 -18.72 -31.70
CA PRO E 123 -59.78 -18.70 -32.95
C PRO E 123 -59.35 -17.62 -33.93
N GLN E 124 -58.87 -16.47 -33.45
CA GLN E 124 -58.46 -15.39 -34.34
C GLN E 124 -56.99 -15.48 -34.74
N HIS E 125 -56.37 -16.64 -34.61
CA HIS E 125 -55.00 -16.83 -35.09
C HIS E 125 -54.96 -16.75 -36.60
N VAL E 126 -54.33 -15.71 -37.12
CA VAL E 126 -54.32 -15.45 -38.56
C VAL E 126 -53.43 -16.46 -39.27
N ILE E 127 -53.92 -16.99 -40.38
CA ILE E 127 -53.16 -17.91 -41.22
C ILE E 127 -52.68 -17.23 -42.49
N CYS E 128 -53.54 -16.46 -43.14
CA CYS E 128 -53.18 -15.73 -44.35
C CYS E 128 -54.16 -14.58 -44.54
N HIS E 129 -53.83 -13.69 -45.47
CA HIS E 129 -54.68 -12.55 -45.83
C HIS E 129 -55.33 -12.74 -47.20
N LEU E 130 -55.74 -13.98 -47.50
CA LEU E 130 -56.44 -14.34 -48.73
C LEU E 130 -55.50 -14.23 -49.93
N THR E 131 -55.85 -14.90 -51.03
CA THR E 131 -55.04 -14.89 -52.23
C THR E 131 -55.14 -13.55 -52.96
N ASP E 132 -54.52 -12.52 -52.39
CA ASP E 132 -54.52 -11.18 -52.95
C ASP E 132 -55.94 -10.66 -53.14
N GLU E 133 -56.49 -10.82 -54.36
CA GLU E 133 -57.81 -10.31 -54.67
C GLU E 133 -58.55 -11.30 -55.56
N ASN E 134 -59.80 -11.57 -55.21
CA ASN E 134 -60.71 -12.36 -56.03
C ASN E 134 -60.14 -13.75 -56.34
N ALA E 135 -59.97 -14.53 -55.29
CA ALA E 135 -59.48 -15.90 -55.42
C ALA E 135 -59.89 -16.68 -54.18
N SER E 136 -59.50 -17.95 -54.14
CA SER E 136 -59.86 -18.85 -53.05
C SER E 136 -58.65 -19.63 -52.58
N ILE E 137 -58.69 -20.07 -51.34
CA ILE E 137 -57.63 -20.86 -50.74
C ILE E 137 -58.23 -22.09 -50.07
N SER E 138 -57.61 -23.26 -50.32
CA SER E 138 -58.05 -24.52 -49.76
C SER E 138 -56.83 -25.22 -49.15
N MET E 139 -56.92 -25.55 -47.87
CA MET E 139 -55.83 -26.21 -47.15
C MET E 139 -56.35 -27.44 -46.44
N ARG E 140 -55.63 -28.55 -46.54
CA ARG E 140 -55.97 -29.79 -45.85
C ARG E 140 -54.86 -30.11 -44.87
N ILE E 141 -55.16 -30.03 -43.57
CA ILE E 141 -54.16 -30.21 -42.54
C ILE E 141 -54.42 -31.51 -41.81
N LYS E 142 -53.36 -32.04 -41.20
CA LYS E 142 -53.41 -33.32 -40.50
C LYS E 142 -52.62 -33.17 -39.21
N VAL E 143 -53.29 -33.40 -38.08
CA VAL E 143 -52.76 -33.15 -36.76
C VAL E 143 -52.78 -34.45 -35.96
N GLN E 144 -51.66 -34.78 -35.34
CA GLN E 144 -51.54 -36.00 -34.54
C GLN E 144 -50.91 -35.66 -33.19
N ARG E 145 -51.22 -36.50 -32.21
CA ARG E 145 -50.71 -36.32 -30.85
C ARG E 145 -49.32 -36.94 -30.75
N GLY E 146 -48.38 -36.17 -30.21
CA GLY E 146 -47.02 -36.64 -30.05
C GLY E 146 -46.42 -36.31 -28.71
N ARG E 147 -45.09 -36.35 -28.61
CA ARG E 147 -44.40 -36.10 -27.36
C ARG E 147 -43.19 -35.21 -27.59
N GLY E 148 -43.01 -34.23 -26.71
CA GLY E 148 -41.83 -33.38 -26.78
C GLY E 148 -41.82 -32.52 -28.03
N TYR E 149 -40.66 -32.47 -28.68
CA TYR E 149 -40.48 -31.70 -29.91
C TYR E 149 -39.79 -32.59 -30.94
N VAL E 150 -40.36 -32.64 -32.14
CA VAL E 150 -39.84 -33.47 -33.22
C VAL E 150 -39.63 -32.57 -34.44
N PRO E 151 -38.43 -32.49 -34.99
CA PRO E 151 -38.18 -31.62 -36.14
C PRO E 151 -38.56 -32.32 -37.44
N ALA E 152 -38.38 -31.60 -38.54
CA ALA E 152 -38.59 -32.15 -39.87
C ALA E 152 -37.28 -32.68 -40.46
N SER E 153 -36.72 -33.67 -39.75
CA SER E 153 -35.47 -34.28 -40.20
C SER E 153 -35.67 -34.97 -41.54
N THR E 154 -36.67 -35.84 -41.64
CA THR E 154 -37.01 -36.54 -42.87
C THR E 154 -38.39 -37.15 -42.68
N ARG E 155 -38.96 -37.62 -43.79
CA ARG E 155 -40.27 -38.27 -43.74
C ARG E 155 -40.15 -39.69 -43.21
N ILE E 156 -39.38 -40.52 -43.90
CA ILE E 156 -39.20 -41.94 -43.55
C ILE E 156 -40.56 -42.61 -43.44
N HIS E 157 -41.44 -42.31 -44.39
CA HIS E 157 -42.79 -42.85 -44.38
C HIS E 157 -43.27 -43.00 -45.82
N SER E 158 -44.28 -43.85 -46.00
CA SER E 158 -44.87 -44.14 -47.31
C SER E 158 -43.75 -44.65 -48.22
N GLU E 159 -43.68 -44.21 -49.47
CA GLU E 159 -42.63 -44.64 -50.39
C GLU E 159 -42.20 -43.47 -51.24
N GLU E 160 -40.88 -43.38 -51.49
CA GLU E 160 -40.28 -42.35 -52.33
C GLU E 160 -40.64 -40.99 -51.74
N ASP E 161 -41.16 -40.04 -52.53
CA ASP E 161 -41.48 -38.71 -52.05
C ASP E 161 -42.97 -38.51 -51.82
N GLU E 162 -43.74 -39.60 -51.73
CA GLU E 162 -45.18 -39.47 -51.54
C GLU E 162 -45.49 -38.80 -50.20
N ARG E 163 -44.93 -39.32 -49.11
CA ARG E 163 -45.16 -38.70 -47.80
C ARG E 163 -44.58 -37.29 -47.70
N PRO E 164 -43.35 -37.00 -48.15
CA PRO E 164 -42.87 -35.61 -48.05
C PRO E 164 -43.76 -34.60 -48.75
N ILE E 165 -44.33 -34.93 -49.90
CA ILE E 165 -45.25 -34.00 -50.55
C ILE E 165 -46.64 -34.05 -49.94
N GLY E 166 -47.01 -35.17 -49.31
CA GLY E 166 -48.31 -35.26 -48.66
C GLY E 166 -48.37 -34.57 -47.31
N ARG E 167 -47.22 -34.31 -46.69
CA ARG E 167 -47.18 -33.63 -45.40
C ARG E 167 -46.43 -32.31 -45.41
N LEU E 168 -45.53 -32.11 -46.39
CA LEU E 168 -44.67 -30.94 -46.51
C LEU E 168 -43.71 -30.80 -45.33
N LEU E 169 -43.66 -31.78 -44.44
CA LEU E 169 -42.76 -31.80 -43.28
C LEU E 169 -42.81 -30.48 -42.51
N VAL E 170 -43.99 -30.20 -41.97
CA VAL E 170 -44.16 -29.05 -41.10
C VAL E 170 -43.58 -29.39 -39.73
N ASP E 171 -42.67 -28.55 -39.25
CA ASP E 171 -42.09 -28.76 -37.94
C ASP E 171 -43.17 -28.67 -36.88
N ALA E 172 -43.22 -29.68 -36.01
CA ALA E 172 -44.29 -29.81 -35.02
C ALA E 172 -43.73 -29.63 -33.62
N CYS E 173 -44.42 -28.85 -32.80
CA CYS E 173 -44.08 -28.67 -31.39
C CYS E 173 -45.20 -29.32 -30.57
N TYR E 174 -44.94 -30.53 -30.11
CA TYR E 174 -45.97 -31.28 -29.39
C TYR E 174 -46.14 -30.75 -27.97
N SER E 175 -45.04 -30.50 -27.28
CA SER E 175 -45.12 -30.09 -25.88
C SER E 175 -45.65 -28.68 -25.77
N PRO E 176 -46.72 -28.44 -25.00
CA PRO E 176 -47.27 -27.08 -24.86
C PRO E 176 -46.51 -26.25 -23.84
N VAL E 177 -45.21 -26.07 -24.08
CA VAL E 177 -44.34 -25.27 -23.22
C VAL E 177 -43.57 -24.33 -24.12
N GLU E 178 -44.02 -23.07 -24.19
CA GLU E 178 -43.35 -22.10 -25.04
C GLU E 178 -41.97 -21.73 -24.50
N ARG E 179 -41.88 -21.48 -23.19
CA ARG E 179 -40.59 -21.12 -22.59
C ARG E 179 -40.62 -21.45 -21.11
N ILE E 180 -39.54 -22.06 -20.63
CA ILE E 180 -39.38 -22.41 -19.23
C ILE E 180 -38.00 -21.95 -18.77
N ALA E 181 -37.95 -21.24 -17.65
CA ALA E 181 -36.69 -20.75 -17.11
C ALA E 181 -36.71 -20.89 -15.59
N TYR E 182 -35.53 -21.08 -15.01
CA TYR E 182 -35.41 -21.26 -13.57
C TYR E 182 -34.21 -20.50 -13.05
N ASN E 183 -34.36 -19.87 -11.89
CA ASN E 183 -33.29 -19.17 -11.20
C ASN E 183 -33.24 -19.62 -9.76
N VAL E 184 -32.05 -19.58 -9.18
CA VAL E 184 -31.83 -19.96 -7.79
C VAL E 184 -31.20 -18.79 -7.07
N GLU E 185 -31.85 -18.34 -5.99
CA GLU E 185 -31.41 -17.20 -5.22
C GLU E 185 -31.14 -17.61 -3.78
N ALA E 186 -30.48 -16.72 -3.04
CA ALA E 186 -30.10 -17.01 -1.66
C ALA E 186 -31.22 -16.60 -0.72
N ALA E 187 -31.52 -17.47 0.24
CA ALA E 187 -32.52 -17.19 1.27
C ALA E 187 -32.05 -17.80 2.58
N ARG E 188 -32.56 -17.26 3.68
CA ARG E 188 -32.14 -17.69 5.01
C ARG E 188 -33.36 -17.96 5.87
N VAL E 189 -33.18 -18.89 6.81
CA VAL E 189 -34.20 -19.23 7.79
C VAL E 189 -33.50 -19.43 9.13
N GLU E 190 -34.12 -18.94 10.20
CA GLU E 190 -33.55 -18.90 11.55
C GLU E 190 -32.05 -18.63 11.54
N GLN E 191 -31.25 -19.48 12.18
CA GLN E 191 -29.81 -19.24 12.21
C GLN E 191 -29.15 -19.58 10.87
N ARG E 192 -29.75 -20.47 10.08
CA ARG E 192 -29.17 -20.84 8.80
C ARG E 192 -29.24 -19.67 7.83
N THR E 193 -28.17 -19.47 7.08
CA THR E 193 -28.09 -18.39 6.11
C THR E 193 -27.83 -18.86 4.68
N ASP E 194 -27.65 -20.16 4.46
CA ASP E 194 -27.35 -20.72 3.15
C ASP E 194 -28.51 -21.64 2.76
N LEU E 195 -29.53 -21.07 2.13
CA LEU E 195 -30.65 -21.84 1.61
C LEU E 195 -30.96 -21.36 0.21
N ASP E 196 -31.51 -22.27 -0.60
CA ASP E 196 -31.79 -21.98 -2.00
C ASP E 196 -33.28 -21.74 -2.20
N LYS E 197 -33.61 -20.68 -2.92
CA LYS E 197 -34.98 -20.34 -3.27
C LYS E 197 -35.12 -20.37 -4.78
N LEU E 198 -36.20 -20.99 -5.25
CA LEU E 198 -36.39 -21.27 -6.67
C LEU E 198 -37.40 -20.30 -7.28
N VAL E 199 -37.05 -19.75 -8.44
CA VAL E 199 -37.94 -18.88 -9.20
C VAL E 199 -38.13 -19.51 -10.57
N ILE E 200 -39.35 -19.96 -10.86
CA ILE E 200 -39.68 -20.63 -12.10
C ILE E 200 -40.55 -19.70 -12.92
N GLU E 201 -40.09 -19.35 -14.12
CA GLU E 201 -40.87 -18.55 -15.05
C GLU E 201 -41.32 -19.45 -16.18
N MET E 202 -42.64 -19.54 -16.37
CA MET E 202 -43.20 -20.48 -17.35
C MET E 202 -44.22 -19.78 -18.22
N GLU E 203 -44.05 -19.88 -19.53
CA GLU E 203 -45.01 -19.38 -20.51
C GLU E 203 -45.38 -20.51 -21.44
N THR E 204 -46.69 -20.71 -21.63
CA THR E 204 -47.20 -21.79 -22.44
C THR E 204 -47.98 -21.23 -23.63
N ASN E 205 -48.10 -22.06 -24.68
CA ASN E 205 -48.83 -21.65 -25.87
C ASN E 205 -50.33 -21.55 -25.61
N GLY E 206 -50.83 -22.25 -24.59
CA GLY E 206 -52.23 -22.27 -24.26
C GLY E 206 -52.70 -23.69 -24.03
N THR E 207 -54.03 -23.84 -23.97
CA THR E 207 -54.70 -25.12 -23.80
C THR E 207 -54.44 -25.74 -22.44
N ILE E 208 -53.54 -25.15 -21.65
CA ILE E 208 -53.13 -25.70 -20.37
C ILE E 208 -52.55 -24.56 -19.54
N ASP E 209 -52.99 -24.47 -18.28
CA ASP E 209 -52.44 -23.46 -17.39
C ASP E 209 -51.01 -23.82 -17.02
N PRO E 210 -50.14 -22.82 -16.85
CA PRO E 210 -48.75 -23.11 -16.47
C PRO E 210 -48.62 -23.93 -15.19
N GLU E 211 -49.46 -23.63 -14.19
CA GLU E 211 -49.44 -24.44 -12.97
C GLU E 211 -49.81 -25.89 -13.28
N GLU E 212 -50.77 -26.09 -14.19
CA GLU E 212 -51.15 -27.45 -14.58
C GLU E 212 -49.98 -28.17 -15.24
N ALA E 213 -49.22 -27.47 -16.08
CA ALA E 213 -48.05 -28.08 -16.70
C ALA E 213 -47.01 -28.45 -15.67
N ILE E 214 -46.78 -27.56 -14.68
CA ILE E 214 -45.83 -27.88 -13.62
C ILE E 214 -46.29 -29.12 -12.85
N ARG E 215 -47.59 -29.17 -12.54
CA ARG E 215 -48.13 -30.33 -11.81
C ARG E 215 -47.96 -31.61 -12.62
N ARG E 216 -48.21 -31.55 -13.93
CA ARG E 216 -48.06 -32.75 -14.74
C ARG E 216 -46.61 -33.21 -14.78
N ALA E 217 -45.67 -32.28 -14.94
CA ALA E 217 -44.26 -32.66 -14.92
C ALA E 217 -43.87 -33.28 -13.59
N ALA E 218 -44.32 -32.68 -12.50
CA ALA E 218 -44.00 -33.23 -11.18
C ALA E 218 -44.59 -34.61 -11.00
N THR E 219 -45.83 -34.81 -11.45
CA THR E 219 -46.48 -36.11 -11.27
C THR E 219 -45.76 -37.19 -12.06
N ILE E 220 -45.41 -36.90 -13.32
CA ILE E 220 -44.75 -37.94 -14.12
C ILE E 220 -43.36 -38.24 -13.57
N LEU E 221 -42.64 -37.21 -13.11
CA LEU E 221 -41.32 -37.49 -12.54
C LEU E 221 -41.43 -38.28 -11.25
N ALA E 222 -42.41 -37.99 -10.41
CA ALA E 222 -42.58 -38.75 -9.18
C ALA E 222 -42.98 -40.19 -9.47
N GLU E 223 -43.89 -40.41 -10.41
CA GLU E 223 -44.27 -41.77 -10.77
C GLU E 223 -43.14 -42.53 -11.45
N GLN E 224 -42.16 -41.82 -12.02
CA GLN E 224 -40.99 -42.51 -12.55
C GLN E 224 -40.19 -43.23 -11.45
N LEU E 225 -40.33 -42.80 -10.20
CA LEU E 225 -39.56 -43.36 -9.09
C LEU E 225 -40.37 -44.31 -8.23
N GLU E 226 -41.51 -44.80 -8.73
CA GLU E 226 -42.36 -45.65 -7.91
C GLU E 226 -41.69 -46.97 -7.58
N ALA E 227 -40.87 -47.51 -8.50
CA ALA E 227 -40.24 -48.80 -8.25
C ALA E 227 -39.23 -48.75 -7.12
N PHE E 228 -38.64 -47.59 -6.85
CA PHE E 228 -37.70 -47.44 -5.74
C PHE E 228 -38.34 -46.88 -4.48
N VAL E 229 -39.40 -46.08 -4.61
CA VAL E 229 -40.04 -45.50 -3.43
C VAL E 229 -41.16 -46.37 -2.89
N ASP E 230 -41.47 -47.49 -3.55
CA ASP E 230 -42.59 -48.33 -3.11
C ASP E 230 -42.27 -49.03 -1.79
N LEU E 231 -41.24 -49.89 -1.78
CA LEU E 231 -40.91 -50.60 -0.56
C LEU E 231 -40.31 -49.66 0.48
N ARG E 232 -39.45 -48.74 0.06
CA ARG E 232 -38.89 -47.73 0.95
C ARG E 232 -39.85 -46.53 1.00
N ASP E 233 -41.01 -46.77 1.56
CA ASP E 233 -42.06 -45.77 1.69
C ASP E 233 -42.38 -45.55 3.16
N VAL E 234 -42.58 -44.28 3.53
CA VAL E 234 -42.94 -43.96 4.91
C VAL E 234 -44.31 -44.55 5.24
N ARG E 235 -45.26 -44.44 4.33
CA ARG E 235 -46.59 -45.01 4.54
C ARG E 235 -46.76 -46.32 3.76
N MET F 1 25.09 -46.23 -3.65
CA MET F 1 26.29 -45.42 -3.82
C MET F 1 26.03 -44.23 -4.73
N VAL F 2 25.27 -44.47 -5.81
CA VAL F 2 24.96 -43.39 -6.74
C VAL F 2 23.99 -42.39 -6.10
N TYR F 3 23.02 -42.89 -5.34
CA TYR F 3 22.05 -42.04 -4.66
C TYR F 3 22.05 -42.33 -3.17
N SER F 4 21.77 -41.29 -2.39
CA SER F 4 21.71 -41.44 -0.95
C SER F 4 20.45 -42.19 -0.53
N TYR F 5 20.39 -42.54 0.75
CA TYR F 5 19.24 -43.27 1.27
C TYR F 5 17.97 -42.45 1.16
N THR F 6 18.05 -41.15 1.44
CA THR F 6 16.89 -40.28 1.25
C THR F 6 16.48 -40.23 -0.21
N GLU F 7 17.46 -40.23 -1.12
CA GLU F 7 17.12 -40.14 -2.54
C GLU F 7 16.37 -41.39 -3.01
N LYS F 8 16.73 -42.56 -2.51
CA LYS F 8 15.99 -43.76 -2.88
C LYS F 8 14.57 -43.79 -2.31
N LYS F 9 14.25 -42.93 -1.34
CA LYS F 9 12.88 -42.85 -0.87
C LYS F 9 11.94 -42.33 -1.95
N ARG F 10 12.39 -41.33 -2.72
CA ARG F 10 11.58 -40.79 -3.80
C ARG F 10 12.51 -40.11 -4.79
N ILE F 11 12.57 -40.64 -6.01
CA ILE F 11 13.52 -40.18 -7.02
C ILE F 11 12.81 -39.22 -7.96
N ARG F 12 13.26 -37.97 -7.97
CA ARG F 12 12.76 -37.01 -8.94
C ARG F 12 13.28 -37.36 -10.33
N LYS F 13 12.38 -37.32 -11.32
CA LYS F 13 12.81 -37.58 -12.69
C LYS F 13 13.36 -36.29 -13.26
N ASP F 14 14.68 -36.15 -13.24
CA ASP F 14 15.32 -34.98 -13.82
C ASP F 14 15.23 -35.03 -15.33
N PHE F 15 15.05 -33.87 -15.97
CA PHE F 15 15.02 -33.81 -17.42
C PHE F 15 16.32 -33.32 -18.03
N GLY F 16 17.09 -32.50 -17.32
CA GLY F 16 18.49 -32.28 -17.62
C GLY F 16 18.83 -31.87 -19.04
N LYS F 17 19.40 -32.81 -19.81
CA LYS F 17 19.97 -32.69 -21.15
C LYS F 17 21.36 -32.07 -21.14
N ARG F 18 21.86 -31.60 -20.01
CA ARG F 18 23.18 -31.00 -19.97
C ARG F 18 23.90 -31.42 -18.70
N PRO F 19 25.04 -32.10 -18.80
CA PRO F 19 25.75 -32.53 -17.59
C PRO F 19 26.26 -31.33 -16.81
N GLN F 20 26.26 -31.46 -15.49
CA GLN F 20 26.73 -30.40 -14.62
C GLN F 20 28.17 -30.67 -14.23
N VAL F 21 28.91 -29.59 -13.97
CA VAL F 21 30.32 -29.66 -13.61
C VAL F 21 30.53 -29.30 -12.15
N LEU F 22 30.01 -28.16 -11.72
CA LEU F 22 30.16 -27.67 -10.36
C LEU F 22 28.82 -27.74 -9.66
N ASP F 23 28.80 -28.35 -8.48
CA ASP F 23 27.58 -28.42 -7.70
C ASP F 23 27.28 -27.07 -7.05
N VAL F 24 26.04 -26.93 -6.59
CA VAL F 24 25.63 -25.68 -5.93
C VAL F 24 26.45 -25.49 -4.67
N PRO F 25 26.90 -24.27 -4.34
CA PRO F 25 27.69 -24.06 -3.12
C PRO F 25 26.86 -24.24 -1.85
N TYR F 26 27.47 -23.91 -0.71
CA TYR F 26 26.77 -24.06 0.57
C TYR F 26 25.53 -23.17 0.67
N LEU F 27 25.42 -22.15 -0.18
CA LEU F 27 24.28 -21.25 -0.35
C LEU F 27 24.19 -20.23 0.77
N LEU F 28 25.09 -20.24 1.75
CA LEU F 28 25.10 -19.23 2.79
C LEU F 28 26.51 -18.81 3.17
N SER F 29 27.48 -18.98 2.27
CA SER F 29 28.88 -18.85 2.66
C SER F 29 29.28 -17.42 2.96
N ILE F 30 28.56 -16.42 2.45
CA ILE F 30 28.99 -15.04 2.63
C ILE F 30 28.94 -14.64 4.10
N GLN F 31 27.80 -14.85 4.76
CA GLN F 31 27.67 -14.44 6.15
C GLN F 31 28.61 -15.24 7.05
N LEU F 32 28.64 -16.56 6.86
CA LEU F 32 29.48 -17.41 7.70
C LEU F 32 30.95 -17.06 7.53
N ASP F 33 31.40 -16.89 6.29
CA ASP F 33 32.80 -16.53 6.06
C ASP F 33 33.12 -15.17 6.63
N SER F 34 32.22 -14.19 6.46
CA SER F 34 32.47 -12.86 6.99
C SER F 34 32.66 -12.88 8.50
N PHE F 35 31.73 -13.51 9.22
CA PHE F 35 31.88 -13.53 10.67
C PHE F 35 33.05 -14.39 11.11
N GLN F 36 33.35 -15.47 10.39
CA GLN F 36 34.49 -16.30 10.75
C GLN F 36 35.78 -15.50 10.65
N LYS F 37 35.94 -14.73 9.57
CA LYS F 37 37.14 -13.91 9.45
C LYS F 37 37.12 -12.74 10.42
N PHE F 38 35.95 -12.31 10.89
CA PHE F 38 35.93 -11.25 11.89
C PHE F 38 36.28 -11.76 13.28
N ILE F 39 36.00 -13.03 13.58
CA ILE F 39 36.09 -13.52 14.94
C ILE F 39 37.27 -14.48 15.17
N GLU F 40 37.82 -15.07 14.11
CA GLU F 40 38.87 -16.05 14.30
C GLU F 40 40.22 -15.37 14.51
N GLN F 41 41.13 -16.10 15.14
CA GLN F 41 42.48 -15.61 15.37
C GLN F 41 43.26 -15.54 14.05
N ASP F 42 44.27 -14.69 14.04
CA ASP F 42 45.09 -14.50 12.85
C ASP F 42 46.48 -14.04 13.27
N PRO F 43 47.53 -14.79 12.94
CA PRO F 43 48.89 -14.36 13.30
C PRO F 43 49.22 -12.97 12.77
N GLU F 44 48.75 -12.64 11.58
CA GLU F 44 48.90 -11.29 11.05
C GLU F 44 47.63 -10.49 11.34
N GLY F 45 47.74 -9.18 11.17
CA GLY F 45 46.61 -8.30 11.38
C GLY F 45 45.83 -8.03 10.10
N GLN F 46 45.64 -9.08 9.29
CA GLN F 46 44.93 -8.93 8.03
C GLN F 46 43.50 -8.48 8.26
N TYR F 47 42.77 -9.20 9.10
CA TYR F 47 41.37 -8.86 9.39
C TYR F 47 40.95 -9.54 10.68
N GLY F 48 39.91 -9.01 11.28
CA GLY F 48 39.43 -9.49 12.56
C GLY F 48 39.76 -8.52 13.67
N LEU F 49 39.40 -8.92 14.89
CA LEU F 49 39.66 -8.10 16.06
C LEU F 49 41.15 -7.82 16.23
N GLU F 50 42.00 -8.75 15.77
CA GLU F 50 43.44 -8.55 15.86
C GLU F 50 43.88 -7.36 15.01
N ALA F 51 43.23 -7.13 13.86
CA ALA F 51 43.57 -5.97 13.05
C ALA F 51 43.30 -4.68 13.79
N ALA F 52 42.13 -4.58 14.43
CA ALA F 52 41.81 -3.37 15.20
C ALA F 52 42.77 -3.20 16.37
N PHE F 53 43.11 -4.31 17.05
CA PHE F 53 44.03 -4.21 18.18
C PHE F 53 45.41 -3.74 17.72
N ARG F 54 45.89 -4.24 16.58
CA ARG F 54 47.16 -3.78 16.05
C ARG F 54 47.08 -2.30 15.65
N SER F 55 45.95 -1.89 15.08
CA SER F 55 45.81 -0.51 14.64
C SER F 55 45.84 0.47 15.82
N VAL F 56 45.14 0.14 16.90
CA VAL F 56 45.05 1.05 18.04
C VAL F 56 46.25 0.88 18.96
N PHE F 57 46.39 -0.32 19.53
CA PHE F 57 47.48 -0.59 20.45
C PHE F 57 48.81 -0.62 19.71
N PRO F 58 49.93 -0.34 20.41
CA PRO F 58 50.05 0.05 21.82
C PRO F 58 49.77 1.54 22.01
N ILE F 59 49.50 1.95 23.25
CA ILE F 59 49.26 3.35 23.56
C ILE F 59 50.17 3.77 24.70
N GLN F 60 50.50 5.07 24.73
CA GLN F 60 51.42 5.59 25.72
C GLN F 60 51.09 7.05 25.99
N SER F 61 51.49 7.53 27.16
CA SER F 61 51.28 8.92 27.51
C SER F 61 52.26 9.82 26.75
N TYR F 62 52.01 11.12 26.81
CA TYR F 62 52.87 12.09 26.12
C TYR F 62 54.20 12.18 26.87
N SER F 63 55.16 11.37 26.43
CA SER F 63 56.48 11.27 27.06
C SER F 63 56.40 10.88 28.52
N GLY F 64 55.31 10.24 28.94
CA GLY F 64 55.15 9.82 30.31
C GLY F 64 55.85 8.54 30.69
N ASN F 65 56.55 7.92 29.74
CA ASN F 65 57.35 6.71 29.98
C ASN F 65 56.50 5.56 30.51
N SER F 66 55.27 5.44 30.01
CA SER F 66 54.38 4.35 30.38
C SER F 66 53.59 3.91 29.17
N GLU F 67 53.51 2.60 28.96
CA GLU F 67 52.88 2.03 27.78
C GLU F 67 52.01 0.83 28.17
N LEU F 68 51.00 0.59 27.35
CA LEU F 68 50.14 -0.58 27.46
C LEU F 68 50.47 -1.50 26.29
N GLN F 69 51.05 -2.66 26.59
CA GLN F 69 51.44 -3.63 25.57
C GLN F 69 50.54 -4.84 25.71
N TYR F 70 49.75 -5.13 24.68
CA TYR F 70 48.80 -6.22 24.73
C TYR F 70 49.33 -7.43 23.98
N VAL F 71 48.94 -8.62 24.44
CA VAL F 71 49.27 -9.88 23.80
C VAL F 71 48.00 -10.71 23.70
N SER F 72 47.61 -11.06 22.47
CA SER F 72 46.52 -11.98 22.21
C SER F 72 45.18 -11.50 22.76
N TYR F 73 44.17 -12.36 22.66
CA TYR F 73 42.82 -12.13 23.16
C TYR F 73 42.08 -13.46 23.07
N ARG F 74 40.94 -13.54 23.75
CA ARG F 74 40.15 -14.76 23.73
C ARG F 74 38.69 -14.42 23.95
N LEU F 75 37.82 -15.33 23.54
CA LEU F 75 36.38 -15.19 23.69
C LEU F 75 35.87 -16.23 24.66
N GLY F 76 35.18 -15.76 25.71
CA GLY F 76 34.65 -16.67 26.69
C GLY F 76 33.48 -17.48 26.15
N GLU F 77 33.23 -18.60 26.81
CA GLU F 77 32.14 -19.47 26.39
C GLU F 77 30.80 -18.80 26.68
N PRO F 78 29.84 -18.86 25.77
CA PRO F 78 28.53 -18.25 26.03
C PRO F 78 27.85 -18.91 27.21
N VAL F 79 27.10 -18.12 27.97
CA VAL F 79 26.45 -18.64 29.17
C VAL F 79 25.14 -19.35 28.87
N PHE F 80 24.51 -19.06 27.74
CA PHE F 80 23.25 -19.70 27.35
C PHE F 80 23.31 -20.12 25.89
N ASP F 81 22.77 -21.29 25.60
CA ASP F 81 22.72 -21.74 24.21
C ASP F 81 21.56 -21.04 23.49
N VAL F 82 21.40 -21.34 22.20
CA VAL F 82 20.49 -20.55 21.38
C VAL F 82 19.04 -20.76 21.80
N GLN F 83 18.68 -22.00 22.14
CA GLN F 83 17.29 -22.32 22.43
C GLN F 83 16.81 -21.60 23.69
N GLU F 84 17.56 -21.77 24.79
CA GLU F 84 17.17 -21.13 26.04
C GLU F 84 17.31 -19.62 25.97
N CYS F 85 18.32 -19.13 25.24
CA CYS F 85 18.45 -17.68 25.06
C CYS F 85 17.25 -17.10 24.34
N GLN F 86 16.78 -17.77 23.29
CA GLN F 86 15.59 -17.30 22.59
C GLN F 86 14.36 -17.39 23.48
N ILE F 87 14.21 -18.49 24.22
CA ILE F 87 13.02 -18.67 25.04
C ILE F 87 13.01 -17.77 26.25
N ARG F 88 14.17 -17.24 26.64
CA ARG F 88 14.26 -16.37 27.81
C ARG F 88 14.18 -14.89 27.43
N GLY F 89 14.67 -14.53 26.25
CA GLY F 89 14.56 -13.17 25.76
C GLY F 89 15.77 -12.29 26.00
N VAL F 90 16.97 -12.84 26.03
CA VAL F 90 18.19 -12.06 26.24
C VAL F 90 19.11 -12.27 25.05
N THR F 91 20.09 -11.38 24.94
CA THR F 91 21.01 -11.39 23.81
C THR F 91 22.00 -12.54 23.93
N TYR F 92 22.16 -13.30 22.84
CA TYR F 92 23.16 -14.36 22.78
C TYR F 92 24.51 -13.76 22.47
N SER F 93 25.43 -13.82 23.43
CA SER F 93 26.72 -13.17 23.27
C SER F 93 27.79 -13.96 24.01
N ALA F 94 29.03 -13.50 23.88
CA ALA F 94 30.17 -14.10 24.55
C ALA F 94 31.04 -13.00 25.15
N PRO F 95 31.65 -13.25 26.31
CA PRO F 95 32.57 -12.27 26.87
C PRO F 95 33.86 -12.21 26.08
N LEU F 96 34.49 -11.03 26.09
CA LEU F 96 35.75 -10.79 25.40
C LEU F 96 36.81 -10.42 26.43
N ARG F 97 37.86 -11.23 26.51
CA ARG F 97 38.94 -11.02 27.47
C ARG F 97 40.23 -10.75 26.70
N VAL F 98 40.92 -9.68 27.07
CA VAL F 98 42.14 -9.25 26.40
C VAL F 98 43.26 -9.19 27.44
N LYS F 99 44.39 -9.80 27.11
CA LYS F 99 45.56 -9.79 27.99
C LYS F 99 46.46 -8.62 27.61
N LEU F 100 46.76 -7.77 28.59
CA LEU F 100 47.65 -6.64 28.35
C LEU F 100 48.44 -6.35 29.60
N ARG F 101 49.59 -5.70 29.42
CA ARG F 101 50.53 -5.42 30.48
C ARG F 101 50.87 -3.94 30.49
N LEU F 102 51.21 -3.44 31.68
CA LEU F 102 51.62 -2.06 31.87
C LEU F 102 53.13 -2.01 32.08
N VAL F 103 53.82 -1.26 31.22
CA VAL F 103 55.26 -1.11 31.33
C VAL F 103 55.58 0.34 31.64
N ILE F 104 56.30 0.57 32.72
CA ILE F 104 56.69 1.91 33.18
C ILE F 104 58.19 2.05 32.98
N TYR F 105 58.58 3.06 32.22
CA TYR F 105 59.97 3.29 31.86
C TYR F 105 60.64 4.24 32.85
N GLU F 106 61.97 4.23 32.83
CA GLU F 106 62.74 5.10 33.71
C GLU F 106 62.70 6.53 33.21
N ARG F 107 62.44 7.48 34.12
CA ARG F 107 62.46 8.88 33.75
C ARG F 107 63.89 9.38 33.55
N GLU F 108 64.80 8.98 34.43
CA GLU F 108 66.19 9.42 34.32
C GLU F 108 66.91 8.75 33.16
N ALA F 109 66.70 7.44 32.99
CA ALA F 109 67.39 6.69 31.94
C ALA F 109 66.53 6.65 30.70
N PRO F 110 66.95 7.26 29.59
CA PRO F 110 66.15 7.18 28.36
C PRO F 110 66.07 5.76 27.83
N GLU F 111 64.90 5.42 27.30
CA GLU F 111 64.62 4.11 26.70
C GLU F 111 64.86 2.97 27.67
N GLY F 112 64.81 3.23 28.98
CA GLY F 112 65.00 2.21 29.98
C GLY F 112 63.75 2.06 30.83
N THR F 113 63.42 0.81 31.16
CA THR F 113 62.21 0.49 31.89
C THR F 113 62.52 0.23 33.36
N VAL F 114 61.53 0.48 34.21
CA VAL F 114 61.67 0.20 35.63
C VAL F 114 60.61 -0.76 36.16
N LYS F 115 59.44 -0.85 35.53
CA LYS F 115 58.41 -1.76 36.02
C LYS F 115 57.70 -2.41 34.84
N ASP F 116 57.27 -3.65 35.04
CA ASP F 116 56.55 -4.40 34.01
C ASP F 116 55.52 -5.29 34.71
N ILE F 117 54.29 -4.81 34.79
CA ILE F 117 53.20 -5.56 35.42
C ILE F 117 52.45 -6.28 34.31
N LYS F 118 52.60 -7.59 34.24
CA LYS F 118 51.93 -8.42 33.24
C LYS F 118 50.67 -9.03 33.85
N GLU F 119 49.70 -8.16 34.11
CA GLU F 119 48.46 -8.60 34.71
C GLU F 119 47.68 -9.47 33.74
N GLN F 120 46.80 -10.31 34.30
CA GLN F 120 46.02 -11.23 33.50
C GLN F 120 45.01 -10.50 32.64
N GLU F 121 44.22 -11.26 31.89
CA GLU F 121 43.23 -10.67 31.01
C GLU F 121 42.16 -9.92 31.80
N VAL F 122 41.63 -8.87 31.19
CA VAL F 122 40.58 -8.06 31.79
C VAL F 122 39.33 -8.20 30.93
N TYR F 123 38.21 -8.51 31.57
CA TYR F 123 36.95 -8.65 30.84
C TYR F 123 36.51 -7.30 30.29
N MET F 124 36.04 -7.29 29.05
CA MET F 124 35.71 -6.05 28.39
C MET F 124 34.78 -6.34 27.21
N GLY F 125 33.59 -5.75 27.24
CA GLY F 125 32.63 -5.91 26.16
C GLY F 125 31.99 -7.29 26.06
N GLU F 126 30.80 -7.35 25.48
CA GLU F 126 30.16 -8.60 25.09
C GLU F 126 29.94 -8.60 23.60
N ILE F 127 30.49 -9.59 22.92
CA ILE F 127 30.40 -9.70 21.47
C ILE F 127 29.31 -10.70 21.13
N PRO F 128 28.23 -10.29 20.45
CA PRO F 128 27.24 -11.27 20.02
C PRO F 128 27.84 -12.28 19.06
N LEU F 129 27.44 -13.53 19.22
CA LEU F 129 27.90 -14.61 18.36
C LEU F 129 26.81 -14.93 17.35
N MET F 130 27.21 -15.59 16.27
CA MET F 130 26.29 -15.92 15.19
C MET F 130 26.08 -17.43 15.18
N THR F 131 24.82 -17.85 15.15
CA THR F 131 24.48 -19.25 15.23
C THR F 131 24.94 -19.98 13.96
N ASP F 132 24.64 -21.28 13.89
CA ASP F 132 25.09 -22.08 12.76
C ASP F 132 24.38 -21.71 11.46
N ASN F 133 23.32 -20.92 11.51
CA ASN F 133 22.56 -20.57 10.31
C ASN F 133 22.85 -19.17 9.79
N GLY F 134 23.41 -18.29 10.61
CA GLY F 134 23.71 -16.94 10.18
C GLY F 134 22.85 -15.86 10.79
N THR F 135 22.28 -16.08 11.97
CA THR F 135 21.36 -15.14 12.60
C THR F 135 21.85 -14.78 14.00
N PHE F 136 21.78 -13.51 14.34
CA PHE F 136 22.25 -13.01 15.63
C PHE F 136 21.08 -12.90 16.59
N VAL F 137 20.96 -13.86 17.50
CA VAL F 137 19.89 -13.82 18.49
C VAL F 137 20.18 -12.73 19.50
N ILE F 138 19.57 -11.56 19.32
CA ILE F 138 19.71 -10.45 20.25
C ILE F 138 18.34 -10.10 20.81
N ASN F 139 18.28 -9.91 22.13
CA ASN F 139 17.03 -9.62 22.83
C ASN F 139 15.93 -10.61 22.46
N GLY F 140 16.32 -11.88 22.32
CA GLY F 140 15.35 -12.93 22.03
C GLY F 140 14.66 -12.78 20.70
N THR F 141 15.37 -12.33 19.67
CA THR F 141 14.83 -12.22 18.32
C THR F 141 15.87 -12.80 17.36
N GLU F 142 15.70 -12.56 16.07
CA GLU F 142 16.55 -13.19 15.07
C GLU F 142 17.48 -12.20 14.39
N ARG F 143 16.94 -11.14 13.79
CA ARG F 143 17.73 -9.98 13.37
C ARG F 143 18.94 -10.38 12.52
N VAL F 144 18.64 -10.90 11.32
CA VAL F 144 19.69 -11.12 10.35
C VAL F 144 20.18 -9.78 9.82
N ILE F 145 21.43 -9.74 9.40
CA ILE F 145 22.08 -8.50 8.96
C ILE F 145 22.33 -8.61 7.47
N VAL F 146 21.83 -7.63 6.72
CA VAL F 146 21.94 -7.64 5.27
C VAL F 146 23.25 -7.02 4.85
N SER F 147 23.94 -7.64 3.91
CA SER F 147 25.17 -7.08 3.36
C SER F 147 24.86 -5.75 2.67
N GLN F 148 25.92 -5.04 2.29
CA GLN F 148 25.76 -3.75 1.66
C GLN F 148 26.65 -3.67 0.43
N LEU F 149 26.16 -3.03 -0.62
CA LEU F 149 26.92 -2.80 -1.84
C LEU F 149 27.04 -1.30 -2.07
N HIS F 150 28.27 -0.80 -2.19
CA HIS F 150 28.51 0.63 -2.18
C HIS F 150 29.66 0.96 -3.12
N ARG F 151 29.96 2.26 -3.21
CA ARG F 151 30.98 2.75 -4.12
C ARG F 151 32.36 2.51 -3.54
N SER F 152 33.17 1.71 -4.23
CA SER F 152 34.48 1.36 -3.70
C SER F 152 35.38 2.59 -3.69
N PRO F 153 36.23 2.74 -2.68
CA PRO F 153 37.10 3.91 -2.62
C PRO F 153 38.14 3.90 -3.74
N GLY F 154 38.57 5.07 -4.14
CA GLY F 154 39.58 5.19 -5.16
C GLY F 154 39.42 6.48 -5.95
N VAL F 155 39.66 6.38 -7.26
CA VAL F 155 39.67 7.53 -8.16
C VAL F 155 38.69 7.27 -9.28
N PHE F 156 37.65 8.09 -9.37
CA PHE F 156 36.59 7.93 -10.35
C PHE F 156 36.44 9.20 -11.18
N PHE F 157 36.33 9.04 -12.49
CA PHE F 157 36.15 10.16 -13.40
C PHE F 157 34.73 10.16 -13.93
N ASP F 158 34.17 11.36 -14.10
CA ASP F 158 32.82 11.52 -14.62
C ASP F 158 32.78 12.62 -15.67
N SER F 159 31.79 12.55 -16.54
CA SER F 159 31.64 13.50 -17.63
C SER F 159 30.47 14.44 -17.47
N ASP F 160 29.63 14.25 -16.45
CA ASP F 160 28.50 15.11 -16.13
C ASP F 160 27.48 15.21 -17.26
N LYS F 161 27.59 14.35 -18.28
CA LYS F 161 26.66 14.22 -19.40
C LYS F 161 26.66 15.45 -20.30
N GLY F 162 27.39 16.51 -19.97
CA GLY F 162 27.50 17.64 -20.85
C GLY F 162 26.29 18.54 -20.93
N LYS F 163 25.38 18.47 -19.96
CA LYS F 163 24.21 19.36 -19.93
C LYS F 163 24.10 19.99 -18.54
N THR F 164 24.89 21.01 -18.30
CA THR F 164 24.74 21.87 -17.12
C THR F 164 24.71 23.34 -17.47
N HIS F 165 25.49 23.76 -18.47
CA HIS F 165 25.52 25.15 -18.93
C HIS F 165 24.72 25.35 -20.20
N SER F 166 24.08 24.31 -20.72
CA SER F 166 23.23 24.34 -21.90
C SER F 166 23.95 24.83 -23.15
N SER F 167 25.28 24.95 -23.10
CA SER F 167 26.07 25.39 -24.25
C SER F 167 26.63 24.22 -25.03
N GLY F 168 26.32 22.99 -24.65
CA GLY F 168 26.86 21.81 -25.29
C GLY F 168 28.26 21.41 -24.83
N LYS F 169 28.86 22.18 -23.93
CA LYS F 169 30.20 21.87 -23.44
C LYS F 169 30.15 20.72 -22.45
N VAL F 170 31.09 19.79 -22.57
CA VAL F 170 31.18 18.65 -21.67
C VAL F 170 32.24 18.93 -20.63
N LEU F 171 31.86 18.83 -19.35
CA LEU F 171 32.73 19.16 -18.24
C LEU F 171 33.13 17.88 -17.52
N TYR F 172 34.43 17.57 -17.53
CA TYR F 172 34.94 16.36 -16.92
C TYR F 172 35.40 16.67 -15.50
N ASN F 173 35.03 15.80 -14.55
CA ASN F 173 35.45 15.96 -13.17
C ASN F 173 36.04 14.65 -12.66
N ALA F 174 36.87 14.78 -11.64
CA ALA F 174 37.53 13.65 -11.00
C ALA F 174 37.23 13.67 -9.51
N ARG F 175 37.16 12.47 -8.93
CA ARG F 175 36.85 12.33 -7.52
C ARG F 175 37.79 11.33 -6.87
N ILE F 176 38.40 11.75 -5.77
CA ILE F 176 39.15 10.86 -4.89
C ILE F 176 38.28 10.61 -3.67
N ILE F 177 37.92 9.35 -3.44
CA ILE F 177 37.01 8.96 -2.39
C ILE F 177 37.74 7.99 -1.47
N PRO F 178 37.82 8.26 -0.17
CA PRO F 178 38.52 7.36 0.75
C PRO F 178 37.56 6.38 1.41
N TYR F 179 38.16 5.34 1.99
CA TYR F 179 37.38 4.44 2.85
C TYR F 179 36.88 5.18 4.08
N ARG F 180 37.72 6.03 4.65
CA ARG F 180 37.32 6.88 5.77
C ARG F 180 38.20 8.12 5.74
N GLY F 181 37.58 9.28 5.67
CA GLY F 181 38.33 10.52 5.57
C GLY F 181 37.50 11.59 4.90
N SER F 182 38.18 12.43 4.13
CA SER F 182 37.55 13.53 3.40
C SER F 182 37.72 13.33 1.90
N TRP F 183 36.69 13.70 1.15
CA TRP F 183 36.70 13.52 -0.30
C TRP F 183 37.65 14.52 -0.96
N LEU F 184 37.70 14.46 -2.29
CA LEU F 184 38.39 15.47 -3.07
C LEU F 184 37.78 15.48 -4.46
N ASP F 185 37.45 16.66 -4.98
CA ASP F 185 36.86 16.76 -6.30
C ASP F 185 37.64 17.76 -7.13
N PHE F 186 37.96 17.38 -8.35
CA PHE F 186 38.57 18.28 -9.32
C PHE F 186 37.56 18.54 -10.43
N GLU F 187 37.33 19.81 -10.75
CA GLU F 187 36.24 20.23 -11.61
C GLU F 187 36.73 21.14 -12.71
N PHE F 188 36.10 21.03 -13.88
CA PHE F 188 36.37 21.90 -15.02
C PHE F 188 35.27 22.95 -15.11
N ASP F 189 35.66 24.21 -14.97
CA ASP F 189 34.73 25.31 -15.19
C ASP F 189 34.56 25.55 -16.68
N PRO F 190 33.45 26.17 -17.09
CA PRO F 190 33.23 26.41 -18.52
C PRO F 190 34.29 27.28 -19.17
N LYS F 191 35.04 28.06 -18.40
CA LYS F 191 36.15 28.84 -18.92
C LYS F 191 37.46 28.04 -18.96
N ASP F 192 37.38 26.72 -18.85
CA ASP F 192 38.56 25.85 -18.85
C ASP F 192 39.53 26.26 -17.74
N ASN F 193 39.04 26.18 -16.50
CA ASN F 193 39.83 26.48 -15.33
C ASN F 193 39.69 25.36 -14.31
N LEU F 194 40.82 24.92 -13.77
CA LEU F 194 40.80 23.89 -12.74
C LEU F 194 40.21 24.45 -11.46
N PHE F 195 39.29 23.71 -10.85
CA PHE F 195 38.77 24.09 -9.55
C PHE F 195 38.79 22.86 -8.65
N VAL F 196 38.94 23.08 -7.35
CA VAL F 196 39.04 22.00 -6.38
C VAL F 196 37.94 22.17 -5.35
N ARG F 197 37.01 21.23 -5.32
CA ARG F 197 35.97 21.17 -4.31
C ARG F 197 36.44 20.19 -3.24
N ILE F 198 36.79 20.70 -2.07
CA ILE F 198 37.36 19.90 -1.00
C ILE F 198 36.31 19.78 0.10
N ASP F 199 35.96 18.55 0.45
CA ASP F 199 34.91 18.25 1.43
C ASP F 199 33.60 18.93 1.06
N ARG F 200 33.33 19.03 -0.24
CA ARG F 200 32.07 19.60 -0.75
C ARG F 200 31.85 21.02 -0.25
N ARG F 201 32.92 21.81 -0.19
CA ARG F 201 32.85 23.22 0.14
C ARG F 201 32.71 24.07 -1.12
N ARG F 202 32.96 25.37 -1.00
CA ARG F 202 32.97 26.24 -2.16
C ARG F 202 34.14 25.89 -3.08
N LYS F 203 33.91 25.99 -4.38
CA LYS F 203 34.91 25.62 -5.37
C LYS F 203 36.11 26.57 -5.29
N LEU F 204 37.31 26.00 -5.34
CA LEU F 204 38.54 26.76 -5.20
C LEU F 204 39.54 26.35 -6.27
N PRO F 205 40.41 27.27 -6.70
CA PRO F 205 41.44 26.90 -7.69
C PRO F 205 42.41 25.86 -7.14
N ALA F 206 42.96 25.05 -8.04
CA ALA F 206 43.87 23.98 -7.66
C ALA F 206 45.28 24.48 -7.35
N THR F 207 45.64 25.68 -7.83
CA THR F 207 47.02 26.13 -7.70
C THR F 207 47.41 26.35 -6.25
N ILE F 208 46.46 26.73 -5.40
CA ILE F 208 46.79 26.98 -3.99
C ILE F 208 47.25 25.69 -3.33
N ILE F 209 46.49 24.61 -3.48
CA ILE F 209 46.90 23.35 -2.87
C ILE F 209 48.13 22.79 -3.58
N LEU F 210 48.29 23.08 -4.87
CA LEU F 210 49.47 22.61 -5.57
C LEU F 210 50.74 23.28 -5.05
N ARG F 211 50.66 24.57 -4.75
CA ARG F 211 51.81 25.28 -4.20
C ARG F 211 51.99 25.01 -2.71
N ALA F 212 50.92 24.61 -2.02
CA ALA F 212 51.02 24.32 -0.59
C ALA F 212 51.96 23.16 -0.29
N LEU F 213 52.28 22.36 -1.29
CA LEU F 213 53.22 21.25 -1.14
C LEU F 213 54.65 21.67 -1.43
N ASN F 214 54.98 22.95 -1.23
CA ASN F 214 56.30 23.50 -1.49
C ASN F 214 56.66 23.40 -2.98
N TYR F 215 55.77 23.95 -3.81
CA TYR F 215 55.97 23.99 -5.25
C TYR F 215 56.05 25.44 -5.72
N THR F 216 57.11 25.76 -6.44
CA THR F 216 57.28 27.09 -7.02
C THR F 216 56.70 27.14 -8.43
N THR F 217 56.55 28.36 -8.95
CA THR F 217 55.95 28.53 -10.27
C THR F 217 56.79 27.87 -11.36
N GLU F 218 58.12 27.99 -11.27
CA GLU F 218 58.98 27.42 -12.29
C GLU F 218 58.82 25.90 -12.35
N GLN F 219 58.81 25.24 -11.19
CA GLN F 219 58.75 23.79 -11.18
C GLN F 219 57.37 23.27 -11.54
N ILE F 220 56.29 23.94 -11.12
CA ILE F 220 54.96 23.51 -11.53
C ILE F 220 54.79 23.68 -13.03
N LEU F 221 55.32 24.77 -13.59
CA LEU F 221 55.25 24.95 -15.04
C LEU F 221 56.05 23.89 -15.77
N ASP F 222 57.24 23.56 -15.26
CA ASP F 222 58.06 22.53 -15.90
C ASP F 222 57.39 21.17 -15.85
N LEU F 223 56.76 20.84 -14.72
CA LEU F 223 56.14 19.52 -14.58
C LEU F 223 54.82 19.41 -15.33
N PHE F 224 54.05 20.48 -15.43
CA PHE F 224 52.74 20.43 -16.06
C PHE F 224 52.74 20.83 -17.52
N PHE F 225 53.90 21.13 -18.10
CA PHE F 225 53.98 21.52 -19.50
C PHE F 225 55.29 21.04 -20.09
N GLU F 226 55.31 20.92 -21.41
CA GLU F 226 56.51 20.55 -22.15
C GLU F 226 57.21 21.83 -22.59
N LYS F 227 58.40 22.06 -22.04
CA LYS F 227 59.12 23.30 -22.31
C LYS F 227 59.94 23.19 -23.58
N VAL F 228 60.10 24.35 -24.24
CA VAL F 228 60.92 24.49 -25.43
C VAL F 228 61.87 25.67 -25.23
N ILE F 229 62.94 25.69 -26.00
CA ILE F 229 64.01 26.67 -25.88
C ILE F 229 64.12 27.45 -27.17
N PHE F 230 64.13 28.78 -27.06
CA PHE F 230 64.34 29.67 -28.18
C PHE F 230 65.74 30.26 -28.09
N GLU F 231 66.51 30.13 -29.16
CA GLU F 231 67.90 30.58 -29.19
C GLU F 231 67.98 31.95 -29.87
N ILE F 232 68.55 32.91 -29.18
CA ILE F 232 68.72 34.28 -29.69
C ILE F 232 70.22 34.55 -29.70
N ARG F 233 70.87 34.27 -30.83
CA ARG F 233 72.30 34.47 -30.99
C ARG F 233 72.57 35.17 -32.31
N ASP F 234 73.26 36.31 -32.24
CA ASP F 234 73.65 37.09 -33.41
C ASP F 234 72.43 37.44 -34.26
N ASN F 235 71.31 37.73 -33.60
CA ASN F 235 70.05 38.10 -34.22
C ASN F 235 69.52 37.04 -35.19
N LYS F 236 70.03 35.81 -35.12
CA LYS F 236 69.54 34.76 -36.01
C LYS F 236 68.16 34.28 -35.59
N LEU F 237 67.90 34.21 -34.28
CA LEU F 237 66.62 33.76 -33.73
C LEU F 237 66.28 32.34 -34.22
N GLN F 238 67.15 31.40 -33.89
CA GLN F 238 66.97 30.02 -34.29
C GLN F 238 65.88 29.36 -33.47
N MET F 239 65.35 28.27 -34.02
CA MET F 239 64.28 27.50 -33.40
C MET F 239 64.59 26.02 -33.49
N GLU F 240 64.41 25.30 -32.39
CA GLU F 240 64.65 23.87 -32.39
C GLU F 240 63.56 23.16 -33.20
N LEU F 241 63.87 21.94 -33.61
CA LEU F 241 62.97 21.15 -34.44
C LEU F 241 62.44 19.97 -33.65
N VAL F 242 61.11 19.90 -33.51
CA VAL F 242 60.43 18.78 -32.88
C VAL F 242 59.31 18.33 -33.80
N PRO F 243 59.62 17.51 -34.82
CA PRO F 243 58.62 17.22 -35.86
C PRO F 243 57.33 16.61 -35.33
N GLU F 244 57.42 15.77 -34.30
CA GLU F 244 56.21 15.17 -33.73
C GLU F 244 55.32 16.20 -33.05
N ARG F 245 55.86 17.37 -32.70
CA ARG F 245 55.06 18.38 -32.00
C ARG F 245 54.12 19.11 -32.96
N LEU F 246 54.67 19.67 -34.03
CA LEU F 246 53.86 20.46 -34.96
C LEU F 246 53.00 19.53 -35.80
N ARG F 247 51.70 19.50 -35.51
CA ARG F 247 50.72 18.74 -36.29
C ARG F 247 49.75 19.65 -37.02
N GLY F 248 49.09 20.56 -36.29
CA GLY F 248 48.25 21.56 -36.93
C GLY F 248 48.77 22.97 -36.69
N GLU F 249 49.28 23.61 -37.74
CA GLU F 249 49.82 24.95 -37.63
C GLU F 249 49.87 25.58 -39.01
N THR F 250 49.96 26.90 -39.03
CA THR F 250 50.05 27.67 -40.26
C THR F 250 51.44 28.30 -40.37
N ALA F 251 52.11 28.05 -41.48
CA ALA F 251 53.46 28.59 -41.70
C ALA F 251 53.35 30.07 -41.99
N SER F 252 53.66 30.90 -40.97
CA SER F 252 53.61 32.35 -41.15
C SER F 252 54.71 32.85 -42.07
N PHE F 253 55.75 32.07 -42.29
CA PHE F 253 56.86 32.49 -43.15
C PHE F 253 57.50 31.25 -43.75
N ASP F 254 58.36 31.47 -44.74
CA ASP F 254 59.06 30.39 -45.39
C ASP F 254 59.93 29.63 -44.38
N ILE F 255 59.84 28.30 -44.43
CA ILE F 255 60.58 27.43 -43.51
C ILE F 255 61.62 26.69 -44.34
N GLU F 256 62.89 26.97 -44.07
CA GLU F 256 64.00 26.39 -44.81
C GLU F 256 64.79 25.44 -43.91
N ALA F 257 65.26 24.34 -44.49
CA ALA F 257 66.03 23.33 -43.77
C ALA F 257 67.49 23.45 -44.19
N ASN F 258 68.34 23.86 -43.25
CA ASN F 258 69.79 23.98 -43.48
C ASN F 258 70.07 24.86 -44.70
N GLY F 259 69.33 25.95 -44.82
CA GLY F 259 69.47 26.86 -45.95
C GLY F 259 68.73 26.45 -47.20
N LYS F 260 68.06 25.31 -47.19
CA LYS F 260 67.27 24.84 -48.32
C LYS F 260 65.80 24.86 -47.94
N VAL F 261 64.96 25.37 -48.84
CA VAL F 261 63.53 25.52 -48.54
C VAL F 261 62.93 24.14 -48.31
N TYR F 262 62.33 23.94 -47.14
CA TYR F 262 61.66 22.69 -46.80
C TYR F 262 60.14 22.80 -46.93
N VAL F 263 59.53 23.77 -46.26
CA VAL F 263 58.10 23.99 -46.33
C VAL F 263 57.85 25.46 -46.63
N GLU F 264 57.08 25.74 -47.67
CA GLU F 264 56.80 27.12 -48.05
C GLU F 264 55.86 27.76 -47.05
N LYS F 265 55.75 29.09 -47.13
CA LYS F 265 54.82 29.82 -46.27
C LYS F 265 53.39 29.46 -46.62
N GLY F 266 52.65 28.94 -45.64
CA GLY F 266 51.31 28.45 -45.91
C GLY F 266 51.27 27.28 -46.86
N ARG F 267 52.25 26.39 -46.79
CA ARG F 267 52.32 25.26 -47.70
C ARG F 267 51.44 24.12 -47.18
N ARG F 268 51.61 22.93 -47.75
CA ARG F 268 50.80 21.79 -47.36
C ARG F 268 51.06 21.40 -45.91
N ILE F 269 49.99 21.02 -45.21
CA ILE F 269 50.05 20.60 -43.81
C ILE F 269 49.93 19.09 -43.67
N THR F 270 49.81 18.36 -44.78
CA THR F 270 49.61 16.92 -44.72
C THR F 270 50.79 16.23 -44.07
N ALA F 271 50.56 14.98 -43.65
CA ALA F 271 51.59 14.20 -42.98
C ALA F 271 52.78 13.89 -43.88
N ARG F 272 52.61 13.99 -45.20
CA ARG F 272 53.73 13.73 -46.11
C ARG F 272 54.84 14.76 -45.90
N HIS F 273 54.48 16.04 -45.77
CA HIS F 273 55.48 17.07 -45.54
C HIS F 273 56.18 16.86 -44.20
N ILE F 274 55.43 16.49 -43.16
CA ILE F 274 56.02 16.24 -41.85
C ILE F 274 56.99 15.07 -41.92
N ARG F 275 56.60 14.00 -42.62
CA ARG F 275 57.48 12.84 -42.76
C ARG F 275 58.75 13.20 -43.53
N GLN F 276 58.60 14.01 -44.59
CA GLN F 276 59.77 14.43 -45.36
C GLN F 276 60.71 15.28 -44.52
N LEU F 277 60.15 16.19 -43.72
CA LEU F 277 60.98 17.02 -42.85
C LEU F 277 61.68 16.18 -41.79
N GLU F 278 60.97 15.21 -41.22
CA GLU F 278 61.57 14.35 -40.19
C GLU F 278 62.68 13.47 -40.78
N LYS F 279 62.49 13.02 -42.03
CA LYS F 279 63.51 12.19 -42.66
C LYS F 279 64.82 12.96 -42.82
N ASP F 280 64.74 14.23 -43.20
CA ASP F 280 65.92 15.07 -43.34
C ASP F 280 66.41 15.50 -41.96
N ASP F 281 67.66 15.18 -41.65
CA ASP F 281 68.25 15.56 -40.36
C ASP F 281 68.62 17.03 -40.41
N VAL F 282 67.84 17.87 -39.72
CA VAL F 282 68.00 19.32 -39.76
C VAL F 282 68.18 19.83 -38.33
N LYS F 283 69.17 20.70 -38.14
CA LYS F 283 69.41 21.33 -36.84
C LYS F 283 68.44 22.50 -36.68
N LEU F 284 68.69 23.33 -35.67
CA LEU F 284 67.83 24.47 -35.39
C LEU F 284 67.84 25.45 -36.55
N ILE F 285 66.68 26.05 -36.83
CA ILE F 285 66.51 26.97 -37.95
C ILE F 285 65.88 28.26 -37.45
N GLU F 286 66.07 29.32 -38.22
CA GLU F 286 65.52 30.63 -37.86
C GLU F 286 64.02 30.67 -38.09
N VAL F 287 63.35 31.56 -37.38
CA VAL F 287 61.89 31.70 -37.45
C VAL F 287 61.53 33.18 -37.44
N PRO F 288 60.36 33.52 -37.98
CA PRO F 288 59.92 34.92 -37.95
C PRO F 288 59.71 35.42 -36.54
N VAL F 289 59.90 36.72 -36.35
CA VAL F 289 59.78 37.32 -35.02
C VAL F 289 58.35 37.21 -34.50
N GLU F 290 57.36 37.51 -35.35
CA GLU F 290 55.97 37.58 -34.89
C GLU F 290 55.50 36.25 -34.32
N TYR F 291 56.03 35.14 -34.81
CA TYR F 291 55.63 33.83 -34.30
C TYR F 291 55.93 33.69 -32.81
N ILE F 292 56.99 34.34 -32.33
CA ILE F 292 57.31 34.28 -30.90
C ILE F 292 56.48 35.25 -30.08
N ALA F 293 55.73 36.14 -30.74
CA ALA F 293 54.94 37.14 -30.01
C ALA F 293 53.89 36.48 -29.13
N GLY F 294 53.22 35.46 -29.66
CA GLY F 294 52.18 34.76 -28.91
C GLY F 294 52.68 33.74 -27.91
N LYS F 295 53.98 33.46 -27.90
CA LYS F 295 54.53 32.50 -26.96
C LYS F 295 54.51 33.05 -25.54
N VAL F 296 54.57 32.14 -24.58
CA VAL F 296 54.55 32.47 -23.17
C VAL F 296 55.79 31.90 -22.51
N VAL F 297 56.54 32.76 -21.82
CA VAL F 297 57.77 32.33 -21.15
C VAL F 297 57.42 31.46 -19.95
N ALA F 298 58.11 30.32 -19.83
CA ALA F 298 57.87 29.39 -18.73
C ALA F 298 58.83 29.63 -17.57
N LYS F 299 60.12 29.53 -17.83
CA LYS F 299 61.12 29.67 -16.78
C LYS F 299 61.36 31.15 -16.49
N ASP F 300 62.37 31.43 -15.67
CA ASP F 300 62.75 32.79 -15.30
C ASP F 300 64.26 32.92 -15.48
N TYR F 301 64.68 33.43 -16.63
CA TYR F 301 66.09 33.65 -16.90
C TYR F 301 66.65 34.72 -15.96
N ILE F 302 67.97 34.68 -15.76
CA ILE F 302 68.66 35.55 -14.82
C ILE F 302 69.51 36.54 -15.60
N ASP F 303 69.41 37.82 -15.24
CA ASP F 303 70.25 38.86 -15.83
C ASP F 303 71.52 39.00 -15.00
N GLU F 304 72.67 38.84 -15.65
CA GLU F 304 73.95 38.87 -14.94
C GLU F 304 74.43 40.28 -14.63
N SER F 305 73.78 41.30 -15.18
CA SER F 305 74.25 42.67 -14.97
C SER F 305 73.69 43.26 -13.67
N THR F 306 72.37 43.23 -13.51
CA THR F 306 71.72 43.85 -12.37
C THR F 306 70.71 42.89 -11.76
N GLY F 307 70.34 43.15 -10.50
CA GLY F 307 69.37 42.33 -9.81
C GLY F 307 67.97 42.45 -10.37
N GLU F 308 67.67 43.51 -11.10
CA GLU F 308 66.37 43.64 -11.76
C GLU F 308 66.18 42.49 -12.75
N LEU F 309 64.98 41.91 -12.74
CA LEU F 309 64.73 40.73 -13.54
C LEU F 309 63.28 40.72 -14.00
N ILE F 310 63.04 40.03 -15.12
CA ILE F 310 61.70 39.77 -15.61
C ILE F 310 61.36 38.34 -15.19
N CYS F 311 60.79 38.20 -14.00
CA CYS F 311 60.42 36.91 -13.45
C CYS F 311 58.94 36.61 -13.57
N ALA F 312 58.20 37.44 -14.31
CA ALA F 312 56.75 37.28 -14.44
C ALA F 312 56.49 36.07 -15.32
N ALA F 313 56.44 34.90 -14.69
CA ALA F 313 56.13 33.68 -15.42
C ALA F 313 54.69 33.68 -15.90
N ASN F 314 54.42 32.89 -16.94
CA ASN F 314 53.09 32.79 -17.54
C ASN F 314 52.60 34.15 -18.04
N MET F 315 53.50 34.90 -18.67
CA MET F 315 53.16 36.17 -19.29
C MET F 315 53.76 36.21 -20.69
N GLU F 316 53.13 36.99 -21.56
CA GLU F 316 53.56 37.08 -22.95
C GLU F 316 54.80 37.98 -23.03
N LEU F 317 55.28 38.23 -24.25
CA LEU F 317 56.54 38.90 -24.46
C LEU F 317 56.39 39.94 -25.56
N SER F 318 56.92 41.14 -25.32
CA SER F 318 56.82 42.26 -26.24
C SER F 318 58.21 42.62 -26.78
N LEU F 319 58.23 43.63 -27.66
CA LEU F 319 59.45 43.97 -28.38
C LEU F 319 60.54 44.51 -27.44
N ASP F 320 60.15 45.35 -26.47
CA ASP F 320 61.14 46.00 -25.62
C ASP F 320 61.91 44.99 -24.78
N LEU F 321 61.22 43.99 -24.22
CA LEU F 321 61.90 42.99 -23.42
C LEU F 321 62.82 42.11 -24.25
N LEU F 322 62.61 42.02 -25.58
CA LEU F 322 63.57 41.35 -26.43
C LEU F 322 64.92 42.03 -26.37
N ALA F 323 64.95 43.35 -26.56
CA ALA F 323 66.20 44.10 -26.43
C ALA F 323 66.72 44.05 -25.00
N LYS F 324 65.82 44.05 -24.01
CA LYS F 324 66.25 43.98 -22.61
C LYS F 324 67.01 42.68 -22.35
N LEU F 325 66.46 41.55 -22.81
CA LEU F 325 67.13 40.27 -22.58
C LEU F 325 68.38 40.13 -23.44
N SER F 326 68.38 40.71 -24.64
CA SER F 326 69.59 40.71 -25.46
C SER F 326 70.71 41.48 -24.76
N GLN F 327 70.38 42.61 -24.14
CA GLN F 327 71.36 43.33 -23.33
C GLN F 327 71.79 42.51 -22.13
N SER F 328 70.85 41.83 -21.48
CA SER F 328 71.18 40.99 -20.34
C SER F 328 71.92 39.72 -20.72
N GLY F 329 71.99 39.39 -22.01
CA GLY F 329 72.70 38.21 -22.44
C GLY F 329 71.89 36.94 -22.49
N HIS F 330 70.56 37.03 -22.51
CA HIS F 330 69.70 35.86 -22.53
C HIS F 330 69.71 35.26 -23.94
N LYS F 331 70.71 34.43 -24.20
CA LYS F 331 70.79 33.76 -25.49
C LYS F 331 69.69 32.73 -25.66
N ARG F 332 69.36 32.01 -24.59
CA ARG F 332 68.34 30.97 -24.60
C ARG F 332 67.20 31.37 -23.68
N ILE F 333 65.97 31.25 -24.19
CA ILE F 333 64.77 31.61 -23.44
C ILE F 333 63.86 30.39 -23.39
N GLU F 334 63.41 30.04 -22.19
CA GLU F 334 62.55 28.87 -22.00
C GLU F 334 61.09 29.31 -22.04
N THR F 335 60.36 28.80 -23.03
CA THR F 335 58.94 29.09 -23.17
C THR F 335 58.17 27.78 -23.24
N LEU F 336 56.93 27.79 -22.75
CA LEU F 336 56.14 26.57 -22.70
C LEU F 336 55.70 26.17 -24.11
N PHE F 337 54.90 25.11 -24.19
CA PHE F 337 54.59 24.50 -25.48
C PHE F 337 53.83 25.46 -26.39
N THR F 338 52.88 26.21 -25.84
CA THR F 338 52.04 27.13 -26.59
C THR F 338 51.30 26.44 -27.73
N ASN F 339 51.04 25.14 -27.61
CA ASN F 339 50.44 24.36 -28.67
C ASN F 339 49.03 23.96 -28.28
N ASP F 340 48.06 24.28 -29.16
CA ASP F 340 46.67 23.84 -28.97
C ASP F 340 46.21 23.15 -30.25
N LEU F 341 46.58 21.88 -30.37
CA LEU F 341 45.98 20.96 -31.33
C LEU F 341 45.33 19.78 -30.62
N ASP F 342 46.07 19.11 -29.75
CA ASP F 342 45.53 18.20 -28.74
C ASP F 342 45.66 18.75 -27.34
N HIS F 343 46.82 19.32 -27.00
CA HIS F 343 47.00 19.97 -25.71
C HIS F 343 46.20 21.28 -25.66
N GLY F 344 46.03 21.79 -24.45
CA GLY F 344 45.29 23.01 -24.25
C GLY F 344 45.89 23.87 -23.14
N PRO F 345 45.59 25.15 -23.16
CA PRO F 345 46.11 26.03 -22.11
C PRO F 345 45.37 25.82 -20.80
N TYR F 346 46.04 25.15 -19.86
CA TYR F 346 45.48 24.85 -18.56
C TYR F 346 46.51 25.19 -17.50
N ILE F 347 46.10 25.08 -16.24
CA ILE F 347 46.97 25.35 -15.09
C ILE F 347 47.37 26.81 -15.03
N SER F 348 47.88 27.34 -16.15
CA SER F 348 48.41 28.71 -16.18
C SER F 348 47.34 29.72 -15.82
N GLU F 349 46.14 29.58 -16.40
CA GLU F 349 45.06 30.50 -16.07
C GLU F 349 44.67 30.38 -14.59
N THR F 350 44.86 29.20 -14.01
CA THR F 350 44.49 29.00 -12.62
C THR F 350 45.37 29.82 -11.68
N LEU F 351 46.69 29.82 -11.88
CA LEU F 351 47.53 30.67 -11.05
C LEU F 351 47.49 32.12 -11.53
N ARG F 352 47.00 32.36 -12.75
CA ARG F 352 46.71 33.72 -13.16
C ARG F 352 45.53 34.28 -12.38
N VAL F 353 44.60 33.41 -11.96
CA VAL F 353 43.46 33.87 -11.17
C VAL F 353 43.91 34.30 -9.78
N ASP F 354 44.73 33.49 -9.12
CA ASP F 354 45.15 33.76 -7.75
C ASP F 354 46.65 33.97 -7.68
N PRO F 355 47.12 35.07 -7.10
CA PRO F 355 48.55 35.40 -7.12
C PRO F 355 49.36 34.82 -5.97
N THR F 356 48.75 34.07 -5.05
CA THR F 356 49.50 33.48 -3.96
C THR F 356 50.56 32.52 -4.49
N ASN F 357 51.79 32.64 -3.95
CA ASN F 357 52.92 31.86 -4.44
C ASN F 357 53.81 31.36 -3.32
N ASP F 358 53.32 31.34 -2.09
CA ASP F 358 54.10 30.90 -0.95
C ASP F 358 53.37 29.79 -0.21
N ARG F 359 54.15 28.91 0.42
CA ARG F 359 53.56 27.82 1.21
C ARG F 359 52.72 28.37 2.35
N LEU F 360 53.23 29.39 3.04
CA LEU F 360 52.46 30.01 4.11
C LEU F 360 51.20 30.68 3.56
N SER F 361 51.32 31.35 2.40
CA SER F 361 50.17 32.00 1.79
C SER F 361 49.10 30.98 1.42
N ALA F 362 49.51 29.88 0.79
CA ALA F 362 48.56 28.83 0.43
C ALA F 362 47.92 28.21 1.68
N LEU F 363 48.73 27.97 2.71
CA LEU F 363 48.20 27.37 3.93
C LEU F 363 47.18 28.27 4.59
N VAL F 364 47.47 29.56 4.69
CA VAL F 364 46.53 30.48 5.33
C VAL F 364 45.28 30.63 4.48
N GLU F 365 45.43 30.66 3.15
CA GLU F 365 44.26 30.76 2.28
C GLU F 365 43.35 29.55 2.44
N ILE F 366 43.93 28.35 2.47
CA ILE F 366 43.10 27.16 2.58
C ILE F 366 42.50 27.03 3.97
N TYR F 367 43.22 27.47 5.01
CA TYR F 367 42.67 27.45 6.36
C TYR F 367 41.49 28.42 6.48
N ARG F 368 41.61 29.59 5.86
CA ARG F 368 40.49 30.53 5.87
C ARG F 368 39.31 29.99 5.06
N MET F 369 39.60 29.32 3.94
CA MET F 369 38.52 28.83 3.08
C MET F 369 37.76 27.69 3.75
N MET F 370 38.48 26.71 4.30
CA MET F 370 37.81 25.57 4.93
C MET F 370 37.17 25.99 6.25
N ARG F 371 37.89 26.71 7.09
CA ARG F 371 37.39 27.13 8.39
C ARG F 371 37.12 28.63 8.36
N PRO F 372 35.87 29.07 8.51
CA PRO F 372 35.59 30.51 8.50
C PRO F 372 35.84 31.18 9.83
N GLY F 373 36.59 30.52 10.71
CA GLY F 373 36.87 31.05 12.03
C GLY F 373 38.03 32.01 12.10
N GLU F 374 38.97 31.75 13.01
CA GLU F 374 40.10 32.63 13.25
C GLU F 374 41.24 32.31 12.29
N PRO F 375 41.74 33.30 11.54
CA PRO F 375 42.99 33.15 10.84
C PRO F 375 44.04 32.43 11.67
N PRO F 376 44.88 31.62 11.04
CA PRO F 376 45.86 30.82 11.78
C PRO F 376 47.10 31.65 12.13
N THR F 377 48.01 31.02 12.87
CA THR F 377 49.25 31.63 13.30
C THR F 377 50.45 30.80 12.84
N ARG F 378 50.42 30.34 11.60
CA ARG F 378 51.48 29.56 10.96
C ARG F 378 51.52 28.14 11.54
N GLU F 379 50.77 27.91 12.62
CA GLU F 379 50.65 26.61 13.23
C GLU F 379 49.27 25.99 13.05
N ALA F 380 48.20 26.77 13.19
CA ALA F 380 46.87 26.24 12.99
C ALA F 380 46.66 25.78 11.56
N ALA F 381 47.14 26.57 10.58
CA ALA F 381 47.00 26.17 9.19
C ALA F 381 47.82 24.92 8.88
N GLU F 382 49.06 24.87 9.35
CA GLU F 382 49.88 23.68 9.13
C GLU F 382 49.26 22.46 9.80
N SER F 383 48.77 22.63 11.02
CA SER F 383 48.13 21.52 11.72
C SER F 383 46.90 21.04 10.96
N LEU F 384 46.06 21.96 10.50
CA LEU F 384 44.87 21.57 9.77
C LEU F 384 45.23 20.84 8.48
N PHE F 385 46.29 21.30 7.80
CA PHE F 385 46.64 20.66 6.54
C PHE F 385 47.22 19.27 6.74
N GLU F 386 48.15 19.11 7.69
CA GLU F 386 48.63 17.76 7.95
C GLU F 386 47.54 16.87 8.52
N ASN F 387 46.51 17.46 9.12
CA ASN F 387 45.42 16.70 9.73
C ASN F 387 44.35 16.31 8.72
N LEU F 388 44.27 17.04 7.60
CA LEU F 388 43.20 16.80 6.65
C LEU F 388 43.54 15.64 5.71
N PHE F 389 44.59 15.79 4.93
CA PHE F 389 45.14 14.72 4.12
C PHE F 389 46.48 14.29 4.70
N PHE F 390 47.14 13.38 3.98
CA PHE F 390 48.47 12.86 4.34
C PHE F 390 48.68 12.76 5.85
N SER F 391 47.74 12.09 6.50
CA SER F 391 47.80 11.77 7.92
C SER F 391 47.59 10.28 8.11
N GLU F 392 48.10 9.75 9.22
CA GLU F 392 48.09 8.31 9.42
C GLU F 392 46.73 7.77 9.82
N ASP F 393 45.94 8.54 10.57
CA ASP F 393 44.72 8.01 11.18
C ASP F 393 43.44 8.68 10.71
N ARG F 394 43.37 10.03 10.74
CA ARG F 394 42.12 10.69 10.41
C ARG F 394 41.68 10.41 8.99
N TYR F 395 42.62 10.42 8.04
CA TYR F 395 42.37 10.08 6.65
C TYR F 395 43.17 8.83 6.32
N ASP F 396 42.50 7.85 5.71
CA ASP F 396 43.16 6.58 5.41
C ASP F 396 42.47 5.91 4.23
N LEU F 397 43.22 5.65 3.17
CA LEU F 397 42.76 4.78 2.12
C LEU F 397 42.92 3.33 2.55
N SER F 398 41.93 2.51 2.24
CA SER F 398 42.05 1.10 2.52
C SER F 398 43.02 0.46 1.53
N ALA F 399 43.37 -0.81 1.79
CA ALA F 399 44.19 -1.54 0.84
C ALA F 399 43.48 -1.68 -0.50
N VAL F 400 42.17 -1.94 -0.46
CA VAL F 400 41.39 -2.01 -1.69
C VAL F 400 41.35 -0.65 -2.38
N GLY F 401 41.25 0.43 -1.59
CA GLY F 401 41.33 1.75 -2.16
C GLY F 401 42.66 2.01 -2.84
N ARG F 402 43.76 1.55 -2.23
CA ARG F 402 45.07 1.69 -2.84
C ARG F 402 45.15 0.89 -4.14
N MET F 403 44.60 -0.32 -4.14
CA MET F 403 44.61 -1.13 -5.36
C MET F 403 43.86 -0.44 -6.48
N LYS F 404 42.68 0.09 -6.18
CA LYS F 404 41.90 0.78 -7.20
C LYS F 404 42.62 2.03 -7.68
N PHE F 405 43.25 2.76 -6.75
CA PHE F 405 44.02 3.95 -7.13
C PHE F 405 45.12 3.58 -8.11
N ASN F 406 45.93 2.58 -7.77
CA ASN F 406 47.04 2.23 -8.64
C ASN F 406 46.55 1.70 -9.99
N ARG F 407 45.51 0.87 -9.97
CA ARG F 407 45.00 0.30 -11.23
C ARG F 407 44.44 1.40 -12.14
N SER F 408 43.71 2.36 -11.56
CA SER F 408 43.14 3.41 -12.38
C SER F 408 44.19 4.37 -12.92
N LEU F 409 45.34 4.47 -12.27
CA LEU F 409 46.42 5.35 -12.71
C LEU F 409 47.48 4.62 -13.52
N LEU F 410 47.27 3.34 -13.81
CA LEU F 410 48.21 2.53 -14.60
C LEU F 410 49.60 2.49 -13.94
N ARG F 411 49.64 1.89 -12.75
CA ARG F 411 50.87 1.69 -12.02
C ARG F 411 51.07 0.20 -11.77
N GLU F 412 52.33 -0.24 -11.81
CA GLU F 412 52.62 -1.68 -11.69
C GLU F 412 52.37 -2.19 -10.28
N GLU F 413 52.71 -1.39 -9.27
CA GLU F 413 52.60 -1.85 -7.89
C GLU F 413 51.16 -1.80 -7.41
N ILE F 414 50.70 -2.90 -6.83
CA ILE F 414 49.35 -2.97 -6.27
C ILE F 414 49.34 -2.58 -4.80
N GLU F 415 50.26 -3.15 -4.02
CA GLU F 415 50.38 -2.76 -2.63
C GLU F 415 51.04 -1.39 -2.51
N GLY F 416 50.79 -0.73 -1.38
CA GLY F 416 51.35 0.57 -1.14
C GLY F 416 50.88 1.11 0.19
N SER F 417 51.32 2.33 0.49
CA SER F 417 50.91 2.98 1.72
C SER F 417 49.43 3.27 1.71
N GLY F 418 48.83 3.27 2.90
CA GLY F 418 47.42 3.56 3.02
C GLY F 418 47.06 5.03 2.94
N ILE F 419 48.03 5.88 2.64
CA ILE F 419 47.83 7.31 2.60
C ILE F 419 48.36 7.83 1.28
N LEU F 420 47.81 8.95 0.82
CA LEU F 420 48.21 9.53 -0.45
C LEU F 420 49.37 10.51 -0.26
N SER F 421 50.33 10.46 -1.17
CA SER F 421 51.52 11.28 -1.12
C SER F 421 51.42 12.42 -2.13
N LYS F 422 52.52 13.14 -2.31
CA LYS F 422 52.54 14.27 -3.24
C LYS F 422 52.32 13.82 -4.68
N ASP F 423 52.94 12.71 -5.08
CA ASP F 423 52.89 12.30 -6.48
C ASP F 423 51.49 11.86 -6.89
N ASP F 424 50.68 11.39 -5.94
CA ASP F 424 49.33 10.92 -6.29
C ASP F 424 48.47 12.06 -6.81
N ILE F 425 48.53 13.22 -6.15
CA ILE F 425 47.73 14.36 -6.60
C ILE F 425 48.23 14.86 -7.96
N ILE F 426 49.55 14.80 -8.18
CA ILE F 426 50.10 15.18 -9.48
C ILE F 426 49.56 14.24 -10.56
N ASP F 427 49.57 12.93 -10.27
CA ASP F 427 49.13 11.96 -11.26
C ASP F 427 47.65 12.12 -11.58
N VAL F 428 46.81 12.35 -10.57
CA VAL F 428 45.38 12.48 -10.84
C VAL F 428 45.09 13.76 -11.59
N MET F 429 45.80 14.86 -11.26
CA MET F 429 45.63 16.08 -12.03
C MET F 429 46.05 15.89 -13.48
N LYS F 430 47.18 15.20 -13.69
CA LYS F 430 47.65 14.97 -15.05
C LYS F 430 46.67 14.10 -15.83
N LYS F 431 46.11 13.08 -15.20
CA LYS F 431 45.14 12.24 -15.89
C LYS F 431 43.85 12.99 -16.19
N LEU F 432 43.43 13.89 -15.31
CA LEU F 432 42.25 14.70 -15.61
C LEU F 432 42.53 15.64 -16.78
N ILE F 433 43.75 16.18 -16.85
CA ILE F 433 44.12 16.97 -18.02
C ILE F 433 44.10 16.11 -19.27
N ASP F 434 44.58 14.86 -19.16
CA ASP F 434 44.71 14.00 -20.32
C ASP F 434 43.37 13.52 -20.85
N ILE F 435 42.39 13.28 -19.97
CA ILE F 435 41.10 12.82 -20.45
C ILE F 435 40.40 13.92 -21.25
N ARG F 436 40.54 15.18 -20.82
CA ARG F 436 40.10 16.29 -21.63
C ARG F 436 40.96 16.43 -22.89
N ASN F 437 42.23 16.03 -22.80
CA ASN F 437 43.14 16.15 -23.94
C ASN F 437 42.64 15.33 -25.11
N GLY F 438 41.93 14.22 -24.85
CA GLY F 438 41.44 13.36 -25.89
C GLY F 438 41.79 11.90 -25.63
N LYS F 439 42.97 11.67 -25.07
CA LYS F 439 43.37 10.31 -24.70
C LYS F 439 42.61 9.84 -23.47
N GLY F 440 42.30 8.56 -23.43
CA GLY F 440 41.55 7.99 -22.33
C GLY F 440 40.04 8.12 -22.51
N GLU F 441 39.31 7.51 -21.60
CA GLU F 441 37.85 7.54 -21.63
C GLU F 441 37.31 7.52 -20.20
N VAL F 442 36.12 8.09 -20.04
CA VAL F 442 35.47 8.11 -18.74
C VAL F 442 34.91 6.73 -18.43
N ASP F 443 34.75 6.43 -17.15
CA ASP F 443 34.24 5.14 -16.70
C ASP F 443 32.86 5.29 -16.05
N ASP F 444 32.00 4.32 -16.32
CA ASP F 444 30.64 4.35 -15.80
C ASP F 444 30.63 4.09 -14.30
N ILE F 445 29.59 4.57 -13.64
CA ILE F 445 29.53 4.47 -12.18
C ILE F 445 28.88 3.16 -11.74
N ASP F 446 28.05 2.56 -12.59
CA ASP F 446 27.27 1.38 -12.22
C ASP F 446 27.96 0.07 -12.58
N HIS F 447 29.18 0.11 -13.09
CA HIS F 447 29.92 -1.10 -13.36
C HIS F 447 30.09 -1.91 -12.09
N LEU F 448 29.82 -3.21 -12.16
CA LEU F 448 29.94 -4.03 -10.97
C LEU F 448 31.39 -4.24 -10.55
N GLY F 449 32.35 -3.81 -11.37
CA GLY F 449 33.74 -3.80 -10.97
C GLY F 449 34.15 -2.62 -10.12
N ASN F 450 33.28 -1.63 -9.97
CA ASN F 450 33.55 -0.48 -9.11
C ASN F 450 32.64 -0.43 -7.89
N ARG F 451 31.79 -1.42 -7.70
CA ARG F 451 30.90 -1.49 -6.54
C ARG F 451 31.32 -2.66 -5.68
N ARG F 452 31.66 -2.37 -4.43
CA ARG F 452 32.17 -3.35 -3.49
C ARG F 452 31.13 -3.66 -2.43
N ILE F 453 31.08 -4.91 -2.00
CA ILE F 453 30.11 -5.34 -1.00
C ILE F 453 30.82 -5.61 0.32
N ARG F 454 30.34 -4.97 1.37
CA ARG F 454 30.82 -5.19 2.73
C ARG F 454 29.78 -6.01 3.47
N SER F 455 30.24 -7.05 4.16
CA SER F 455 29.38 -7.98 4.87
C SER F 455 29.34 -7.62 6.35
N VAL F 456 28.83 -8.54 7.16
CA VAL F 456 28.68 -8.29 8.59
C VAL F 456 30.04 -8.06 9.24
N GLY F 457 31.04 -8.86 8.87
CA GLY F 457 32.32 -8.80 9.56
C GLY F 457 32.97 -7.44 9.48
N GLU F 458 32.98 -6.85 8.29
CA GLU F 458 33.63 -5.55 8.11
C GLU F 458 32.90 -4.45 8.88
N MET F 459 31.58 -4.44 8.84
CA MET F 459 30.84 -3.41 9.56
C MET F 459 31.03 -3.52 11.06
N ALA F 460 31.00 -4.74 11.60
CA ALA F 460 31.27 -4.92 13.01
C ALA F 460 32.70 -4.50 13.34
N GLU F 461 33.64 -4.76 12.43
CA GLU F 461 35.01 -4.32 12.62
C GLU F 461 35.10 -2.81 12.72
N ASN F 462 34.39 -2.10 11.84
CA ASN F 462 34.40 -0.64 11.89
C ASN F 462 33.82 -0.13 13.21
N GLN F 463 32.70 -0.73 13.66
CA GLN F 463 32.10 -0.29 14.91
C GLN F 463 33.04 -0.54 16.08
N PHE F 464 33.69 -1.70 16.11
CA PHE F 464 34.64 -1.99 17.18
C PHE F 464 35.82 -1.05 17.14
N ARG F 465 36.29 -0.69 15.94
CA ARG F 465 37.37 0.27 15.82
C ARG F 465 36.98 1.62 16.39
N VAL F 466 35.75 2.07 16.09
CA VAL F 466 35.28 3.34 16.63
C VAL F 466 35.24 3.29 18.14
N GLY F 467 34.70 2.21 18.70
CA GLY F 467 34.65 2.08 20.14
C GLY F 467 36.03 2.07 20.77
N LEU F 468 36.98 1.37 20.14
CA LEU F 468 38.33 1.31 20.68
C LEU F 468 39.00 2.67 20.64
N VAL F 469 38.75 3.45 19.59
CA VAL F 469 39.28 4.81 19.54
C VAL F 469 38.73 5.65 20.69
N ARG F 470 37.41 5.54 20.93
CA ARG F 470 36.81 6.28 22.03
C ARG F 470 37.40 5.87 23.37
N VAL F 471 37.67 4.58 23.54
CA VAL F 471 38.28 4.11 24.79
C VAL F 471 39.71 4.62 24.92
N GLU F 472 40.45 4.64 23.81
CA GLU F 472 41.83 5.14 23.83
C GLU F 472 41.87 6.60 24.25
N ARG F 473 40.90 7.38 23.77
CA ARG F 473 40.85 8.80 24.14
C ARG F 473 40.87 8.98 25.65
N ALA F 474 40.07 8.20 26.37
CA ALA F 474 40.02 8.31 27.83
C ALA F 474 41.21 7.66 28.51
N VAL F 475 41.70 6.53 28.00
CA VAL F 475 42.80 5.86 28.67
C VAL F 475 44.08 6.70 28.57
N LYS F 476 44.25 7.45 27.48
CA LYS F 476 45.40 8.33 27.37
C LYS F 476 45.39 9.38 28.47
N GLU F 477 44.23 9.99 28.72
CA GLU F 477 44.11 10.95 29.81
C GLU F 477 44.34 10.28 31.16
N ARG F 478 43.80 9.07 31.33
CA ARG F 478 43.93 8.37 32.61
C ARG F 478 45.40 8.08 32.94
N LEU F 479 46.17 7.67 31.93
CA LEU F 479 47.56 7.29 32.15
C LEU F 479 48.42 8.46 32.61
N SER F 480 47.97 9.70 32.42
CA SER F 480 48.77 10.87 32.80
C SER F 480 49.03 10.90 34.30
N LEU F 481 48.02 10.59 35.11
CA LEU F 481 48.13 10.66 36.56
C LEU F 481 48.22 9.29 37.21
N GLY F 482 48.48 8.24 36.44
CA GLY F 482 48.51 6.90 36.98
C GLY F 482 49.78 6.62 37.77
N ASP F 483 49.64 5.92 38.89
CA ASP F 483 50.78 5.52 39.69
C ASP F 483 51.10 4.04 39.42
N LEU F 484 52.12 3.53 40.12
CA LEU F 484 52.51 2.14 39.94
C LEU F 484 51.47 1.16 40.47
N ASP F 485 50.63 1.59 41.41
CA ASP F 485 49.62 0.68 41.96
C ASP F 485 48.47 0.44 40.98
N THR F 486 48.32 1.29 39.97
CA THR F 486 47.21 1.15 39.04
C THR F 486 47.37 -0.11 38.19
N LEU F 487 46.30 -0.88 38.08
CA LEU F 487 46.26 -2.07 37.26
C LEU F 487 45.42 -1.84 36.02
N MET F 488 45.38 -2.85 35.15
CA MET F 488 44.61 -2.73 33.91
C MET F 488 43.14 -2.45 34.14
N PRO F 489 42.41 -3.16 35.00
CA PRO F 489 41.01 -2.77 35.26
C PRO F 489 40.91 -1.49 36.06
N GLN F 490 41.97 -1.07 36.75
CA GLN F 490 42.01 0.20 37.43
C GLN F 490 42.55 1.32 36.55
N ASP F 491 42.96 1.01 35.31
CA ASP F 491 43.46 2.00 34.38
C ASP F 491 42.38 2.52 33.44
N MET F 492 41.13 2.56 33.89
CA MET F 492 39.99 2.99 33.08
C MET F 492 39.87 2.13 31.82
N ILE F 493 39.63 0.84 32.04
CA ILE F 493 39.39 -0.06 30.91
C ILE F 493 38.14 0.39 30.16
N ASN F 494 37.09 0.76 30.89
CA ASN F 494 35.92 1.43 30.33
C ASN F 494 35.26 0.59 29.23
N ALA F 495 34.73 -0.57 29.64
CA ALA F 495 34.02 -1.42 28.69
C ALA F 495 32.70 -0.81 28.23
N LYS F 496 32.21 0.22 28.92
CA LYS F 496 30.89 0.77 28.59
C LYS F 496 30.82 1.35 27.19
N PRO F 497 31.76 2.19 26.72
CA PRO F 497 31.66 2.65 25.32
C PRO F 497 31.67 1.53 24.31
N ILE F 498 32.48 0.49 24.54
CA ILE F 498 32.55 -0.62 23.60
C ILE F 498 31.22 -1.36 23.55
N SER F 499 30.67 -1.66 24.72
CA SER F 499 29.37 -2.33 24.76
C SER F 499 28.30 -1.48 24.11
N ALA F 500 28.32 -0.17 24.37
CA ALA F 500 27.34 0.73 23.77
C ALA F 500 27.42 0.70 22.26
N ALA F 501 28.64 0.80 21.71
CA ALA F 501 28.80 0.83 20.27
C ALA F 501 28.35 -0.49 19.64
N VAL F 502 28.77 -1.62 20.20
CA VAL F 502 28.43 -2.91 19.61
C VAL F 502 26.92 -3.14 19.68
N LYS F 503 26.32 -2.87 20.84
CA LYS F 503 24.88 -3.11 20.97
C LYS F 503 24.09 -2.13 20.13
N GLU F 504 24.59 -0.92 19.91
CA GLU F 504 23.88 0.03 19.06
C GLU F 504 23.94 -0.38 17.60
N PHE F 505 25.07 -0.94 17.18
CA PHE F 505 25.15 -1.44 15.81
C PHE F 505 24.24 -2.64 15.60
N PHE F 506 24.30 -3.60 16.51
CA PHE F 506 23.56 -4.85 16.30
C PHE F 506 22.06 -4.67 16.54
N GLY F 507 21.68 -3.70 17.37
CA GLY F 507 20.28 -3.56 17.74
C GLY F 507 19.50 -2.57 16.90
N SER F 508 20.01 -1.35 16.76
CA SER F 508 19.30 -0.28 16.06
C SER F 508 20.19 0.23 14.93
N SER F 509 20.00 -0.31 13.74
CA SER F 509 20.76 0.09 12.56
C SER F 509 19.88 -0.05 11.33
N GLN F 510 20.34 0.57 10.24
CA GLN F 510 19.58 0.51 9.00
C GLN F 510 19.70 -0.83 8.30
N LEU F 511 20.77 -1.57 8.57
CA LEU F 511 21.06 -2.81 7.86
C LEU F 511 21.07 -4.01 8.80
N SER F 512 20.21 -4.00 9.81
CA SER F 512 20.04 -5.16 10.71
C SER F 512 18.55 -5.24 11.02
N GLN F 513 17.83 -6.07 10.26
CA GLN F 513 16.39 -6.13 10.32
C GLN F 513 15.92 -7.49 10.80
N PHE F 514 14.66 -7.54 11.23
CA PHE F 514 14.03 -8.80 11.64
C PHE F 514 14.02 -9.79 10.49
N MET F 515 14.38 -11.03 10.78
CA MET F 515 14.40 -12.05 9.74
C MET F 515 12.98 -12.54 9.50
N ASP F 516 12.56 -12.53 8.24
CA ASP F 516 11.28 -13.12 7.89
C ASP F 516 11.33 -14.62 8.05
N GLN F 517 10.26 -15.20 8.59
CA GLN F 517 10.27 -16.62 8.92
C GLN F 517 9.14 -17.39 8.26
N ASN F 518 8.61 -16.91 7.15
CA ASN F 518 7.71 -17.71 6.33
C ASN F 518 8.54 -18.62 5.43
N ASN F 519 8.37 -19.93 5.57
CA ASN F 519 9.13 -20.90 4.77
C ASN F 519 10.61 -20.85 5.12
N PRO F 520 11.41 -21.80 4.63
CA PRO F 520 12.86 -21.59 4.61
C PRO F 520 13.31 -20.65 3.51
N LEU F 521 12.50 -20.49 2.46
CA LEU F 521 12.91 -19.65 1.34
C LEU F 521 13.06 -18.19 1.75
N SER F 522 12.18 -17.70 2.61
CA SER F 522 12.30 -16.30 3.00
C SER F 522 13.56 -16.07 3.80
N GLU F 523 13.92 -16.98 4.71
CA GLU F 523 15.18 -16.84 5.41
C GLU F 523 16.36 -16.90 4.46
N ILE F 524 16.33 -17.83 3.51
CA ILE F 524 17.45 -17.98 2.58
C ILE F 524 17.64 -16.70 1.77
N THR F 525 16.55 -16.16 1.23
CA THR F 525 16.67 -14.96 0.43
C THR F 525 16.92 -13.70 1.27
N HIS F 526 16.61 -13.74 2.56
CA HIS F 526 16.96 -12.59 3.40
C HIS F 526 18.45 -12.58 3.71
N LYS F 527 19.02 -13.75 3.98
CA LYS F 527 20.43 -13.77 4.41
C LYS F 527 21.35 -13.31 3.29
N ARG F 528 21.17 -13.83 2.08
CA ARG F 528 21.99 -13.44 0.93
C ARG F 528 21.30 -12.34 0.13
N ARG F 529 21.13 -11.19 0.78
CA ARG F 529 20.52 -10.01 0.20
C ARG F 529 21.58 -8.94 0.07
N ILE F 530 21.53 -8.17 -1.01
CA ILE F 530 22.49 -7.11 -1.28
C ILE F 530 21.75 -5.79 -1.24
N SER F 531 22.15 -4.92 -0.33
CA SER F 531 21.43 -3.67 -0.09
C SER F 531 22.29 -2.49 -0.52
N ALA F 532 21.73 -1.62 -1.35
CA ALA F 532 22.42 -0.42 -1.79
C ALA F 532 22.20 0.76 -0.86
N LEU F 533 21.33 0.61 0.15
CA LEU F 533 21.10 1.65 1.14
C LEU F 533 22.09 1.46 2.30
N GLY F 534 21.84 2.13 3.42
CA GLY F 534 22.65 1.94 4.59
C GLY F 534 23.34 3.22 5.02
N PRO F 535 24.22 3.13 6.02
CA PRO F 535 24.93 4.34 6.47
C PRO F 535 25.82 4.95 5.41
N GLY F 536 26.70 4.14 4.81
CA GLY F 536 27.58 4.64 3.78
C GLY F 536 27.02 4.64 2.38
N GLY F 537 25.75 4.29 2.21
CA GLY F 537 25.14 4.18 0.91
C GLY F 537 24.42 5.44 0.50
N LEU F 538 23.44 5.26 -0.38
CA LEU F 538 22.66 6.35 -0.93
C LEU F 538 21.19 6.15 -0.58
N THR F 539 20.52 7.23 -0.18
CA THR F 539 19.13 7.12 0.21
C THR F 539 18.24 6.90 -1.02
N ARG F 540 16.95 6.70 -0.76
CA ARG F 540 16.02 6.36 -1.83
C ARG F 540 15.89 7.48 -2.84
N GLU F 541 15.68 8.72 -2.37
CA GLU F 541 15.51 9.84 -3.28
C GLU F 541 16.80 10.21 -3.99
N ARG F 542 17.95 9.80 -3.48
CA ARG F 542 19.23 10.20 -4.04
C ARG F 542 19.52 9.48 -5.35
N ALA F 543 18.95 8.30 -5.57
CA ALA F 543 19.23 7.53 -6.77
C ALA F 543 18.43 8.06 -7.96
N GLY F 544 18.90 7.70 -9.14
CA GLY F 544 18.23 8.10 -10.37
C GLY F 544 17.80 6.93 -11.21
N PHE F 545 17.57 7.15 -12.50
CA PHE F 545 17.17 6.07 -13.39
C PHE F 545 18.30 5.08 -13.63
N GLU F 546 19.54 5.56 -13.68
CA GLU F 546 20.65 4.70 -14.07
C GLU F 546 20.99 3.65 -13.00
N VAL F 547 20.89 4.01 -11.72
CA VAL F 547 21.24 3.07 -10.66
C VAL F 547 20.25 1.92 -10.57
N ARG F 548 18.97 2.16 -10.85
CA ARG F 548 17.93 1.14 -10.73
C ARG F 548 17.79 0.29 -11.98
N ASP F 549 18.76 0.34 -12.89
CA ASP F 549 18.70 -0.38 -14.15
C ASP F 549 19.66 -1.55 -14.15
N VAL F 550 19.39 -2.51 -15.03
CA VAL F 550 20.17 -3.75 -15.10
C VAL F 550 21.41 -3.48 -15.94
N HIS F 551 22.56 -3.36 -15.30
CA HIS F 551 23.79 -3.19 -16.05
C HIS F 551 24.22 -4.54 -16.63
N PRO F 552 24.74 -4.55 -17.86
CA PRO F 552 25.13 -5.83 -18.48
C PRO F 552 26.29 -6.52 -17.79
N THR F 553 26.78 -5.96 -16.68
CA THR F 553 27.75 -6.64 -15.85
C THR F 553 27.09 -7.41 -14.70
N HIS F 554 25.78 -7.31 -14.55
CA HIS F 554 25.06 -8.09 -13.55
C HIS F 554 24.85 -9.50 -13.96
N TYR F 555 25.54 -10.02 -14.98
CA TYR F 555 25.19 -11.30 -15.57
C TYR F 555 25.25 -12.45 -14.58
N GLY F 556 26.44 -12.79 -14.10
CA GLY F 556 26.63 -13.94 -13.25
C GLY F 556 26.74 -13.66 -11.77
N ARG F 557 26.41 -12.45 -11.32
CA ARG F 557 26.63 -12.06 -9.94
C ARG F 557 25.38 -11.62 -9.21
N VAL F 558 24.52 -10.83 -9.85
CA VAL F 558 23.34 -10.28 -9.22
C VAL F 558 22.12 -10.65 -10.04
N CYS F 559 21.07 -11.09 -9.36
CA CYS F 559 19.87 -11.54 -10.06
C CYS F 559 19.22 -10.38 -10.80
N PRO F 560 18.83 -10.56 -12.06
CA PRO F 560 18.10 -9.51 -12.78
C PRO F 560 16.60 -9.51 -12.53
N ILE F 561 16.06 -10.56 -11.92
CA ILE F 561 14.61 -10.72 -11.80
C ILE F 561 14.13 -10.29 -10.42
N GLU F 562 14.67 -10.90 -9.37
CA GLU F 562 14.17 -10.67 -8.02
C GLU F 562 14.60 -9.31 -7.49
N THR F 563 13.63 -8.54 -7.01
CA THR F 563 13.83 -7.21 -6.42
C THR F 563 12.50 -6.69 -5.91
N PRO F 564 12.48 -5.80 -4.92
CA PRO F 564 11.20 -5.21 -4.49
C PRO F 564 10.58 -4.41 -5.62
N GLU F 565 9.27 -4.16 -5.48
CA GLU F 565 8.55 -3.60 -6.61
C GLU F 565 8.47 -2.08 -6.60
N GLY F 566 7.79 -1.49 -5.60
CA GLY F 566 7.40 -0.11 -5.74
C GLY F 566 8.45 0.95 -5.49
N PRO F 567 8.68 1.27 -4.21
CA PRO F 567 9.70 2.23 -3.89
C PRO F 567 11.11 1.79 -4.24
N ASN F 568 11.50 0.58 -3.88
CA ASN F 568 12.90 0.19 -3.86
C ASN F 568 13.29 -0.61 -5.09
N ILE F 569 12.65 -0.37 -6.23
CA ILE F 569 12.88 -1.20 -7.41
C ILE F 569 14.31 -1.00 -7.87
N GLY F 570 15.12 -2.04 -7.74
CA GLY F 570 16.49 -2.01 -8.20
C GLY F 570 17.50 -1.57 -7.16
N LEU F 571 17.06 -1.09 -6.01
CA LEU F 571 18.00 -0.72 -4.96
C LEU F 571 18.35 -1.90 -4.06
N ILE F 572 17.58 -2.98 -4.10
CA ILE F 572 17.85 -4.19 -3.34
C ILE F 572 17.95 -5.34 -4.32
N ASN F 573 18.98 -6.16 -4.17
CA ASN F 573 19.26 -7.25 -5.09
C ASN F 573 19.46 -8.53 -4.30
N SER F 574 19.54 -9.64 -5.04
CA SER F 574 19.82 -10.94 -4.45
C SER F 574 20.95 -11.59 -5.24
N LEU F 575 21.94 -12.13 -4.55
CA LEU F 575 23.07 -12.73 -5.22
C LEU F 575 22.63 -13.91 -6.05
N SER F 576 23.35 -14.18 -7.13
CA SER F 576 23.05 -15.34 -7.95
C SER F 576 23.37 -16.61 -7.17
N VAL F 577 23.21 -17.77 -7.82
CA VAL F 577 23.39 -19.01 -7.09
C VAL F 577 24.85 -19.43 -6.98
N TYR F 578 25.71 -19.02 -7.92
CA TYR F 578 27.12 -19.36 -7.87
C TYR F 578 28.03 -18.20 -7.48
N ALA F 579 27.50 -16.99 -7.38
CA ALA F 579 28.34 -15.82 -7.15
C ALA F 579 28.95 -15.82 -5.76
N GLN F 580 30.23 -15.47 -5.68
CA GLN F 580 30.93 -15.33 -4.42
C GLN F 580 31.69 -14.02 -4.43
N THR F 581 32.38 -13.71 -3.33
CA THR F 581 33.06 -12.45 -3.16
C THR F 581 34.56 -12.63 -3.23
N ASN F 582 35.24 -11.68 -3.86
CA ASN F 582 36.68 -11.68 -3.97
C ASN F 582 37.30 -11.42 -2.60
N GLU F 583 38.63 -11.38 -2.55
CA GLU F 583 39.32 -11.02 -1.32
C GLU F 583 39.01 -9.59 -0.92
N TYR F 584 39.01 -8.67 -1.89
CA TYR F 584 38.73 -7.27 -1.60
C TYR F 584 37.24 -7.02 -1.39
N GLY F 585 36.38 -7.74 -2.11
CA GLY F 585 34.96 -7.56 -1.93
C GLY F 585 34.20 -7.30 -3.23
N PHE F 586 34.81 -7.63 -4.36
CA PHE F 586 34.14 -7.54 -5.64
C PHE F 586 33.51 -8.88 -5.99
N LEU F 587 32.32 -8.84 -6.59
CA LEU F 587 31.64 -10.07 -6.93
C LEU F 587 32.40 -10.82 -8.01
N GLU F 588 32.44 -12.15 -7.88
CA GLU F 588 33.06 -13.02 -8.87
C GLU F 588 32.08 -14.13 -9.25
N THR F 589 32.29 -14.69 -10.43
CA THR F 589 31.48 -15.81 -10.91
C THR F 589 32.38 -16.84 -11.55
N PRO F 590 32.02 -18.12 -11.50
CA PRO F 590 32.88 -19.17 -12.05
C PRO F 590 32.62 -19.46 -13.52
N TYR F 591 33.70 -19.81 -14.22
CA TYR F 591 33.65 -20.20 -15.61
C TYR F 591 34.57 -21.39 -15.85
N ARG F 592 34.32 -22.12 -16.92
CA ARG F 592 35.13 -23.27 -17.30
C ARG F 592 36.14 -22.85 -18.36
N LYS F 593 37.39 -23.23 -18.15
CA LYS F 593 38.46 -22.87 -19.07
C LYS F 593 38.31 -23.60 -20.40
N VAL F 594 38.66 -22.92 -21.49
CA VAL F 594 38.67 -23.49 -22.83
C VAL F 594 40.11 -23.48 -23.33
N THR F 595 40.60 -24.65 -23.72
CA THR F 595 41.91 -24.77 -24.34
C THR F 595 41.73 -25.31 -25.75
N ASP F 596 42.26 -24.60 -26.74
CA ASP F 596 42.11 -24.92 -28.16
C ASP F 596 40.61 -24.98 -28.45
N GLY F 597 40.06 -26.14 -28.82
CA GLY F 597 38.63 -26.25 -29.08
C GLY F 597 37.92 -27.15 -28.10
N VAL F 598 38.66 -27.67 -27.12
CA VAL F 598 38.12 -28.61 -26.14
C VAL F 598 37.93 -27.87 -24.82
N VAL F 599 36.78 -28.09 -24.19
CA VAL F 599 36.48 -27.51 -22.89
C VAL F 599 36.92 -28.50 -21.81
N THR F 600 37.53 -27.99 -20.76
CA THR F 600 38.02 -28.84 -19.69
C THR F 600 37.14 -28.66 -18.46
N ASP F 601 37.54 -29.30 -17.35
CA ASP F 601 36.78 -29.27 -16.11
C ASP F 601 37.35 -28.30 -15.09
N GLU F 602 38.41 -27.57 -15.43
CA GLU F 602 38.98 -26.60 -14.52
C GLU F 602 38.07 -25.38 -14.43
N ILE F 603 37.95 -24.81 -13.23
CA ILE F 603 37.03 -23.72 -12.96
C ILE F 603 37.83 -22.52 -12.45
N HIS F 604 37.67 -21.39 -13.13
CA HIS F 604 38.30 -20.14 -12.74
C HIS F 604 37.23 -19.15 -12.32
N TYR F 605 37.50 -18.44 -11.23
CA TYR F 605 36.61 -17.39 -10.77
C TYR F 605 37.05 -16.06 -11.37
N LEU F 606 36.12 -15.37 -12.00
CA LEU F 606 36.42 -14.13 -12.71
C LEU F 606 35.59 -12.99 -12.13
N SER F 607 36.20 -11.81 -12.06
CA SER F 607 35.52 -10.59 -11.65
C SER F 607 35.04 -9.86 -12.90
N ALA F 608 34.56 -8.63 -12.70
CA ALA F 608 34.06 -7.86 -13.84
C ALA F 608 35.19 -7.45 -14.77
N ILE F 609 36.27 -6.92 -14.21
CA ILE F 609 37.37 -6.40 -15.03
C ILE F 609 38.02 -7.51 -15.83
N GLU F 610 38.29 -8.65 -15.19
CA GLU F 610 38.94 -9.76 -15.89
C GLU F 610 38.05 -10.34 -16.98
N GLU F 611 36.75 -10.49 -16.70
CA GLU F 611 35.84 -11.04 -17.69
C GLU F 611 35.50 -10.04 -18.79
N GLY F 612 35.83 -8.76 -18.60
CA GLY F 612 35.54 -7.79 -19.64
C GLY F 612 36.46 -7.85 -20.85
N ASN F 613 37.50 -8.66 -20.80
CA ASN F 613 38.48 -8.74 -21.89
C ASN F 613 38.43 -10.03 -22.68
N TYR F 614 38.17 -11.16 -22.01
CA TYR F 614 38.19 -12.45 -22.68
C TYR F 614 36.93 -12.64 -23.52
N VAL F 615 36.83 -13.81 -24.15
CA VAL F 615 35.66 -14.21 -24.93
C VAL F 615 35.02 -15.39 -24.23
N ILE F 616 33.75 -15.23 -23.85
CA ILE F 616 33.05 -16.19 -23.01
C ILE F 616 31.97 -16.87 -23.83
N ALA F 617 31.92 -18.19 -23.75
CA ALA F 617 30.97 -18.98 -24.52
C ALA F 617 29.60 -18.95 -23.83
N GLN F 618 28.70 -19.83 -24.27
CA GLN F 618 27.37 -19.93 -23.71
C GLN F 618 27.12 -21.32 -23.17
N ALA F 619 26.39 -21.39 -22.06
CA ALA F 619 26.07 -22.69 -21.46
C ALA F 619 25.22 -23.54 -22.39
N ASN F 620 24.25 -22.93 -23.05
CA ASN F 620 23.36 -23.65 -23.96
C ASN F 620 23.99 -23.74 -25.36
N SER F 621 25.15 -24.38 -25.40
CA SER F 621 25.86 -24.64 -26.65
C SER F 621 26.17 -26.13 -26.71
N ASN F 622 25.84 -26.76 -27.83
CA ASN F 622 26.01 -28.20 -27.95
C ASN F 622 27.46 -28.60 -27.83
N LEU F 623 27.71 -29.70 -27.13
CA LEU F 623 29.06 -30.14 -26.80
C LEU F 623 29.23 -31.58 -27.24
N ASP F 624 30.38 -31.88 -27.84
CA ASP F 624 30.65 -33.22 -28.35
C ASP F 624 30.98 -34.15 -27.18
N GLU F 625 31.31 -35.40 -27.50
CA GLU F 625 31.64 -36.37 -26.47
C GLU F 625 32.98 -36.04 -25.82
N GLU F 626 34.00 -35.78 -26.63
CA GLU F 626 35.33 -35.52 -26.10
C GLU F 626 35.47 -34.14 -25.50
N GLY F 627 34.75 -33.14 -26.00
CA GLY F 627 34.83 -31.81 -25.47
C GLY F 627 34.92 -30.71 -26.51
N HIS F 628 34.88 -31.08 -27.79
CA HIS F 628 34.92 -30.10 -28.85
C HIS F 628 33.55 -29.48 -29.07
N PHE F 629 33.55 -28.23 -29.52
CA PHE F 629 32.29 -27.58 -29.90
C PHE F 629 31.73 -28.23 -31.15
N VAL F 630 30.43 -28.55 -31.11
CA VAL F 630 29.79 -29.21 -32.26
C VAL F 630 29.70 -28.27 -33.44
N GLU F 631 29.42 -26.99 -33.19
CA GLU F 631 29.23 -26.00 -34.24
C GLU F 631 30.48 -25.15 -34.40
N ASP F 632 30.82 -24.83 -35.66
CA ASP F 632 31.96 -23.98 -35.94
C ASP F 632 31.72 -22.53 -35.55
N LEU F 633 30.46 -22.11 -35.46
CA LEU F 633 30.09 -20.77 -35.03
C LEU F 633 29.39 -20.86 -33.69
N VAL F 634 29.87 -20.10 -32.70
CA VAL F 634 29.41 -20.20 -31.32
C VAL F 634 28.98 -18.83 -30.85
N THR F 635 27.80 -18.75 -30.24
CA THR F 635 27.36 -17.50 -29.64
C THR F 635 28.22 -17.16 -28.44
N CYS F 636 28.61 -15.89 -28.31
CA CYS F 636 29.54 -15.49 -27.27
C CYS F 636 29.29 -14.05 -26.89
N ARG F 637 29.83 -13.67 -25.73
CA ARG F 637 29.84 -12.30 -25.25
C ARG F 637 31.29 -11.81 -25.23
N SER F 638 31.56 -10.76 -26.00
CA SER F 638 32.93 -10.26 -26.11
C SER F 638 33.21 -9.15 -25.09
N LYS F 639 32.50 -8.03 -25.21
CA LYS F 639 32.65 -6.90 -24.28
C LYS F 639 31.26 -6.33 -24.06
N GLY F 640 30.57 -6.83 -23.03
CA GLY F 640 29.24 -6.34 -22.72
C GLY F 640 28.26 -6.40 -23.87
N GLU F 641 28.42 -7.39 -24.75
CA GLU F 641 27.61 -7.49 -25.95
C GLU F 641 27.46 -8.96 -26.29
N SER F 642 27.02 -9.24 -27.52
CA SER F 642 26.87 -10.60 -27.98
C SER F 642 27.13 -10.66 -29.48
N SER F 643 27.72 -11.76 -29.93
CA SER F 643 27.95 -11.98 -31.36
C SER F 643 28.22 -13.46 -31.57
N LEU F 644 28.61 -13.82 -32.80
CA LEU F 644 28.93 -15.20 -33.16
C LEU F 644 30.41 -15.26 -33.50
N PHE F 645 31.15 -16.07 -32.77
CA PHE F 645 32.60 -16.16 -32.90
C PHE F 645 32.98 -17.54 -33.43
N SER F 646 34.26 -17.69 -33.77
CA SER F 646 34.78 -18.92 -34.33
C SER F 646 34.91 -19.99 -33.26
N ARG F 647 35.10 -21.23 -33.70
CA ARG F 647 35.21 -22.37 -32.78
C ARG F 647 36.48 -22.33 -31.96
N ASP F 648 37.51 -21.64 -32.41
CA ASP F 648 38.78 -21.54 -31.69
C ASP F 648 38.98 -20.21 -31.00
N GLN F 649 38.16 -19.20 -31.31
CA GLN F 649 38.35 -17.88 -30.74
C GLN F 649 37.83 -17.76 -29.31
N VAL F 650 37.01 -18.70 -28.84
CA VAL F 650 36.46 -18.62 -27.50
C VAL F 650 37.54 -18.91 -26.48
N ASP F 651 37.34 -18.43 -25.27
CA ASP F 651 38.32 -18.61 -24.19
C ASP F 651 37.71 -19.19 -22.93
N TYR F 652 36.45 -18.90 -22.63
CA TYR F 652 35.80 -19.37 -21.42
C TYR F 652 34.38 -19.79 -21.74
N MET F 653 33.85 -20.70 -20.93
CA MET F 653 32.50 -21.22 -21.12
C MET F 653 31.70 -21.06 -19.84
N ASP F 654 30.41 -20.78 -19.99
CA ASP F 654 29.52 -20.72 -18.84
C ASP F 654 29.42 -22.10 -18.19
N VAL F 655 29.22 -22.09 -16.87
CA VAL F 655 29.26 -23.36 -16.13
C VAL F 655 27.89 -24.03 -16.11
N SER F 656 26.82 -23.27 -15.90
CA SER F 656 25.49 -23.87 -15.86
C SER F 656 24.44 -22.82 -16.21
N THR F 657 23.26 -23.31 -16.58
CA THR F 657 22.19 -22.43 -17.03
C THR F 657 21.53 -21.66 -15.89
N GLN F 658 21.72 -22.09 -14.65
CA GLN F 658 21.14 -21.40 -13.50
C GLN F 658 22.02 -20.28 -12.99
N GLN F 659 23.15 -20.02 -13.65
CA GLN F 659 24.11 -19.05 -13.13
C GLN F 659 23.53 -17.64 -13.10
N VAL F 660 22.75 -17.28 -14.12
CA VAL F 660 22.30 -15.90 -14.24
C VAL F 660 21.34 -15.53 -13.12
N VAL F 661 20.48 -16.46 -12.72
CA VAL F 661 19.37 -16.16 -11.81
C VAL F 661 19.75 -16.53 -10.39
N SER F 662 19.03 -15.96 -9.43
CA SER F 662 19.27 -16.18 -8.01
C SER F 662 18.67 -17.51 -7.59
N VAL F 663 18.55 -17.72 -6.27
CA VAL F 663 17.93 -18.95 -5.79
C VAL F 663 16.42 -18.77 -5.65
N GLY F 664 15.94 -17.55 -5.49
CA GLY F 664 14.51 -17.32 -5.40
C GLY F 664 13.79 -17.62 -6.70
N ALA F 665 14.36 -17.19 -7.81
CA ALA F 665 13.77 -17.39 -9.13
C ALA F 665 14.24 -18.67 -9.80
N SER F 666 15.05 -19.47 -9.12
CA SER F 666 15.51 -20.74 -9.68
C SER F 666 14.54 -21.88 -9.41
N LEU F 667 13.52 -21.67 -8.56
CA LEU F 667 12.55 -22.69 -8.26
C LEU F 667 11.27 -22.56 -9.08
N ILE F 668 11.27 -21.66 -10.07
CA ILE F 668 10.11 -21.46 -10.92
C ILE F 668 10.26 -22.38 -12.13
N PRO F 669 9.42 -23.39 -12.29
CA PRO F 669 9.49 -24.23 -13.48
C PRO F 669 9.11 -23.44 -14.71
N PHE F 670 9.72 -23.79 -15.83
CA PHE F 670 9.44 -23.14 -17.10
C PHE F 670 9.59 -21.62 -16.98
N LEU F 671 10.71 -21.20 -16.38
CA LEU F 671 10.96 -19.77 -16.22
C LEU F 671 11.09 -19.08 -17.56
N GLU F 672 11.60 -19.79 -18.57
CA GLU F 672 11.82 -19.19 -19.88
C GLU F 672 10.53 -18.90 -20.62
N HIS F 673 9.39 -19.36 -20.13
CA HIS F 673 8.11 -19.11 -20.78
C HIS F 673 7.31 -18.00 -20.10
N ASP F 674 7.91 -17.27 -19.17
CA ASP F 674 7.25 -16.18 -18.47
C ASP F 674 7.78 -14.84 -18.95
N ASP F 675 6.91 -13.84 -18.95
CA ASP F 675 7.38 -12.47 -19.09
C ASP F 675 8.21 -12.11 -17.87
N ALA F 676 9.10 -11.12 -18.05
CA ALA F 676 10.00 -10.78 -16.96
C ALA F 676 9.26 -10.17 -15.77
N ASN F 677 8.26 -9.32 -16.03
CA ASN F 677 7.52 -8.72 -14.92
C ASN F 677 6.78 -9.77 -14.12
N ARG F 678 6.14 -10.72 -14.80
CA ARG F 678 5.39 -11.75 -14.09
C ARG F 678 6.32 -12.72 -13.36
N ALA F 679 7.49 -13.00 -13.93
CA ALA F 679 8.48 -13.79 -13.21
C ALA F 679 8.94 -13.06 -11.96
N LEU F 680 9.13 -11.74 -12.05
CA LEU F 680 9.50 -10.96 -10.88
C LEU F 680 8.42 -11.04 -9.81
N MET F 681 7.15 -10.92 -10.21
CA MET F 681 6.06 -11.01 -9.25
C MET F 681 6.00 -12.38 -8.60
N GLY F 682 6.17 -13.44 -9.39
CA GLY F 682 6.16 -14.77 -8.82
C GLY F 682 7.32 -15.01 -7.87
N ALA F 683 8.50 -14.51 -8.22
CA ALA F 683 9.65 -14.66 -7.34
C ALA F 683 9.45 -13.94 -6.02
N ASN F 684 8.91 -12.72 -6.07
CA ASN F 684 8.69 -11.96 -4.84
C ASN F 684 7.49 -12.46 -4.05
N MET F 685 6.62 -13.24 -4.67
CA MET F 685 5.44 -13.78 -3.99
C MET F 685 5.63 -15.21 -3.49
N GLN F 686 6.66 -15.91 -3.95
CA GLN F 686 6.95 -17.21 -3.36
C GLN F 686 7.49 -17.09 -1.94
N ARG F 687 8.01 -15.92 -1.55
CA ARG F 687 8.56 -15.74 -0.22
C ARG F 687 7.50 -15.53 0.84
N GLN F 688 6.26 -15.24 0.45
CA GLN F 688 5.20 -14.92 1.38
C GLN F 688 4.27 -16.08 1.65
N ALA F 689 4.57 -17.27 1.13
CA ALA F 689 3.74 -18.43 1.43
C ALA F 689 3.88 -18.81 2.89
N VAL F 690 2.84 -19.41 3.44
CA VAL F 690 2.84 -19.80 4.84
C VAL F 690 2.97 -21.32 4.94
N PRO F 691 3.55 -21.86 6.00
CA PRO F 691 3.56 -23.31 6.17
C PRO F 691 2.18 -23.82 6.53
N THR F 692 1.78 -24.90 5.90
CA THR F 692 0.44 -25.44 6.04
C THR F 692 0.43 -26.61 7.02
N LEU F 693 -0.71 -27.29 7.12
CA LEU F 693 -0.83 -28.39 8.07
C LEU F 693 0.07 -29.56 7.69
N ARG F 694 -0.01 -30.00 6.44
CA ARG F 694 0.78 -31.12 5.94
C ARG F 694 1.54 -30.67 4.71
N ALA F 695 2.86 -30.74 4.78
CA ALA F 695 3.68 -30.36 3.63
C ALA F 695 3.43 -31.29 2.46
N ASP F 696 3.38 -30.73 1.26
CA ASP F 696 3.07 -31.48 0.05
C ASP F 696 4.12 -31.15 -1.00
N LYS F 697 4.87 -32.16 -1.43
CA LYS F 697 5.92 -31.97 -2.41
C LYS F 697 5.33 -31.41 -3.69
N PRO F 698 6.09 -30.60 -4.43
CA PRO F 698 5.59 -30.12 -5.72
C PRO F 698 5.67 -31.23 -6.76
N LEU F 699 4.56 -31.45 -7.48
CA LEU F 699 4.56 -32.46 -8.52
C LEU F 699 5.48 -32.11 -9.67
N VAL F 700 5.81 -30.84 -9.85
CA VAL F 700 6.76 -30.40 -10.87
C VAL F 700 7.65 -29.33 -10.27
N GLY F 701 8.97 -29.48 -10.44
CA GLY F 701 9.92 -28.56 -9.84
C GLY F 701 11.19 -28.42 -10.64
N THR F 702 12.21 -27.78 -10.05
CA THR F 702 13.49 -27.58 -10.74
C THR F 702 14.66 -28.21 -10.00
N GLY F 703 14.40 -29.22 -9.16
CA GLY F 703 15.48 -29.93 -8.50
C GLY F 703 16.21 -29.14 -7.43
N MET F 704 15.96 -27.83 -7.39
CA MET F 704 16.63 -26.94 -6.43
C MET F 704 16.00 -27.01 -5.05
N GLU F 705 14.95 -27.80 -4.87
CA GLU F 705 14.30 -27.86 -3.56
C GLU F 705 15.23 -28.44 -2.51
N ARG F 706 16.03 -29.43 -2.88
CA ARG F 706 16.85 -30.13 -1.89
C ARG F 706 17.86 -29.20 -1.25
N ALA F 707 18.61 -28.45 -2.07
CA ALA F 707 19.63 -27.56 -1.52
C ALA F 707 18.99 -26.47 -0.66
N VAL F 708 17.89 -25.89 -1.13
CA VAL F 708 17.24 -24.83 -0.37
C VAL F 708 16.74 -25.35 0.97
N ALA F 709 16.13 -26.53 0.97
CA ALA F 709 15.58 -27.06 2.22
C ALA F 709 16.67 -27.44 3.20
N VAL F 710 17.70 -28.16 2.73
CA VAL F 710 18.72 -28.66 3.64
C VAL F 710 19.59 -27.51 4.16
N ASP F 711 20.00 -26.60 3.26
CA ASP F 711 20.94 -25.55 3.63
C ASP F 711 20.30 -24.43 4.45
N SER F 712 18.98 -24.35 4.50
CA SER F 712 18.33 -23.28 5.25
C SER F 712 18.51 -23.43 6.75
N GLY F 713 18.99 -24.58 7.21
CA GLY F 713 19.17 -24.79 8.64
C GLY F 713 17.91 -25.08 9.40
N VAL F 714 16.77 -25.26 8.70
CA VAL F 714 15.51 -25.53 9.36
C VAL F 714 15.25 -27.03 9.49
N THR F 715 16.09 -27.87 8.90
CA THR F 715 15.98 -29.32 9.01
C THR F 715 17.14 -29.87 9.83
N ALA F 716 16.89 -31.02 10.46
CA ALA F 716 17.88 -31.68 11.31
C ALA F 716 18.59 -32.73 10.47
N VAL F 717 19.83 -32.45 10.10
CA VAL F 717 20.64 -33.36 9.31
C VAL F 717 21.62 -34.08 10.22
N ALA F 718 21.74 -35.39 10.06
CA ALA F 718 22.66 -36.17 10.87
C ALA F 718 24.09 -35.76 10.55
N LYS F 719 24.79 -35.23 11.54
CA LYS F 719 26.15 -34.75 11.30
C LYS F 719 27.09 -35.90 10.99
N ARG F 720 27.09 -36.95 11.81
CA ARG F 720 27.96 -38.10 11.61
C ARG F 720 27.24 -39.40 11.97
N GLY F 721 25.99 -39.52 11.52
CA GLY F 721 25.15 -40.61 11.98
C GLY F 721 25.52 -41.96 11.41
N GLY F 722 25.08 -43.00 12.12
CA GLY F 722 25.19 -44.38 11.69
C GLY F 722 23.84 -45.02 11.42
N VAL F 723 23.34 -45.78 12.39
CA VAL F 723 22.04 -46.43 12.30
C VAL F 723 21.14 -45.87 13.40
N VAL F 724 19.90 -45.55 13.04
CA VAL F 724 18.97 -44.96 13.99
C VAL F 724 18.56 -46.00 15.02
N GLN F 725 18.36 -45.55 16.25
CA GLN F 725 18.04 -46.44 17.36
C GLN F 725 16.69 -46.15 18.00
N TYR F 726 16.42 -44.88 18.33
CA TYR F 726 15.19 -44.51 19.02
C TYR F 726 14.56 -43.32 18.33
N VAL F 727 13.35 -43.50 17.81
CA VAL F 727 12.63 -42.46 17.09
C VAL F 727 11.40 -42.08 17.89
N ASP F 728 11.23 -40.79 18.15
CA ASP F 728 10.12 -40.29 18.93
C ASP F 728 9.59 -39.03 18.27
N ALA F 729 8.45 -38.55 18.75
CA ALA F 729 7.87 -37.33 18.20
C ALA F 729 8.68 -36.08 18.55
N SER F 730 9.63 -36.18 19.48
CA SER F 730 10.43 -35.03 19.88
C SER F 730 11.92 -35.30 19.97
N ARG F 731 12.35 -36.56 20.00
CA ARG F 731 13.75 -36.91 20.16
C ARG F 731 14.13 -37.96 19.13
N ILE F 732 15.36 -37.88 18.62
CA ILE F 732 15.92 -38.91 17.76
C ILE F 732 17.29 -39.28 18.29
N VAL F 733 17.49 -40.55 18.63
CA VAL F 733 18.75 -41.05 19.15
C VAL F 733 19.32 -42.03 18.13
N ILE F 734 20.49 -41.71 17.61
CA ILE F 734 21.15 -42.49 16.57
C ILE F 734 22.45 -43.06 17.12
N LYS F 735 22.70 -44.33 16.83
CA LYS F 735 23.94 -44.99 17.20
C LYS F 735 24.87 -45.01 15.98
N VAL F 736 26.05 -44.41 16.13
CA VAL F 736 26.92 -44.20 14.98
C VAL F 736 27.53 -45.52 14.52
N ASN F 737 27.97 -45.52 13.27
CA ASN F 737 28.54 -46.73 12.68
C ASN F 737 29.93 -46.99 13.25
N GLU F 738 30.33 -48.27 13.20
CA GLU F 738 31.60 -48.69 13.77
C GLU F 738 32.79 -48.09 13.04
N ASP F 739 32.59 -47.63 11.80
CA ASP F 739 33.71 -47.18 10.98
C ASP F 739 34.38 -45.95 11.57
N GLU F 740 33.59 -44.94 11.96
CA GLU F 740 34.15 -43.67 12.44
C GLU F 740 33.67 -43.40 13.85
N MET F 741 34.61 -43.05 14.72
CA MET F 741 34.32 -42.69 16.10
C MET F 741 35.38 -41.71 16.57
N TYR F 742 35.11 -41.08 17.71
CA TYR F 742 36.15 -40.41 18.46
C TYR F 742 36.65 -41.36 19.54
N PRO F 743 37.94 -41.70 19.55
CA PRO F 743 38.42 -42.74 20.46
C PRO F 743 38.14 -42.40 21.92
N GLY F 744 37.76 -43.43 22.68
CA GLY F 744 37.41 -43.24 24.07
C GLY F 744 35.98 -42.77 24.27
N GLU F 745 35.30 -43.34 25.25
CA GLU F 745 33.95 -42.98 25.69
C GLU F 745 32.89 -43.25 24.64
N ALA F 746 33.24 -43.80 23.48
CA ALA F 746 32.30 -44.18 22.42
C ALA F 746 31.42 -42.97 22.10
N GLY F 747 30.10 -43.10 22.11
CA GLY F 747 29.22 -41.97 21.87
C GLY F 747 28.11 -42.25 20.89
N ILE F 748 26.97 -41.59 21.10
CA ILE F 748 25.83 -41.66 20.19
C ILE F 748 25.33 -40.23 19.99
N ASP F 749 24.62 -40.01 18.89
CA ASP F 749 24.12 -38.68 18.57
C ASP F 749 22.67 -38.57 19.03
N ILE F 750 22.35 -37.43 19.65
CA ILE F 750 21.00 -37.17 20.15
C ILE F 750 20.53 -35.84 19.59
N TYR F 751 19.37 -35.84 18.96
CA TYR F 751 18.79 -34.65 18.37
C TYR F 751 17.45 -34.37 19.05
N ASN F 752 17.32 -33.16 19.60
CA ASN F 752 16.10 -32.72 20.24
C ASN F 752 15.38 -31.80 19.27
N LEU F 753 14.34 -32.34 18.62
CA LEU F 753 13.56 -31.56 17.69
C LEU F 753 12.79 -30.47 18.42
N THR F 754 12.63 -29.33 17.75
CA THR F 754 11.87 -28.21 18.31
C THR F 754 10.40 -28.35 17.90
N LYS F 755 9.53 -28.43 18.90
CA LYS F 755 8.10 -28.53 18.64
C LYS F 755 7.54 -27.13 18.40
N TYR F 756 6.21 -27.01 18.41
CA TYR F 756 5.53 -25.77 18.06
C TYR F 756 6.13 -24.57 18.78
N THR F 757 6.69 -23.64 18.00
CA THR F 757 7.42 -22.50 18.53
C THR F 757 7.08 -21.29 17.69
N ARG F 758 6.75 -20.18 18.35
CA ARG F 758 6.34 -18.98 17.63
C ARG F 758 7.48 -18.47 16.75
N SER F 759 7.17 -18.22 15.49
CA SER F 759 8.14 -17.63 14.58
C SER F 759 8.02 -16.11 14.63
N ASN F 760 8.82 -15.43 13.82
CA ASN F 760 8.81 -13.97 13.86
C ASN F 760 7.47 -13.40 13.41
N GLN F 761 6.86 -14.00 12.39
CA GLN F 761 5.59 -13.54 11.87
C GLN F 761 4.40 -14.25 12.49
N ASN F 762 4.56 -14.74 13.72
CA ASN F 762 3.51 -15.40 14.47
C ASN F 762 2.98 -16.65 13.76
N THR F 763 3.83 -17.34 13.03
CA THR F 763 3.50 -18.65 12.49
C THR F 763 4.13 -19.74 13.36
N CYS F 764 3.92 -20.99 12.99
CA CYS F 764 4.41 -22.11 13.77
C CYS F 764 5.66 -22.69 13.14
N ILE F 765 6.57 -23.18 13.99
CA ILE F 765 7.75 -23.91 13.56
C ILE F 765 7.67 -25.29 14.18
N ASN F 766 7.66 -26.31 13.32
CA ASN F 766 7.43 -27.67 13.77
C ASN F 766 8.43 -28.60 13.10
N GLN F 767 8.77 -29.67 13.79
CA GLN F 767 9.67 -30.68 13.25
C GLN F 767 9.10 -32.07 13.52
N MET F 768 9.02 -32.88 12.47
CA MET F 768 8.55 -34.25 12.57
C MET F 768 9.60 -35.16 11.96
N PRO F 769 9.93 -36.27 12.60
CA PRO F 769 10.91 -37.20 12.01
C PRO F 769 10.34 -37.87 10.77
N CYS F 770 11.24 -38.25 9.86
CA CYS F 770 10.86 -39.03 8.70
C CYS F 770 11.39 -40.46 8.72
N VAL F 771 12.38 -40.76 9.55
CA VAL F 771 12.88 -42.12 9.72
C VAL F 771 12.01 -42.84 10.73
N SER F 772 11.88 -44.16 10.59
CA SER F 772 10.98 -44.93 11.43
C SER F 772 11.70 -45.67 12.55
N LEU F 773 12.57 -46.61 12.21
CA LEU F 773 13.29 -47.40 13.19
C LEU F 773 14.30 -48.28 12.48
N GLY F 774 15.49 -48.42 13.06
CA GLY F 774 16.50 -49.28 12.49
C GLY F 774 16.96 -48.91 11.11
N GLU F 775 16.62 -47.72 10.64
CA GLU F 775 16.96 -47.31 9.29
C GLU F 775 18.40 -46.80 9.25
N PRO F 776 19.24 -47.32 8.37
CA PRO F 776 20.60 -46.77 8.23
C PRO F 776 20.54 -45.32 7.79
N VAL F 777 21.47 -44.52 8.31
CA VAL F 777 21.52 -43.09 8.01
C VAL F 777 22.96 -42.73 7.68
N GLU F 778 23.18 -42.21 6.48
CA GLU F 778 24.50 -41.77 6.06
C GLU F 778 24.74 -40.33 6.50
N ARG F 779 26.00 -39.90 6.38
CA ARG F 779 26.35 -38.53 6.71
C ARG F 779 25.59 -37.56 5.81
N GLY F 780 25.03 -36.51 6.40
CA GLY F 780 24.31 -35.53 5.63
C GLY F 780 22.90 -35.90 5.25
N ASP F 781 22.35 -36.96 5.85
CA ASP F 781 20.98 -37.35 5.58
C ASP F 781 20.01 -36.47 6.37
N VAL F 782 18.76 -36.47 5.94
CA VAL F 782 17.72 -35.63 6.54
C VAL F 782 16.83 -36.52 7.41
N LEU F 783 16.73 -36.18 8.69
CA LEU F 783 15.98 -36.97 9.66
C LEU F 783 14.64 -36.34 10.05
N ALA F 784 14.58 -35.03 10.19
CA ALA F 784 13.35 -34.34 10.53
C ALA F 784 13.14 -33.19 9.58
N ASP F 785 11.92 -33.02 9.10
CA ASP F 785 11.59 -31.95 8.18
C ASP F 785 10.87 -30.83 8.92
N GLY F 786 11.40 -29.62 8.82
CA GLY F 786 10.84 -28.48 9.49
C GLY F 786 9.52 -28.04 8.90
N PRO F 787 9.17 -26.77 9.07
CA PRO F 787 7.92 -26.26 8.50
C PRO F 787 8.03 -26.16 6.98
N SER F 788 7.01 -26.68 6.29
CA SER F 788 6.92 -26.59 4.84
C SER F 788 8.15 -27.19 4.17
N THR F 789 8.31 -28.49 4.36
CA THR F 789 9.35 -29.26 3.69
C THR F 789 9.00 -30.74 3.79
N ASP F 790 9.07 -31.45 2.68
CA ASP F 790 8.63 -32.83 2.60
C ASP F 790 9.81 -33.72 2.22
N LEU F 791 10.24 -34.56 3.15
CA LEU F 791 11.31 -35.53 2.91
C LEU F 791 12.59 -34.84 2.40
N GLY F 792 12.88 -33.67 2.95
CA GLY F 792 14.06 -32.94 2.53
C GLY F 792 13.90 -32.14 1.27
N GLU F 793 12.69 -32.03 0.73
CA GLU F 793 12.41 -31.21 -0.44
C GLU F 793 11.50 -30.06 -0.04
N LEU F 794 11.83 -28.86 -0.51
CA LEU F 794 11.04 -27.68 -0.20
C LEU F 794 9.62 -27.85 -0.71
N ALA F 795 8.65 -27.58 0.16
CA ALA F 795 7.24 -27.78 -0.19
C ALA F 795 6.45 -26.69 0.55
N LEU F 796 6.24 -25.57 -0.12
CA LEU F 796 5.60 -24.41 0.48
C LEU F 796 4.21 -24.14 -0.09
N GLY F 797 3.61 -25.13 -0.72
CA GLY F 797 2.27 -25.02 -1.25
C GLY F 797 1.66 -26.40 -1.34
N GLN F 798 0.53 -26.49 -2.04
CA GLN F 798 -0.14 -27.77 -2.25
C GLN F 798 -0.59 -27.89 -3.70
N ASN F 799 -0.67 -29.13 -4.17
CA ASN F 799 -1.08 -29.39 -5.54
C ASN F 799 -2.60 -29.33 -5.66
N MET F 800 -3.10 -28.61 -6.66
CA MET F 800 -4.54 -28.46 -6.85
C MET F 800 -4.91 -28.77 -8.29
N ARG F 801 -6.02 -29.46 -8.47
CA ARG F 801 -6.51 -29.83 -9.80
C ARG F 801 -7.29 -28.67 -10.37
N VAL F 802 -6.67 -27.93 -11.27
CA VAL F 802 -7.25 -26.72 -11.83
C VAL F 802 -7.81 -27.01 -13.21
N ALA F 803 -8.77 -26.18 -13.63
CA ALA F 803 -9.35 -26.24 -14.96
C ALA F 803 -9.56 -24.81 -15.42
N PHE F 804 -9.00 -24.47 -16.58
CA PHE F 804 -9.04 -23.10 -17.08
C PHE F 804 -10.34 -22.90 -17.85
N MET F 805 -11.31 -22.25 -17.21
CA MET F 805 -12.59 -21.96 -17.84
C MET F 805 -13.26 -20.84 -17.07
N PRO F 806 -14.11 -20.05 -17.72
CA PRO F 806 -14.93 -19.10 -16.96
C PRO F 806 -16.17 -19.79 -16.41
N TRP F 807 -16.50 -19.47 -15.16
CA TRP F 807 -17.58 -20.16 -14.45
C TRP F 807 -18.50 -19.13 -13.79
N ASN F 808 -19.52 -18.69 -14.52
CA ASN F 808 -20.61 -17.89 -13.97
C ASN F 808 -20.10 -16.63 -13.28
N GLY F 809 -18.96 -16.12 -13.72
CA GLY F 809 -18.47 -14.86 -13.22
C GLY F 809 -17.87 -14.90 -11.83
N TYR F 810 -17.69 -16.08 -11.25
CA TYR F 810 -17.04 -16.16 -9.96
C TYR F 810 -15.53 -16.15 -10.05
N ASN F 811 -14.99 -16.17 -11.27
CA ASN F 811 -13.56 -15.97 -11.52
C ASN F 811 -13.35 -14.75 -12.41
N PHE F 812 -14.10 -13.69 -12.14
CA PHE F 812 -13.95 -12.43 -12.85
C PHE F 812 -12.65 -11.75 -12.46
N GLU F 813 -12.04 -11.08 -13.43
CA GLU F 813 -10.77 -10.36 -13.26
C GLU F 813 -9.73 -11.37 -12.80
N ASP F 814 -9.26 -11.33 -11.55
CA ASP F 814 -8.25 -12.26 -11.07
C ASP F 814 -8.80 -13.26 -10.06
N SER F 815 -10.13 -13.33 -9.88
CA SER F 815 -10.69 -14.11 -8.78
C SER F 815 -10.54 -15.60 -9.02
N ILE F 816 -10.71 -16.36 -7.93
CA ILE F 816 -10.50 -17.82 -7.90
C ILE F 816 -11.70 -18.48 -7.24
N LEU F 817 -12.15 -19.60 -7.81
CA LEU F 817 -13.29 -20.34 -7.28
C LEU F 817 -12.81 -21.68 -6.72
N VAL F 818 -12.90 -21.84 -5.41
CA VAL F 818 -12.34 -22.99 -4.72
C VAL F 818 -13.46 -23.95 -4.35
N SER F 819 -13.27 -25.22 -4.65
CA SER F 819 -14.27 -26.23 -4.31
C SER F 819 -14.24 -26.52 -2.81
N GLU F 820 -15.31 -27.14 -2.32
CA GLU F 820 -15.43 -27.42 -0.89
C GLU F 820 -14.53 -28.56 -0.43
N ARG F 821 -14.15 -29.47 -1.33
CA ARG F 821 -13.28 -30.56 -0.92
C ARG F 821 -11.91 -30.06 -0.47
N VAL F 822 -11.51 -28.86 -0.91
CA VAL F 822 -10.28 -28.27 -0.40
C VAL F 822 -10.42 -27.93 1.07
N VAL F 823 -11.56 -27.37 1.47
CA VAL F 823 -11.78 -27.03 2.87
C VAL F 823 -11.97 -28.29 3.71
N GLN F 824 -12.71 -29.27 3.19
CA GLN F 824 -13.03 -30.45 4.00
C GLN F 824 -11.79 -31.23 4.38
N GLU F 825 -10.91 -31.50 3.41
CA GLU F 825 -9.69 -32.24 3.68
C GLU F 825 -8.66 -31.46 4.48
N ASP F 826 -9.02 -30.26 4.95
CA ASP F 826 -8.17 -29.44 5.81
C ASP F 826 -6.84 -29.14 5.13
N ARG F 827 -6.90 -28.81 3.84
CA ARG F 827 -5.77 -28.24 3.14
C ARG F 827 -5.75 -26.73 3.33
N PHE F 828 -4.58 -26.14 3.16
CA PHE F 828 -4.36 -24.70 3.29
C PHE F 828 -4.72 -24.16 4.67
N THR F 829 -4.95 -25.03 5.64
CA THR F 829 -5.22 -24.61 7.00
C THR F 829 -3.91 -24.40 7.73
N THR F 830 -3.74 -23.23 8.32
CA THR F 830 -2.48 -22.86 8.94
C THR F 830 -2.67 -22.71 10.45
N ILE F 831 -1.55 -22.78 11.18
CA ILE F 831 -1.55 -22.62 12.63
C ILE F 831 -0.77 -21.36 12.97
N HIS F 832 -1.38 -20.47 13.73
CA HIS F 832 -0.75 -19.21 14.12
C HIS F 832 -0.61 -19.18 15.63
N ILE F 833 0.59 -18.85 16.10
CA ILE F 833 0.92 -18.77 17.51
C ILE F 833 1.00 -17.31 17.91
N GLN F 834 0.31 -16.94 18.98
CA GLN F 834 0.28 -15.58 19.49
C GLN F 834 0.84 -15.55 20.89
N GLU F 835 1.59 -14.49 21.21
CA GLU F 835 2.28 -14.39 22.48
C GLU F 835 1.76 -13.19 23.26
N LEU F 836 1.40 -13.41 24.52
CA LEU F 836 1.02 -12.35 25.45
C LEU F 836 1.96 -12.39 26.64
N ALA F 837 2.25 -11.22 27.20
CA ALA F 837 3.20 -11.13 28.30
C ALA F 837 2.62 -10.29 29.44
N CYS F 838 2.88 -10.71 30.67
CA CYS F 838 2.45 -9.96 31.85
C CYS F 838 3.59 -9.95 32.87
N VAL F 839 3.93 -8.77 33.35
CA VAL F 839 5.03 -8.59 34.28
C VAL F 839 4.49 -8.02 35.59
N SER F 840 4.83 -8.66 36.70
CA SER F 840 4.48 -8.20 38.03
C SER F 840 5.70 -7.47 38.60
N ARG F 841 5.51 -6.20 38.96
CA ARG F 841 6.63 -5.36 39.36
C ARG F 841 6.28 -4.58 40.61
N ASP F 842 7.29 -4.27 41.41
CA ASP F 842 7.08 -3.49 42.62
C ASP F 842 6.80 -2.03 42.26
N THR F 843 5.95 -1.39 43.08
CA THR F 843 5.60 0.00 42.88
C THR F 843 5.74 0.79 44.17
N LYS F 844 5.26 2.04 44.18
CA LYS F 844 5.41 2.88 45.36
C LYS F 844 4.72 2.28 46.57
N LEU F 845 3.52 1.75 46.39
CA LEU F 845 2.75 1.22 47.51
C LEU F 845 3.23 -0.15 47.94
N GLY F 846 4.02 -0.83 47.12
CA GLY F 846 4.52 -2.15 47.45
C GLY F 846 4.66 -3.05 46.25
N PRO F 847 4.56 -4.36 46.45
CA PRO F 847 4.72 -5.31 45.35
C PRO F 847 3.40 -5.66 44.68
N GLU F 848 3.47 -5.80 43.35
CA GLU F 848 2.32 -6.24 42.56
C GLU F 848 2.31 -7.77 42.56
N GLU F 849 1.88 -8.34 43.69
CA GLU F 849 1.86 -9.78 43.82
C GLU F 849 0.83 -10.39 42.88
N ILE F 850 1.05 -11.65 42.52
CA ILE F 850 0.21 -12.38 41.58
C ILE F 850 -0.51 -13.50 42.34
N THR F 851 -1.83 -13.50 42.25
CA THR F 851 -2.66 -14.49 42.93
C THR F 851 -3.82 -14.90 42.04
N ALA F 852 -4.38 -16.08 42.33
CA ALA F 852 -5.59 -16.50 41.65
C ALA F 852 -6.78 -15.66 42.08
N ASP F 853 -6.96 -15.48 43.38
CA ASP F 853 -8.10 -14.73 43.90
C ASP F 853 -8.01 -13.27 43.47
N ILE F 854 -9.03 -12.81 42.76
CA ILE F 854 -9.10 -11.45 42.25
C ILE F 854 -10.34 -10.79 42.83
N PRO F 855 -10.21 -9.68 43.57
CA PRO F 855 -11.38 -9.04 44.16
C PRO F 855 -12.38 -8.57 43.11
N ASN F 856 -13.66 -8.64 43.48
CA ASN F 856 -14.76 -8.14 42.65
C ASN F 856 -14.78 -8.77 41.26
N VAL F 857 -14.52 -10.08 41.21
CA VAL F 857 -14.61 -10.85 39.97
C VAL F 857 -15.35 -12.15 40.28
N GLY F 858 -16.33 -12.48 39.45
CA GLY F 858 -17.19 -13.63 39.74
C GLY F 858 -16.47 -14.95 39.60
N GLU F 859 -17.09 -15.98 40.17
CA GLU F 859 -16.51 -17.32 40.15
C GLU F 859 -16.43 -17.90 38.74
N ALA F 860 -17.27 -17.41 37.82
CA ALA F 860 -17.22 -17.91 36.44
C ALA F 860 -15.87 -17.58 35.80
N ALA F 861 -15.37 -16.37 36.01
CA ALA F 861 -14.09 -15.97 35.44
C ALA F 861 -12.91 -16.63 36.15
N LEU F 862 -13.13 -17.30 37.27
CA LEU F 862 -12.08 -18.00 37.98
C LEU F 862 -12.11 -19.52 37.73
N SER F 863 -12.90 -19.97 36.77
CA SER F 863 -12.99 -21.40 36.49
C SER F 863 -11.70 -21.94 35.90
N LYS F 864 -10.94 -21.11 35.18
CA LYS F 864 -9.76 -21.55 34.45
C LYS F 864 -8.46 -21.12 35.13
N LEU F 865 -8.51 -20.64 36.36
CA LEU F 865 -7.33 -20.16 37.06
C LEU F 865 -6.89 -21.20 38.08
N ASP F 866 -5.58 -21.46 38.13
CA ASP F 866 -5.03 -22.47 39.01
C ASP F 866 -4.93 -21.92 40.44
N GLU F 867 -4.23 -22.64 41.32
CA GLU F 867 -4.01 -22.18 42.68
C GLU F 867 -3.00 -21.03 42.74
N SER F 868 -2.27 -20.77 41.66
CA SER F 868 -1.31 -19.69 41.62
C SER F 868 -1.81 -18.47 40.84
N GLY F 869 -2.73 -18.67 39.89
CA GLY F 869 -3.29 -17.56 39.15
C GLY F 869 -2.91 -17.54 37.68
N ILE F 870 -2.65 -18.71 37.11
CA ILE F 870 -2.29 -18.82 35.70
C ILE F 870 -3.28 -19.78 35.05
N VAL F 871 -3.68 -19.46 33.81
CA VAL F 871 -4.60 -20.33 33.09
C VAL F 871 -4.01 -21.73 32.97
N TYR F 872 -4.86 -22.73 33.18
CA TYR F 872 -4.44 -24.11 32.99
C TYR F 872 -3.97 -24.32 31.56
N ILE F 873 -2.89 -25.11 31.42
CA ILE F 873 -2.41 -25.43 30.09
C ILE F 873 -3.46 -26.28 29.39
N GLY F 874 -3.88 -25.85 28.21
CA GLY F 874 -4.90 -26.54 27.45
C GLY F 874 -6.27 -25.93 27.51
N ALA F 875 -6.51 -24.98 28.41
CA ALA F 875 -7.81 -24.32 28.46
C ALA F 875 -8.03 -23.48 27.22
N GLU F 876 -9.29 -23.40 26.79
CA GLU F 876 -9.65 -22.67 25.58
C GLU F 876 -10.12 -21.27 25.96
N VAL F 877 -9.50 -20.26 25.36
CA VAL F 877 -9.75 -18.87 25.71
C VAL F 877 -10.28 -18.11 24.50
N THR F 878 -11.23 -17.22 24.76
CA THR F 878 -11.80 -16.36 23.72
C THR F 878 -12.28 -15.09 24.41
N GLY F 879 -12.47 -14.04 23.60
CA GLY F 879 -13.00 -12.79 24.12
C GLY F 879 -12.09 -12.14 25.12
N GLY F 880 -12.60 -11.87 26.32
CA GLY F 880 -11.83 -11.18 27.33
C GLY F 880 -11.57 -12.00 28.59
N ASP F 881 -11.28 -13.28 28.42
CA ASP F 881 -11.05 -14.15 29.56
C ASP F 881 -9.77 -13.78 30.28
N ILE F 882 -9.76 -14.03 31.59
CA ILE F 882 -8.61 -13.70 32.43
C ILE F 882 -7.47 -14.66 32.14
N LEU F 883 -6.27 -14.14 32.00
CA LEU F 883 -5.08 -14.97 31.81
C LEU F 883 -4.29 -15.14 33.10
N VAL F 884 -3.86 -14.05 33.72
CA VAL F 884 -3.13 -14.09 34.97
C VAL F 884 -3.70 -13.04 35.91
N GLY F 885 -3.88 -13.42 37.17
CA GLY F 885 -4.40 -12.48 38.15
C GLY F 885 -3.31 -11.69 38.84
N LYS F 886 -3.04 -10.49 38.33
CA LYS F 886 -2.03 -9.61 38.88
C LYS F 886 -2.73 -8.42 39.52
N VAL F 887 -2.47 -8.20 40.81
CA VAL F 887 -3.13 -7.15 41.57
C VAL F 887 -2.11 -6.12 42.00
N THR F 888 -2.45 -4.85 41.81
CA THR F 888 -1.58 -3.73 42.17
C THR F 888 -2.08 -3.09 43.44
N PRO F 889 -1.28 -3.06 44.51
CA PRO F 889 -1.76 -2.45 45.76
C PRO F 889 -1.96 -0.96 45.60
N LYS F 890 -2.95 -0.44 46.32
CA LYS F 890 -3.31 0.97 46.28
C LYS F 890 -2.88 1.67 47.56
N GLY F 891 -2.92 3.00 47.52
CA GLY F 891 -2.49 3.82 48.63
C GLY F 891 -3.68 4.30 49.46
N GLU F 892 -3.61 4.01 50.76
CA GLU F 892 -4.67 4.39 51.69
C GLU F 892 -4.12 4.27 53.10
N THR F 893 -4.22 5.36 53.88
CA THR F 893 -3.70 5.37 55.24
C THR F 893 -4.60 6.11 56.23
N GLN F 894 -5.77 6.60 55.80
CA GLN F 894 -6.70 7.30 56.66
C GLN F 894 -7.94 6.43 56.82
N LEU F 895 -8.01 5.68 57.91
CA LEU F 895 -9.09 4.71 58.12
C LEU F 895 -10.34 5.47 58.50
N THR F 896 -11.11 5.87 57.48
CA THR F 896 -12.39 6.52 57.71
C THR F 896 -13.40 5.52 58.27
N PRO F 897 -14.41 5.99 58.99
CA PRO F 897 -15.41 5.06 59.54
C PRO F 897 -16.09 4.21 58.47
N GLU F 898 -16.40 4.79 57.31
CA GLU F 898 -16.96 3.99 56.23
C GLU F 898 -15.95 2.95 55.75
N GLU F 899 -14.67 3.33 55.70
CA GLU F 899 -13.63 2.39 55.29
C GLU F 899 -13.50 1.25 56.30
N LYS F 900 -13.58 1.56 57.60
CA LYS F 900 -13.46 0.51 58.60
C LYS F 900 -14.68 -0.40 58.60
N LEU F 901 -15.87 0.15 58.37
CA LEU F 901 -17.06 -0.69 58.23
C LEU F 901 -16.94 -1.58 57.00
N LEU F 902 -16.42 -1.04 55.90
CA LEU F 902 -16.22 -1.82 54.69
C LEU F 902 -15.23 -2.96 54.93
N ARG F 903 -14.15 -2.69 55.66
CA ARG F 903 -13.19 -3.73 56.00
C ARG F 903 -13.79 -4.77 56.94
N ALA F 904 -14.71 -4.35 57.80
CA ALA F 904 -15.31 -5.29 58.74
C ALA F 904 -16.31 -6.21 58.06
N ILE F 905 -17.11 -5.66 57.14
CA ILE F 905 -18.16 -6.47 56.51
C ILE F 905 -17.56 -7.40 55.44
N PHE F 906 -16.45 -7.01 54.83
CA PHE F 906 -15.80 -7.78 53.78
C PHE F 906 -14.41 -8.22 54.24
N GLY F 907 -13.63 -8.75 53.30
CA GLY F 907 -12.29 -9.23 53.62
C GLY F 907 -11.40 -8.15 54.19
N GLU F 908 -10.23 -8.59 54.66
CA GLU F 908 -9.28 -7.67 55.30
C GLU F 908 -8.83 -6.60 54.32
N LYS F 909 -8.51 -6.97 53.09
CA LYS F 909 -8.15 -5.97 52.08
C LYS F 909 -9.37 -5.15 51.68
N ALA F 910 -10.58 -5.72 51.83
CA ALA F 910 -11.82 -5.04 51.45
C ALA F 910 -11.78 -4.55 50.00
N SER F 911 -11.09 -5.32 49.15
CA SER F 911 -10.93 -4.98 47.74
C SER F 911 -10.28 -3.62 47.54
N ASP F 912 -9.28 -3.28 48.37
CA ASP F 912 -8.51 -2.07 48.10
C ASP F 912 -7.39 -2.31 47.09
N VAL F 913 -6.98 -3.56 46.92
CA VAL F 913 -5.97 -3.88 45.92
C VAL F 913 -6.60 -3.79 44.54
N LYS F 914 -5.94 -3.05 43.64
CA LYS F 914 -6.48 -2.81 42.31
C LYS F 914 -6.16 -3.98 41.38
N ASP F 915 -7.14 -4.34 40.56
CA ASP F 915 -7.02 -5.47 39.64
C ASP F 915 -6.51 -4.95 38.30
N SER F 916 -5.33 -5.40 37.90
CA SER F 916 -4.77 -5.15 36.58
C SER F 916 -4.31 -6.49 36.04
N SER F 917 -5.24 -7.22 35.41
CA SER F 917 -4.99 -8.57 34.93
C SER F 917 -4.87 -8.56 33.41
N LEU F 918 -3.90 -9.32 32.90
CA LEU F 918 -3.74 -9.49 31.46
C LEU F 918 -4.93 -10.26 30.92
N ARG F 919 -5.57 -9.72 29.89
CA ARG F 919 -6.73 -10.33 29.27
C ARG F 919 -6.54 -10.42 27.76
N VAL F 920 -7.30 -11.32 27.15
CA VAL F 920 -7.22 -11.51 25.70
C VAL F 920 -7.86 -10.31 25.01
N PRO F 921 -7.16 -9.65 24.09
CA PRO F 921 -7.82 -8.60 23.29
C PRO F 921 -8.95 -9.18 22.46
N ASN F 922 -9.96 -8.34 22.23
CA ASN F 922 -11.13 -8.78 21.46
C ASN F 922 -10.73 -9.24 20.07
N GLY F 923 -11.36 -10.32 19.61
CA GLY F 923 -11.08 -10.89 18.32
C GLY F 923 -9.99 -11.94 18.30
N VAL F 924 -9.39 -12.25 19.43
CA VAL F 924 -8.30 -13.23 19.52
C VAL F 924 -8.84 -14.48 20.21
N SER F 925 -8.58 -15.64 19.62
CA SER F 925 -9.10 -16.89 20.13
C SER F 925 -8.00 -17.95 20.07
N GLY F 926 -8.32 -19.14 20.59
CA GLY F 926 -7.37 -20.25 20.55
C GLY F 926 -7.23 -20.95 21.88
N THR F 927 -6.34 -21.93 21.95
CA THR F 927 -6.08 -22.68 23.17
C THR F 927 -4.68 -22.37 23.69
N VAL F 928 -4.55 -22.26 25.01
CA VAL F 928 -3.27 -21.95 25.62
C VAL F 928 -2.30 -23.11 25.40
N ILE F 929 -1.07 -22.78 25.01
CA ILE F 929 -0.06 -23.79 24.69
C ILE F 929 0.96 -23.93 25.81
N ASP F 930 1.55 -22.83 26.25
CA ASP F 930 2.68 -22.89 27.17
C ASP F 930 2.71 -21.62 28.01
N VAL F 931 3.20 -21.77 29.24
CA VAL F 931 3.43 -20.65 30.15
C VAL F 931 4.85 -20.77 30.70
N GLN F 932 5.59 -19.66 30.69
CA GLN F 932 7.03 -19.66 30.93
C GLN F 932 7.39 -18.68 32.05
N VAL F 933 6.71 -18.81 33.20
CA VAL F 933 6.94 -17.88 34.31
C VAL F 933 8.39 -17.95 34.78
N PHE F 934 8.91 -16.80 35.22
CA PHE F 934 10.28 -16.68 35.70
C PHE F 934 10.30 -15.92 37.01
N THR F 935 11.31 -16.20 37.83
CA THR F 935 11.37 -15.70 39.20
C THR F 935 12.71 -15.00 39.45
N ARG F 936 12.67 -13.99 40.32
CA ARG F 936 13.89 -13.36 40.81
C ARG F 936 14.50 -14.21 41.92
N ASP F 937 15.83 -14.24 41.96
CA ASP F 937 16.54 -14.88 43.06
C ASP F 937 16.18 -14.24 44.39
N GLY F 938 15.90 -15.08 45.38
CA GLY F 938 15.55 -14.58 46.70
C GLY F 938 14.07 -14.59 46.98
N VAL F 939 13.26 -14.24 45.98
CA VAL F 939 11.81 -14.27 46.16
C VAL F 939 11.32 -15.71 46.17
N GLU F 940 10.17 -15.91 46.81
CA GLU F 940 9.59 -17.25 46.89
C GLU F 940 9.18 -17.73 45.51
N LYS F 941 9.61 -18.94 45.16
CA LYS F 941 9.29 -19.48 43.84
C LYS F 941 7.82 -19.88 43.76
N ASP F 942 7.27 -19.72 42.56
CA ASP F 942 5.87 -20.08 42.32
C ASP F 942 5.70 -21.59 42.41
N LYS F 943 4.46 -22.01 42.69
CA LYS F 943 4.15 -23.43 42.69
C LYS F 943 4.34 -24.03 41.30
N ARG F 944 3.97 -23.29 40.27
CA ARG F 944 4.15 -23.79 38.90
C ARG F 944 5.62 -23.84 38.52
N ALA F 945 6.41 -22.86 38.97
CA ALA F 945 7.86 -22.87 38.70
C ALA F 945 8.47 -24.18 39.15
N LEU F 946 7.96 -24.74 40.25
CA LEU F 946 8.37 -26.07 40.66
C LEU F 946 8.09 -27.10 39.57
N GLU F 947 6.94 -26.99 38.90
CA GLU F 947 6.59 -27.95 37.87
C GLU F 947 7.52 -27.83 36.67
N ILE F 948 7.79 -26.60 36.21
CA ILE F 948 8.70 -26.48 35.08
C ILE F 948 10.11 -26.94 35.46
N GLU F 949 10.53 -26.71 36.70
CA GLU F 949 11.86 -27.19 37.09
C GLU F 949 11.89 -28.71 37.14
N GLU F 950 10.82 -29.34 37.64
CA GLU F 950 10.69 -30.79 37.52
C GLU F 950 10.85 -31.25 36.08
N MET F 951 10.14 -30.59 35.16
CA MET F 951 10.16 -31.00 33.76
C MET F 951 11.57 -30.91 33.18
N GLN F 952 12.23 -29.78 33.43
CA GLN F 952 13.58 -29.58 32.91
C GLN F 952 14.56 -30.61 33.48
N LEU F 953 14.50 -30.83 34.81
CA LEU F 953 15.39 -31.80 35.44
C LEU F 953 15.14 -33.21 34.92
N LYS F 954 13.87 -33.59 34.78
CA LYS F 954 13.54 -34.93 34.29
C LYS F 954 14.04 -35.12 32.87
N GLN F 955 13.82 -34.13 32.01
CA GLN F 955 14.29 -34.23 30.64
C GLN F 955 15.81 -34.33 30.59
N ALA F 956 16.50 -33.52 31.41
CA ALA F 956 17.95 -33.54 31.41
C ALA F 956 18.49 -34.90 31.83
N LYS F 957 17.98 -35.46 32.93
CA LYS F 957 18.49 -36.75 33.38
C LYS F 957 18.11 -37.86 32.42
N LYS F 958 16.91 -37.81 31.84
CA LYS F 958 16.51 -38.84 30.88
C LYS F 958 17.41 -38.82 29.66
N ASP F 959 17.74 -37.64 29.16
CA ASP F 959 18.59 -37.55 27.97
C ASP F 959 20.07 -37.75 28.28
N LEU F 960 20.49 -37.64 29.54
CA LEU F 960 21.87 -37.96 29.88
C LEU F 960 22.04 -39.40 30.35
N SER F 961 20.95 -40.12 30.61
CA SER F 961 21.08 -41.50 31.05
C SER F 961 21.53 -42.44 29.92
N GLU F 962 21.23 -42.10 28.66
CA GLU F 962 21.50 -43.04 27.58
C GLU F 962 22.99 -43.30 27.42
N GLU F 963 23.80 -42.23 27.42
CA GLU F 963 25.23 -42.41 27.18
C GLU F 963 25.91 -43.15 28.33
N LEU F 964 25.52 -42.89 29.57
CA LEU F 964 26.20 -43.58 30.66
C LEU F 964 25.70 -45.02 30.78
N GLN F 965 24.45 -45.29 30.40
CA GLN F 965 24.00 -46.68 30.35
C GLN F 965 24.77 -47.45 29.28
N ILE F 966 25.03 -46.81 28.13
CA ILE F 966 25.82 -47.47 27.10
C ILE F 966 27.24 -47.71 27.59
N LEU F 967 27.83 -46.72 28.27
CA LEU F 967 29.19 -46.88 28.77
C LEU F 967 29.29 -47.99 29.81
N GLU F 968 28.34 -48.06 30.74
CA GLU F 968 28.40 -49.12 31.73
C GLU F 968 28.09 -50.48 31.12
N ALA F 969 27.27 -50.51 30.06
CA ALA F 969 27.08 -51.77 29.34
C ALA F 969 28.38 -52.23 28.70
N GLY F 970 29.13 -51.30 28.11
CA GLY F 970 30.43 -51.66 27.55
C GLY F 970 31.41 -52.13 28.61
N LEU F 971 31.42 -51.46 29.77
CA LEU F 971 32.29 -51.88 30.86
C LEU F 971 31.90 -53.26 31.38
N PHE F 972 30.60 -53.54 31.47
CA PHE F 972 30.15 -54.86 31.88
C PHE F 972 30.54 -55.92 30.85
N SER F 973 30.47 -55.57 29.56
CA SER F 973 30.93 -56.50 28.53
C SER F 973 32.42 -56.80 28.68
N ARG F 974 33.22 -55.77 28.95
CA ARG F 974 34.65 -55.97 29.15
C ARG F 974 34.91 -56.85 30.37
N ILE F 975 34.17 -56.61 31.46
CA ILE F 975 34.34 -57.41 32.68
C ILE F 975 33.94 -58.86 32.42
N ARG F 976 32.85 -59.06 31.67
CA ARG F 976 32.42 -60.41 31.34
C ARG F 976 33.46 -61.13 30.49
N ALA F 977 34.04 -60.43 29.51
CA ALA F 977 35.10 -61.04 28.72
C ALA F 977 36.31 -61.39 29.58
N VAL F 978 36.67 -60.51 30.51
CA VAL F 978 37.80 -60.79 31.40
C VAL F 978 37.53 -62.01 32.25
N LEU F 979 36.32 -62.12 32.82
CA LEU F 979 36.02 -63.27 33.66
C LEU F 979 35.90 -64.56 32.86
N VAL F 980 35.43 -64.47 31.61
CA VAL F 980 35.45 -65.66 30.75
C VAL F 980 36.89 -66.07 30.45
N ALA F 981 37.79 -65.10 30.31
CA ALA F 981 39.20 -65.43 30.07
C ALA F 981 39.79 -66.25 31.21
N GLY F 982 39.28 -66.07 32.42
CA GLY F 982 39.77 -66.84 33.55
C GLY F 982 38.77 -66.94 34.70
N GLY F 983 38.52 -68.16 35.17
CA GLY F 983 37.56 -68.38 36.23
C GLY F 983 36.14 -68.03 35.85
N VAL F 984 35.70 -68.48 34.68
CA VAL F 984 34.36 -68.17 34.20
C VAL F 984 33.33 -68.97 34.99
N GLU F 985 32.32 -68.26 35.52
CA GLU F 985 31.21 -68.89 36.21
C GLU F 985 29.98 -69.04 35.33
N ALA F 986 30.09 -68.71 34.04
CA ALA F 986 29.01 -68.82 33.05
C ALA F 986 27.86 -67.91 33.50
N GLU F 987 26.60 -68.34 33.35
CA GLU F 987 25.47 -67.49 33.69
C GLU F 987 25.46 -67.12 35.16
N LYS F 988 26.02 -67.98 36.01
CA LYS F 988 26.10 -67.65 37.43
C LYS F 988 26.89 -66.37 37.66
N LEU F 989 27.92 -66.14 36.84
CA LEU F 989 28.68 -64.89 36.94
C LEU F 989 27.79 -63.69 36.65
N ASP F 990 26.83 -63.84 35.74
CA ASP F 990 25.85 -62.79 35.48
C ASP F 990 24.72 -62.80 36.50
N LYS F 991 24.58 -63.86 37.29
CA LYS F 991 23.50 -63.91 38.27
C LYS F 991 23.75 -62.96 39.43
N LEU F 992 24.97 -62.95 39.96
CA LEU F 992 25.32 -62.10 41.09
C LEU F 992 25.75 -60.72 40.58
N PRO F 993 25.25 -59.64 41.18
CA PRO F 993 25.66 -58.30 40.74
C PRO F 993 27.10 -58.00 41.11
N ARG F 994 27.58 -56.86 40.64
CA ARG F 994 28.95 -56.41 40.84
C ARG F 994 29.96 -57.44 40.32
N ASP F 995 29.60 -58.12 39.23
CA ASP F 995 30.43 -59.16 38.63
C ASP F 995 30.73 -60.27 39.63
N ARG F 996 29.76 -60.57 40.48
CA ARG F 996 29.90 -61.56 41.55
C ARG F 996 31.11 -61.24 42.43
N TRP F 997 31.07 -60.05 43.02
CA TRP F 997 32.17 -59.53 43.84
C TRP F 997 33.48 -59.51 43.06
N LEU F 998 33.40 -59.06 41.80
CA LEU F 998 34.57 -58.97 40.91
C LEU F 998 35.22 -60.33 40.69
N GLU F 999 34.42 -61.41 40.77
CA GLU F 999 34.88 -62.77 40.55
C GLU F 999 36.07 -63.12 41.45
N LEU F 1000 36.00 -62.66 42.70
CA LEU F 1000 37.05 -62.88 43.70
C LEU F 1000 38.34 -62.29 43.15
N GLY F 1001 39.46 -63.00 43.17
CA GLY F 1001 40.70 -62.48 42.62
C GLY F 1001 41.19 -63.28 41.42
N LEU F 1002 40.90 -64.58 41.42
CA LEU F 1002 41.33 -65.50 40.36
C LEU F 1002 42.86 -65.43 40.27
N THR F 1003 43.43 -65.21 39.09
CA THR F 1003 44.87 -65.08 38.97
C THR F 1003 45.34 -63.76 39.58
N ASP F 1004 46.62 -63.75 39.98
CA ASP F 1004 47.18 -62.55 40.58
C ASP F 1004 47.21 -61.39 39.59
N GLU F 1005 47.57 -61.67 38.34
CA GLU F 1005 47.63 -60.60 37.33
C GLU F 1005 46.26 -59.99 37.08
N GLU F 1006 45.22 -60.82 36.98
CA GLU F 1006 43.88 -60.30 36.73
C GLU F 1006 43.39 -59.48 37.91
N LYS F 1007 43.62 -59.95 39.14
CA LYS F 1007 43.19 -59.21 40.32
C LYS F 1007 43.92 -57.89 40.45
N GLN F 1008 45.25 -57.89 40.22
CA GLN F 1008 46.03 -56.68 40.39
C GLN F 1008 45.85 -55.69 39.24
N ASN F 1009 45.64 -56.18 38.02
CA ASN F 1009 45.59 -55.33 36.84
C ASN F 1009 44.20 -55.22 36.23
N GLN F 1010 43.55 -56.35 35.94
CA GLN F 1010 42.27 -56.31 35.23
C GLN F 1010 41.15 -55.82 36.14
N LEU F 1011 40.91 -56.53 37.25
CA LEU F 1011 39.80 -56.19 38.12
C LEU F 1011 39.98 -54.81 38.75
N GLU F 1012 41.21 -54.49 39.17
CA GLU F 1012 41.47 -53.19 39.77
C GLU F 1012 41.21 -52.06 38.77
N GLN F 1013 41.69 -52.23 37.53
CA GLN F 1013 41.46 -51.20 36.52
C GLN F 1013 39.98 -51.06 36.20
N LEU F 1014 39.26 -52.18 36.11
CA LEU F 1014 37.83 -52.11 35.85
C LEU F 1014 37.09 -51.39 36.97
N ALA F 1015 37.44 -51.69 38.22
CA ALA F 1015 36.82 -51.00 39.35
C ALA F 1015 37.13 -49.51 39.33
N GLU F 1016 38.38 -49.16 39.00
CA GLU F 1016 38.74 -47.74 38.93
C GLU F 1016 37.96 -47.03 37.83
N GLN F 1017 37.83 -47.66 36.66
CA GLN F 1017 37.06 -47.08 35.58
C GLN F 1017 35.60 -46.88 35.99
N TYR F 1018 35.01 -47.88 36.64
CA TYR F 1018 33.64 -47.76 37.09
C TYR F 1018 33.48 -46.62 38.09
N ASP F 1019 34.42 -46.51 39.03
CA ASP F 1019 34.33 -45.48 40.06
C ASP F 1019 34.42 -44.09 39.44
N GLU F 1020 35.40 -43.87 38.55
CA GLU F 1020 35.54 -42.54 37.97
C GLU F 1020 34.39 -42.22 37.02
N LEU F 1021 33.86 -43.22 36.32
CA LEU F 1021 32.69 -42.99 35.46
C LEU F 1021 31.50 -42.55 36.30
N LYS F 1022 31.25 -43.24 37.42
CA LYS F 1022 30.16 -42.85 38.30
C LYS F 1022 30.38 -41.46 38.86
N HIS F 1023 31.63 -41.15 39.24
CA HIS F 1023 31.92 -39.84 39.81
C HIS F 1023 31.67 -38.73 38.79
N GLU F 1024 32.17 -38.89 37.56
CA GLU F 1024 31.99 -37.84 36.57
C GLU F 1024 30.54 -37.72 36.15
N PHE F 1025 29.81 -38.84 36.06
CA PHE F 1025 28.39 -38.78 35.74
C PHE F 1025 27.62 -38.03 36.82
N GLU F 1026 27.89 -38.34 38.09
CA GLU F 1026 27.20 -37.65 39.17
C GLU F 1026 27.58 -36.17 39.19
N LYS F 1027 28.83 -35.85 38.92
CA LYS F 1027 29.25 -34.45 38.86
C LYS F 1027 28.52 -33.71 37.77
N LYS F 1028 28.41 -34.31 36.59
CA LYS F 1028 27.70 -33.68 35.49
C LYS F 1028 26.22 -33.50 35.82
N LEU F 1029 25.60 -34.52 36.43
CA LEU F 1029 24.20 -34.42 36.80
C LEU F 1029 23.97 -33.31 37.81
N GLU F 1030 24.84 -33.21 38.82
CA GLU F 1030 24.71 -32.17 39.83
C GLU F 1030 24.92 -30.79 39.21
N ALA F 1031 25.90 -30.65 38.32
CA ALA F 1031 26.14 -29.37 37.67
C ALA F 1031 24.94 -28.94 36.85
N LYS F 1032 24.36 -29.88 36.08
CA LYS F 1032 23.18 -29.55 35.28
C LYS F 1032 21.99 -29.20 36.17
N ARG F 1033 21.80 -29.95 37.26
CA ARG F 1033 20.69 -29.65 38.17
C ARG F 1033 20.83 -28.28 38.78
N ARG F 1034 22.05 -27.92 39.20
CA ARG F 1034 22.29 -26.59 39.73
C ARG F 1034 22.05 -25.53 38.66
N LYS F 1035 22.48 -25.79 37.42
CA LYS F 1035 22.31 -24.82 36.35
C LYS F 1035 20.84 -24.56 36.04
N ILE F 1036 20.03 -25.62 36.00
CA ILE F 1036 18.64 -25.49 35.60
C ILE F 1036 17.86 -24.63 36.57
N THR F 1037 18.03 -24.86 37.88
CA THR F 1037 17.34 -24.08 38.91
C THR F 1037 18.30 -23.03 39.43
N GLN F 1038 18.09 -21.79 39.02
CA GLN F 1038 18.90 -20.66 39.48
C GLN F 1038 18.05 -19.40 39.44
N GLY F 1039 18.08 -18.63 40.52
CA GLY F 1039 17.36 -17.37 40.55
C GLY F 1039 17.86 -16.40 39.51
N ASP F 1040 16.95 -15.88 38.69
CA ASP F 1040 17.33 -15.02 37.59
C ASP F 1040 17.43 -13.57 38.05
N ASP F 1041 18.37 -12.82 37.45
CA ASP F 1041 18.61 -11.43 37.82
C ASP F 1041 17.97 -10.52 36.78
N LEU F 1042 16.67 -10.30 36.94
CA LEU F 1042 15.90 -9.51 36.00
C LEU F 1042 16.11 -8.01 36.26
N ALA F 1043 15.28 -7.19 35.63
CA ALA F 1043 15.30 -5.76 35.86
C ALA F 1043 14.89 -5.46 37.30
N PRO F 1044 15.31 -4.32 37.86
CA PRO F 1044 15.06 -4.09 39.29
C PRO F 1044 13.63 -3.68 39.65
N GLY F 1045 12.94 -2.96 38.78
CA GLY F 1045 11.51 -2.77 38.98
C GLY F 1045 10.74 -4.07 38.82
N VAL F 1046 11.14 -4.89 37.84
CA VAL F 1046 10.49 -6.17 37.60
C VAL F 1046 10.66 -7.06 38.82
N LEU F 1047 9.62 -7.81 39.16
CA LEU F 1047 9.69 -8.83 40.20
C LEU F 1047 9.45 -10.23 39.66
N LYS F 1048 8.46 -10.42 38.80
CA LYS F 1048 8.18 -11.69 38.16
C LYS F 1048 7.69 -11.43 36.74
N ILE F 1049 7.93 -12.39 35.85
CA ILE F 1049 7.42 -12.28 34.49
C ILE F 1049 6.71 -13.59 34.13
N VAL F 1050 5.65 -13.47 33.33
CA VAL F 1050 4.88 -14.61 32.86
C VAL F 1050 4.54 -14.37 31.40
N LYS F 1051 4.56 -15.44 30.61
CA LYS F 1051 4.30 -15.34 29.19
C LYS F 1051 3.38 -16.49 28.77
N VAL F 1052 2.33 -16.18 28.02
CA VAL F 1052 1.32 -17.14 27.63
C VAL F 1052 1.25 -17.18 26.11
N TYR F 1053 1.20 -18.39 25.57
CA TYR F 1053 1.12 -18.59 24.13
C TYR F 1053 -0.22 -19.22 23.77
N LEU F 1054 -0.91 -18.62 22.81
CA LEU F 1054 -2.15 -19.17 22.28
C LEU F 1054 -1.89 -19.68 20.87
N ALA F 1055 -2.68 -20.66 20.45
CA ALA F 1055 -2.57 -21.20 19.10
C ALA F 1055 -3.95 -21.22 18.46
N VAL F 1056 -4.04 -20.72 17.24
CA VAL F 1056 -5.32 -20.63 16.54
C VAL F 1056 -5.14 -21.22 15.15
N LYS F 1057 -6.08 -22.06 14.74
CA LYS F 1057 -6.04 -22.70 13.43
C LYS F 1057 -6.89 -21.88 12.46
N ARG F 1058 -6.22 -21.16 11.57
CA ARG F 1058 -6.91 -20.36 10.57
C ARG F 1058 -7.21 -21.21 9.34
N ARG F 1059 -8.47 -21.21 8.92
CA ARG F 1059 -8.90 -21.95 7.75
C ARG F 1059 -9.04 -21.01 6.56
N ILE F 1060 -9.23 -21.61 5.38
CA ILE F 1060 -9.41 -20.83 4.17
C ILE F 1060 -10.83 -20.26 4.14
N GLN F 1061 -11.01 -19.15 3.44
CA GLN F 1061 -12.31 -18.50 3.35
C GLN F 1061 -12.30 -17.58 2.15
N PRO F 1062 -13.48 -17.08 1.72
CA PRO F 1062 -13.55 -16.23 0.51
C PRO F 1062 -12.48 -15.14 0.37
N GLY F 1063 -12.27 -14.32 1.38
CA GLY F 1063 -11.34 -13.24 1.10
C GLY F 1063 -9.86 -13.62 1.08
N ASP F 1064 -9.50 -14.85 1.45
CA ASP F 1064 -8.10 -15.20 1.59
C ASP F 1064 -7.40 -15.28 0.24
N LYS F 1065 -6.23 -14.66 0.15
CA LYS F 1065 -5.51 -14.49 -1.10
C LYS F 1065 -4.68 -15.72 -1.42
N MET F 1066 -4.76 -16.19 -2.66
CA MET F 1066 -4.09 -17.40 -3.11
C MET F 1066 -3.45 -17.16 -4.46
N ALA F 1067 -2.32 -17.83 -4.72
CA ALA F 1067 -1.61 -17.61 -5.96
C ALA F 1067 -0.74 -18.81 -6.30
N GLY F 1068 -0.37 -18.90 -7.57
CA GLY F 1068 0.61 -19.87 -8.03
C GLY F 1068 2.00 -19.31 -7.84
N ARG F 1069 2.96 -19.90 -8.54
CA ARG F 1069 4.33 -19.39 -8.46
C ARG F 1069 4.78 -18.84 -9.80
N HIS F 1070 3.83 -18.45 -10.66
CA HIS F 1070 4.12 -17.70 -11.87
C HIS F 1070 3.63 -16.27 -11.79
N GLY F 1071 3.20 -15.82 -10.62
CA GLY F 1071 2.73 -14.47 -10.46
C GLY F 1071 1.25 -14.27 -10.63
N ASN F 1072 0.47 -15.35 -10.71
CA ASN F 1072 -0.98 -15.25 -10.89
C ASN F 1072 -1.65 -15.27 -9.52
N LYS F 1073 -1.89 -14.09 -8.96
CA LYS F 1073 -2.53 -13.96 -7.67
C LYS F 1073 -4.04 -13.87 -7.84
N GLY F 1074 -4.74 -13.99 -6.72
CA GLY F 1074 -6.17 -13.80 -6.76
C GLY F 1074 -6.76 -13.90 -5.36
N VAL F 1075 -8.03 -13.55 -5.28
CA VAL F 1075 -8.81 -13.64 -4.06
C VAL F 1075 -9.95 -14.61 -4.31
N ILE F 1076 -10.14 -15.57 -3.40
CA ILE F 1076 -11.23 -16.52 -3.54
C ILE F 1076 -12.55 -15.78 -3.57
N SER F 1077 -13.54 -16.35 -4.24
CA SER F 1077 -14.84 -15.71 -4.34
C SER F 1077 -15.97 -16.54 -3.78
N LYS F 1078 -15.94 -17.86 -3.97
CA LYS F 1078 -17.03 -18.72 -3.51
C LYS F 1078 -16.48 -20.11 -3.27
N ILE F 1079 -16.81 -20.68 -2.13
CA ILE F 1079 -16.45 -22.06 -1.81
C ILE F 1079 -17.62 -22.92 -2.26
N ASN F 1080 -17.49 -23.48 -3.45
CA ASN F 1080 -18.59 -24.19 -4.09
C ASN F 1080 -18.81 -25.54 -3.43
N PRO F 1081 -20.04 -26.03 -3.40
CA PRO F 1081 -20.27 -27.42 -2.96
C PRO F 1081 -19.72 -28.41 -3.98
N ILE F 1082 -19.62 -29.66 -3.54
CA ILE F 1082 -18.92 -30.68 -4.32
C ILE F 1082 -19.62 -30.92 -5.65
N GLU F 1083 -20.94 -31.08 -5.62
CA GLU F 1083 -21.66 -31.47 -6.83
C GLU F 1083 -21.74 -30.36 -7.86
N ASP F 1084 -21.44 -29.11 -7.49
CA ASP F 1084 -21.56 -27.99 -8.42
C ASP F 1084 -20.33 -27.78 -9.27
N MET F 1085 -19.18 -28.34 -8.90
CA MET F 1085 -17.98 -28.13 -9.67
C MET F 1085 -18.02 -28.96 -10.95
N PRO F 1086 -17.37 -28.52 -12.02
CA PRO F 1086 -17.31 -29.33 -13.23
C PRO F 1086 -16.60 -30.65 -12.97
N TYR F 1087 -17.11 -31.70 -13.59
CA TYR F 1087 -16.54 -33.03 -13.44
C TYR F 1087 -16.30 -33.64 -14.81
N ASP F 1088 -15.27 -34.48 -14.92
CA ASP F 1088 -14.94 -35.12 -16.17
C ASP F 1088 -15.71 -36.44 -16.29
N GLU F 1089 -15.35 -37.24 -17.28
CA GLU F 1089 -16.13 -38.43 -17.61
C GLU F 1089 -16.14 -39.45 -16.48
N ASN F 1090 -15.03 -39.56 -15.75
CA ASN F 1090 -14.93 -40.54 -14.66
C ASN F 1090 -15.55 -40.04 -13.36
N GLY F 1091 -16.09 -38.82 -13.34
CA GLY F 1091 -16.79 -38.32 -12.18
C GLY F 1091 -15.93 -37.54 -11.19
N THR F 1092 -14.63 -37.47 -11.39
CA THR F 1092 -13.78 -36.74 -10.47
C THR F 1092 -13.92 -35.25 -10.71
N PRO F 1093 -14.37 -34.47 -9.73
CA PRO F 1093 -14.52 -33.03 -9.94
C PRO F 1093 -13.20 -32.31 -9.80
N VAL F 1094 -13.13 -31.14 -10.44
CA VAL F 1094 -11.94 -30.30 -10.37
C VAL F 1094 -11.93 -29.58 -9.03
N ASP F 1095 -10.81 -28.98 -8.68
CA ASP F 1095 -10.66 -28.35 -7.36
C ASP F 1095 -10.53 -26.84 -7.40
N ILE F 1096 -10.06 -26.27 -8.50
CA ILE F 1096 -9.94 -24.82 -8.66
C ILE F 1096 -10.33 -24.47 -10.10
N VAL F 1097 -11.06 -23.38 -10.26
CA VAL F 1097 -11.43 -22.87 -11.58
C VAL F 1097 -10.77 -21.51 -11.77
N LEU F 1098 -10.06 -21.35 -12.88
CA LEU F 1098 -9.26 -20.17 -13.14
C LEU F 1098 -9.69 -19.53 -14.47
N ASN F 1099 -9.53 -18.22 -14.56
CA ASN F 1099 -9.97 -17.48 -15.74
C ASN F 1099 -8.95 -17.63 -16.86
N PRO F 1100 -9.36 -18.11 -18.04
CA PRO F 1100 -8.41 -18.13 -19.17
C PRO F 1100 -7.94 -16.76 -19.59
N LEU F 1101 -8.80 -15.74 -19.49
CA LEU F 1101 -8.46 -14.40 -19.97
C LEU F 1101 -7.28 -13.79 -19.23
N GLY F 1102 -6.73 -14.48 -18.25
CA GLY F 1102 -5.57 -13.97 -17.54
C GLY F 1102 -4.25 -14.45 -18.12
N VAL F 1103 -4.29 -15.47 -18.98
CA VAL F 1103 -3.06 -16.01 -19.55
C VAL F 1103 -2.55 -15.20 -20.74
N PRO F 1104 -3.35 -14.95 -21.80
CA PRO F 1104 -2.77 -14.37 -23.01
C PRO F 1104 -2.40 -12.90 -22.90
N SER F 1105 -2.67 -12.24 -21.77
CA SER F 1105 -2.32 -10.84 -21.62
C SER F 1105 -1.13 -10.61 -20.69
N ARG F 1106 -0.82 -11.54 -19.81
CA ARG F 1106 0.37 -11.43 -18.97
C ARG F 1106 1.51 -12.32 -19.43
N MET F 1107 1.27 -13.18 -20.42
CA MET F 1107 2.30 -14.06 -20.99
C MET F 1107 2.92 -14.97 -19.92
N ASN F 1108 2.06 -15.66 -19.18
CA ASN F 1108 2.49 -16.76 -18.34
C ASN F 1108 2.23 -18.10 -19.02
N ILE F 1109 2.89 -18.34 -20.14
CA ILE F 1109 2.73 -19.64 -20.78
C ILE F 1109 3.29 -20.74 -19.88
N GLY F 1110 4.12 -20.36 -18.90
CA GLY F 1110 4.54 -21.31 -17.90
C GLY F 1110 3.39 -21.93 -17.15
N GLN F 1111 2.32 -21.15 -16.93
CA GLN F 1111 1.13 -21.71 -16.28
C GLN F 1111 0.61 -22.91 -17.05
N ILE F 1112 0.38 -22.74 -18.35
CA ILE F 1112 -0.21 -23.80 -19.15
C ILE F 1112 0.74 -24.98 -19.27
N LEU F 1113 2.03 -24.71 -19.48
CA LEU F 1113 2.98 -25.82 -19.61
C LEU F 1113 3.09 -26.60 -18.30
N GLU F 1114 3.16 -25.89 -17.16
CA GLU F 1114 3.20 -26.57 -15.87
C GLU F 1114 1.93 -27.37 -15.62
N THR F 1115 0.79 -26.85 -16.06
CA THR F 1115 -0.46 -27.58 -15.92
C THR F 1115 -0.44 -28.89 -16.70
N HIS F 1116 0.02 -28.84 -17.96
CA HIS F 1116 0.09 -30.06 -18.75
C HIS F 1116 1.07 -31.06 -18.12
N LEU F 1117 2.21 -30.57 -17.66
CA LEU F 1117 3.20 -31.45 -17.05
C LEU F 1117 2.67 -32.08 -15.77
N GLY F 1118 1.95 -31.30 -14.96
CA GLY F 1118 1.36 -31.85 -13.75
C GLY F 1118 0.33 -32.91 -14.05
N MET F 1119 -0.47 -32.69 -15.09
CA MET F 1119 -1.43 -33.71 -15.49
C MET F 1119 -0.72 -35.00 -15.90
N ALA F 1120 0.38 -34.88 -16.65
CA ALA F 1120 1.13 -36.07 -17.03
C ALA F 1120 1.68 -36.80 -15.82
N ALA F 1121 2.26 -36.06 -14.88
CA ALA F 1121 2.84 -36.69 -13.69
C ALA F 1121 1.76 -37.38 -12.86
N LYS F 1122 0.62 -36.74 -12.68
CA LYS F 1122 -0.46 -37.38 -11.93
C LYS F 1122 -1.03 -38.58 -12.68
N GLY F 1123 -1.02 -38.56 -14.02
CA GLY F 1123 -1.43 -39.73 -14.76
C GLY F 1123 -0.53 -40.92 -14.50
N ILE F 1124 0.78 -40.68 -14.52
CA ILE F 1124 1.71 -41.77 -14.20
C ILE F 1124 1.50 -42.26 -12.77
N GLY F 1125 1.31 -41.33 -11.84
CA GLY F 1125 1.08 -41.73 -10.46
C GLY F 1125 -0.18 -42.55 -10.29
N ASP F 1126 -1.24 -42.19 -11.01
CA ASP F 1126 -2.49 -42.94 -10.91
C ASP F 1126 -2.35 -44.32 -11.54
N LYS F 1127 -1.58 -44.43 -12.62
CA LYS F 1127 -1.31 -45.75 -13.18
C LYS F 1127 -0.58 -46.63 -12.16
N ILE F 1128 0.41 -46.07 -11.47
CA ILE F 1128 1.14 -46.84 -10.46
C ILE F 1128 0.21 -47.22 -9.32
N ASN F 1129 -0.67 -46.30 -8.90
CA ASN F 1129 -1.59 -46.61 -7.82
C ASN F 1129 -2.55 -47.72 -8.21
N ALA F 1130 -3.04 -47.69 -9.45
CA ALA F 1130 -3.93 -48.75 -9.92
C ALA F 1130 -3.20 -50.10 -9.95
N MET F 1131 -1.93 -50.09 -10.38
CA MET F 1131 -1.15 -51.33 -10.37
C MET F 1131 -0.94 -51.84 -8.95
N LEU F 1132 -0.74 -50.93 -8.00
CA LEU F 1132 -0.47 -51.34 -6.62
C LEU F 1132 -1.72 -51.80 -5.90
N LYS F 1133 -2.88 -51.27 -6.27
CA LYS F 1133 -4.12 -51.67 -5.59
C LYS F 1133 -4.40 -53.15 -5.76
N GLN F 1134 -4.20 -53.67 -6.97
CA GLN F 1134 -4.47 -55.07 -7.26
C GLN F 1134 -3.34 -55.99 -6.84
N GLN F 1135 -2.32 -55.46 -6.15
CA GLN F 1135 -1.17 -56.21 -5.63
C GLN F 1135 -0.55 -57.11 -6.71
N GLN F 1136 -0.26 -56.52 -7.87
CA GLN F 1136 0.49 -57.22 -8.89
C GLN F 1136 1.90 -57.55 -8.41
N GLU F 1137 2.54 -58.46 -9.14
CA GLU F 1137 3.88 -58.89 -8.77
C GLU F 1137 4.90 -57.78 -9.04
N VAL F 1138 6.07 -57.93 -8.41
CA VAL F 1138 7.10 -56.90 -8.50
C VAL F 1138 7.69 -56.79 -9.90
N ALA F 1139 7.60 -57.84 -10.71
CA ALA F 1139 8.25 -57.81 -12.03
C ALA F 1139 7.64 -56.73 -12.91
N LYS F 1140 6.32 -56.74 -13.07
CA LYS F 1140 5.68 -55.78 -13.96
C LYS F 1140 5.72 -54.37 -13.39
N LEU F 1141 5.59 -54.22 -12.07
CA LEU F 1141 5.70 -52.90 -11.46
C LEU F 1141 7.10 -52.32 -11.67
N ARG F 1142 8.13 -53.15 -11.47
CA ARG F 1142 9.49 -52.69 -11.69
C ARG F 1142 9.72 -52.33 -13.15
N GLU F 1143 9.17 -53.13 -14.08
CA GLU F 1143 9.31 -52.82 -15.49
C GLU F 1143 8.63 -51.51 -15.83
N PHE F 1144 7.43 -51.27 -15.28
CA PHE F 1144 6.75 -50.02 -15.57
C PHE F 1144 7.51 -48.82 -15.01
N ILE F 1145 8.03 -48.93 -13.79
CA ILE F 1145 8.82 -47.83 -13.23
C ILE F 1145 10.03 -47.56 -14.11
N GLN F 1146 10.72 -48.62 -14.53
CA GLN F 1146 11.91 -48.46 -15.34
C GLN F 1146 11.58 -47.81 -16.68
N ARG F 1147 10.47 -48.23 -17.30
CA ARG F 1147 10.07 -47.65 -18.58
C ARG F 1147 9.62 -46.21 -18.42
N ALA F 1148 9.09 -45.84 -17.25
CA ALA F 1148 8.68 -44.47 -17.02
C ALA F 1148 9.88 -43.57 -16.80
N TYR F 1149 10.94 -44.09 -16.17
CA TYR F 1149 12.04 -43.22 -15.77
C TYR F 1149 12.91 -42.80 -16.94
N ASP F 1150 13.17 -43.69 -17.90
CA ASP F 1150 14.14 -43.38 -18.94
C ASP F 1150 13.55 -42.55 -20.07
N LEU F 1151 12.24 -42.29 -20.04
CA LEU F 1151 11.61 -41.54 -21.11
C LEU F 1151 12.19 -40.14 -21.19
N GLY F 1152 12.51 -39.71 -22.41
CA GLY F 1152 13.10 -38.42 -22.62
C GLY F 1152 13.95 -38.42 -23.88
N ALA F 1153 14.58 -37.29 -24.12
CA ALA F 1153 15.43 -37.09 -25.30
C ALA F 1153 16.83 -36.71 -24.82
N ASP F 1154 17.70 -37.71 -24.73
CA ASP F 1154 19.09 -37.54 -24.32
C ASP F 1154 19.17 -36.85 -22.94
N VAL F 1155 18.50 -37.47 -21.98
CA VAL F 1155 18.39 -36.92 -20.63
C VAL F 1155 19.53 -37.45 -19.78
N ARG F 1156 20.08 -36.59 -18.93
CA ARG F 1156 21.19 -36.98 -18.05
C ARG F 1156 20.69 -37.59 -16.75
N GLN F 1157 19.84 -38.60 -16.87
CA GLN F 1157 19.29 -39.33 -15.72
C GLN F 1157 19.53 -40.82 -15.93
N LYS F 1158 20.18 -41.46 -14.97
CA LYS F 1158 20.57 -42.86 -15.09
C LYS F 1158 20.07 -43.64 -13.88
N VAL F 1159 18.77 -43.52 -13.59
CA VAL F 1159 18.15 -44.34 -12.57
C VAL F 1159 17.81 -45.70 -13.17
N ASP F 1160 18.33 -46.76 -12.57
CA ASP F 1160 18.10 -48.12 -13.03
C ASP F 1160 17.72 -48.98 -11.84
N LEU F 1161 16.69 -49.79 -12.00
CA LEU F 1161 16.18 -50.61 -10.91
C LEU F 1161 16.76 -52.01 -10.90
N SER F 1162 17.70 -52.30 -11.80
CA SER F 1162 18.39 -53.59 -11.77
C SER F 1162 19.18 -53.74 -10.47
N THR F 1163 19.76 -52.65 -9.99
CA THR F 1163 20.53 -52.64 -8.76
C THR F 1163 19.71 -52.26 -7.53
N PHE F 1164 18.40 -52.06 -7.71
CA PHE F 1164 17.52 -51.61 -6.64
C PHE F 1164 16.94 -52.80 -5.91
N SER F 1165 16.88 -52.72 -4.58
CA SER F 1165 16.36 -53.80 -3.77
C SER F 1165 14.86 -53.95 -3.94
N ASP F 1166 14.36 -55.17 -3.72
CA ASP F 1166 12.96 -55.45 -3.94
C ASP F 1166 12.06 -54.65 -3.00
N GLU F 1167 12.34 -54.73 -1.69
CA GLU F 1167 11.55 -53.97 -0.74
C GLU F 1167 11.75 -52.48 -0.92
N GLU F 1168 12.95 -52.07 -1.36
CA GLU F 1168 13.15 -50.67 -1.70
C GLU F 1168 12.30 -50.25 -2.88
N VAL F 1169 12.14 -51.13 -3.88
CA VAL F 1169 11.25 -50.82 -5.01
C VAL F 1169 9.82 -50.68 -4.53
N MET F 1170 9.37 -51.59 -3.64
CA MET F 1170 8.02 -51.47 -3.11
C MET F 1170 7.84 -50.16 -2.35
N ARG F 1171 8.82 -49.77 -1.55
CA ARG F 1171 8.74 -48.51 -0.81
C ARG F 1171 8.69 -47.32 -1.77
N LEU F 1172 9.50 -47.37 -2.83
CA LEU F 1172 9.48 -46.29 -3.81
C LEU F 1172 8.10 -46.17 -4.47
N ALA F 1173 7.50 -47.30 -4.84
CA ALA F 1173 6.17 -47.26 -5.45
C ALA F 1173 5.15 -46.71 -4.46
N GLU F 1174 5.16 -47.19 -3.23
CA GLU F 1174 4.20 -46.71 -2.23
C GLU F 1174 4.46 -45.27 -1.86
N ASN F 1175 5.65 -44.74 -2.14
CA ASN F 1175 5.95 -43.34 -1.88
C ASN F 1175 5.47 -42.44 -3.00
N LEU F 1176 5.63 -42.85 -4.26
CA LEU F 1176 5.19 -42.02 -5.38
C LEU F 1176 3.87 -42.49 -5.99
N ARG F 1177 3.06 -43.23 -5.23
CA ARG F 1177 1.74 -43.60 -5.72
C ARG F 1177 0.84 -42.39 -5.96
N LYS F 1178 1.12 -41.27 -5.31
CA LYS F 1178 0.31 -40.06 -5.52
C LYS F 1178 0.65 -39.39 -6.84
N GLY F 1179 1.89 -39.51 -7.30
CA GLY F 1179 2.29 -38.93 -8.55
C GLY F 1179 3.79 -38.89 -8.73
N MET F 1180 4.28 -39.20 -9.92
CA MET F 1180 5.71 -39.24 -10.18
C MET F 1180 6.28 -37.83 -10.13
N PRO F 1181 7.07 -37.47 -9.13
CA PRO F 1181 7.50 -36.07 -8.97
C PRO F 1181 8.67 -35.70 -9.89
N ILE F 1182 8.33 -35.34 -11.13
CA ILE F 1182 9.34 -35.02 -12.12
C ILE F 1182 9.86 -33.61 -11.90
N ALA F 1183 11.02 -33.30 -12.45
CA ALA F 1183 11.67 -32.01 -12.25
C ALA F 1183 12.31 -31.55 -13.54
N THR F 1184 12.15 -30.27 -13.84
CA THR F 1184 12.77 -29.65 -15.01
C THR F 1184 13.66 -28.50 -14.57
N PRO F 1185 14.97 -28.56 -14.80
CA PRO F 1185 15.82 -27.41 -14.48
C PRO F 1185 15.38 -26.17 -15.24
N VAL F 1186 16.01 -25.04 -14.89
CA VAL F 1186 15.42 -23.74 -15.20
C VAL F 1186 15.38 -23.51 -16.71
N PHE F 1187 16.55 -23.43 -17.35
CA PHE F 1187 16.60 -23.00 -18.74
C PHE F 1187 16.87 -24.12 -19.72
N ASP F 1188 16.95 -25.38 -19.27
CA ASP F 1188 16.92 -26.55 -20.16
C ASP F 1188 15.89 -27.53 -19.61
N GLY F 1189 14.63 -27.30 -19.99
CA GLY F 1189 13.52 -28.07 -19.47
C GLY F 1189 12.97 -29.05 -20.48
N ALA F 1190 11.79 -29.57 -20.16
CA ALA F 1190 11.11 -30.49 -21.05
C ALA F 1190 10.38 -29.72 -22.14
N LYS F 1191 10.62 -30.10 -23.39
CA LYS F 1191 9.91 -29.49 -24.51
C LYS F 1191 8.49 -30.04 -24.59
N GLU F 1192 7.73 -29.56 -25.57
CA GLU F 1192 6.37 -30.06 -25.73
C GLU F 1192 6.38 -31.53 -26.14
N ALA F 1193 7.38 -31.95 -26.90
CA ALA F 1193 7.44 -33.35 -27.32
C ALA F 1193 7.54 -34.29 -26.12
N GLU F 1194 8.40 -33.96 -25.17
CA GLU F 1194 8.57 -34.81 -24.00
C GLU F 1194 7.31 -34.82 -23.13
N ILE F 1195 6.67 -33.67 -22.96
CA ILE F 1195 5.44 -33.61 -22.18
C ILE F 1195 4.36 -34.46 -22.83
N LYS F 1196 4.23 -34.37 -24.15
CA LYS F 1196 3.21 -35.16 -24.83
C LYS F 1196 3.53 -36.65 -24.79
N GLU F 1197 4.82 -37.00 -24.86
CA GLU F 1197 5.19 -38.40 -24.73
C GLU F 1197 4.86 -38.93 -23.34
N LEU F 1198 5.13 -38.15 -22.30
CA LEU F 1198 4.78 -38.55 -20.95
C LEU F 1198 3.27 -38.69 -20.80
N LEU F 1199 2.50 -37.78 -21.40
CA LEU F 1199 1.05 -37.89 -21.35
C LEU F 1199 0.58 -39.16 -22.05
N LYS F 1200 1.18 -39.48 -23.19
CA LYS F 1200 0.81 -40.69 -23.92
C LYS F 1200 1.16 -41.95 -23.14
N LEU F 1201 2.21 -41.89 -22.30
CA LEU F 1201 2.55 -43.04 -21.48
C LEU F 1201 1.43 -43.34 -20.48
N GLY F 1202 0.81 -42.31 -19.92
CA GLY F 1202 -0.21 -42.47 -18.91
C GLY F 1202 -1.62 -42.63 -19.43
N ASP F 1203 -1.79 -42.86 -20.72
CA ASP F 1203 -3.11 -43.02 -21.34
C ASP F 1203 -3.98 -41.78 -21.12
N LEU F 1204 -3.47 -40.66 -21.61
CA LEU F 1204 -4.12 -39.37 -21.51
C LEU F 1204 -4.03 -38.68 -22.86
N PRO F 1205 -4.92 -37.73 -23.14
CA PRO F 1205 -4.84 -37.03 -24.42
C PRO F 1205 -3.54 -36.25 -24.54
N THR F 1206 -2.92 -36.32 -25.71
CA THR F 1206 -1.68 -35.59 -25.94
C THR F 1206 -1.91 -34.09 -25.89
N SER F 1207 -3.05 -33.62 -26.41
CA SER F 1207 -3.34 -32.19 -26.44
C SER F 1207 -3.43 -31.60 -25.04
N GLY F 1208 -3.74 -32.43 -24.04
CA GLY F 1208 -3.84 -31.97 -22.68
C GLY F 1208 -5.20 -31.48 -22.27
N GLN F 1209 -6.17 -31.44 -23.19
CA GLN F 1209 -7.50 -30.93 -22.90
C GLN F 1209 -8.51 -32.07 -22.97
N ILE F 1210 -9.29 -32.22 -21.90
CA ILE F 1210 -10.32 -33.22 -21.83
C ILE F 1210 -11.68 -32.53 -21.80
N ARG F 1211 -12.73 -33.29 -22.03
CA ARG F 1211 -14.08 -32.76 -21.98
C ARG F 1211 -14.61 -32.79 -20.56
N LEU F 1212 -15.34 -31.74 -20.19
CA LEU F 1212 -15.87 -31.58 -18.85
C LEU F 1212 -17.38 -31.47 -18.94
N TYR F 1213 -18.06 -31.84 -17.86
CA TYR F 1213 -19.51 -31.72 -17.78
C TYR F 1213 -19.89 -30.70 -16.73
N ASP F 1214 -20.96 -29.97 -16.98
CA ASP F 1214 -21.42 -28.97 -16.02
C ASP F 1214 -21.95 -29.66 -14.78
N GLY F 1215 -21.54 -29.15 -13.61
CA GLY F 1215 -21.92 -29.80 -12.37
C GLY F 1215 -23.40 -29.76 -12.08
N ARG F 1216 -24.07 -28.66 -12.45
CA ARG F 1216 -25.46 -28.45 -12.10
C ARG F 1216 -26.43 -28.91 -13.19
N THR F 1217 -26.20 -28.51 -14.43
CA THR F 1217 -27.08 -28.88 -15.52
C THR F 1217 -26.80 -30.28 -16.06
N GLY F 1218 -25.55 -30.72 -16.00
CA GLY F 1218 -25.18 -32.02 -16.50
C GLY F 1218 -24.91 -32.09 -17.98
N GLU F 1219 -25.01 -30.97 -18.69
CA GLU F 1219 -24.74 -30.93 -20.12
C GLU F 1219 -23.25 -30.75 -20.38
N GLN F 1220 -22.75 -31.43 -21.41
CA GLN F 1220 -21.35 -31.37 -21.75
C GLN F 1220 -20.97 -29.96 -22.19
N PHE F 1221 -19.81 -29.49 -21.74
CA PHE F 1221 -19.26 -28.24 -22.23
C PHE F 1221 -18.88 -28.38 -23.70
N GLU F 1222 -19.14 -27.33 -24.48
CA GLU F 1222 -18.95 -27.42 -25.92
C GLU F 1222 -17.49 -27.62 -26.29
N ARG F 1223 -16.60 -26.83 -25.70
CA ARG F 1223 -15.19 -26.93 -26.04
C ARG F 1223 -14.44 -27.79 -25.03
N PRO F 1224 -13.34 -28.41 -25.44
CA PRO F 1224 -12.48 -29.08 -24.46
C PRO F 1224 -11.87 -28.07 -23.51
N VAL F 1225 -11.56 -28.53 -22.30
CA VAL F 1225 -11.02 -27.67 -21.25
C VAL F 1225 -9.73 -28.30 -20.74
N THR F 1226 -8.73 -27.46 -20.46
CA THR F 1226 -7.45 -27.94 -19.94
C THR F 1226 -7.61 -28.21 -18.44
N VAL F 1227 -7.49 -29.48 -18.06
CA VAL F 1227 -7.52 -29.87 -16.66
C VAL F 1227 -6.14 -30.38 -16.30
N GLY F 1228 -5.55 -29.80 -15.26
CA GLY F 1228 -4.21 -30.19 -14.86
C GLY F 1228 -3.97 -29.99 -13.38
N TYR F 1229 -2.71 -30.11 -12.94
CA TYR F 1229 -2.37 -29.92 -11.54
C TYR F 1229 -1.38 -28.77 -11.41
N MET F 1230 -1.78 -27.72 -10.71
CA MET F 1230 -0.95 -26.54 -10.50
C MET F 1230 -0.62 -26.42 -9.02
N TYR F 1231 0.60 -26.02 -8.72
CA TYR F 1231 1.10 -25.95 -7.36
C TYR F 1231 0.82 -24.57 -6.79
N MET F 1232 -0.09 -24.48 -5.82
CA MET F 1232 -0.62 -23.22 -5.35
C MET F 1232 -0.10 -22.90 -3.95
N LEU F 1233 0.10 -21.61 -3.70
CA LEU F 1233 0.62 -21.10 -2.45
C LEU F 1233 -0.44 -20.23 -1.80
N LYS F 1234 -0.57 -20.32 -0.48
CA LYS F 1234 -1.50 -19.48 0.27
C LYS F 1234 -0.73 -18.32 0.88
N LEU F 1235 -0.94 -17.13 0.34
CA LEU F 1235 -0.15 -15.98 0.74
C LEU F 1235 -0.54 -15.54 2.15
N ASN F 1236 0.31 -14.69 2.74
CA ASN F 1236 0.14 -14.23 4.11
C ASN F 1236 -0.65 -12.94 4.20
N HIS F 1237 -1.54 -12.67 3.26
CA HIS F 1237 -2.44 -11.53 3.32
C HIS F 1237 -3.84 -12.07 3.54
N LEU F 1238 -4.17 -12.36 4.79
CA LEU F 1238 -5.45 -12.96 5.14
C LEU F 1238 -6.50 -11.90 5.37
N VAL F 1239 -7.72 -12.34 5.70
CA VAL F 1239 -8.82 -11.40 5.87
C VAL F 1239 -8.86 -10.89 7.30
N ASP F 1240 -8.87 -11.80 8.27
CA ASP F 1240 -9.11 -11.40 9.66
C ASP F 1240 -8.08 -10.42 10.15
N ASP F 1241 -6.93 -10.36 9.51
CA ASP F 1241 -5.91 -9.38 9.83
C ASP F 1241 -6.12 -8.06 9.10
N LYS F 1242 -7.21 -7.91 8.35
CA LYS F 1242 -7.39 -6.73 7.52
C LYS F 1242 -8.77 -6.10 7.56
N MET F 1243 -9.75 -6.67 8.25
CA MET F 1243 -11.07 -6.05 8.36
C MET F 1243 -11.10 -5.23 9.64
N HIS F 1244 -11.58 -3.99 9.53
CA HIS F 1244 -11.65 -3.08 10.65
C HIS F 1244 -12.93 -2.27 10.54
N ALA F 1245 -13.59 -2.05 11.67
CA ALA F 1245 -14.83 -1.26 11.69
C ALA F 1245 -14.84 -0.42 12.96
N ARG F 1246 -15.32 0.82 12.84
CA ARG F 1246 -15.36 1.73 13.98
C ARG F 1246 -16.55 2.65 13.86
N SER F 1247 -17.30 2.80 14.96
CA SER F 1247 -18.36 3.79 15.06
C SER F 1247 -17.97 4.96 15.94
N THR F 1248 -17.60 4.69 17.20
CA THR F 1248 -17.17 5.72 18.12
C THR F 1248 -16.08 5.13 19.02
N GLY F 1249 -14.90 5.73 18.99
CA GLY F 1249 -13.75 5.17 19.69
C GLY F 1249 -13.02 6.19 20.54
N SER F 1250 -11.71 6.35 20.29
CA SER F 1250 -10.87 7.26 21.05
C SER F 1250 -10.18 8.24 20.11
N TYR F 1251 -10.03 9.48 20.59
CA TYR F 1251 -9.47 10.57 19.81
C TYR F 1251 -8.23 11.12 20.49
N SER F 1252 -7.36 11.73 19.71
CA SER F 1252 -6.12 12.28 20.24
C SER F 1252 -6.36 13.61 20.95
N LEU F 1253 -5.44 13.97 21.84
CA LEU F 1253 -5.59 15.18 22.62
C LEU F 1253 -5.57 16.44 21.75
N VAL F 1254 -4.67 16.49 20.78
CA VAL F 1254 -4.57 17.60 19.86
C VAL F 1254 -5.38 17.29 18.61
N THR F 1255 -6.14 18.27 18.13
CA THR F 1255 -6.97 18.19 16.93
C THR F 1255 -8.20 17.34 17.14
N GLN F 1256 -8.31 16.66 18.28
CA GLN F 1256 -9.53 15.97 18.70
C GLN F 1256 -10.09 15.06 17.60
N GLN F 1257 -9.25 14.54 16.74
CA GLN F 1257 -9.68 13.67 15.66
C GLN F 1257 -9.49 12.21 16.03
N PRO F 1258 -10.24 11.30 15.43
CA PRO F 1258 -10.08 9.87 15.75
C PRO F 1258 -8.71 9.36 15.34
N LEU F 1259 -8.27 8.32 16.06
CA LEU F 1259 -6.99 7.68 15.80
C LEU F 1259 -7.04 6.92 14.48
N GLY F 1260 -5.92 6.30 14.13
CA GLY F 1260 -5.83 5.57 12.88
C GLY F 1260 -5.12 4.24 13.06
N GLY F 1261 -5.53 3.28 12.25
CA GLY F 1261 -4.90 1.97 12.22
C GLY F 1261 -5.65 0.94 13.04
N LYS F 1262 -5.53 -0.31 12.63
CA LYS F 1262 -6.08 -1.42 13.39
C LYS F 1262 -5.32 -1.55 14.70
N ALA F 1263 -5.86 -2.38 15.59
CA ALA F 1263 -5.37 -2.54 16.96
C ALA F 1263 -5.38 -1.23 17.73
N GLN F 1264 -6.01 -0.19 17.16
CA GLN F 1264 -6.15 1.10 17.80
C GLN F 1264 -7.53 1.68 17.59
N PHE F 1265 -8.44 0.93 16.96
CA PHE F 1265 -9.79 1.38 16.65
C PHE F 1265 -9.76 2.72 15.92
N GLY F 1266 -9.16 2.70 14.74
CA GLY F 1266 -9.01 3.90 13.95
C GLY F 1266 -10.14 4.09 12.96
N GLY F 1267 -10.14 5.26 12.33
CA GLY F 1267 -11.12 5.58 11.30
C GLY F 1267 -10.42 5.82 9.97
N GLN F 1268 -11.04 5.32 8.91
CA GLN F 1268 -10.43 5.44 7.58
C GLN F 1268 -10.34 6.89 7.18
N ARG F 1269 -9.14 7.33 6.82
CA ARG F 1269 -8.89 8.74 6.58
C ARG F 1269 -9.59 9.21 5.31
N PHE F 1270 -10.31 10.33 5.42
CA PHE F 1270 -11.01 10.94 4.29
C PHE F 1270 -10.07 11.95 3.66
N GLY F 1271 -9.22 11.48 2.76
CA GLY F 1271 -8.13 12.30 2.26
C GLY F 1271 -8.59 13.45 1.40
N GLU F 1272 -7.61 14.19 0.89
CA GLU F 1272 -7.91 15.35 0.05
C GLU F 1272 -8.67 14.95 -1.20
N MET F 1273 -8.19 13.92 -1.90
CA MET F 1273 -8.82 13.51 -3.15
C MET F 1273 -10.26 13.10 -2.93
N GLU F 1274 -10.59 12.54 -1.77
CA GLU F 1274 -11.95 12.14 -1.51
C GLU F 1274 -12.88 13.34 -1.45
N VAL F 1275 -12.47 14.43 -0.80
CA VAL F 1275 -13.35 15.58 -0.77
C VAL F 1275 -13.36 16.27 -2.12
N TRP F 1276 -12.30 16.14 -2.91
CA TRP F 1276 -12.39 16.62 -4.28
C TRP F 1276 -13.47 15.88 -5.04
N ALA F 1277 -13.55 14.57 -4.86
CA ALA F 1277 -14.62 13.80 -5.49
C ALA F 1277 -15.99 14.24 -5.00
N LEU F 1278 -16.11 14.47 -3.69
CA LEU F 1278 -17.40 14.89 -3.14
C LEU F 1278 -17.81 16.25 -3.68
N GLU F 1279 -16.87 17.19 -3.81
CA GLU F 1279 -17.18 18.48 -4.40
C GLU F 1279 -17.55 18.35 -5.87
N ALA F 1280 -16.87 17.46 -6.60
CA ALA F 1280 -17.22 17.22 -7.99
C ALA F 1280 -18.64 16.73 -8.11
N TYR F 1281 -19.06 15.83 -7.22
CA TYR F 1281 -20.45 15.38 -7.23
C TYR F 1281 -21.41 16.52 -6.95
N GLY F 1282 -20.97 17.53 -6.21
CA GLY F 1282 -21.85 18.60 -5.78
C GLY F 1282 -22.49 18.39 -4.42
N ALA F 1283 -22.27 17.24 -3.80
CA ALA F 1283 -22.86 16.96 -2.49
C ALA F 1283 -22.20 17.85 -1.45
N ALA F 1284 -22.99 18.65 -0.74
CA ALA F 1284 -22.48 19.56 0.26
C ALA F 1284 -22.75 19.10 1.69
N TYR F 1285 -23.94 18.55 1.95
CA TYR F 1285 -24.27 18.12 3.31
C TYR F 1285 -23.44 16.90 3.71
N THR F 1286 -23.19 15.99 2.77
CA THR F 1286 -22.33 14.85 3.05
C THR F 1286 -20.91 15.30 3.38
N LEU F 1287 -20.38 16.23 2.59
CA LEU F 1287 -19.06 16.77 2.88
C LEU F 1287 -19.02 17.43 4.24
N GLN F 1288 -20.05 18.21 4.58
CA GLN F 1288 -20.08 18.86 5.88
C GLN F 1288 -20.12 17.83 7.00
N GLU F 1289 -20.87 16.74 6.81
CA GLU F 1289 -20.98 15.76 7.87
C GLU F 1289 -19.69 14.97 8.05
N MET F 1290 -18.89 14.82 6.99
CA MET F 1290 -17.55 14.24 7.17
C MET F 1290 -16.49 15.28 7.51
N LEU F 1291 -16.83 16.56 7.58
CA LEU F 1291 -15.85 17.57 7.96
C LEU F 1291 -15.95 17.99 9.42
N THR F 1292 -17.15 18.15 9.96
CA THR F 1292 -17.31 18.74 11.29
C THR F 1292 -17.84 17.75 12.32
N VAL F 1293 -19.02 17.17 12.08
CA VAL F 1293 -19.68 16.40 13.13
C VAL F 1293 -19.00 15.05 13.34
N LYS F 1294 -18.58 14.39 12.27
CA LYS F 1294 -18.04 13.04 12.41
C LYS F 1294 -16.74 13.03 13.20
N SER F 1295 -15.84 13.98 12.94
CA SER F 1295 -14.50 13.89 13.52
C SER F 1295 -14.17 15.00 14.51
N ASP F 1296 -14.19 16.26 14.09
CA ASP F 1296 -13.47 17.29 14.83
C ASP F 1296 -14.31 18.08 15.83
N ASP F 1297 -15.64 18.01 15.74
CA ASP F 1297 -16.49 18.80 16.63
C ASP F 1297 -16.52 18.17 18.01
N VAL F 1298 -16.16 18.94 19.03
CA VAL F 1298 -16.14 18.40 20.38
C VAL F 1298 -17.56 18.15 20.90
N ASN F 1299 -18.50 19.04 20.59
CA ASN F 1299 -19.88 18.86 21.02
C ASN F 1299 -20.80 18.42 19.90
N GLY F 1300 -20.42 18.65 18.65
CA GLY F 1300 -21.21 18.15 17.54
C GLY F 1300 -21.34 16.63 17.57
N ARG F 1301 -20.26 15.94 17.96
CA ARG F 1301 -20.30 14.48 18.08
C ARG F 1301 -21.37 14.05 19.07
N THR F 1302 -21.36 14.63 20.27
CA THR F 1302 -22.32 14.23 21.29
C THR F 1302 -23.75 14.57 20.87
N LYS F 1303 -23.95 15.76 20.29
CA LYS F 1303 -25.29 16.12 19.84
C LYS F 1303 -25.79 15.18 18.76
N MET F 1304 -24.92 14.79 17.82
CA MET F 1304 -25.33 13.87 16.77
C MET F 1304 -25.65 12.50 17.33
N TYR F 1305 -24.84 12.01 18.28
CA TYR F 1305 -25.13 10.72 18.89
C TYR F 1305 -26.47 10.75 19.60
N LYS F 1306 -26.75 11.83 20.33
CA LYS F 1306 -28.04 11.95 21.01
C LYS F 1306 -29.19 12.00 20.02
N ASN F 1307 -29.02 12.74 18.92
CA ASN F 1307 -30.07 12.82 17.92
C ASN F 1307 -30.34 11.48 17.28
N ILE F 1308 -29.29 10.70 16.99
CA ILE F 1308 -29.48 9.39 16.37
C ILE F 1308 -30.13 8.43 17.34
N VAL F 1309 -29.69 8.42 18.60
CA VAL F 1309 -30.32 7.55 19.60
C VAL F 1309 -31.79 7.91 19.76
N ASP F 1310 -32.10 9.21 19.81
CA ASP F 1310 -33.50 9.63 19.83
C ASP F 1310 -34.20 9.32 18.53
N GLY F 1311 -33.45 9.05 17.46
CA GLY F 1311 -34.05 8.79 16.17
C GLY F 1311 -34.54 10.05 15.50
N ASN F 1312 -33.62 10.98 15.28
CA ASN F 1312 -33.94 12.30 14.73
C ASN F 1312 -33.24 12.60 13.42
N HIS F 1313 -31.95 12.27 13.31
CA HIS F 1313 -31.16 12.47 12.10
C HIS F 1313 -31.08 13.95 11.73
N GLN F 1314 -30.64 14.76 12.69
CA GLN F 1314 -30.45 16.19 12.51
C GLN F 1314 -28.96 16.52 12.56
N MET F 1315 -28.55 17.53 11.80
CA MET F 1315 -27.12 17.84 11.73
C MET F 1315 -26.67 18.63 12.96
N GLU F 1316 -27.18 19.85 13.12
CA GLU F 1316 -26.77 20.76 14.18
C GLU F 1316 -25.26 20.84 14.26
N PRO F 1317 -24.60 21.50 13.31
CA PRO F 1317 -23.14 21.44 13.25
C PRO F 1317 -22.44 22.47 14.11
N GLY F 1318 -21.11 22.46 14.08
CA GLY F 1318 -20.33 23.38 14.88
C GLY F 1318 -19.07 23.87 14.19
N MET F 1319 -17.95 23.81 14.88
CA MET F 1319 -16.69 24.33 14.36
C MET F 1319 -15.57 23.34 14.67
N PRO F 1320 -14.82 22.90 13.66
CA PRO F 1320 -13.74 21.93 13.92
C PRO F 1320 -12.70 22.49 14.89
N GLU F 1321 -12.22 21.62 15.77
CA GLU F 1321 -11.19 22.04 16.72
C GLU F 1321 -9.83 22.23 16.06
N SER F 1322 -9.60 21.57 14.93
CA SER F 1322 -8.33 21.76 14.24
C SER F 1322 -8.15 23.20 13.80
N PHE F 1323 -9.23 23.88 13.42
CA PHE F 1323 -9.09 25.27 13.04
C PHE F 1323 -8.78 26.17 14.23
N ASN F 1324 -9.35 25.86 15.39
CA ASN F 1324 -8.97 26.62 16.59
C ASN F 1324 -7.50 26.39 16.92
N VAL F 1325 -7.02 25.16 16.75
CA VAL F 1325 -5.60 24.89 16.96
C VAL F 1325 -4.76 25.70 15.98
N LEU F 1326 -5.19 25.77 14.72
CA LEU F 1326 -4.43 26.53 13.73
C LEU F 1326 -4.43 28.02 14.07
N LEU F 1327 -5.56 28.55 14.53
CA LEU F 1327 -5.59 29.94 14.95
C LEU F 1327 -4.65 30.20 16.10
N LYS F 1328 -4.61 29.29 17.08
CA LYS F 1328 -3.68 29.45 18.20
C LYS F 1328 -2.24 29.37 17.72
N GLU F 1329 -1.95 28.50 16.76
CA GLU F 1329 -0.59 28.41 16.23
C GLU F 1329 -0.18 29.70 15.54
N ILE F 1330 -1.07 30.27 14.72
CA ILE F 1330 -0.73 31.50 14.01
C ILE F 1330 -0.60 32.67 14.99
N ARG F 1331 -1.49 32.75 15.99
CA ARG F 1331 -1.34 33.77 17.01
C ARG F 1331 -0.06 33.58 17.81
N SER F 1332 0.42 32.34 17.90
CA SER F 1332 1.65 32.07 18.62
C SER F 1332 2.86 32.68 17.95
N LEU F 1333 2.78 32.94 16.64
CA LEU F 1333 3.82 33.69 15.96
C LEU F 1333 3.62 35.18 16.27
N GLY F 1334 4.31 36.04 15.55
CA GLY F 1334 4.08 37.46 15.74
C GLY F 1334 2.91 38.02 15.00
N ILE F 1335 2.07 37.17 14.41
CA ILE F 1335 1.00 37.59 13.52
C ILE F 1335 -0.33 37.41 14.21
N ASN F 1336 -1.21 38.40 14.06
CA ASN F 1336 -2.54 38.40 14.65
C ASN F 1336 -3.57 37.98 13.62
N ILE F 1337 -4.35 36.96 13.93
CA ILE F 1337 -5.45 36.51 13.08
C ILE F 1337 -6.71 36.45 13.93
N GLU F 1338 -7.80 37.02 13.42
CA GLU F 1338 -9.04 37.10 14.16
C GLU F 1338 -10.21 36.91 13.20
N LEU F 1339 -11.34 36.49 13.76
CA LEU F 1339 -12.54 36.22 12.99
C LEU F 1339 -13.50 37.40 13.15
N GLU F 1340 -13.80 38.07 12.03
CA GLU F 1340 -14.69 39.21 12.07
C GLU F 1340 -16.14 38.76 12.14
N ASP F 1341 -17.06 39.72 12.22
CA ASP F 1341 -18.48 39.43 12.28
C ASP F 1341 -19.16 39.62 10.92
N LEU G 1 -27.07 31.87 40.49
CA LEU G 1 -26.00 31.96 39.49
C LEU G 1 -25.77 30.61 38.82
N LEU G 2 -26.86 29.96 38.41
CA LEU G 2 -26.82 28.66 37.77
C LEU G 2 -27.40 28.78 36.36
N LYS G 3 -27.39 27.67 35.63
CA LYS G 3 -27.90 27.58 34.27
C LYS G 3 -27.18 28.60 33.38
N PHE G 4 -25.88 28.34 33.22
CA PHE G 4 -25.05 29.06 32.27
C PHE G 4 -24.40 28.05 31.34
N LEU G 5 -24.23 28.44 30.08
CA LEU G 5 -23.70 27.56 29.04
C LEU G 5 -22.61 28.30 28.28
N LYS G 6 -21.45 27.64 28.14
CA LYS G 6 -20.33 28.21 27.42
C LYS G 6 -20.00 27.49 26.13
N ALA G 7 -20.03 26.15 26.13
CA ALA G 7 -19.68 25.42 24.92
C ALA G 7 -20.69 25.66 23.80
N GLN G 8 -21.98 25.63 24.13
CA GLN G 8 -23.00 25.86 23.11
C GLN G 8 -22.93 27.27 22.56
N THR G 9 -22.74 28.26 23.43
CA THR G 9 -22.64 29.65 22.98
C THR G 9 -21.31 29.95 22.31
N LYS G 10 -20.35 29.02 22.37
CA LYS G 10 -19.06 29.25 21.72
C LYS G 10 -19.19 29.37 20.21
N THR G 11 -20.15 28.67 19.62
CA THR G 11 -20.38 28.71 18.17
C THR G 11 -21.04 30.05 17.85
N GLU G 12 -20.20 31.05 17.56
CA GLU G 12 -20.67 32.40 17.29
C GLU G 12 -20.60 32.68 15.79
N GLU G 13 -21.67 33.24 15.25
CA GLU G 13 -21.71 33.58 13.84
C GLU G 13 -20.62 34.58 13.50
N PHE G 14 -19.95 34.35 12.38
CA PHE G 14 -18.79 35.13 12.00
C PHE G 14 -18.69 35.15 10.47
N ASP G 15 -17.72 35.89 9.97
CA ASP G 15 -17.44 35.98 8.54
C ASP G 15 -16.17 36.79 8.35
N ALA G 16 -15.51 36.56 7.20
CA ALA G 16 -14.39 37.37 6.76
C ALA G 16 -13.25 37.35 7.78
N ILE G 17 -12.62 36.18 7.89
CA ILE G 17 -11.38 36.05 8.65
C ILE G 17 -10.44 37.17 8.27
N LYS G 18 -9.95 37.91 9.27
CA LYS G 18 -9.12 39.07 9.04
C LYS G 18 -7.75 38.86 9.69
N ILE G 19 -6.70 39.24 8.96
CA ILE G 19 -5.32 39.04 9.37
C ILE G 19 -4.65 40.40 9.47
N ALA G 20 -3.67 40.52 10.38
CA ALA G 20 -2.92 41.75 10.55
C ALA G 20 -1.72 41.48 11.44
N LEU G 21 -0.83 42.46 11.52
CA LEU G 21 0.29 42.39 12.44
C LEU G 21 -0.19 42.55 13.89
N ALA G 22 0.55 41.93 14.81
CA ALA G 22 0.16 41.89 16.20
C ALA G 22 0.93 42.94 17.00
N SER G 23 0.21 43.88 17.58
CA SER G 23 0.82 44.89 18.44
C SER G 23 1.13 44.30 19.81
N PRO G 24 2.15 44.81 20.50
CA PRO G 24 2.44 44.31 21.86
C PRO G 24 1.28 44.48 22.81
N ASP G 25 0.46 45.52 22.64
CA ASP G 25 -0.75 45.63 23.44
C ASP G 25 -1.69 44.47 23.20
N MET G 26 -1.85 44.06 21.94
CA MET G 26 -2.65 42.89 21.64
C MET G 26 -2.04 41.64 22.27
N ILE G 27 -0.71 41.52 22.21
CA ILE G 27 -0.04 40.36 22.78
C ILE G 27 -0.32 40.26 24.28
N ARG G 28 -0.22 41.39 24.98
CA ARG G 28 -0.52 41.39 26.41
C ARG G 28 -2.01 41.15 26.67
N SER G 29 -2.88 41.63 25.78
CA SER G 29 -4.31 41.41 25.95
C SER G 29 -4.66 39.94 25.86
N TRP G 30 -4.08 39.22 24.90
CA TRP G 30 -4.33 37.79 24.81
C TRP G 30 -3.81 37.05 26.04
N SER G 31 -2.64 37.45 26.52
CA SER G 31 -1.98 36.71 27.60
C SER G 31 -2.76 36.82 28.90
N PHE G 32 -2.99 35.68 29.54
CA PHE G 32 -3.56 35.64 30.89
C PHE G 32 -2.49 35.52 31.96
N GLY G 33 -1.22 35.57 31.59
CA GLY G 33 -0.16 35.49 32.57
C GLY G 33 1.18 35.61 31.89
N GLU G 34 2.23 35.55 32.71
CA GLU G 34 3.60 35.70 32.23
C GLU G 34 4.45 34.59 32.84
N VAL G 35 5.36 34.03 32.05
CA VAL G 35 6.16 32.88 32.46
C VAL G 35 7.57 33.35 32.77
N LYS G 36 8.21 32.71 33.77
CA LYS G 36 9.55 33.10 34.19
C LYS G 36 10.49 31.95 34.50
N LYS G 37 10.04 30.70 34.44
CA LYS G 37 10.88 29.58 34.85
C LYS G 37 10.94 28.54 33.72
N PRO G 38 12.08 27.88 33.52
CA PRO G 38 12.18 26.97 32.37
C PRO G 38 11.70 25.56 32.65
N GLU G 39 11.69 25.12 33.90
CA GLU G 39 11.24 23.78 34.20
C GLU G 39 9.73 23.66 34.03
N THR G 40 9.28 22.48 33.59
CA THR G 40 7.88 22.27 33.25
C THR G 40 7.08 21.76 34.44
N ILE G 41 7.44 20.59 34.96
CA ILE G 41 6.72 19.97 36.06
C ILE G 41 7.71 19.51 37.11
N ASN G 42 7.35 19.67 38.38
CA ASN G 42 8.16 19.16 39.47
C ASN G 42 7.78 17.72 39.73
N TYR G 43 8.74 16.80 39.52
CA TYR G 43 8.46 15.38 39.69
C TYR G 43 8.27 15.00 41.15
N ARG G 44 8.55 15.91 42.08
CA ARG G 44 8.38 15.59 43.50
C ARG G 44 6.92 15.31 43.84
N THR G 45 5.99 16.00 43.20
CA THR G 45 4.57 15.78 43.46
C THR G 45 3.77 15.44 42.21
N PHE G 46 4.43 15.27 41.06
CA PHE G 46 3.75 15.01 39.79
C PHE G 46 2.71 16.09 39.49
N LYS G 47 3.04 17.33 39.82
CA LYS G 47 2.17 18.48 39.66
C LYS G 47 2.90 19.57 38.90
N PRO G 48 2.16 20.43 38.19
CA PRO G 48 2.80 21.46 37.38
C PRO G 48 3.51 22.50 38.24
N GLU G 49 4.45 23.19 37.61
CA GLU G 49 5.25 24.21 38.28
C GLU G 49 4.38 25.44 38.54
N ARG G 50 5.00 26.51 39.07
CA ARG G 50 4.28 27.74 39.38
C ARG G 50 4.39 28.78 38.28
N ASP G 51 5.59 29.00 37.75
CA ASP G 51 5.83 29.97 36.70
C ASP G 51 6.63 29.35 35.55
N GLY G 52 6.37 28.07 35.27
CA GLY G 52 7.02 27.38 34.18
C GLY G 52 6.13 27.29 32.95
N LEU G 53 6.59 26.49 31.98
CA LEU G 53 5.80 26.25 30.78
C LEU G 53 4.48 25.58 31.09
N PHE G 54 4.48 24.66 32.06
CA PHE G 54 3.27 24.01 32.53
C PHE G 54 3.01 24.56 33.93
N CYS G 55 2.16 25.58 34.02
CA CYS G 55 1.84 26.18 35.31
C CYS G 55 0.35 26.11 35.56
N ALA G 56 -0.02 26.26 36.83
CA ALA G 56 -1.41 26.19 37.23
C ALA G 56 -2.03 27.55 37.53
N ARG G 57 -1.22 28.53 37.99
CA ARG G 57 -1.76 29.85 38.26
C ARG G 57 -2.42 30.44 37.02
N ILE G 58 -1.76 30.30 35.87
CA ILE G 58 -2.33 30.67 34.59
C ILE G 58 -2.56 29.39 33.79
N PHE G 59 -3.16 29.56 32.62
CA PHE G 59 -3.57 28.48 31.72
C PHE G 59 -4.70 27.64 32.29
N GLY G 60 -5.14 27.90 33.53
CA GLY G 60 -6.24 27.19 34.11
C GLY G 60 -5.82 26.00 34.96
N PRO G 61 -6.79 25.35 35.59
CA PRO G 61 -6.48 24.23 36.48
C PRO G 61 -6.08 22.97 35.72
N VAL G 62 -5.91 21.87 36.44
CA VAL G 62 -5.45 20.61 35.86
C VAL G 62 -6.60 19.60 35.74
N LYS G 63 -7.28 19.33 36.84
CA LYS G 63 -8.28 18.27 36.89
C LYS G 63 -9.66 18.88 37.19
N ASP G 64 -10.45 19.07 36.13
CA ASP G 64 -11.83 19.52 36.24
C ASP G 64 -11.95 20.80 37.05
N TYR G 65 -13.01 20.91 37.84
CA TYR G 65 -13.27 22.11 38.63
C TYR G 65 -12.45 22.17 39.90
N GLU G 66 -11.54 21.22 40.12
CA GLU G 66 -10.73 21.19 41.33
C GLU G 66 -9.58 22.18 41.21
N CYS G 67 -9.34 22.90 42.30
CA CYS G 67 -8.27 23.88 42.37
C CYS G 67 -7.01 23.25 42.94
N LEU G 68 -5.90 23.97 42.81
CA LEU G 68 -4.65 23.50 43.37
C LEU G 68 -4.72 23.52 44.89
N CYS G 69 -3.88 22.69 45.52
CA CYS G 69 -3.78 22.46 46.96
C CYS G 69 -5.13 22.16 47.61
N GLY G 70 -6.15 21.83 46.82
CA GLY G 70 -7.42 21.37 47.36
C GLY G 70 -8.17 22.39 48.16
N LYS G 71 -7.88 23.68 47.98
CA LYS G 71 -8.57 24.72 48.74
C LYS G 71 -10.04 24.77 48.38
N TYR G 72 -10.37 24.71 47.08
CA TYR G 72 -11.75 24.75 46.61
C TYR G 72 -11.86 23.76 45.45
N LYS G 73 -12.42 22.57 45.72
CA LYS G 73 -12.58 21.54 44.69
C LYS G 73 -14.02 21.05 44.69
N ARG G 74 -14.89 21.77 44.00
CA ARG G 74 -16.28 21.40 43.81
C ARG G 74 -16.84 22.17 42.62
N LEU G 75 -18.04 21.78 42.19
CA LEU G 75 -18.75 22.53 41.16
C LEU G 75 -19.51 23.72 41.72
N LYS G 76 -19.71 23.77 43.04
CA LYS G 76 -20.45 24.88 43.64
C LYS G 76 -19.71 26.20 43.42
N HIS G 77 -18.41 26.21 43.60
CA HIS G 77 -17.63 27.43 43.41
C HIS G 77 -17.40 27.67 41.93
N ARG G 78 -17.67 28.91 41.49
CA ARG G 78 -17.53 29.29 40.10
C ARG G 78 -16.79 30.62 40.01
N GLY G 79 -15.77 30.67 39.18
CA GLY G 79 -15.04 31.92 38.96
C GLY G 79 -14.43 32.51 40.20
N VAL G 80 -13.89 31.67 41.09
CA VAL G 80 -13.27 32.13 42.33
C VAL G 80 -11.77 31.95 42.21
N ILE G 81 -11.02 32.83 42.87
CA ILE G 81 -9.57 32.79 42.88
C ILE G 81 -9.12 32.37 44.28
N CYS G 82 -8.44 31.23 44.36
CA CYS G 82 -7.95 30.75 45.64
C CYS G 82 -6.89 31.72 46.18
N GLU G 83 -6.90 31.91 47.49
CA GLU G 83 -5.91 32.79 48.12
C GLU G 83 -4.51 32.20 47.99
N LYS G 84 -4.37 30.90 48.19
CA LYS G 84 -3.06 30.28 48.14
C LYS G 84 -2.50 30.22 46.73
N CYS G 85 -3.33 29.85 45.76
CA CYS G 85 -2.89 29.66 44.38
C CYS G 85 -3.83 30.40 43.44
N GLY G 86 -3.27 30.93 42.35
CA GLY G 86 -4.05 31.71 41.41
C GLY G 86 -4.92 30.89 40.49
N VAL G 87 -5.24 29.65 40.90
CA VAL G 87 -6.05 28.78 40.07
C VAL G 87 -7.51 29.23 40.13
N GLU G 88 -8.12 29.36 38.96
CA GLU G 88 -9.55 29.64 38.85
C GLU G 88 -10.29 28.36 38.50
N VAL G 89 -11.38 28.08 39.21
CA VAL G 89 -12.16 26.88 38.95
C VAL G 89 -12.81 27.01 37.57
N THR G 90 -12.41 26.13 36.65
CA THR G 90 -12.96 26.11 35.29
C THR G 90 -13.25 24.69 34.85
N GLN G 91 -13.49 24.50 33.56
CA GLN G 91 -13.83 23.20 32.99
C GLN G 91 -12.61 22.42 32.52
N THR G 92 -11.40 22.90 32.84
CA THR G 92 -10.09 22.33 32.51
C THR G 92 -9.93 22.08 31.02
N LYS G 93 -10.89 22.55 30.22
CA LYS G 93 -10.73 22.60 28.77
C LYS G 93 -10.13 23.93 28.32
N VAL G 94 -9.96 24.89 29.24
CA VAL G 94 -9.33 26.15 28.91
C VAL G 94 -7.82 26.01 28.75
N ARG G 95 -7.27 24.84 29.01
CA ARG G 95 -5.84 24.62 28.77
C ARG G 95 -5.51 24.72 27.28
N ARG G 96 -6.51 24.69 26.42
CA ARG G 96 -6.32 24.87 24.99
C ARG G 96 -6.70 26.26 24.50
N GLU G 97 -6.98 27.20 25.40
CA GLU G 97 -7.42 28.53 25.00
C GLU G 97 -6.55 29.65 25.56
N ARG G 98 -6.15 29.57 26.82
CA ARG G 98 -5.34 30.63 27.41
C ARG G 98 -3.93 30.60 26.82
N MET G 99 -3.40 31.78 26.48
CA MET G 99 -2.17 31.89 25.72
C MET G 99 -0.94 32.17 26.57
N GLY G 100 -0.95 33.29 27.29
CA GLY G 100 0.21 33.69 28.05
C GLY G 100 1.28 34.35 27.18
N HIS G 101 2.31 34.88 27.84
CA HIS G 101 3.34 35.61 27.13
C HIS G 101 4.62 35.61 27.95
N ILE G 102 5.72 35.99 27.31
CA ILE G 102 7.02 36.12 27.97
C ILE G 102 7.67 37.40 27.51
N GLU G 103 8.20 38.17 28.46
CA GLU G 103 8.94 39.39 28.13
C GLU G 103 10.37 39.05 27.76
N LEU G 104 10.85 39.68 26.68
CA LEU G 104 12.19 39.39 26.17
C LEU G 104 13.27 40.24 26.79
N ALA G 105 12.93 41.40 27.35
CA ALA G 105 13.87 42.30 28.01
C ALA G 105 14.93 42.84 27.05
N SER G 106 14.82 42.51 25.77
CA SER G 106 15.74 42.97 24.74
C SER G 106 15.13 42.75 23.37
N PRO G 107 15.12 43.77 22.50
CA PRO G 107 14.49 43.60 21.18
C PRO G 107 15.13 42.49 20.38
N THR G 108 14.29 41.75 19.67
CA THR G 108 14.71 40.68 18.75
C THR G 108 14.10 40.93 17.38
N ALA G 109 14.47 40.09 16.42
CA ALA G 109 14.01 40.21 15.06
C ALA G 109 13.19 38.99 14.66
N HIS G 110 12.41 39.14 13.59
CA HIS G 110 11.53 38.09 13.11
C HIS G 110 12.06 37.50 11.82
N ILE G 111 12.30 36.18 11.82
CA ILE G 111 12.73 35.51 10.60
C ILE G 111 11.61 35.48 9.56
N TRP G 112 10.37 35.64 10.00
CA TRP G 112 9.26 35.66 9.06
C TRP G 112 9.40 36.81 8.08
N PHE G 113 9.89 37.95 8.55
CA PHE G 113 10.02 39.16 7.76
C PHE G 113 11.44 39.40 7.27
N LEU G 114 12.45 39.00 8.03
CA LEU G 114 13.83 39.24 7.63
C LEU G 114 14.27 38.26 6.56
N LYS G 115 14.27 36.96 6.88
CA LYS G 115 14.87 35.94 6.03
C LYS G 115 13.85 35.35 5.07
N SER G 116 13.19 36.23 4.32
CA SER G 116 12.34 35.81 3.21
C SER G 116 12.81 36.58 1.98
N LEU G 117 12.75 35.92 0.83
CA LEU G 117 13.39 36.45 -0.37
C LEU G 117 12.94 37.87 -0.71
N PRO G 118 11.64 38.20 -0.72
CA PRO G 118 11.31 39.64 -0.84
C PRO G 118 11.26 40.29 0.55
N SER G 119 12.45 40.48 1.12
CA SER G 119 12.57 40.90 2.51
C SER G 119 11.85 42.22 2.75
N ARG G 120 10.95 42.22 3.73
CA ARG G 120 10.19 43.43 4.03
C ARG G 120 11.11 44.53 4.57
N ILE G 121 11.93 44.19 5.57
CA ILE G 121 12.85 45.18 6.12
C ILE G 121 13.83 45.66 5.07
N GLY G 122 14.38 44.74 4.26
CA GLY G 122 15.45 45.10 3.35
C GLY G 122 15.03 46.14 2.33
N LEU G 123 13.90 45.91 1.66
CA LEU G 123 13.44 46.86 0.66
C LEU G 123 12.53 47.94 1.23
N LEU G 124 12.14 47.84 2.50
CA LEU G 124 11.49 48.97 3.15
C LEU G 124 12.49 50.04 3.54
N LEU G 125 13.70 49.64 3.93
CA LEU G 125 14.78 50.56 4.28
C LEU G 125 15.73 50.81 3.13
N ASP G 126 15.48 50.21 1.96
CA ASP G 126 16.35 50.35 0.79
C ASP G 126 17.79 49.93 1.12
N MET G 127 17.91 48.85 1.88
CA MET G 127 19.21 48.32 2.28
C MET G 127 19.28 46.85 1.94
N PRO G 128 20.47 46.33 1.65
CA PRO G 128 20.57 44.90 1.29
C PRO G 128 20.28 44.00 2.47
N LEU G 129 19.82 42.80 2.16
CA LEU G 129 19.53 41.82 3.20
C LEU G 129 20.80 41.44 3.95
N ARG G 130 21.93 41.36 3.24
CA ARG G 130 23.20 41.03 3.89
C ARG G 130 23.56 42.06 4.95
N ASP G 131 23.36 43.34 4.65
CA ASP G 131 23.68 44.39 5.61
C ASP G 131 22.81 44.29 6.85
N ILE G 132 21.51 44.04 6.68
CA ILE G 132 20.61 43.95 7.82
C ILE G 132 20.94 42.73 8.66
N GLU G 133 21.23 41.60 8.01
CA GLU G 133 21.65 40.42 8.76
C GLU G 133 22.94 40.69 9.51
N ARG G 134 23.86 41.44 8.90
CA ARG G 134 25.13 41.77 9.54
C ARG G 134 24.92 42.62 10.78
N VAL G 135 24.03 43.61 10.69
CA VAL G 135 23.83 44.49 11.84
C VAL G 135 23.04 43.77 12.94
N LEU G 136 22.14 42.85 12.58
CA LEU G 136 21.37 42.13 13.60
C LEU G 136 22.20 41.18 14.43
N TYR G 137 23.44 40.89 14.05
CA TYR G 137 24.29 39.99 14.81
C TYR G 137 25.54 40.70 15.33
N PHE G 138 25.41 42.01 15.58
CA PHE G 138 26.37 42.80 16.34
C PHE G 138 27.74 42.89 15.69
N GLU G 139 27.88 42.46 14.44
CA GLU G 139 29.18 42.53 13.78
C GLU G 139 29.48 43.94 13.28
N SER G 140 28.46 44.72 12.94
CA SER G 140 28.65 46.05 12.39
C SER G 140 27.65 47.02 13.01
N TYR G 141 27.96 48.30 12.92
CA TYR G 141 27.13 49.35 13.47
C TYR G 141 26.40 50.12 12.37
N VAL G 142 25.27 50.70 12.76
CA VAL G 142 24.53 51.64 11.92
C VAL G 142 24.21 52.87 12.76
N VAL G 143 24.37 54.04 12.16
CA VAL G 143 24.14 55.30 12.85
C VAL G 143 22.85 55.92 12.34
N ILE G 144 22.22 56.73 13.20
CA ILE G 144 20.98 57.40 12.86
C ILE G 144 21.10 58.88 13.21
N GLU G 145 20.27 59.69 12.55
CA GLU G 145 20.25 61.14 12.69
C GLU G 145 21.64 61.65 12.33
N GLY G 146 22.34 62.38 13.20
CA GLY G 146 23.67 62.88 12.86
C GLY G 146 23.68 63.88 11.73
N GLY G 147 22.70 64.79 11.69
CA GLY G 147 22.65 65.77 10.63
C GLY G 147 23.84 66.74 10.67
N MET G 148 24.27 67.12 11.87
CA MET G 148 25.41 68.02 11.99
C MET G 148 26.68 67.36 11.48
N THR G 149 26.89 66.08 11.80
CA THR G 149 28.07 65.36 11.36
C THR G 149 27.91 64.92 9.90
N ASN G 150 29.01 64.44 9.33
CA ASN G 150 29.03 63.98 7.95
C ASN G 150 28.45 62.58 7.79
N LEU G 151 28.12 61.91 8.88
CA LEU G 151 27.58 60.55 8.80
C LEU G 151 26.22 60.55 8.11
N GLU G 152 25.95 59.47 7.39
CA GLU G 152 24.70 59.35 6.65
C GLU G 152 23.57 58.87 7.56
N ARG G 153 22.35 58.99 7.05
CA ARG G 153 21.17 58.56 7.81
C ARG G 153 21.20 57.05 8.04
N GLN G 154 21.64 56.28 7.04
CA GLN G 154 21.74 54.84 7.12
C GLN G 154 23.17 54.38 6.92
N GLN G 155 24.12 55.08 7.54
CA GLN G 155 25.53 54.72 7.43
C GLN G 155 25.78 53.36 8.05
N ILE G 156 26.72 52.62 7.46
CA ILE G 156 27.02 51.25 7.87
C ILE G 156 28.45 51.19 8.39
N LEU G 157 28.87 52.27 9.06
CA LEU G 157 30.21 52.34 9.62
C LEU G 157 30.48 51.14 10.53
N THR G 158 31.69 50.58 10.40
CA THR G 158 32.05 49.38 11.13
C THR G 158 32.52 49.75 12.53
N GLU G 159 33.08 48.77 13.25
CA GLU G 159 33.56 49.02 14.61
C GLU G 159 34.73 50.01 14.60
N GLU G 160 35.74 49.74 13.77
CA GLU G 160 36.86 50.66 13.67
C GLU G 160 36.39 52.03 13.20
N GLN G 161 35.45 52.06 12.25
CA GLN G 161 34.83 53.32 11.87
C GLN G 161 34.11 53.96 13.04
N TYR G 162 33.54 53.15 13.95
CA TYR G 162 32.88 53.70 15.13
C TYR G 162 33.88 54.39 16.06
N LEU G 163 35.05 53.77 16.27
CA LEU G 163 36.08 54.44 17.06
C LEU G 163 36.58 55.70 16.37
N ASP G 164 36.76 55.65 15.05
CA ASP G 164 37.17 56.85 14.33
C ASP G 164 36.13 57.96 14.52
N ALA G 165 34.84 57.60 14.49
CA ALA G 165 33.78 58.58 14.62
C ALA G 165 33.76 59.20 16.02
N LEU G 166 33.81 58.37 17.06
CA LEU G 166 33.70 58.95 18.40
C LEU G 166 34.97 59.71 18.78
N GLU G 167 36.10 59.37 18.13
CA GLU G 167 37.30 60.16 18.34
C GLU G 167 37.21 61.49 17.60
N GLU G 168 36.58 61.49 16.41
CA GLU G 168 36.46 62.72 15.63
C GLU G 168 35.17 63.46 15.95
N PHE G 169 34.02 62.81 15.72
CA PHE G 169 32.74 63.48 15.89
C PHE G 169 32.36 63.62 17.36
N GLY G 170 32.69 62.62 18.18
CA GLY G 170 32.29 62.64 19.57
C GLY G 170 30.79 62.50 19.72
N ASP G 171 30.11 63.57 20.11
CA ASP G 171 28.67 63.57 20.20
C ASP G 171 28.06 63.61 18.79
N GLU G 172 26.74 63.70 18.74
CA GLU G 172 25.92 63.77 17.52
C GLU G 172 25.96 62.48 16.71
N PHE G 173 26.67 61.46 17.17
CA PHE G 173 26.73 60.16 16.50
C PHE G 173 25.95 59.17 17.36
N ASP G 174 24.84 58.66 16.81
CA ASP G 174 23.95 57.75 17.54
C ASP G 174 23.95 56.41 16.81
N ALA G 175 24.81 55.49 17.27
CA ALA G 175 24.92 54.17 16.68
C ALA G 175 24.70 53.10 17.74
N LYS G 176 23.82 52.15 17.44
CA LYS G 176 23.53 51.03 18.32
C LYS G 176 23.86 49.74 17.59
N MET G 177 24.03 48.67 18.36
CA MET G 177 24.56 47.41 17.84
C MET G 177 23.49 46.46 17.32
N GLY G 178 22.52 46.10 18.14
CA GLY G 178 21.55 45.07 17.80
C GLY G 178 20.31 45.62 17.13
N ALA G 179 19.20 44.92 17.35
CA ALA G 179 17.92 45.31 16.77
C ALA G 179 17.39 46.62 17.32
N GLU G 180 18.00 47.15 18.40
CA GLU G 180 17.57 48.43 18.94
C GLU G 180 17.73 49.54 17.91
N ALA G 181 18.85 49.55 17.20
CA ALA G 181 19.04 50.56 16.15
C ALA G 181 17.98 50.42 15.07
N ILE G 182 17.63 49.18 14.71
CA ILE G 182 16.65 48.98 13.66
C ILE G 182 15.28 49.48 14.10
N GLN G 183 14.85 49.17 15.33
CA GLN G 183 13.54 49.68 15.73
C GLN G 183 13.57 51.19 15.88
N ALA G 184 14.74 51.75 16.24
CA ALA G 184 14.87 53.19 16.34
C ALA G 184 14.67 53.86 14.99
N LEU G 185 15.36 53.39 13.96
CA LEU G 185 15.20 54.05 12.66
C LEU G 185 13.90 53.65 11.99
N LEU G 186 13.25 52.58 12.44
CA LEU G 186 11.89 52.30 12.01
C LEU G 186 10.93 53.33 12.58
N LYS G 187 11.06 53.64 13.87
CA LYS G 187 10.17 54.61 14.50
C LYS G 187 10.34 56.00 13.88
N SER G 188 11.59 56.40 13.61
CA SER G 188 11.85 57.72 13.07
C SER G 188 11.31 57.91 11.66
N MET G 189 11.06 56.81 10.94
CA MET G 189 10.57 56.89 9.57
C MET G 189 9.09 57.26 9.55
N ASP G 190 8.74 58.22 8.70
CA ASP G 190 7.35 58.58 8.47
C ASP G 190 6.96 58.16 7.05
N LEU G 191 5.72 57.71 6.89
CA LEU G 191 5.34 57.02 5.67
C LEU G 191 4.90 58.01 4.57
N GLU G 192 4.18 59.05 4.95
CA GLU G 192 3.51 59.89 3.96
C GLU G 192 4.51 60.64 3.08
N GLN G 193 5.47 61.32 3.70
CA GLN G 193 6.42 62.10 2.92
C GLN G 193 7.35 61.19 2.12
N GLU G 194 7.69 60.02 2.66
CA GLU G 194 8.50 59.07 1.90
C GLU G 194 7.76 58.59 0.67
N CYS G 195 6.47 58.26 0.81
CA CYS G 195 5.68 57.84 -0.33
C CYS G 195 5.56 58.96 -1.35
N GLU G 196 5.35 60.20 -0.89
CA GLU G 196 5.25 61.32 -1.81
C GLU G 196 6.54 61.53 -2.58
N GLN G 197 7.68 61.48 -1.89
CA GLN G 197 8.97 61.64 -2.55
C GLN G 197 9.22 60.51 -3.54
N LEU G 198 8.86 59.28 -3.17
CA LEU G 198 9.02 58.16 -4.08
C LEU G 198 8.18 58.32 -5.33
N ARG G 199 6.92 58.76 -5.16
CA ARG G 199 6.06 59.00 -6.31
C ARG G 199 6.61 60.11 -7.20
N GLU G 200 7.11 61.19 -6.59
CA GLU G 200 7.69 62.27 -7.37
C GLU G 200 8.90 61.80 -8.17
N GLU G 201 9.77 61.01 -7.54
CA GLU G 201 10.93 60.49 -8.25
C GLU G 201 10.52 59.53 -9.37
N LEU G 202 9.50 58.70 -9.11
CA LEU G 202 9.05 57.75 -10.12
C LEU G 202 8.48 58.46 -11.34
N ASN G 203 7.64 59.48 -11.12
CA ASN G 203 7.05 60.16 -12.27
C ASN G 203 8.04 61.10 -12.95
N GLU G 204 9.01 61.64 -12.21
CA GLU G 204 9.96 62.58 -12.81
C GLU G 204 10.95 61.86 -13.72
N THR G 205 11.49 60.73 -13.27
CA THR G 205 12.49 59.98 -14.02
C THR G 205 11.96 58.57 -14.29
N ASN G 206 12.07 58.13 -15.54
CA ASN G 206 11.60 56.82 -15.97
C ASN G 206 12.80 55.97 -16.39
N SER G 207 12.92 54.79 -15.79
CA SER G 207 13.98 53.85 -16.13
C SER G 207 13.51 52.45 -15.78
N GLU G 208 13.54 51.55 -16.77
CA GLU G 208 12.96 50.22 -16.59
C GLU G 208 13.63 49.42 -15.49
N THR G 209 14.87 49.77 -15.12
CA THR G 209 15.55 49.04 -14.06
C THR G 209 15.06 49.47 -12.68
N LYS G 210 15.06 50.77 -12.41
CA LYS G 210 14.62 51.28 -11.11
C LYS G 210 13.12 51.39 -11.00
N ARG G 211 12.39 51.32 -12.12
CA ARG G 211 10.94 51.47 -12.07
C ARG G 211 10.30 50.34 -11.26
N LYS G 212 10.78 49.12 -11.44
CA LYS G 212 10.20 47.99 -10.71
C LYS G 212 10.42 48.13 -9.20
N LYS G 213 11.64 48.50 -8.81
CA LYS G 213 11.92 48.69 -7.38
C LYS G 213 11.09 49.82 -6.80
N LEU G 214 10.97 50.93 -7.54
CA LEU G 214 10.17 52.05 -7.06
C LEU G 214 8.71 51.65 -6.92
N THR G 215 8.19 50.89 -7.88
CA THR G 215 6.81 50.44 -7.81
C THR G 215 6.59 49.54 -6.60
N LYS G 216 7.53 48.62 -6.35
CA LYS G 216 7.40 47.75 -5.18
C LYS G 216 7.42 48.54 -3.89
N ARG G 217 8.34 49.50 -3.78
CA ARG G 217 8.43 50.30 -2.55
C ARG G 217 7.17 51.12 -2.36
N ILE G 218 6.67 51.74 -3.43
CA ILE G 218 5.45 52.54 -3.32
C ILE G 218 4.26 51.68 -2.92
N LYS G 219 4.15 50.49 -3.51
CA LYS G 219 3.04 49.60 -3.18
C LYS G 219 3.07 49.19 -1.73
N LEU G 220 4.25 48.82 -1.22
CA LEU G 220 4.31 48.37 0.17
C LEU G 220 4.11 49.55 1.12
N LEU G 221 4.60 50.73 0.78
CA LEU G 221 4.36 51.90 1.63
C LEU G 221 2.87 52.23 1.69
N GLU G 222 2.18 52.20 0.56
CA GLU G 222 0.74 52.41 0.55
C GLU G 222 0.03 51.33 1.37
N ALA G 223 0.52 50.09 1.29
CA ALA G 223 -0.06 49.01 2.08
C ALA G 223 0.07 49.28 3.57
N PHE G 224 1.25 49.71 4.01
CA PHE G 224 1.43 50.06 5.43
C PHE G 224 0.53 51.22 5.83
N VAL G 225 0.40 52.23 4.97
CA VAL G 225 -0.41 53.39 5.31
C VAL G 225 -1.87 53.01 5.47
N GLN G 226 -2.40 52.25 4.50
CA GLN G 226 -3.83 51.96 4.51
C GLN G 226 -4.21 50.85 5.48
N SER G 227 -3.29 49.91 5.75
CA SER G 227 -3.64 48.76 6.57
C SER G 227 -3.73 49.11 8.05
N GLY G 228 -3.21 50.27 8.46
CA GLY G 228 -3.24 50.68 9.85
C GLY G 228 -2.15 50.10 10.72
N ASN G 229 -1.28 49.24 10.17
CA ASN G 229 -0.18 48.71 10.95
C ASN G 229 0.85 49.80 11.23
N LYS G 230 1.88 49.44 11.99
CA LYS G 230 2.96 50.35 12.32
C LYS G 230 4.28 49.60 12.20
N PRO G 231 5.28 50.20 11.56
CA PRO G 231 6.49 49.43 11.20
C PRO G 231 7.23 48.84 12.38
N GLU G 232 7.23 49.50 13.54
CA GLU G 232 8.03 48.99 14.66
C GLU G 232 7.50 47.66 15.18
N TRP G 233 6.26 47.30 14.86
CA TRP G 233 5.71 46.04 15.35
C TRP G 233 6.33 44.84 14.67
N MET G 234 6.97 45.00 13.52
CA MET G 234 7.47 43.85 12.77
C MET G 234 8.49 43.07 13.58
N ILE G 235 9.38 43.76 14.26
CA ILE G 235 10.22 43.11 15.25
C ILE G 235 9.44 43.11 16.55
N LEU G 236 9.69 42.11 17.40
CA LEU G 236 8.86 41.86 18.56
C LEU G 236 9.68 41.92 19.84
N THR G 237 9.04 42.42 20.90
CA THR G 237 9.64 42.47 22.22
C THR G 237 8.92 41.61 23.25
N VAL G 238 7.66 41.23 23.00
CA VAL G 238 6.92 40.33 23.87
C VAL G 238 6.51 39.13 23.03
N LEU G 239 6.85 37.93 23.52
CA LEU G 239 6.68 36.72 22.74
C LEU G 239 5.50 35.92 23.27
N PRO G 240 4.48 35.64 22.47
CA PRO G 240 3.40 34.78 22.94
C PRO G 240 3.85 33.33 23.02
N VAL G 241 3.11 32.54 23.79
CA VAL G 241 3.43 31.14 23.99
C VAL G 241 2.18 30.30 23.74
N LEU G 242 2.36 29.13 23.13
CA LEU G 242 1.27 28.23 22.85
C LEU G 242 0.66 27.73 24.16
N PRO G 243 -0.65 27.50 24.19
CA PRO G 243 -1.27 26.94 25.39
C PRO G 243 -0.69 25.57 25.68
N PRO G 244 -0.62 25.19 26.96
CA PRO G 244 0.09 23.95 27.31
C PRO G 244 -0.49 22.71 26.67
N ASP G 245 -1.82 22.66 26.50
CA ASP G 245 -2.44 21.43 26.01
C ASP G 245 -2.12 21.16 24.54
N LEU G 246 -1.85 22.19 23.75
CA LEU G 246 -1.53 21.99 22.35
C LEU G 246 -0.14 21.42 22.15
N ARG G 247 0.72 21.44 23.15
CA ARG G 247 2.09 20.92 23.05
C ARG G 247 2.37 20.02 24.25
N PRO G 248 1.67 18.89 24.34
CA PRO G 248 1.88 18.02 25.50
C PRO G 248 3.24 17.36 25.48
N LEU G 249 3.73 17.01 26.66
CA LEU G 249 5.00 16.31 26.81
C LEU G 249 4.74 14.82 26.91
N VAL G 250 5.56 14.04 26.20
CA VAL G 250 5.27 12.62 26.01
C VAL G 250 5.47 11.87 27.32
N PRO G 251 4.49 11.08 27.78
CA PRO G 251 4.72 10.18 28.91
C PRO G 251 5.36 8.87 28.45
N LEU G 252 6.10 8.26 29.36
CA LEU G 252 6.87 7.07 29.02
C LEU G 252 6.90 6.17 30.25
N ASP G 253 7.81 5.20 30.23
CA ASP G 253 7.92 4.23 31.32
C ASP G 253 8.27 4.95 32.62
N GLY G 254 7.60 4.56 33.70
CA GLY G 254 7.79 5.21 34.97
C GLY G 254 7.05 6.52 35.07
N GLY G 255 7.34 7.25 36.15
CA GLY G 255 6.76 8.55 36.36
C GLY G 255 7.45 9.68 35.63
N ARG G 256 8.48 9.39 34.85
CA ARG G 256 9.22 10.41 34.11
C ARG G 256 8.41 10.91 32.93
N PHE G 257 8.56 12.20 32.62
CA PHE G 257 7.96 12.83 31.46
C PHE G 257 9.07 13.43 30.61
N ALA G 258 9.15 13.02 29.35
CA ALA G 258 10.17 13.51 28.44
C ALA G 258 9.66 14.75 27.70
N THR G 259 10.46 15.81 27.74
CA THR G 259 10.04 17.07 27.13
C THR G 259 9.99 16.95 25.62
N SER G 260 8.98 17.58 25.02
CA SER G 260 8.80 17.57 23.58
C SER G 260 9.72 18.59 22.93
N ASP G 261 9.67 18.66 21.59
CA ASP G 261 10.57 19.52 20.85
C ASP G 261 10.21 21.00 21.04
N LEU G 262 8.92 21.31 20.92
CA LEU G 262 8.48 22.69 21.11
C LEU G 262 8.74 23.16 22.53
N ASN G 263 8.48 22.29 23.51
CA ASN G 263 8.79 22.63 24.89
C ASN G 263 10.28 22.88 25.07
N ASP G 264 11.12 22.09 24.39
CA ASP G 264 12.57 22.29 24.47
C ASP G 264 12.96 23.65 23.92
N LEU G 265 12.41 24.03 22.77
CA LEU G 265 12.72 25.33 22.20
C LEU G 265 12.30 26.46 23.14
N TYR G 266 11.09 26.34 23.69
CA TYR G 266 10.60 27.37 24.62
C TYR G 266 11.48 27.45 25.85
N ARG G 267 11.91 26.29 26.37
CA ARG G 267 12.75 26.28 27.55
C ARG G 267 14.09 26.94 27.28
N ARG G 268 14.68 26.66 26.11
CA ARG G 268 15.94 27.30 25.76
C ARG G 268 15.79 28.82 25.68
N VAL G 269 14.72 29.28 25.03
CA VAL G 269 14.51 30.72 24.89
C VAL G 269 14.31 31.36 26.26
N ILE G 270 13.53 30.72 27.13
CA ILE G 270 13.27 31.27 28.46
C ILE G 270 14.55 31.31 29.28
N ASN G 271 15.36 30.26 29.21
CA ASN G 271 16.62 30.26 29.96
C ASN G 271 17.54 31.38 29.49
N ARG G 272 17.64 31.55 28.16
CA ARG G 272 18.50 32.62 27.65
C ARG G 272 17.98 34.00 28.04
N ASN G 273 16.66 34.18 27.99
CA ASN G 273 16.08 35.45 28.39
C ASN G 273 16.33 35.75 29.86
N ASN G 274 16.19 34.73 30.71
CA ASN G 274 16.45 34.91 32.13
C ASN G 274 17.91 35.29 32.36
N ARG G 275 18.83 34.61 31.68
CA ARG G 275 20.25 34.93 31.84
C ARG G 275 20.56 36.35 31.37
N LEU G 276 19.97 36.75 30.24
CA LEU G 276 20.23 38.10 29.74
C LEU G 276 19.68 39.16 30.68
N LYS G 277 18.45 38.97 31.18
CA LYS G 277 17.88 39.94 32.09
C LYS G 277 18.60 39.97 33.43
N ARG G 278 19.24 38.86 33.81
CA ARG G 278 20.04 38.87 35.03
C ARG G 278 21.37 39.57 34.80
N LEU G 279 21.96 39.41 33.63
CA LEU G 279 23.23 40.07 33.33
C LEU G 279 23.04 41.57 33.06
N LEU G 280 21.85 41.99 32.66
CA LEU G 280 21.64 43.39 32.30
C LEU G 280 21.86 44.31 33.48
N ASP G 281 21.36 43.95 34.66
CA ASP G 281 21.44 44.83 35.81
C ASP G 281 22.69 44.61 36.65
N LEU G 282 23.61 43.75 36.22
CA LEU G 282 24.87 43.54 36.92
C LEU G 282 25.99 44.42 36.38
N ALA G 283 25.69 45.34 35.46
CA ALA G 283 26.69 46.23 34.88
C ALA G 283 27.85 45.46 34.29
N ALA G 284 27.53 44.36 33.59
CA ALA G 284 28.55 43.54 32.97
C ALA G 284 29.20 44.28 31.81
N PRO G 285 30.41 43.89 31.42
CA PRO G 285 31.06 44.53 30.28
C PRO G 285 30.25 44.38 28.99
N ASP G 286 30.57 45.23 28.01
CA ASP G 286 29.79 45.26 26.79
C ASP G 286 29.92 43.96 26.00
N ILE G 287 31.08 43.31 26.05
CA ILE G 287 31.30 42.13 25.21
C ILE G 287 30.35 41.01 25.58
N ILE G 288 30.21 40.74 26.89
CA ILE G 288 29.40 39.60 27.31
C ILE G 288 27.92 39.87 27.06
N VAL G 289 27.46 41.09 27.30
CA VAL G 289 26.05 41.40 27.05
C VAL G 289 25.76 41.38 25.55
N ARG G 290 26.72 41.83 24.74
CA ARG G 290 26.58 41.73 23.29
C ARG G 290 26.44 40.27 22.86
N ASN G 291 27.30 39.40 23.40
CA ASN G 291 27.23 37.99 23.06
C ASN G 291 25.90 37.38 23.51
N GLU G 292 25.46 37.72 24.73
CA GLU G 292 24.20 37.16 25.23
C GLU G 292 23.01 37.64 24.39
N LYS G 293 23.01 38.91 24.00
CA LYS G 293 21.93 39.41 23.16
C LYS G 293 21.91 38.72 21.81
N ARG G 294 23.09 38.52 21.20
CA ARG G 294 23.12 37.80 19.92
C ARG G 294 22.64 36.37 20.08
N MET G 295 23.07 35.69 21.15
CA MET G 295 22.67 34.31 21.35
C MET G 295 21.18 34.21 21.63
N LEU G 296 20.62 35.15 22.39
CA LEU G 296 19.17 35.19 22.61
C LEU G 296 18.41 35.42 21.32
N GLN G 297 18.92 36.32 20.46
CA GLN G 297 18.30 36.54 19.17
C GLN G 297 18.29 35.25 18.36
N GLU G 298 19.41 34.52 18.38
CA GLU G 298 19.46 33.25 17.66
C GLU G 298 18.48 32.24 18.25
N ALA G 299 18.33 32.23 19.57
CA ALA G 299 17.41 31.28 20.21
C ALA G 299 15.96 31.57 19.83
N VAL G 300 15.56 32.84 19.90
CA VAL G 300 14.23 33.23 19.46
C VAL G 300 14.04 32.90 17.98
N ASP G 301 15.08 33.11 17.19
CA ASP G 301 15.02 32.80 15.77
C ASP G 301 14.78 31.32 15.53
N ALA G 302 15.48 30.47 16.28
CA ALA G 302 15.27 29.04 16.16
C ALA G 302 13.87 28.64 16.60
N LEU G 303 13.36 29.29 17.66
CA LEU G 303 12.03 28.94 18.15
C LEU G 303 10.96 29.28 17.12
N LEU G 304 11.03 30.47 16.53
CA LEU G 304 9.99 30.88 15.59
C LEU G 304 10.06 30.06 14.30
N ASP G 305 11.27 29.76 13.83
CA ASP G 305 11.41 28.92 12.64
C ASP G 305 12.82 28.29 12.68
N ASN G 306 12.88 27.02 13.05
CA ASN G 306 14.15 26.31 13.05
C ASN G 306 14.50 25.87 11.64
N GLY G 307 15.78 25.93 11.31
CA GLY G 307 16.24 25.57 9.99
C GLY G 307 16.46 26.71 9.04
N ARG G 308 16.43 27.95 9.53
CA ARG G 308 16.72 29.13 8.72
C ARG G 308 17.86 29.90 9.36
N ARG G 309 18.65 30.58 8.52
CA ARG G 309 19.82 31.34 8.97
C ARG G 309 20.80 30.41 9.70
N GLY G 310 21.38 29.51 8.89
CA GLY G 310 22.42 28.62 9.36
C GLY G 310 21.92 27.19 9.46
N ARG G 311 22.36 26.51 10.51
CA ARG G 311 21.98 25.13 10.76
C ARG G 311 20.86 25.07 11.80
N ALA G 312 20.22 23.90 11.88
CA ALA G 312 19.07 23.71 12.75
C ALA G 312 19.51 23.10 14.08
N ILE G 313 19.02 23.68 15.18
CA ILE G 313 19.32 23.15 16.49
C ILE G 313 18.64 21.80 16.66
N THR G 314 19.41 20.80 17.07
CA THR G 314 18.91 19.46 17.28
C THR G 314 18.91 19.10 18.76
N GLY G 315 18.13 18.08 19.10
CA GLY G 315 18.05 17.63 20.47
C GLY G 315 18.92 16.43 20.76
N SER G 316 18.35 15.39 21.36
CA SER G 316 19.11 14.18 21.65
C SER G 316 19.58 13.50 20.37
N ASN G 317 18.65 13.25 19.45
CA ASN G 317 18.98 12.60 18.18
C ASN G 317 19.35 13.65 17.14
N LYS G 318 20.04 13.18 16.10
CA LYS G 318 20.51 14.08 15.03
C LYS G 318 19.36 14.44 14.09
N ARG G 319 18.28 14.95 14.68
CA ARG G 319 17.11 15.38 13.93
C ARG G 319 16.81 16.83 14.25
N PRO G 320 16.40 17.61 13.25
CA PRO G 320 16.04 19.00 13.53
C PRO G 320 14.86 19.07 14.49
N LEU G 321 14.96 20.01 15.43
CA LEU G 321 13.89 20.22 16.41
C LEU G 321 12.82 21.06 15.71
N LYS G 322 11.71 20.43 15.35
CA LYS G 322 10.70 21.11 14.54
C LYS G 322 10.04 22.23 15.31
N SER G 323 10.14 23.44 14.78
CA SER G 323 9.63 24.64 15.43
C SER G 323 8.19 24.89 14.98
N LEU G 324 7.67 26.09 15.26
CA LEU G 324 6.28 26.38 14.96
C LEU G 324 5.99 26.30 13.47
N ALA G 325 6.91 26.79 12.64
CA ALA G 325 6.68 26.77 11.20
C ALA G 325 6.60 25.35 10.67
N ASP G 326 7.47 24.46 11.17
CA ASP G 326 7.51 23.10 10.64
C ASP G 326 6.30 22.28 11.03
N MET G 327 5.47 22.76 11.95
CA MET G 327 4.34 22.01 12.47
C MET G 327 3.05 22.81 12.39
N ILE G 328 2.88 23.58 11.31
CA ILE G 328 1.62 24.27 11.09
C ILE G 328 0.52 23.23 10.96
N LYS G 329 0.58 22.40 9.92
CA LYS G 329 -0.29 21.24 9.79
C LYS G 329 0.36 20.28 8.80
N GLY G 330 0.92 19.19 9.29
CA GLY G 330 1.49 18.17 8.42
C GLY G 330 2.67 18.64 7.58
N LYS G 331 2.44 18.81 6.28
CA LYS G 331 3.51 19.19 5.35
C LYS G 331 3.62 20.72 5.21
N GLN G 332 3.71 21.40 6.35
CA GLN G 332 3.87 22.84 6.50
C GLN G 332 2.65 23.63 6.02
N GLY G 333 1.65 22.96 5.45
CA GLY G 333 0.43 23.62 5.03
C GLY G 333 -0.73 23.27 5.94
N ARG G 334 -1.78 22.66 5.37
CA ARG G 334 -2.89 22.13 6.14
C ARG G 334 -3.32 20.80 5.56
N PHE G 335 -2.36 19.97 5.16
CA PHE G 335 -2.70 18.73 4.48
C PHE G 335 -3.19 17.68 5.47
N ARG G 336 -2.59 17.61 6.65
CA ARG G 336 -2.71 16.42 7.48
C ARG G 336 -4.00 16.40 8.28
N GLN G 337 -4.28 17.44 9.06
CA GLN G 337 -5.42 17.42 9.97
C GLN G 337 -6.54 18.34 9.55
N ASN G 338 -6.26 19.42 8.85
CA ASN G 338 -7.26 20.30 8.29
C ASN G 338 -7.35 20.03 6.80
N LEU G 339 -8.19 20.79 6.11
CA LEU G 339 -8.29 20.75 4.64
C LEU G 339 -8.34 19.29 4.16
N LEU G 340 -9.42 18.62 4.53
CA LEU G 340 -9.69 17.27 4.06
C LEU G 340 -8.68 16.27 4.59
N GLY G 341 -8.07 16.56 5.73
CA GLY G 341 -7.22 15.59 6.36
C GLY G 341 -7.90 14.78 7.43
N LYS G 342 -9.19 14.98 7.64
CA LYS G 342 -9.85 14.42 8.81
C LYS G 342 -10.08 12.94 8.64
N ARG G 343 -9.58 12.15 9.58
CA ARG G 343 -10.01 10.78 9.71
C ARG G 343 -11.42 10.76 10.25
N VAL G 344 -12.28 9.92 9.67
CA VAL G 344 -13.69 9.91 10.03
C VAL G 344 -14.01 8.58 10.71
N ASP G 345 -14.95 8.64 11.65
CA ASP G 345 -15.49 7.42 12.24
C ASP G 345 -16.66 6.95 11.37
N TYR G 346 -17.40 5.96 11.86
CA TYR G 346 -18.46 5.33 11.07
C TYR G 346 -17.91 4.81 9.74
N SER G 347 -16.69 4.29 9.76
CA SER G 347 -16.00 3.87 8.56
C SER G 347 -15.34 2.52 8.73
N GLY G 348 -15.34 1.74 7.66
CA GLY G 348 -14.73 0.42 7.67
C GLY G 348 -13.87 0.21 6.43
N ARG G 349 -13.18 -0.93 6.42
CA ARG G 349 -12.21 -1.19 5.36
C ARG G 349 -12.01 -2.70 5.24
N SER G 350 -12.05 -3.23 4.02
CA SER G 350 -11.86 -4.67 3.88
C SER G 350 -11.55 -5.05 2.45
N VAL G 351 -11.17 -6.32 2.28
CA VAL G 351 -10.86 -6.88 0.97
C VAL G 351 -12.14 -7.02 0.15
N ILE G 352 -12.01 -6.93 -1.18
CA ILE G 352 -13.15 -6.98 -2.09
C ILE G 352 -13.07 -8.24 -2.93
N THR G 353 -14.25 -8.83 -3.19
CA THR G 353 -14.38 -9.95 -4.10
C THR G 353 -15.44 -9.61 -5.13
N VAL G 354 -15.88 -10.57 -5.94
CA VAL G 354 -16.79 -10.33 -7.04
C VAL G 354 -18.11 -11.01 -6.75
N GLY G 355 -19.22 -10.29 -6.98
CA GLY G 355 -20.53 -10.88 -6.87
C GLY G 355 -21.29 -10.77 -8.16
N PRO G 356 -21.49 -11.90 -8.84
CA PRO G 356 -22.20 -11.89 -10.13
C PRO G 356 -23.71 -11.92 -10.02
N TYR G 357 -24.26 -12.15 -8.84
CA TYR G 357 -25.70 -12.11 -8.64
C TYR G 357 -26.21 -10.73 -8.27
N LEU G 358 -25.33 -9.77 -8.03
CA LEU G 358 -25.73 -8.47 -7.52
C LEU G 358 -26.42 -7.65 -8.60
N ARG G 359 -27.25 -6.71 -8.16
CA ARG G 359 -27.82 -5.71 -9.03
C ARG G 359 -26.87 -4.53 -9.17
N LEU G 360 -27.20 -3.62 -10.10
CA LEU G 360 -26.30 -2.51 -10.37
C LEU G 360 -26.21 -1.52 -9.21
N HIS G 361 -27.10 -1.61 -8.22
CA HIS G 361 -27.11 -0.68 -7.11
C HIS G 361 -26.94 -1.36 -5.76
N GLN G 362 -26.32 -2.54 -5.73
CA GLN G 362 -26.20 -3.31 -4.50
C GLN G 362 -24.75 -3.68 -4.25
N CYS G 363 -24.41 -3.80 -2.98
CA CYS G 363 -23.11 -4.28 -2.56
C CYS G 363 -23.29 -5.18 -1.35
N GLY G 364 -22.52 -6.26 -1.29
CA GLY G 364 -22.58 -7.17 -0.16
C GLY G 364 -21.73 -6.65 0.98
N LEU G 365 -22.31 -6.61 2.18
CA LEU G 365 -21.63 -6.13 3.35
C LEU G 365 -21.54 -7.26 4.37
N PRO G 366 -20.36 -7.54 4.91
CA PRO G 366 -20.27 -8.54 5.97
C PRO G 366 -21.07 -8.11 7.18
N LYS G 367 -21.90 -9.02 7.70
CA LYS G 367 -22.73 -8.68 8.85
C LYS G 367 -21.89 -8.46 10.10
N LYS G 368 -20.63 -8.93 10.12
CA LYS G 368 -19.73 -8.55 11.18
C LYS G 368 -19.20 -7.14 11.01
N MET G 369 -19.07 -6.68 9.75
CA MET G 369 -18.66 -5.30 9.52
C MET G 369 -19.79 -4.33 9.79
N ALA G 370 -21.02 -4.70 9.45
CA ALA G 370 -22.16 -4.04 10.05
C ALA G 370 -22.26 -4.46 11.50
N LEU G 371 -23.28 -3.96 12.20
CA LEU G 371 -23.45 -4.08 13.64
C LEU G 371 -22.36 -3.29 14.37
N GLU G 372 -21.38 -2.76 13.65
CA GLU G 372 -20.44 -1.81 14.22
C GLU G 372 -20.63 -0.42 13.63
N LEU G 373 -20.74 -0.31 12.31
CA LEU G 373 -20.98 0.99 11.72
C LEU G 373 -22.36 1.55 12.06
N PHE G 374 -23.32 0.67 12.35
CA PHE G 374 -24.70 1.08 12.57
C PHE G 374 -25.14 0.91 14.01
N LYS G 375 -24.17 0.94 14.94
CA LYS G 375 -24.50 0.70 16.35
C LYS G 375 -25.45 1.74 16.94
N PRO G 376 -25.24 3.05 16.77
CA PRO G 376 -26.21 3.99 17.34
C PRO G 376 -27.63 3.83 16.79
N PHE G 377 -27.76 3.49 15.51
CA PHE G 377 -29.08 3.23 14.95
C PHE G 377 -29.73 2.04 15.64
N ILE G 378 -28.95 1.00 15.92
CA ILE G 378 -29.47 -0.16 16.65
C ILE G 378 -29.92 0.25 18.04
N TYR G 379 -29.12 1.07 18.72
CA TYR G 379 -29.50 1.54 20.05
C TYR G 379 -30.83 2.27 20.00
N GLY G 380 -30.98 3.18 19.04
CA GLY G 380 -32.21 3.94 18.94
C GLY G 380 -33.41 3.06 18.63
N LYS G 381 -33.27 2.13 17.70
CA LYS G 381 -34.40 1.28 17.35
C LYS G 381 -34.71 0.27 18.45
N LEU G 382 -33.72 -0.10 19.26
CA LEU G 382 -34.00 -0.97 20.40
C LEU G 382 -34.76 -0.24 21.49
N GLU G 383 -34.31 0.98 21.81
CA GLU G 383 -35.03 1.78 22.80
C GLU G 383 -36.42 2.15 22.32
N LEU G 384 -36.60 2.25 21.00
CA LEU G 384 -37.91 2.59 20.45
C LEU G 384 -38.91 1.45 20.64
N ARG G 385 -38.50 0.23 20.29
CA ARG G 385 -39.40 -0.91 20.31
C ARG G 385 -39.54 -1.57 21.67
N GLY G 386 -38.78 -1.11 22.67
CA GLY G 386 -38.97 -1.59 24.02
C GLY G 386 -38.28 -2.88 24.38
N LEU G 387 -37.38 -3.38 23.53
CA LEU G 387 -36.60 -4.56 23.91
C LEU G 387 -35.71 -4.26 25.10
N ALA G 388 -35.10 -3.06 25.12
CA ALA G 388 -34.33 -2.60 26.27
C ALA G 388 -34.70 -1.16 26.55
N THR G 389 -34.83 -0.82 27.83
CA THR G 389 -35.24 0.52 28.22
C THR G 389 -34.05 1.47 28.35
N THR G 390 -33.06 1.10 29.16
CA THR G 390 -31.91 1.95 29.41
C THR G 390 -30.81 1.68 28.39
N ILE G 391 -29.91 2.66 28.26
CA ILE G 391 -28.85 2.56 27.27
C ILE G 391 -27.88 1.44 27.62
N LYS G 392 -27.61 1.24 28.91
CA LYS G 392 -26.71 0.17 29.32
C LYS G 392 -27.26 -1.20 28.90
N ALA G 393 -28.56 -1.42 29.09
CA ALA G 393 -29.16 -2.70 28.70
C ALA G 393 -29.05 -2.91 27.19
N ALA G 394 -29.33 -1.88 26.40
CA ALA G 394 -29.23 -2.01 24.95
C ALA G 394 -27.80 -2.29 24.53
N LYS G 395 -26.84 -1.62 25.15
CA LYS G 395 -25.44 -1.88 24.82
C LYS G 395 -25.04 -3.31 25.17
N LYS G 396 -25.49 -3.80 26.33
CA LYS G 396 -25.18 -5.18 26.70
C LYS G 396 -25.80 -6.16 25.72
N MET G 397 -27.05 -5.91 25.31
CA MET G 397 -27.70 -6.81 24.37
C MET G 397 -27.06 -6.77 22.99
N VAL G 398 -26.54 -5.61 22.57
CA VAL G 398 -25.81 -5.56 21.31
C VAL G 398 -24.50 -6.33 21.42
N GLU G 399 -23.79 -6.17 22.54
CA GLU G 399 -22.53 -6.89 22.71
C GLU G 399 -22.75 -8.39 22.74
N ARG G 400 -23.83 -8.85 23.37
CA ARG G 400 -24.10 -10.28 23.44
C ARG G 400 -24.55 -10.86 22.11
N GLU G 401 -25.11 -10.03 21.22
CA GLU G 401 -25.49 -10.44 19.87
C GLU G 401 -26.49 -11.59 19.88
N GLU G 402 -27.69 -11.28 20.39
CA GLU G 402 -28.79 -12.22 20.32
C GLU G 402 -29.46 -12.17 18.95
N ALA G 403 -30.43 -13.07 18.75
CA ALA G 403 -31.09 -13.16 17.44
C ALA G 403 -31.89 -11.90 17.14
N VAL G 404 -32.55 -11.34 18.14
CA VAL G 404 -33.34 -10.13 17.91
C VAL G 404 -32.45 -8.99 17.45
N VAL G 405 -31.18 -8.99 17.88
CA VAL G 405 -30.24 -7.96 17.41
C VAL G 405 -30.01 -8.10 15.92
N TRP G 406 -29.85 -9.32 15.42
CA TRP G 406 -29.68 -9.51 13.99
C TRP G 406 -30.94 -9.10 13.23
N ASP G 407 -32.11 -9.40 13.79
CA ASP G 407 -33.35 -8.99 13.11
C ASP G 407 -33.45 -7.47 13.04
N ILE G 408 -33.14 -6.77 14.14
CA ILE G 408 -33.30 -5.32 14.12
C ILE G 408 -32.25 -4.69 13.21
N LEU G 409 -31.04 -5.25 13.14
CA LEU G 409 -30.06 -4.73 12.19
C LEU G 409 -30.52 -4.94 10.76
N ASP G 410 -31.11 -6.11 10.46
CA ASP G 410 -31.66 -6.32 9.13
C ASP G 410 -32.73 -5.29 8.81
N GLU G 411 -33.52 -4.91 9.82
CA GLU G 411 -34.51 -3.86 9.62
C GLU G 411 -33.86 -2.52 9.35
N VAL G 412 -32.80 -2.18 10.09
CA VAL G 412 -32.16 -0.88 9.97
C VAL G 412 -31.51 -0.71 8.61
N ILE G 413 -30.81 -1.74 8.13
CA ILE G 413 -30.06 -1.65 6.88
C ILE G 413 -30.96 -1.37 5.67
N ARG G 414 -32.26 -1.63 5.80
CA ARG G 414 -33.15 -1.88 4.67
C ARG G 414 -32.88 -0.99 3.44
N GLU G 415 -33.00 0.32 3.60
CA GLU G 415 -32.86 1.24 2.49
C GLU G 415 -31.98 2.41 2.87
N HIS G 416 -30.86 2.12 3.52
CA HIS G 416 -29.91 3.11 4.00
C HIS G 416 -28.62 2.93 3.21
N PRO G 417 -28.37 3.74 2.19
CA PRO G 417 -27.20 3.51 1.34
C PRO G 417 -25.91 3.79 2.08
N VAL G 418 -24.84 3.12 1.67
CA VAL G 418 -23.50 3.35 2.18
C VAL G 418 -22.59 3.56 0.98
N LEU G 419 -21.59 4.42 1.13
CA LEU G 419 -20.76 4.79 0.00
C LEU G 419 -19.37 4.18 0.13
N LEU G 420 -18.93 3.52 -0.93
CA LEU G 420 -17.64 2.83 -1.01
C LEU G 420 -16.68 3.62 -1.88
N ASN G 421 -15.41 3.62 -1.49
CA ASN G 421 -14.38 4.25 -2.30
C ASN G 421 -13.08 3.47 -2.20
N ARG G 422 -12.21 3.68 -3.19
CA ARG G 422 -10.91 3.03 -3.27
C ARG G 422 -9.80 4.02 -3.00
N ALA G 423 -8.63 3.49 -2.66
CA ALA G 423 -7.57 4.32 -2.07
C ALA G 423 -7.07 5.43 -2.97
N PRO G 424 -6.66 5.20 -4.23
CA PRO G 424 -6.26 6.35 -5.08
C PRO G 424 -7.43 6.95 -5.85
N THR G 425 -8.21 7.79 -5.17
CA THR G 425 -9.40 8.37 -5.80
C THR G 425 -9.02 9.42 -6.83
N LEU G 426 -8.87 9.00 -8.08
CA LEU G 426 -8.45 9.92 -9.13
C LEU G 426 -9.59 10.81 -9.59
N HIS G 427 -10.62 10.22 -10.18
CA HIS G 427 -11.77 10.99 -10.68
C HIS G 427 -13.00 10.68 -9.85
N ARG G 428 -14.05 11.46 -10.09
CA ARG G 428 -15.20 11.49 -9.18
C ARG G 428 -15.96 10.17 -9.15
N LEU G 429 -15.71 9.27 -10.10
CA LEU G 429 -16.36 7.97 -10.08
C LEU G 429 -15.68 7.00 -9.13
N GLY G 430 -14.63 7.43 -8.44
CA GLY G 430 -13.95 6.60 -7.49
C GLY G 430 -14.61 6.50 -6.14
N ILE G 431 -15.75 7.17 -5.94
CA ILE G 431 -16.53 7.06 -4.73
C ILE G 431 -18.00 6.98 -5.11
N GLN G 432 -18.63 5.86 -4.81
CA GLN G 432 -19.98 5.63 -5.30
C GLN G 432 -20.84 5.06 -4.17
N ALA G 433 -22.13 5.37 -4.21
CA ALA G 433 -23.06 4.95 -3.17
C ALA G 433 -23.81 3.71 -3.59
N PHE G 434 -23.80 2.68 -2.75
CA PHE G 434 -24.43 1.40 -3.02
C PHE G 434 -25.37 1.06 -1.87
N GLU G 435 -26.45 0.38 -2.20
CA GLU G 435 -27.34 -0.15 -1.17
C GLU G 435 -26.76 -1.44 -0.61
N PRO G 436 -26.74 -1.61 0.72
CA PRO G 436 -26.13 -2.81 1.29
C PRO G 436 -27.10 -3.98 1.37
N VAL G 437 -26.57 -5.17 1.08
CA VAL G 437 -27.22 -6.44 1.40
C VAL G 437 -26.28 -7.21 2.31
N LEU G 438 -26.79 -7.66 3.45
CA LEU G 438 -25.95 -8.33 4.42
C LEU G 438 -25.62 -9.74 3.94
N ILE G 439 -24.35 -10.11 3.99
CA ILE G 439 -23.92 -11.45 3.60
C ILE G 439 -23.05 -12.02 4.71
N GLU G 440 -23.17 -13.32 4.92
CA GLU G 440 -22.39 -14.03 5.94
C GLU G 440 -21.02 -14.31 5.35
N GLY G 441 -20.05 -13.48 5.70
CA GLY G 441 -18.73 -13.63 5.15
C GLY G 441 -17.78 -12.67 5.82
N LYS G 442 -16.65 -12.43 5.16
CA LYS G 442 -15.67 -11.51 5.72
C LYS G 442 -15.08 -10.56 4.68
N ALA G 443 -15.57 -10.56 3.45
CA ALA G 443 -15.04 -9.68 2.42
C ALA G 443 -16.18 -8.94 1.73
N ILE G 444 -15.91 -7.70 1.34
CA ILE G 444 -16.90 -6.90 0.63
C ILE G 444 -17.16 -7.52 -0.72
N GLN G 445 -18.44 -7.69 -1.06
CA GLN G 445 -18.83 -8.14 -2.39
C GLN G 445 -19.13 -6.92 -3.25
N LEU G 446 -18.55 -6.88 -4.44
CA LEU G 446 -18.69 -5.73 -5.33
C LEU G 446 -19.31 -6.17 -6.64
N HIS G 447 -20.10 -5.29 -7.23
CA HIS G 447 -20.65 -5.54 -8.54
C HIS G 447 -19.52 -5.60 -9.57
N PRO G 448 -19.63 -6.45 -10.59
CA PRO G 448 -18.54 -6.50 -11.59
C PRO G 448 -18.51 -5.28 -12.49
N LEU G 449 -19.68 -4.83 -12.98
CA LEU G 449 -19.71 -3.79 -14.01
C LEU G 449 -19.00 -2.51 -13.56
N VAL G 450 -19.04 -2.20 -12.26
CA VAL G 450 -18.45 -0.95 -11.78
C VAL G 450 -16.95 -1.02 -11.58
N CYS G 451 -16.33 -2.21 -11.75
CA CYS G 451 -14.90 -2.32 -11.51
C CYS G 451 -14.11 -1.38 -12.41
N ALA G 452 -14.49 -1.29 -13.68
CA ALA G 452 -13.83 -0.38 -14.60
C ALA G 452 -13.91 1.06 -14.11
N ALA G 453 -15.01 1.44 -13.45
CA ALA G 453 -15.10 2.77 -12.88
C ALA G 453 -14.10 2.94 -11.75
N TYR G 454 -13.94 1.92 -10.91
CA TYR G 454 -13.03 2.00 -9.78
C TYR G 454 -11.57 1.74 -10.16
N ASN G 455 -11.34 1.22 -11.36
CA ASN G 455 -10.02 0.71 -11.75
C ASN G 455 -9.52 -0.30 -10.71
N ALA G 456 -10.41 -1.21 -10.34
CA ALA G 456 -10.16 -2.19 -9.28
C ALA G 456 -10.02 -3.58 -9.88
N ASP G 457 -9.12 -4.36 -9.32
CA ASP G 457 -8.86 -5.72 -9.74
C ASP G 457 -8.82 -6.62 -8.53
N PHE G 458 -9.50 -7.75 -8.60
CA PHE G 458 -9.65 -8.63 -7.45
C PHE G 458 -8.39 -9.47 -7.23
N ASP G 459 -7.28 -8.79 -7.01
CA ASP G 459 -6.02 -9.46 -6.75
C ASP G 459 -5.46 -9.09 -5.37
N GLY G 460 -6.32 -8.59 -4.49
CA GLY G 460 -5.89 -8.22 -3.16
C GLY G 460 -6.22 -6.79 -2.80
N ASP G 461 -7.02 -6.12 -3.62
CA ASP G 461 -7.39 -4.75 -3.34
C ASP G 461 -8.30 -4.68 -2.12
N GLN G 462 -8.32 -3.51 -1.48
CA GLN G 462 -9.23 -3.24 -0.38
C GLN G 462 -10.00 -1.96 -0.66
N MET G 463 -11.23 -1.90 -0.17
CA MET G 463 -12.05 -0.71 -0.29
C MET G 463 -12.58 -0.30 1.06
N ALA G 464 -12.94 0.98 1.17
CA ALA G 464 -13.41 1.58 2.39
C ALA G 464 -14.88 1.97 2.27
N VAL G 465 -15.58 1.86 3.39
CA VAL G 465 -17.03 2.07 3.47
C VAL G 465 -17.29 3.21 4.44
N HIS G 466 -18.15 4.15 4.03
CA HIS G 466 -18.61 5.24 4.89
C HIS G 466 -20.13 5.26 4.90
N VAL G 467 -20.68 5.74 6.01
CA VAL G 467 -22.11 5.72 6.29
C VAL G 467 -22.64 7.14 6.24
N PRO G 468 -23.57 7.46 5.33
CA PRO G 468 -24.21 8.78 5.34
C PRO G 468 -25.33 8.87 6.35
N LEU G 469 -25.01 9.28 7.58
CA LEU G 469 -25.94 9.21 8.71
C LEU G 469 -26.74 10.50 8.90
N THR G 470 -27.40 10.98 7.85
CA THR G 470 -28.22 12.17 7.94
C THR G 470 -29.26 12.12 6.83
N LEU G 471 -30.42 12.72 7.09
CA LEU G 471 -31.48 12.74 6.08
C LEU G 471 -31.03 13.45 4.81
N GLU G 472 -30.45 14.64 4.95
CA GLU G 472 -29.91 15.33 3.78
C GLU G 472 -28.79 14.51 3.16
N ALA G 473 -27.93 13.90 3.99
CA ALA G 473 -26.86 13.08 3.46
C ALA G 473 -27.39 11.84 2.77
N GLN G 474 -28.42 11.21 3.33
CA GLN G 474 -29.03 10.06 2.67
C GLN G 474 -29.60 10.45 1.31
N LEU G 475 -30.29 11.59 1.24
CA LEU G 475 -30.85 12.02 -0.04
C LEU G 475 -29.76 12.36 -1.04
N GLU G 476 -28.67 12.97 -0.57
CA GLU G 476 -27.55 13.27 -1.46
C GLU G 476 -26.94 12.00 -2.01
N ALA G 477 -26.77 10.98 -1.17
CA ALA G 477 -26.21 9.72 -1.64
C ALA G 477 -27.17 9.02 -2.60
N ARG G 478 -28.47 9.15 -2.37
CA ARG G 478 -29.43 8.44 -3.21
C ARG G 478 -29.61 9.13 -4.56
N ALA G 479 -29.57 10.45 -4.59
CA ALA G 479 -29.87 11.19 -5.82
C ALA G 479 -28.64 11.63 -6.60
N LEU G 480 -27.45 11.58 -6.00
CA LEU G 480 -26.25 12.04 -6.68
C LEU G 480 -25.19 10.96 -6.83
N MET G 481 -24.93 10.17 -5.79
CA MET G 481 -23.81 9.26 -5.77
C MET G 481 -24.19 7.82 -6.10
N MET G 482 -25.45 7.52 -6.38
CA MET G 482 -25.81 6.14 -6.61
C MET G 482 -25.17 5.63 -7.90
N SER G 483 -24.86 4.34 -7.92
CA SER G 483 -24.19 3.77 -9.08
C SER G 483 -25.09 3.75 -10.30
N THR G 484 -26.40 3.63 -10.11
CA THR G 484 -27.33 3.66 -11.24
C THR G 484 -27.43 5.03 -11.89
N ASN G 485 -26.86 6.07 -11.27
CA ASN G 485 -26.96 7.42 -11.81
C ASN G 485 -25.73 7.80 -12.63
N ASN G 486 -24.57 7.21 -12.34
CA ASN G 486 -23.34 7.51 -13.06
C ASN G 486 -23.11 6.41 -14.09
N ILE G 487 -23.69 6.59 -15.27
CA ILE G 487 -23.47 5.69 -16.39
C ILE G 487 -22.49 6.30 -17.40
N LEU G 488 -22.56 7.59 -17.62
CA LEU G 488 -21.68 8.27 -18.57
C LEU G 488 -20.59 9.00 -17.80
N SER G 489 -19.34 8.70 -18.11
CA SER G 489 -18.24 9.34 -17.42
C SER G 489 -18.16 10.80 -17.82
N PRO G 490 -17.88 11.70 -16.88
CA PRO G 490 -17.95 13.14 -17.19
C PRO G 490 -16.65 13.67 -17.76
N ALA G 491 -16.01 12.92 -18.64
CA ALA G 491 -14.77 13.35 -19.25
C ALA G 491 -14.86 13.40 -20.77
N ASN G 492 -15.55 12.45 -21.38
CA ASN G 492 -15.79 12.47 -22.81
C ASN G 492 -17.21 12.12 -23.19
N GLY G 493 -18.05 11.69 -22.26
CA GLY G 493 -19.41 11.31 -22.56
C GLY G 493 -19.60 9.86 -22.92
N GLU G 494 -18.53 9.09 -23.07
CA GLU G 494 -18.68 7.67 -23.35
C GLU G 494 -19.15 6.93 -22.11
N PRO G 495 -19.92 5.86 -22.27
CA PRO G 495 -20.43 5.13 -21.10
C PRO G 495 -19.30 4.44 -20.36
N ILE G 496 -19.21 4.72 -19.05
CA ILE G 496 -18.10 4.19 -18.26
C ILE G 496 -18.38 2.77 -17.78
N ILE G 497 -19.63 2.46 -17.46
CA ILE G 497 -20.01 1.11 -17.05
C ILE G 497 -20.27 0.32 -18.33
N VAL G 498 -19.37 -0.60 -18.65
CA VAL G 498 -19.44 -1.34 -19.90
C VAL G 498 -19.04 -2.78 -19.67
N PRO G 499 -19.71 -3.70 -20.36
CA PRO G 499 -19.30 -5.10 -20.29
C PRO G 499 -17.87 -5.28 -20.76
N SER G 500 -17.14 -6.16 -20.07
CA SER G 500 -15.75 -6.44 -20.38
C SER G 500 -15.40 -7.80 -19.82
N GLN G 501 -14.25 -8.33 -20.25
CA GLN G 501 -13.73 -9.61 -19.77
C GLN G 501 -14.74 -10.68 -20.17
N ASP G 502 -15.10 -11.61 -19.27
CA ASP G 502 -15.90 -12.77 -19.66
C ASP G 502 -17.20 -12.36 -20.34
N VAL G 503 -17.79 -11.25 -19.91
CA VAL G 503 -19.07 -10.82 -20.47
C VAL G 503 -18.97 -10.68 -21.99
N VAL G 504 -17.90 -10.05 -22.47
CA VAL G 504 -17.73 -9.93 -23.91
C VAL G 504 -17.62 -11.31 -24.54
N LEU G 505 -16.80 -12.19 -23.95
CA LEU G 505 -16.70 -13.53 -24.47
C LEU G 505 -18.03 -14.27 -24.38
N GLY G 506 -18.92 -13.85 -23.49
CA GLY G 506 -20.24 -14.44 -23.44
C GLY G 506 -21.07 -14.07 -24.66
N LEU G 507 -20.94 -12.83 -25.11
CA LEU G 507 -21.75 -12.39 -26.24
C LEU G 507 -21.06 -12.67 -27.56
N TYR G 508 -19.74 -12.48 -27.63
CA TYR G 508 -19.03 -12.77 -28.86
C TYR G 508 -19.17 -14.23 -29.24
N TYR G 509 -19.10 -15.13 -28.27
CA TYR G 509 -19.34 -16.54 -28.57
C TYR G 509 -20.79 -16.77 -28.97
N MET G 510 -21.72 -16.00 -28.41
CA MET G 510 -23.14 -16.22 -28.71
C MET G 510 -23.48 -15.70 -30.10
N THR G 511 -22.97 -14.53 -30.47
CA THR G 511 -23.29 -13.92 -31.76
C THR G 511 -22.17 -14.19 -32.77
N ARG G 512 -22.07 -15.45 -33.17
CA ARG G 512 -21.15 -15.86 -34.21
C ARG G 512 -21.78 -16.99 -35.00
N ASP G 513 -21.32 -17.16 -36.24
CA ASP G 513 -21.92 -18.11 -37.16
C ASP G 513 -20.86 -19.07 -37.68
N CYS G 514 -21.30 -20.30 -37.99
CA CYS G 514 -20.45 -21.34 -38.53
C CYS G 514 -21.08 -21.86 -39.81
N VAL G 515 -20.24 -22.22 -40.80
CA VAL G 515 -20.75 -22.58 -42.11
C VAL G 515 -21.61 -23.83 -42.06
N ASN G 516 -21.37 -24.70 -41.07
CA ASN G 516 -22.19 -25.90 -40.91
C ASN G 516 -22.32 -26.20 -39.43
N ALA G 517 -23.56 -26.40 -38.98
CA ALA G 517 -23.83 -26.72 -37.59
C ALA G 517 -25.15 -27.48 -37.52
N LYS G 518 -25.60 -27.76 -36.30
CA LYS G 518 -26.83 -28.49 -36.11
C LYS G 518 -28.01 -27.62 -36.51
N GLY G 519 -28.58 -27.88 -37.68
CA GLY G 519 -29.71 -27.11 -38.16
C GLY G 519 -29.28 -26.01 -39.12
N GLU G 520 -29.50 -26.24 -40.42
CA GLU G 520 -29.14 -25.29 -41.45
C GLU G 520 -30.39 -24.94 -42.25
N GLY G 521 -30.61 -23.64 -42.45
CA GLY G 521 -31.78 -23.21 -43.18
C GLY G 521 -33.10 -23.47 -42.50
N MET G 522 -33.08 -23.84 -41.22
CA MET G 522 -34.32 -24.08 -40.50
C MET G 522 -35.09 -22.78 -40.35
N VAL G 523 -36.41 -22.91 -40.34
CA VAL G 523 -37.31 -21.77 -40.19
C VAL G 523 -38.12 -21.99 -38.93
N LEU G 524 -38.13 -20.98 -38.06
CA LEU G 524 -38.77 -21.08 -36.76
C LEU G 524 -39.48 -19.78 -36.43
N THR G 525 -40.46 -19.86 -35.52
CA THR G 525 -41.40 -18.77 -35.34
C THR G 525 -40.73 -17.52 -34.77
N GLY G 526 -39.99 -17.67 -33.68
CA GLY G 526 -39.40 -16.52 -33.03
C GLY G 526 -38.33 -16.89 -32.04
N PRO G 527 -37.89 -15.91 -31.24
CA PRO G 527 -36.84 -16.18 -30.25
C PRO G 527 -37.19 -17.27 -29.27
N LYS G 528 -38.47 -17.42 -28.93
CA LYS G 528 -38.88 -18.49 -28.03
C LYS G 528 -38.48 -19.85 -28.58
N GLU G 529 -38.79 -20.10 -29.86
CA GLU G 529 -38.43 -21.37 -30.45
C GLU G 529 -36.93 -21.52 -30.58
N ALA G 530 -36.20 -20.42 -30.80
CA ALA G 530 -34.74 -20.51 -30.85
C ALA G 530 -34.17 -20.98 -29.52
N GLU G 531 -34.64 -20.39 -28.43
CA GLU G 531 -34.17 -20.82 -27.11
C GLU G 531 -34.57 -22.26 -26.83
N ARG G 532 -35.80 -22.63 -27.19
CA ARG G 532 -36.25 -23.99 -26.94
C ARG G 532 -35.41 -25.00 -27.72
N LEU G 533 -35.11 -24.71 -28.98
CA LEU G 533 -34.30 -25.62 -29.78
C LEU G 533 -32.89 -25.72 -29.23
N TYR G 534 -32.29 -24.60 -28.83
CA TYR G 534 -30.94 -24.68 -28.30
C TYR G 534 -30.90 -25.45 -26.99
N ARG G 535 -31.87 -25.21 -26.10
CA ARG G 535 -31.87 -25.90 -24.81
C ARG G 535 -32.14 -27.38 -24.98
N SER G 536 -33.02 -27.75 -25.92
CA SER G 536 -33.33 -29.16 -26.15
C SER G 536 -32.17 -29.93 -26.78
N GLY G 537 -31.12 -29.24 -27.23
CA GLY G 537 -29.99 -29.90 -27.85
C GLY G 537 -30.18 -30.23 -29.31
N LEU G 538 -31.21 -29.68 -29.96
CA LEU G 538 -31.49 -29.97 -31.36
C LEU G 538 -30.82 -29.00 -32.32
N ALA G 539 -30.21 -27.93 -31.84
CA ALA G 539 -29.60 -26.94 -32.71
C ALA G 539 -28.40 -26.32 -31.99
N SER G 540 -27.53 -25.70 -32.78
CA SER G 540 -26.30 -25.10 -32.26
C SER G 540 -26.43 -23.59 -32.16
N LEU G 541 -25.68 -23.02 -31.22
CA LEU G 541 -25.71 -21.58 -31.01
C LEU G 541 -25.20 -20.81 -32.22
N HIS G 542 -24.37 -21.43 -33.05
CA HIS G 542 -23.77 -20.77 -34.20
C HIS G 542 -24.45 -21.14 -35.52
N ALA G 543 -25.52 -21.91 -35.48
CA ALA G 543 -26.21 -22.32 -36.69
C ALA G 543 -26.99 -21.16 -37.29
N ARG G 544 -27.21 -21.23 -38.60
CA ARG G 544 -27.87 -20.16 -39.35
C ARG G 544 -29.29 -20.58 -39.69
N VAL G 545 -30.26 -19.72 -39.33
CA VAL G 545 -31.68 -19.99 -39.50
C VAL G 545 -32.36 -18.71 -39.98
N LYS G 546 -33.67 -18.80 -40.19
CA LYS G 546 -34.51 -17.65 -40.50
C LYS G 546 -35.59 -17.52 -39.44
N VAL G 547 -35.66 -16.36 -38.80
CA VAL G 547 -36.56 -16.15 -37.66
C VAL G 547 -37.48 -14.98 -37.97
N ARG G 548 -38.75 -15.12 -37.59
CA ARG G 548 -39.73 -14.05 -37.70
C ARG G 548 -39.68 -13.23 -36.42
N ILE G 549 -39.29 -11.96 -36.55
CA ILE G 549 -39.06 -11.10 -35.40
C ILE G 549 -39.84 -9.81 -35.56
N THR G 550 -40.21 -9.22 -34.43
CA THR G 550 -40.95 -7.97 -34.39
C THR G 550 -40.08 -6.91 -33.72
N GLU G 551 -39.88 -5.80 -34.42
CA GLU G 551 -39.12 -4.67 -33.91
C GLU G 551 -40.06 -3.48 -33.70
N TYR G 552 -39.85 -2.76 -32.62
CA TYR G 552 -40.59 -1.54 -32.35
C TYR G 552 -39.75 -0.33 -32.74
N GLU G 553 -40.43 0.72 -33.19
CA GLU G 553 -39.77 1.90 -33.70
C GLU G 553 -40.45 3.13 -33.13
N LYS G 554 -39.70 4.24 -33.07
CA LYS G 554 -40.12 5.46 -32.39
C LYS G 554 -40.32 6.63 -33.34
N ASP G 555 -40.69 6.37 -34.59
CA ASP G 555 -40.94 7.47 -35.52
C ASP G 555 -42.13 8.32 -35.06
N ALA G 556 -43.19 7.66 -34.60
CA ALA G 556 -44.30 8.38 -34.01
C ALA G 556 -43.86 9.10 -32.75
N ASN G 557 -44.28 10.35 -32.59
CA ASN G 557 -43.82 11.18 -31.50
C ASN G 557 -44.26 10.60 -30.16
N GLY G 558 -43.31 10.03 -29.42
CA GLY G 558 -43.64 9.39 -28.16
C GLY G 558 -44.55 8.20 -28.29
N GLU G 559 -44.40 7.43 -29.35
CA GLU G 559 -45.23 6.25 -29.57
C GLU G 559 -44.42 5.20 -30.31
N LEU G 560 -44.70 3.93 -30.01
CA LEU G 560 -43.96 2.81 -30.57
C LEU G 560 -44.82 2.08 -31.59
N VAL G 561 -44.27 1.87 -32.78
CA VAL G 561 -44.94 1.11 -33.82
C VAL G 561 -44.25 -0.24 -33.98
N ALA G 562 -45.01 -1.26 -34.36
CA ALA G 562 -44.51 -2.62 -34.43
C ALA G 562 -44.38 -3.07 -35.88
N LYS G 563 -43.30 -3.77 -36.18
CA LYS G 563 -43.05 -4.28 -37.52
C LYS G 563 -42.50 -5.70 -37.44
N THR G 564 -43.19 -6.64 -38.09
CA THR G 564 -42.85 -8.05 -38.02
C THR G 564 -42.34 -8.52 -39.38
N SER G 565 -41.19 -9.19 -39.39
CA SER G 565 -40.61 -9.61 -40.66
C SER G 565 -39.71 -10.82 -40.45
N LEU G 566 -39.43 -11.51 -41.55
CA LEU G 566 -38.50 -12.64 -41.55
C LEU G 566 -37.09 -12.14 -41.80
N LYS G 567 -36.15 -12.56 -40.94
CA LYS G 567 -34.76 -12.16 -41.07
C LYS G 567 -33.85 -13.36 -40.90
N ASP G 568 -32.79 -13.42 -41.69
CA ASP G 568 -31.84 -14.54 -41.68
C ASP G 568 -30.74 -14.24 -40.67
N THR G 569 -30.72 -14.99 -39.58
CA THR G 569 -29.81 -14.73 -38.47
C THR G 569 -29.32 -16.06 -37.92
N THR G 570 -28.79 -16.05 -36.71
CA THR G 570 -28.35 -17.25 -36.03
C THR G 570 -29.24 -17.51 -34.82
N VAL G 571 -29.10 -18.70 -34.24
CA VAL G 571 -29.86 -19.03 -33.05
C VAL G 571 -29.40 -18.17 -31.88
N GLY G 572 -28.09 -17.95 -31.76
CA GLY G 572 -27.58 -17.15 -30.66
C GLY G 572 -28.08 -15.72 -30.70
N ARG G 573 -28.08 -15.09 -31.88
CA ARG G 573 -28.58 -13.73 -31.99
C ARG G 573 -30.08 -13.67 -31.68
N ALA G 574 -30.82 -14.68 -32.12
CA ALA G 574 -32.25 -14.72 -31.82
C ALA G 574 -32.48 -14.83 -30.32
N ILE G 575 -31.68 -15.64 -29.63
CA ILE G 575 -31.79 -15.73 -28.17
C ILE G 575 -31.46 -14.39 -27.54
N LEU G 576 -30.39 -13.73 -28.01
CA LEU G 576 -29.97 -12.46 -27.43
C LEU G 576 -31.01 -11.38 -27.64
N TRP G 577 -31.79 -11.46 -28.71
CA TRP G 577 -32.82 -10.46 -28.97
C TRP G 577 -33.87 -10.42 -27.87
N MET G 578 -33.97 -11.48 -27.06
CA MET G 578 -35.01 -11.57 -26.05
C MET G 578 -34.80 -10.62 -24.88
N ILE G 579 -33.66 -9.95 -24.79
CA ILE G 579 -33.38 -9.07 -23.66
C ILE G 579 -33.38 -7.60 -24.03
N VAL G 580 -33.21 -7.25 -25.29
CA VAL G 580 -33.15 -5.82 -25.65
C VAL G 580 -34.51 -5.19 -25.41
N PRO G 581 -34.57 -3.94 -24.96
CA PRO G 581 -35.87 -3.30 -24.75
C PRO G 581 -36.51 -2.94 -26.08
N LYS G 582 -37.82 -2.72 -26.03
CA LYS G 582 -38.56 -2.33 -27.22
C LYS G 582 -38.08 -0.97 -27.72
N GLY G 583 -37.95 -0.85 -29.03
CA GLY G 583 -37.54 0.40 -29.65
C GLY G 583 -36.16 0.39 -30.27
N LEU G 584 -35.41 -0.69 -30.12
CA LEU G 584 -34.12 -0.66 -30.78
C LEU G 584 -34.17 -1.42 -32.10
N PRO G 585 -33.44 -1.00 -33.12
CA PRO G 585 -33.46 -1.72 -34.39
C PRO G 585 -32.80 -3.08 -34.24
N TYR G 586 -33.23 -4.03 -35.07
CA TYR G 586 -32.66 -5.37 -35.01
C TYR G 586 -31.26 -5.44 -35.62
N SER G 587 -30.88 -4.45 -36.43
CA SER G 587 -29.56 -4.48 -37.05
C SER G 587 -28.43 -4.39 -36.05
N ILE G 588 -28.72 -4.03 -34.79
CA ILE G 588 -27.66 -3.82 -33.81
C ILE G 588 -27.15 -5.13 -33.21
N VAL G 589 -27.94 -6.20 -33.25
CA VAL G 589 -27.52 -7.49 -32.70
C VAL G 589 -27.11 -8.47 -33.80
N ASN G 590 -27.09 -8.04 -35.05
CA ASN G 590 -26.65 -8.87 -36.16
C ASN G 590 -25.18 -8.61 -36.48
N GLN G 591 -24.34 -8.83 -35.48
CA GLN G 591 -22.91 -8.56 -35.60
C GLN G 591 -22.17 -9.59 -34.74
N ALA G 592 -20.91 -9.28 -34.41
CA ALA G 592 -20.14 -10.09 -33.49
C ALA G 592 -20.11 -9.55 -32.07
N LEU G 593 -20.43 -8.27 -31.87
CA LEU G 593 -20.54 -7.66 -30.55
C LEU G 593 -19.22 -7.78 -29.78
N GLY G 594 -18.16 -7.25 -30.38
CA GLY G 594 -16.84 -7.34 -29.81
C GLY G 594 -16.38 -6.15 -28.98
N LYS G 595 -17.03 -5.89 -27.85
CA LYS G 595 -16.58 -4.92 -26.87
C LYS G 595 -16.68 -3.49 -27.40
N LYS G 596 -16.97 -3.33 -28.68
CA LYS G 596 -17.22 -2.02 -29.25
C LYS G 596 -18.64 -1.87 -29.77
N ALA G 597 -19.20 -2.94 -30.36
CA ALA G 597 -20.61 -2.92 -30.70
C ALA G 597 -21.47 -2.94 -29.45
N ILE G 598 -21.00 -3.58 -28.38
CA ILE G 598 -21.74 -3.58 -27.12
C ILE G 598 -21.85 -2.17 -26.55
N SER G 599 -20.73 -1.44 -26.56
CA SER G 599 -20.75 -0.06 -26.07
C SER G 599 -21.67 0.80 -26.90
N LYS G 600 -21.63 0.66 -28.22
CA LYS G 600 -22.51 1.45 -29.08
C LYS G 600 -23.98 1.09 -28.84
N MET G 601 -24.28 -0.18 -28.64
CA MET G 601 -25.66 -0.58 -28.39
C MET G 601 -26.15 -0.01 -27.06
N LEU G 602 -25.31 -0.06 -26.02
CA LEU G 602 -25.69 0.56 -24.76
C LEU G 602 -25.88 2.06 -24.91
N ASN G 603 -25.03 2.72 -25.69
CA ASN G 603 -25.14 4.16 -25.87
C ASN G 603 -26.43 4.52 -26.60
N THR G 604 -26.79 3.75 -27.63
CA THR G 604 -28.05 4.00 -28.31
C THR G 604 -29.23 3.75 -27.39
N CYS G 605 -29.16 2.71 -26.56
CA CYS G 605 -30.25 2.45 -25.61
C CYS G 605 -30.40 3.59 -24.63
N TYR G 606 -29.29 4.15 -24.15
CA TYR G 606 -29.40 5.29 -23.24
C TYR G 606 -29.95 6.52 -23.94
N ARG G 607 -29.47 6.80 -25.15
CA ARG G 607 -29.84 8.02 -25.85
C ARG G 607 -31.21 7.94 -26.51
N ILE G 608 -31.83 6.77 -26.55
CA ILE G 608 -33.13 6.59 -27.16
C ILE G 608 -34.23 6.42 -26.11
N LEU G 609 -33.99 5.60 -25.09
CA LEU G 609 -35.03 5.23 -24.15
C LEU G 609 -34.99 6.04 -22.86
N GLY G 610 -33.87 6.04 -22.16
CA GLY G 610 -33.79 6.78 -20.91
C GLY G 610 -32.75 6.14 -19.99
N LEU G 611 -33.04 6.19 -18.69
CA LEU G 611 -32.10 5.71 -17.68
C LEU G 611 -32.49 4.38 -17.06
N LYS G 612 -33.76 4.18 -16.69
CA LYS G 612 -34.15 2.88 -16.15
C LYS G 612 -34.00 1.76 -17.18
N PRO G 613 -34.51 1.88 -18.41
CA PRO G 613 -34.33 0.79 -19.37
C PRO G 613 -32.88 0.46 -19.66
N THR G 614 -31.99 1.45 -19.70
CA THR G 614 -30.58 1.13 -19.96
C THR G 614 -29.95 0.43 -18.77
N VAL G 615 -30.38 0.72 -17.54
CA VAL G 615 -29.88 0.01 -16.38
C VAL G 615 -30.31 -1.46 -16.43
N ILE G 616 -31.60 -1.69 -16.69
CA ILE G 616 -32.08 -3.06 -16.75
C ILE G 616 -31.40 -3.80 -17.89
N PHE G 617 -31.20 -3.12 -19.02
CA PHE G 617 -30.52 -3.74 -20.15
C PHE G 617 -29.08 -4.09 -19.82
N ALA G 618 -28.38 -3.22 -19.09
CA ALA G 618 -27.01 -3.53 -18.71
C ALA G 618 -26.95 -4.75 -17.81
N ASP G 619 -27.86 -4.84 -16.84
CA ASP G 619 -27.88 -6.01 -15.98
C ASP G 619 -28.17 -7.28 -16.75
N GLN G 620 -29.15 -7.23 -17.66
CA GLN G 620 -29.48 -8.42 -18.45
C GLN G 620 -28.32 -8.84 -19.33
N ILE G 621 -27.64 -7.86 -19.95
CA ILE G 621 -26.50 -8.18 -20.79
C ILE G 621 -25.41 -8.85 -19.97
N MET G 622 -25.13 -8.32 -18.78
CA MET G 622 -24.10 -8.92 -17.94
C MET G 622 -24.44 -10.36 -17.58
N TYR G 623 -25.69 -10.60 -17.18
CA TYR G 623 -26.08 -11.94 -16.76
C TYR G 623 -26.00 -12.93 -17.91
N THR G 624 -26.54 -12.56 -19.08
CA THR G 624 -26.53 -13.49 -20.20
C THR G 624 -25.11 -13.74 -20.68
N GLY G 625 -24.26 -12.72 -20.65
CA GLY G 625 -22.87 -12.92 -21.04
C GLY G 625 -22.16 -13.89 -20.12
N PHE G 626 -22.34 -13.72 -18.81
CA PHE G 626 -21.70 -14.63 -17.87
C PHE G 626 -22.16 -16.06 -18.08
N ALA G 627 -23.48 -16.25 -18.18
CA ALA G 627 -24.02 -17.59 -18.33
C ALA G 627 -23.52 -18.27 -19.59
N TYR G 628 -23.54 -17.57 -20.72
CA TYR G 628 -23.15 -18.22 -21.95
C TYR G 628 -21.63 -18.37 -22.08
N ALA G 629 -20.84 -17.49 -21.47
CA ALA G 629 -19.40 -17.70 -21.43
C ALA G 629 -19.06 -18.94 -20.63
N ALA G 630 -19.75 -19.16 -19.51
CA ALA G 630 -19.53 -20.39 -18.76
C ALA G 630 -19.98 -21.60 -19.56
N ARG G 631 -21.10 -21.50 -20.26
CA ARG G 631 -21.60 -22.63 -21.04
C ARG G 631 -20.65 -23.02 -22.17
N SER G 632 -20.04 -22.02 -22.83
CA SER G 632 -19.12 -22.32 -23.91
C SER G 632 -17.90 -23.09 -23.41
N GLY G 633 -17.37 -22.70 -22.27
CA GLY G 633 -16.17 -23.36 -21.75
C GLY G 633 -14.93 -23.14 -22.59
N ALA G 634 -14.68 -21.91 -23.02
CA ALA G 634 -13.46 -21.61 -23.75
C ALA G 634 -12.26 -21.76 -22.82
N SER G 635 -11.22 -22.43 -23.29
CA SER G 635 -10.02 -22.67 -22.50
C SER G 635 -8.80 -22.40 -23.36
N VAL G 636 -7.69 -22.09 -22.70
CA VAL G 636 -6.43 -21.79 -23.37
C VAL G 636 -5.47 -22.93 -23.11
N GLY G 637 -5.12 -23.65 -24.18
CA GLY G 637 -4.14 -24.72 -24.11
C GLY G 637 -2.88 -24.38 -24.88
N ILE G 638 -1.93 -25.32 -24.86
CA ILE G 638 -0.65 -25.09 -25.51
C ILE G 638 -0.72 -25.32 -27.02
N ASP G 639 -1.80 -25.89 -27.53
CA ASP G 639 -1.97 -26.03 -28.97
C ASP G 639 -2.63 -24.83 -29.62
N ASP G 640 -3.14 -23.89 -28.82
CA ASP G 640 -3.82 -22.73 -29.41
C ASP G 640 -2.82 -21.78 -30.06
N MET G 641 -1.63 -21.65 -29.51
CA MET G 641 -0.60 -20.78 -30.10
C MET G 641 0.03 -21.52 -31.27
N VAL G 642 -0.60 -21.38 -32.44
CA VAL G 642 -0.12 -22.10 -33.62
C VAL G 642 1.11 -21.39 -34.16
N ILE G 643 2.19 -22.16 -34.35
CA ILE G 643 3.43 -21.61 -34.88
C ILE G 643 3.31 -21.49 -36.40
N PRO G 644 3.56 -20.32 -36.98
CA PRO G 644 3.60 -20.23 -38.44
C PRO G 644 4.72 -21.10 -38.98
N GLU G 645 4.42 -21.81 -40.08
CA GLU G 645 5.39 -22.75 -40.61
C GLU G 645 6.53 -22.04 -41.33
N LYS G 646 6.26 -20.89 -41.93
CA LYS G 646 7.26 -20.20 -42.75
C LYS G 646 8.19 -19.32 -41.93
N LYS G 647 8.12 -19.39 -40.60
CA LYS G 647 8.96 -18.54 -39.77
C LYS G 647 10.44 -18.86 -39.98
N HIS G 648 10.78 -20.16 -40.03
CA HIS G 648 12.18 -20.55 -40.12
C HIS G 648 12.79 -20.17 -41.46
N GLU G 649 12.03 -20.32 -42.55
CA GLU G 649 12.55 -19.97 -43.86
C GLU G 649 12.96 -18.50 -43.93
N ILE G 650 12.07 -17.61 -43.49
CA ILE G 650 12.36 -16.19 -43.62
C ILE G 650 13.33 -15.72 -42.54
N ILE G 651 13.38 -16.39 -41.38
CA ILE G 651 14.41 -16.04 -40.42
C ILE G 651 15.79 -16.41 -40.98
N SER G 652 15.89 -17.54 -41.69
CA SER G 652 17.14 -17.89 -42.33
C SER G 652 17.49 -16.91 -43.45
N GLU G 653 16.48 -16.46 -44.20
CA GLU G 653 16.74 -15.45 -45.23
C GLU G 653 17.28 -14.17 -44.61
N ALA G 654 16.70 -13.73 -43.49
CA ALA G 654 17.20 -12.54 -42.81
C ALA G 654 18.62 -12.74 -42.33
N GLU G 655 18.93 -13.93 -41.80
CA GLU G 655 20.30 -14.20 -41.36
C GLU G 655 21.27 -14.15 -42.53
N ALA G 656 20.87 -14.70 -43.69
CA ALA G 656 21.73 -14.66 -44.86
C ALA G 656 21.98 -13.23 -45.31
N GLU G 657 20.94 -12.39 -45.30
CA GLU G 657 21.12 -11.00 -45.66
C GLU G 657 22.04 -10.28 -44.67
N VAL G 658 21.91 -10.61 -43.39
CA VAL G 658 22.78 -10.01 -42.38
C VAL G 658 24.23 -10.40 -42.62
N ALA G 659 24.48 -11.66 -42.94
CA ALA G 659 25.84 -12.10 -43.24
C ALA G 659 26.37 -11.39 -44.48
N GLU G 660 25.53 -11.21 -45.50
CA GLU G 660 25.97 -10.50 -46.70
C GLU G 660 26.35 -9.06 -46.37
N ILE G 661 25.55 -8.39 -45.55
CA ILE G 661 25.87 -7.00 -45.23
C ILE G 661 27.10 -6.93 -44.34
N GLN G 662 27.34 -7.96 -43.52
CA GLN G 662 28.59 -7.99 -42.75
C GLN G 662 29.79 -8.14 -43.67
N GLU G 663 29.65 -8.97 -44.71
CA GLU G 663 30.71 -9.06 -45.72
C GLU G 663 30.93 -7.72 -46.40
N GLN G 664 29.84 -7.01 -46.71
CA GLN G 664 29.96 -5.69 -47.33
C GLN G 664 30.69 -4.72 -46.41
N PHE G 665 30.37 -4.74 -45.11
CA PHE G 665 31.10 -3.89 -44.17
C PHE G 665 32.57 -4.25 -44.11
N GLN G 666 32.88 -5.55 -44.14
CA GLN G 666 34.27 -5.98 -44.18
C GLN G 666 34.97 -5.50 -45.43
N SER G 667 34.23 -5.37 -46.54
CA SER G 667 34.81 -4.86 -47.77
C SER G 667 35.27 -3.41 -47.64
N GLY G 668 34.74 -2.67 -46.67
CA GLY G 668 35.20 -1.32 -46.40
C GLY G 668 34.43 -0.22 -47.10
N LEU G 669 33.50 -0.55 -47.99
CA LEU G 669 32.75 0.47 -48.70
C LEU G 669 31.54 0.96 -47.92
N VAL G 670 31.28 0.40 -46.74
CA VAL G 670 30.14 0.79 -45.91
C VAL G 670 30.66 1.21 -44.55
N THR G 671 30.07 2.26 -43.99
CA THR G 671 30.42 2.72 -42.65
C THR G 671 29.56 2.02 -41.60
N ALA G 672 29.96 2.18 -40.34
CA ALA G 672 29.27 1.50 -39.25
C ALA G 672 27.82 1.94 -39.13
N GLY G 673 27.56 3.24 -39.25
CA GLY G 673 26.20 3.73 -39.12
C GLY G 673 25.28 3.18 -40.19
N GLU G 674 25.75 3.15 -41.43
CA GLU G 674 24.92 2.68 -42.54
C GLU G 674 24.56 1.22 -42.38
N ARG G 675 25.54 0.36 -42.07
CA ARG G 675 25.26 -1.05 -41.89
C ARG G 675 24.36 -1.28 -40.68
N TYR G 676 24.59 -0.55 -39.59
CA TYR G 676 23.73 -0.69 -38.42
C TYR G 676 22.28 -0.33 -38.75
N ASN G 677 22.07 0.80 -39.44
CA ASN G 677 20.72 1.22 -39.78
C ASN G 677 20.06 0.25 -40.76
N LYS G 678 20.82 -0.25 -41.73
CA LYS G 678 20.26 -1.20 -42.68
C LYS G 678 19.88 -2.52 -42.00
N VAL G 679 20.70 -2.98 -41.06
CA VAL G 679 20.36 -4.18 -40.30
C VAL G 679 19.09 -3.94 -39.49
N ILE G 680 18.97 -2.77 -38.86
CA ILE G 680 17.76 -2.46 -38.12
C ILE G 680 16.55 -2.51 -39.03
N ASP G 681 16.66 -1.90 -40.22
CA ASP G 681 15.52 -1.86 -41.14
C ASP G 681 15.13 -3.25 -41.61
N ILE G 682 16.10 -4.08 -41.97
CA ILE G 682 15.78 -5.40 -42.49
C ILE G 682 15.20 -6.28 -41.38
N TRP G 683 15.68 -6.12 -40.15
CA TRP G 683 15.10 -6.87 -39.03
C TRP G 683 13.67 -6.44 -38.78
N ALA G 684 13.39 -5.14 -38.87
CA ALA G 684 12.00 -4.69 -38.74
C ALA G 684 11.13 -5.29 -39.83
N ALA G 685 11.63 -5.32 -41.06
CA ALA G 685 10.84 -5.90 -42.16
C ALA G 685 10.56 -7.38 -41.92
N ALA G 686 11.57 -8.14 -41.49
CA ALA G 686 11.37 -9.56 -41.24
C ALA G 686 10.39 -9.79 -40.10
N ASN G 687 10.49 -8.99 -39.04
CA ASN G 687 9.55 -9.11 -37.93
C ASN G 687 8.12 -8.84 -38.38
N ASP G 688 7.93 -7.80 -39.20
CA ASP G 688 6.60 -7.50 -39.70
C ASP G 688 6.08 -8.63 -40.57
N ARG G 689 6.94 -9.23 -41.38
CA ARG G 689 6.52 -10.34 -42.23
C ARG G 689 6.10 -11.54 -41.38
N VAL G 690 6.85 -11.84 -40.32
CA VAL G 690 6.47 -12.94 -39.43
C VAL G 690 5.12 -12.66 -38.78
N SER G 691 4.93 -11.42 -38.32
CA SER G 691 3.66 -11.05 -37.70
C SER G 691 2.51 -11.26 -38.67
N LYS G 692 2.70 -10.82 -39.92
CA LYS G 692 1.65 -10.96 -40.92
C LYS G 692 1.37 -12.44 -41.19
N ALA G 693 2.42 -13.25 -41.30
CA ALA G 693 2.24 -14.68 -41.58
C ALA G 693 1.48 -15.36 -40.44
N MET G 694 1.86 -15.08 -39.20
CA MET G 694 1.17 -15.71 -38.08
C MET G 694 -0.29 -15.27 -38.02
N MET G 695 -0.54 -13.97 -38.22
CA MET G 695 -1.91 -13.48 -38.13
C MET G 695 -2.78 -14.08 -39.22
N ASP G 696 -2.25 -14.17 -40.45
CA ASP G 696 -3.03 -14.74 -41.54
C ASP G 696 -3.29 -16.22 -41.29
N ASN G 697 -2.29 -16.96 -40.80
CA ASN G 697 -2.51 -18.37 -40.53
C ASN G 697 -3.48 -18.59 -39.39
N LEU G 698 -3.57 -17.65 -38.46
CA LEU G 698 -4.45 -17.82 -37.31
C LEU G 698 -5.88 -17.33 -37.57
N GLN G 699 -6.06 -16.39 -38.49
CA GLN G 699 -7.36 -15.76 -38.66
C GLN G 699 -8.37 -16.72 -39.29
N THR G 700 -8.08 -17.18 -40.51
CA THR G 700 -8.98 -18.07 -41.24
C THR G 700 -8.50 -19.52 -41.16
N GLU G 701 -7.90 -19.89 -40.03
CA GLU G 701 -7.28 -21.21 -39.93
C GLU G 701 -8.29 -22.33 -40.13
N THR G 702 -9.47 -22.20 -39.54
CA THR G 702 -10.45 -23.27 -39.61
C THR G 702 -11.00 -23.38 -41.03
N VAL G 703 -11.04 -24.61 -41.54
CA VAL G 703 -11.54 -24.90 -42.88
C VAL G 703 -12.58 -26.00 -42.71
N ILE G 704 -13.86 -25.61 -42.62
CA ILE G 704 -14.94 -26.55 -42.36
C ILE G 704 -15.76 -26.72 -43.62
N ASN G 705 -16.12 -27.97 -43.92
CA ASN G 705 -16.91 -28.28 -45.10
C ASN G 705 -18.34 -27.75 -44.95
N ARG G 706 -19.01 -27.63 -46.08
CA ARG G 706 -20.38 -27.14 -46.17
C ARG G 706 -21.25 -28.26 -46.73
N ASP G 707 -22.50 -27.92 -47.06
CA ASP G 707 -23.37 -28.87 -47.73
C ASP G 707 -22.76 -29.37 -49.04
N GLY G 708 -21.89 -28.58 -49.66
CA GLY G 708 -21.17 -29.02 -50.83
C GLY G 708 -19.71 -28.55 -50.82
N GLN G 709 -18.80 -29.48 -51.04
CA GLN G 709 -17.35 -29.19 -51.14
C GLN G 709 -16.89 -28.61 -49.80
N GLU G 710 -15.97 -27.64 -49.80
CA GLU G 710 -15.42 -27.09 -48.57
C GLU G 710 -15.28 -25.58 -48.71
N GLU G 711 -15.34 -24.90 -47.57
CA GLU G 711 -15.18 -23.45 -47.52
C GLU G 711 -14.23 -23.06 -46.40
N LYS G 712 -14.02 -21.76 -46.19
CA LYS G 712 -13.18 -21.29 -45.09
C LYS G 712 -13.87 -20.10 -44.42
N GLN G 713 -13.68 -19.99 -43.11
CA GLN G 713 -14.32 -18.96 -42.30
C GLN G 713 -13.32 -18.43 -41.29
N VAL G 714 -13.79 -17.53 -40.42
CA VAL G 714 -12.94 -17.04 -39.35
C VAL G 714 -12.79 -18.12 -38.29
N SER G 715 -11.61 -18.18 -37.68
CA SER G 715 -11.27 -19.28 -36.79
C SER G 715 -11.98 -19.15 -35.45
N PHE G 716 -12.20 -20.29 -34.81
CA PHE G 716 -12.75 -20.37 -33.47
C PHE G 716 -11.67 -20.58 -32.42
N ASN G 717 -10.41 -20.35 -32.77
CA ASN G 717 -9.31 -20.57 -31.84
C ASN G 717 -9.51 -19.72 -30.60
N SER G 718 -9.35 -20.34 -29.42
CA SER G 718 -9.70 -19.67 -28.18
C SER G 718 -8.85 -18.42 -27.96
N ILE G 719 -7.55 -18.52 -28.23
CA ILE G 719 -6.68 -17.36 -28.03
C ILE G 719 -6.99 -16.27 -29.05
N TYR G 720 -7.28 -16.66 -30.30
CA TYR G 720 -7.71 -15.66 -31.28
C TYR G 720 -9.09 -15.11 -30.94
N MET G 721 -9.97 -15.93 -30.36
CA MET G 721 -11.27 -15.42 -29.95
C MET G 721 -11.12 -14.37 -28.86
N MET G 722 -10.21 -14.60 -27.91
CA MET G 722 -9.96 -13.59 -26.88
C MET G 722 -9.35 -12.33 -27.48
N ALA G 723 -8.45 -12.48 -28.45
CA ALA G 723 -7.81 -11.31 -29.05
C ALA G 723 -8.80 -10.48 -29.86
N ASP G 724 -9.61 -11.15 -30.67
CA ASP G 724 -10.48 -10.43 -31.61
C ASP G 724 -11.67 -9.79 -30.90
N SER G 725 -12.29 -10.50 -29.96
CA SER G 725 -13.49 -10.00 -29.30
C SER G 725 -13.24 -8.78 -28.44
N GLY G 726 -11.99 -8.45 -28.16
CA GLY G 726 -11.69 -7.32 -27.31
C GLY G 726 -11.76 -7.59 -25.83
N ALA G 727 -11.99 -8.84 -25.43
CA ALA G 727 -12.02 -9.16 -24.01
C ALA G 727 -10.67 -8.89 -23.36
N ARG G 728 -9.64 -9.62 -23.77
CA ARG G 728 -8.29 -9.42 -23.26
C ARG G 728 -7.30 -9.74 -24.37
N GLY G 729 -6.15 -9.08 -24.33
CA GLY G 729 -5.12 -9.29 -25.33
C GLY G 729 -5.22 -8.31 -26.47
N SER G 730 -4.22 -8.37 -27.34
CA SER G 730 -4.16 -7.50 -28.51
C SER G 730 -3.23 -8.14 -29.53
N ALA G 731 -3.08 -7.47 -30.68
CA ALA G 731 -2.26 -8.02 -31.76
C ALA G 731 -0.80 -8.11 -31.34
N ALA G 732 -0.29 -7.11 -30.62
CA ALA G 732 1.11 -7.13 -30.20
C ALA G 732 1.39 -8.28 -29.25
N GLN G 733 0.54 -8.47 -28.23
CA GLN G 733 0.74 -9.56 -27.30
C GLN G 733 0.61 -10.91 -28.00
N ILE G 734 -0.37 -11.04 -28.89
CA ILE G 734 -0.53 -12.29 -29.63
C ILE G 734 0.71 -12.57 -30.47
N ARG G 735 1.27 -11.53 -31.10
CA ARG G 735 2.49 -11.71 -31.87
C ARG G 735 3.64 -12.14 -30.98
N GLN G 736 3.73 -11.59 -29.77
CA GLN G 736 4.79 -12.00 -28.86
C GLN G 736 4.62 -13.45 -28.41
N LEU G 737 3.38 -13.93 -28.32
CA LEU G 737 3.17 -15.31 -27.91
C LEU G 737 3.60 -16.29 -29.00
N ALA G 738 3.21 -16.03 -30.25
CA ALA G 738 3.44 -16.96 -31.35
C ALA G 738 4.57 -16.54 -32.28
N GLY G 739 4.51 -15.34 -32.84
CA GLY G 739 5.54 -14.88 -33.75
C GLY G 739 6.80 -14.46 -33.03
N MET G 740 7.69 -13.79 -33.76
CA MET G 740 8.93 -13.33 -33.17
C MET G 740 8.66 -12.30 -32.09
N ARG G 741 9.49 -12.32 -31.04
CA ARG G 741 9.37 -11.31 -29.99
C ARG G 741 9.67 -9.92 -30.54
N GLY G 742 10.68 -9.81 -31.39
CA GLY G 742 10.98 -8.56 -32.06
C GLY G 742 12.15 -7.82 -31.42
N LEU G 743 12.64 -6.82 -32.16
CA LEU G 743 13.72 -5.99 -31.67
C LEU G 743 13.31 -5.27 -30.39
N MET G 744 14.18 -5.30 -29.40
CA MET G 744 13.90 -4.57 -28.17
C MET G 744 15.21 -4.30 -27.44
N ALA G 745 15.31 -3.11 -26.86
CA ALA G 745 16.43 -2.73 -26.01
C ALA G 745 16.12 -1.42 -25.32
N LYS G 746 16.39 -1.34 -24.02
CA LYS G 746 16.31 -0.05 -23.35
C LYS G 746 17.43 0.14 -22.34
N PRO G 747 18.69 -0.12 -22.68
CA PRO G 747 19.76 0.23 -21.72
C PRO G 747 20.01 1.73 -21.66
N ASP G 748 20.07 2.39 -22.82
CA ASP G 748 20.18 3.84 -22.88
C ASP G 748 19.31 4.41 -24.00
N GLY G 749 18.35 3.65 -24.50
CA GLY G 749 17.49 4.07 -25.56
C GLY G 749 17.84 3.50 -26.93
N SER G 750 19.05 2.98 -27.09
CA SER G 750 19.46 2.42 -28.36
C SER G 750 18.81 1.05 -28.58
N ILE G 751 19.09 0.44 -29.72
CA ILE G 751 18.53 -0.85 -30.09
C ILE G 751 19.68 -1.80 -30.43
N ILE G 752 19.65 -2.99 -29.84
CA ILE G 752 20.66 -3.99 -30.15
C ILE G 752 20.46 -4.48 -31.57
N GLU G 753 21.58 -4.77 -32.26
CA GLU G 753 21.50 -5.22 -33.64
C GLU G 753 20.78 -6.56 -33.74
N THR G 754 21.09 -7.48 -32.84
CA THR G 754 20.47 -8.80 -32.89
C THR G 754 19.15 -8.78 -32.11
N PRO G 755 18.05 -9.18 -32.72
CA PRO G 755 16.77 -9.20 -32.01
C PRO G 755 16.52 -10.52 -31.29
N ILE G 756 15.41 -10.61 -30.58
CA ILE G 756 14.98 -11.85 -29.95
C ILE G 756 14.18 -12.62 -30.99
N THR G 757 14.69 -13.78 -31.39
CA THR G 757 14.08 -14.57 -32.45
C THR G 757 13.26 -15.75 -31.92
N ALA G 758 12.97 -15.79 -30.64
CA ALA G 758 12.20 -16.87 -30.04
C ALA G 758 11.01 -16.30 -29.27
N ASN G 759 9.87 -16.97 -29.39
CA ASN G 759 8.65 -16.56 -28.74
C ASN G 759 8.49 -17.27 -27.40
N PHE G 760 7.32 -17.14 -26.79
CA PHE G 760 7.08 -17.73 -25.48
C PHE G 760 6.50 -19.14 -25.54
N ARG G 761 5.93 -19.55 -26.67
CA ARG G 761 5.54 -20.95 -26.80
C ARG G 761 6.77 -21.86 -26.75
N GLU G 762 7.86 -21.44 -27.38
CA GLU G 762 9.16 -22.04 -27.16
C GLU G 762 9.86 -21.30 -26.02
N GLY G 763 11.06 -21.74 -25.70
CA GLY G 763 11.84 -21.10 -24.65
C GLY G 763 12.66 -19.94 -25.15
N LEU G 764 13.44 -19.38 -24.23
CA LEU G 764 14.40 -18.34 -24.53
C LEU G 764 15.78 -18.78 -24.04
N ASN G 765 16.81 -18.35 -24.74
CA ASN G 765 18.15 -18.55 -24.22
C ASN G 765 18.37 -17.62 -23.03
N VAL G 766 19.49 -17.84 -22.33
CA VAL G 766 19.84 -16.97 -21.21
C VAL G 766 20.05 -15.54 -21.70
N LEU G 767 20.71 -15.40 -22.85
CA LEU G 767 20.98 -14.07 -23.39
C LEU G 767 19.69 -13.31 -23.70
N GLN G 768 18.72 -13.98 -24.29
CA GLN G 768 17.48 -13.29 -24.64
C GLN G 768 16.71 -12.85 -23.40
N TYR G 769 16.66 -13.69 -22.37
CA TYR G 769 16.02 -13.27 -21.13
C TYR G 769 16.75 -12.09 -20.50
N PHE G 770 18.08 -12.14 -20.48
CA PHE G 770 18.83 -11.02 -19.93
C PHE G 770 18.56 -9.74 -20.71
N ILE G 771 18.42 -9.86 -22.03
CA ILE G 771 18.15 -8.67 -22.85
C ILE G 771 16.78 -8.10 -22.52
N SER G 772 15.76 -8.96 -22.42
CA SER G 772 14.42 -8.45 -22.14
C SER G 772 14.31 -7.87 -20.74
N THR G 773 15.18 -8.30 -19.82
CA THR G 773 15.12 -7.77 -18.46
C THR G 773 15.37 -6.27 -18.43
N HIS G 774 16.17 -5.75 -19.35
CA HIS G 774 16.39 -4.30 -19.42
C HIS G 774 15.07 -3.56 -19.57
N GLY G 775 14.30 -3.94 -20.59
CA GLY G 775 13.02 -3.28 -20.83
C GLY G 775 12.06 -3.47 -19.68
N ALA G 776 12.03 -4.68 -19.10
CA ALA G 776 11.13 -4.91 -17.98
C ALA G 776 11.43 -3.97 -16.82
N ARG G 777 12.70 -3.91 -16.41
CA ARG G 777 13.06 -3.07 -15.26
C ARG G 777 12.82 -1.59 -15.55
N LYS G 778 13.16 -1.14 -16.77
CA LYS G 778 12.92 0.27 -17.08
C LYS G 778 11.44 0.60 -17.05
N GLY G 779 10.59 -0.27 -17.60
CA GLY G 779 9.16 -0.02 -17.54
C GLY G 779 8.63 0.02 -16.13
N LEU G 780 9.08 -0.91 -15.28
CA LEU G 780 8.61 -0.92 -13.90
C LEU G 780 9.01 0.36 -13.18
N ALA G 781 10.26 0.80 -13.33
CA ALA G 781 10.69 2.02 -12.65
C ALA G 781 9.94 3.24 -13.16
N ASP G 782 9.74 3.35 -14.48
CA ASP G 782 9.02 4.49 -15.03
C ASP G 782 7.58 4.52 -14.50
N THR G 783 6.91 3.38 -14.48
CA THR G 783 5.54 3.36 -13.97
C THR G 783 5.50 3.74 -12.50
N ALA G 784 6.48 3.28 -11.73
CA ALA G 784 6.50 3.61 -10.30
C ALA G 784 6.69 5.11 -10.09
N LEU G 785 7.52 5.76 -10.91
CA LEU G 785 7.92 7.14 -10.63
C LEU G 785 7.01 8.18 -11.28
N LYS G 786 6.41 7.90 -12.43
CA LYS G 786 5.56 8.90 -13.08
C LYS G 786 4.25 9.15 -12.35
N THR G 787 3.88 8.28 -11.41
CA THR G 787 2.68 8.51 -10.62
C THR G 787 2.82 9.75 -9.76
N ALA G 788 4.02 10.03 -9.25
CA ALA G 788 4.24 11.24 -8.47
C ALA G 788 3.98 12.49 -9.30
N ASN G 789 4.49 12.52 -10.53
CA ASN G 789 4.22 13.64 -11.41
C ASN G 789 2.74 13.78 -11.70
N SER G 790 2.07 12.66 -11.96
CA SER G 790 0.63 12.73 -12.23
C SER G 790 -0.13 13.32 -11.04
N GLY G 791 0.21 12.87 -9.83
CA GLY G 791 -0.46 13.38 -8.65
C GLY G 791 -0.20 14.86 -8.42
N TYR G 792 1.04 15.29 -8.62
CA TYR G 792 1.34 16.72 -8.47
C TYR G 792 0.56 17.55 -9.48
N LEU G 793 0.49 17.10 -10.72
CA LEU G 793 -0.25 17.84 -11.73
C LEU G 793 -1.73 17.92 -11.39
N THR G 794 -2.30 16.80 -10.94
CA THR G 794 -3.72 16.81 -10.54
C THR G 794 -3.94 17.80 -9.41
N ARG G 795 -3.05 17.81 -8.42
CA ARG G 795 -3.22 18.72 -7.30
C ARG G 795 -3.17 20.17 -7.74
N ARG G 796 -2.21 20.50 -8.61
CA ARG G 796 -2.11 21.90 -9.06
C ARG G 796 -3.34 22.31 -9.86
N LEU G 797 -3.83 21.43 -10.73
CA LEU G 797 -5.01 21.78 -11.51
C LEU G 797 -6.24 21.95 -10.63
N VAL G 798 -6.46 21.03 -9.69
CA VAL G 798 -7.63 21.13 -8.81
C VAL G 798 -7.53 22.40 -7.98
N ASP G 799 -6.32 22.77 -7.57
CA ASP G 799 -6.15 24.03 -6.87
C ASP G 799 -6.57 25.20 -7.76
N VAL G 800 -6.01 25.28 -8.96
CA VAL G 800 -6.21 26.49 -9.75
C VAL G 800 -7.64 26.61 -10.26
N ALA G 801 -8.40 25.51 -10.29
CA ALA G 801 -9.75 25.56 -10.85
C ALA G 801 -10.84 25.30 -9.83
N GLN G 802 -10.54 25.32 -8.53
CA GLN G 802 -11.55 24.92 -7.56
C GLN G 802 -12.67 25.95 -7.42
N ASP G 803 -12.37 27.24 -7.63
CA ASP G 803 -13.35 28.29 -7.39
C ASP G 803 -14.14 28.66 -8.64
N LEU G 804 -14.68 27.66 -9.33
CA LEU G 804 -15.46 27.88 -10.54
C LEU G 804 -16.76 27.11 -10.42
N VAL G 805 -17.88 27.84 -10.40
CA VAL G 805 -19.20 27.23 -10.38
C VAL G 805 -20.09 27.96 -11.37
N VAL G 806 -21.08 27.24 -11.89
CA VAL G 806 -22.03 27.81 -12.86
C VAL G 806 -23.09 28.56 -12.08
N THR G 807 -23.16 29.88 -12.30
CA THR G 807 -24.02 30.73 -11.48
C THR G 807 -25.17 31.39 -12.24
N GLU G 808 -25.03 31.60 -13.55
CA GLU G 808 -26.04 32.32 -14.30
C GLU G 808 -26.59 31.45 -15.41
N ASP G 809 -27.90 31.58 -15.66
CA ASP G 809 -28.55 30.76 -16.66
C ASP G 809 -27.99 31.07 -18.05
N ASP G 810 -27.95 32.35 -18.42
CA ASP G 810 -27.43 32.73 -19.74
C ASP G 810 -26.96 34.17 -19.70
N CYS G 811 -25.68 34.38 -20.03
CA CYS G 811 -25.16 35.74 -20.09
C CYS G 811 -25.74 36.51 -21.27
N GLY G 812 -25.95 35.83 -22.40
CA GLY G 812 -26.47 36.46 -23.58
C GLY G 812 -25.44 37.07 -24.50
N THR G 813 -24.15 36.88 -24.24
CA THR G 813 -23.10 37.46 -25.07
C THR G 813 -23.08 36.79 -26.44
N HIS G 814 -22.57 37.52 -27.43
CA HIS G 814 -22.48 37.03 -28.80
C HIS G 814 -21.11 36.46 -29.15
N GLU G 815 -20.12 36.62 -28.28
CA GLU G 815 -18.78 36.14 -28.58
C GLU G 815 -18.76 34.61 -28.65
N GLY G 816 -17.82 34.09 -29.43
CA GLY G 816 -17.70 32.65 -29.57
C GLY G 816 -16.36 32.27 -30.15
N ILE G 817 -16.22 30.96 -30.39
CA ILE G 817 -14.99 30.39 -30.91
C ILE G 817 -15.33 29.58 -32.16
N MET G 818 -14.55 29.79 -33.22
CA MET G 818 -14.73 29.02 -34.44
C MET G 818 -14.21 27.60 -34.24
N MET G 819 -14.91 26.63 -34.82
CA MET G 819 -14.56 25.22 -34.67
C MET G 819 -14.65 24.53 -36.02
N THR G 820 -13.61 23.79 -36.36
CA THR G 820 -13.46 23.01 -37.57
C THR G 820 -12.81 21.68 -37.21
N PRO G 821 -13.08 20.62 -37.98
CA PRO G 821 -12.47 19.32 -37.66
C PRO G 821 -10.95 19.40 -37.68
N VAL G 822 -10.32 18.69 -36.75
CA VAL G 822 -8.87 18.72 -36.61
C VAL G 822 -8.25 17.71 -37.55
N ILE G 823 -7.39 18.19 -38.44
CA ILE G 823 -6.77 17.38 -39.48
C ILE G 823 -5.27 17.70 -39.54
N GLU G 824 -4.45 16.65 -39.53
CA GLU G 824 -3.01 16.79 -39.67
C GLU G 824 -2.58 16.10 -40.95
N GLY G 825 -1.86 16.85 -41.80
CA GLY G 825 -1.30 16.29 -43.01
C GLY G 825 -2.34 15.74 -43.96
N GLY G 826 -2.25 14.44 -44.27
CA GLY G 826 -3.09 13.79 -45.24
C GLY G 826 -4.21 12.94 -44.70
N ASP G 827 -4.63 13.13 -43.45
CA ASP G 827 -5.69 12.32 -42.88
C ASP G 827 -6.50 13.14 -41.90
N VAL G 828 -7.76 12.74 -41.74
CA VAL G 828 -8.67 13.36 -40.79
C VAL G 828 -8.54 12.62 -39.46
N LYS G 829 -8.20 13.36 -38.40
CA LYS G 829 -8.00 12.72 -37.10
C LYS G 829 -9.06 13.10 -36.07
N GLU G 830 -9.84 14.16 -36.33
CA GLU G 830 -10.98 14.46 -35.47
C GLU G 830 -12.08 15.11 -36.28
N PRO G 831 -13.22 14.45 -36.45
CA PRO G 831 -14.33 15.05 -37.20
C PRO G 831 -15.04 16.13 -36.39
N LEU G 832 -15.85 16.92 -37.09
CA LEU G 832 -16.55 18.02 -36.44
C LEU G 832 -17.61 17.52 -35.47
N ARG G 833 -18.24 16.38 -35.75
CA ARG G 833 -19.33 15.89 -34.91
C ARG G 833 -18.85 15.61 -33.49
N ASP G 834 -17.67 15.03 -33.35
CA ASP G 834 -17.15 14.73 -32.02
C ASP G 834 -16.82 16.01 -31.26
N ARG G 835 -16.32 17.02 -31.97
CA ARG G 835 -15.89 18.26 -31.32
C ARG G 835 -17.05 19.17 -30.94
N VAL G 836 -18.12 19.19 -31.73
CA VAL G 836 -19.19 20.18 -31.53
C VAL G 836 -20.38 19.59 -30.78
N LEU G 837 -20.41 18.30 -30.53
CA LEU G 837 -21.54 17.70 -29.81
C LEU G 837 -21.65 18.29 -28.41
N GLY G 838 -22.88 18.58 -28.00
CA GLY G 838 -23.13 19.15 -26.70
C GLY G 838 -22.59 20.55 -26.50
N ARG G 839 -22.76 21.42 -27.50
CA ARG G 839 -22.31 22.79 -27.40
C ARG G 839 -23.41 23.71 -27.91
N VAL G 840 -23.38 24.96 -27.45
CA VAL G 840 -24.39 25.95 -27.80
C VAL G 840 -23.85 26.82 -28.94
N THR G 841 -24.63 26.92 -30.01
CA THR G 841 -24.20 27.70 -31.18
C THR G 841 -24.33 29.18 -30.87
N ALA G 842 -23.20 29.90 -30.89
CA ALA G 842 -23.23 31.33 -30.63
C ALA G 842 -23.77 32.10 -31.82
N GLU G 843 -23.64 31.57 -33.03
CA GLU G 843 -24.15 32.22 -34.23
C GLU G 843 -24.72 31.17 -35.17
N ASP G 844 -25.64 31.61 -36.03
CA ASP G 844 -26.30 30.69 -36.95
C ASP G 844 -25.30 30.10 -37.94
N VAL G 845 -25.57 28.87 -38.36
CA VAL G 845 -24.78 28.18 -39.36
C VAL G 845 -25.49 28.29 -40.70
N LEU G 846 -24.74 28.69 -41.72
CA LEU G 846 -25.29 28.86 -43.06
C LEU G 846 -24.90 27.68 -43.94
N LYS G 847 -25.89 27.02 -44.54
CA LYS G 847 -25.62 25.94 -45.45
C LYS G 847 -24.99 26.47 -46.73
N PRO G 848 -24.39 25.60 -47.54
CA PRO G 848 -23.78 26.09 -48.80
C PRO G 848 -24.72 26.92 -49.66
N GLY G 849 -26.01 26.59 -49.67
CA GLY G 849 -27.00 27.48 -50.24
C GLY G 849 -27.10 28.74 -49.40
N THR G 850 -26.89 29.89 -50.01
CA THR G 850 -26.82 31.14 -49.26
C THR G 850 -28.18 31.51 -48.69
N ALA G 851 -28.15 32.28 -47.59
CA ALA G 851 -29.35 32.80 -46.94
C ALA G 851 -30.31 31.69 -46.54
N ASP G 852 -29.77 30.57 -46.06
CA ASP G 852 -30.55 29.44 -45.59
C ASP G 852 -30.14 29.13 -44.16
N ILE G 853 -31.11 29.19 -43.24
CA ILE G 853 -30.85 28.97 -41.83
C ILE G 853 -31.11 27.50 -41.51
N LEU G 854 -30.09 26.82 -41.00
CA LEU G 854 -30.22 25.42 -40.62
C LEU G 854 -30.73 25.27 -39.19
N VAL G 855 -30.02 25.84 -38.23
CA VAL G 855 -30.42 25.78 -36.83
C VAL G 855 -30.24 27.17 -36.23
N PRO G 856 -31.18 27.66 -35.42
CA PRO G 856 -31.09 29.03 -34.93
C PRO G 856 -29.93 29.24 -33.98
N ARG G 857 -29.63 30.51 -33.74
CA ARG G 857 -28.61 30.90 -32.80
C ARG G 857 -29.03 30.56 -31.37
N ASN G 858 -28.05 30.25 -30.53
CA ASN G 858 -28.26 29.99 -29.10
C ASN G 858 -29.17 28.79 -28.89
N THR G 859 -28.72 27.65 -29.40
CA THR G 859 -29.41 26.38 -29.21
C THR G 859 -28.39 25.31 -28.85
N LEU G 860 -28.86 24.30 -28.12
CA LEU G 860 -28.01 23.19 -27.73
C LEU G 860 -28.04 22.12 -28.82
N LEU G 861 -26.86 21.78 -29.34
CA LEU G 861 -26.74 20.73 -30.32
C LEU G 861 -26.74 19.37 -29.63
N HIS G 862 -27.46 18.42 -30.21
CA HIS G 862 -27.51 17.07 -29.67
C HIS G 862 -27.35 16.09 -30.82
N GLU G 863 -27.62 14.81 -30.55
CA GLU G 863 -27.33 13.76 -31.52
C GLU G 863 -28.10 13.97 -32.82
N GLN G 864 -29.38 14.34 -32.72
CA GLN G 864 -30.18 14.57 -33.92
C GLN G 864 -29.65 15.77 -34.70
N TRP G 865 -29.34 16.87 -34.00
CA TRP G 865 -28.81 18.04 -34.68
C TRP G 865 -27.44 17.76 -35.30
N CYS G 866 -26.60 16.99 -34.60
CA CYS G 866 -25.31 16.61 -35.17
C CYS G 866 -25.48 15.76 -36.42
N ASP G 867 -26.42 14.82 -36.40
CA ASP G 867 -26.69 14.02 -37.59
C ASP G 867 -27.18 14.90 -38.74
N LEU G 868 -28.04 15.87 -38.44
CA LEU G 868 -28.52 16.77 -39.48
C LEU G 868 -27.39 17.59 -40.06
N LEU G 869 -26.48 18.07 -39.22
CA LEU G 869 -25.33 18.84 -39.70
C LEU G 869 -24.44 17.97 -40.59
N GLU G 870 -24.19 16.73 -40.16
CA GLU G 870 -23.38 15.82 -40.97
C GLU G 870 -24.07 15.43 -42.27
N GLU G 871 -25.40 15.53 -42.33
CA GLU G 871 -26.10 15.28 -43.59
C GLU G 871 -25.68 16.29 -44.65
N ASN G 872 -25.52 17.55 -44.25
CA ASN G 872 -25.02 18.59 -45.14
C ASN G 872 -23.50 18.61 -45.08
N SER G 873 -22.90 19.66 -45.65
CA SER G 873 -21.45 19.79 -45.74
C SER G 873 -20.93 20.98 -44.93
N VAL G 874 -21.45 21.16 -43.72
CA VAL G 874 -20.99 22.26 -42.88
C VAL G 874 -19.64 21.90 -42.28
N ASP G 875 -18.64 22.76 -42.50
CA ASP G 875 -17.29 22.54 -42.04
C ASP G 875 -16.91 23.39 -40.84
N ALA G 876 -17.46 24.59 -40.73
CA ALA G 876 -17.12 25.52 -39.67
C ALA G 876 -18.35 25.88 -38.87
N VAL G 877 -18.23 25.87 -37.54
CA VAL G 877 -19.33 26.19 -36.64
C VAL G 877 -18.82 27.13 -35.55
N LYS G 878 -19.57 28.18 -35.27
CA LYS G 878 -19.23 29.11 -34.20
C LYS G 878 -19.93 28.68 -32.92
N VAL G 879 -19.15 28.37 -31.89
CA VAL G 879 -19.67 27.84 -30.64
C VAL G 879 -19.11 28.66 -29.49
N ARG G 880 -19.98 29.15 -28.62
CA ARG G 880 -19.54 29.91 -27.46
C ARG G 880 -18.88 29.00 -26.44
N SER G 881 -17.81 29.48 -25.81
CA SER G 881 -17.05 28.69 -24.86
C SER G 881 -16.88 29.47 -23.56
N VAL G 882 -16.31 28.80 -22.56
CA VAL G 882 -16.24 29.37 -21.22
C VAL G 882 -15.30 30.57 -21.18
N VAL G 883 -14.32 30.63 -22.09
CA VAL G 883 -13.39 31.76 -22.08
C VAL G 883 -14.04 33.07 -22.49
N SER G 884 -15.27 33.01 -23.00
CA SER G 884 -16.03 34.20 -23.34
C SER G 884 -17.37 34.21 -22.61
N CYS G 885 -17.36 33.78 -21.34
CA CYS G 885 -18.60 33.72 -20.57
C CYS G 885 -19.19 35.09 -20.33
N ASP G 886 -18.33 36.08 -20.04
CA ASP G 886 -18.69 37.49 -19.88
C ASP G 886 -19.42 37.72 -18.55
N THR G 887 -19.74 36.64 -17.84
CA THR G 887 -20.33 36.79 -16.52
C THR G 887 -19.23 36.95 -15.47
N ASP G 888 -19.63 37.34 -14.26
CA ASP G 888 -18.71 37.64 -13.18
C ASP G 888 -18.73 36.51 -12.16
N PHE G 889 -17.54 36.02 -11.79
CA PHE G 889 -17.38 35.00 -10.76
C PHE G 889 -18.17 33.73 -11.11
N GLY G 890 -17.80 33.12 -12.22
CA GLY G 890 -18.42 31.90 -12.66
C GLY G 890 -18.54 31.87 -14.16
N VAL G 891 -19.37 30.95 -14.65
CA VAL G 891 -19.62 30.77 -16.07
C VAL G 891 -21.12 30.69 -16.29
N CYS G 892 -21.61 31.34 -17.33
CA CYS G 892 -23.02 31.23 -17.68
C CYS G 892 -23.35 29.79 -18.07
N ALA G 893 -24.56 29.36 -17.72
CA ALA G 893 -24.96 27.99 -18.02
C ALA G 893 -25.10 27.74 -19.52
N HIS G 894 -25.27 28.79 -20.32
CA HIS G 894 -25.32 28.61 -21.77
C HIS G 894 -23.93 28.45 -22.36
N CYS G 895 -22.94 29.17 -21.82
CA CYS G 895 -21.59 29.08 -22.37
C CYS G 895 -21.02 27.68 -22.22
N TYR G 896 -21.18 27.07 -21.06
CA TYR G 896 -20.82 25.67 -20.86
C TYR G 896 -21.89 24.81 -21.53
N GLY G 897 -21.45 23.82 -22.29
CA GLY G 897 -22.39 22.94 -22.96
C GLY G 897 -23.10 22.01 -21.99
N ARG G 898 -23.67 20.92 -22.50
CA ARG G 898 -24.25 19.92 -21.61
C ARG G 898 -23.13 19.21 -20.85
N ASP G 899 -23.35 18.97 -19.56
CA ASP G 899 -22.36 18.21 -18.81
C ASP G 899 -22.37 16.79 -19.32
N LEU G 900 -21.18 16.25 -19.60
CA LEU G 900 -21.10 14.96 -20.27
C LEU G 900 -21.74 13.84 -19.46
N ALA G 901 -21.91 14.04 -18.16
CA ALA G 901 -22.49 12.98 -17.33
C ALA G 901 -23.93 12.68 -17.72
N ARG G 902 -24.72 13.71 -18.02
CA ARG G 902 -26.13 13.55 -18.30
C ARG G 902 -26.52 14.31 -19.56
N GLY G 903 -27.55 13.82 -20.24
CA GLY G 903 -27.89 14.37 -21.54
C GLY G 903 -28.32 15.82 -21.49
N HIS G 904 -29.07 16.20 -20.46
CA HIS G 904 -29.62 17.55 -20.39
C HIS G 904 -28.50 18.57 -20.16
N ILE G 905 -28.87 19.85 -20.29
CA ILE G 905 -27.90 20.92 -20.12
C ILE G 905 -27.48 21.00 -18.65
N ILE G 906 -26.30 21.57 -18.43
CA ILE G 906 -25.76 21.68 -17.07
C ILE G 906 -26.61 22.66 -16.27
N ASN G 907 -26.89 22.29 -15.02
CA ASN G 907 -27.73 23.08 -14.14
C ASN G 907 -26.87 23.91 -13.18
N LYS G 908 -27.46 25.01 -12.71
CA LYS G 908 -26.72 25.97 -11.90
C LYS G 908 -26.23 25.34 -10.60
N GLY G 909 -25.01 25.67 -10.21
CA GLY G 909 -24.46 25.23 -8.95
C GLY G 909 -23.52 24.06 -9.00
N GLU G 910 -23.21 23.54 -10.19
CA GLU G 910 -22.30 22.41 -10.31
C GLU G 910 -20.87 22.91 -10.37
N ALA G 911 -20.01 22.36 -9.51
CA ALA G 911 -18.61 22.78 -9.43
C ALA G 911 -17.87 22.21 -10.63
N ILE G 912 -17.74 23.00 -11.70
CA ILE G 912 -17.19 22.49 -12.94
C ILE G 912 -15.67 22.54 -12.99
N GLY G 913 -15.03 23.41 -12.21
CA GLY G 913 -13.58 23.45 -12.21
C GLY G 913 -12.95 22.18 -11.67
N VAL G 914 -13.49 21.65 -10.58
CA VAL G 914 -12.96 20.42 -10.02
C VAL G 914 -13.20 19.26 -10.98
N ILE G 915 -14.35 19.23 -11.64
CA ILE G 915 -14.62 18.19 -12.62
C ILE G 915 -13.60 18.25 -13.75
N ALA G 916 -13.33 19.46 -14.25
CA ALA G 916 -12.37 19.61 -15.33
C ALA G 916 -10.98 19.18 -14.90
N ALA G 917 -10.54 19.59 -13.72
CA ALA G 917 -9.20 19.23 -13.27
C ALA G 917 -9.06 17.72 -13.07
N GLN G 918 -10.07 17.09 -12.47
CA GLN G 918 -10.01 15.64 -12.30
C GLN G 918 -10.02 14.92 -13.63
N SER G 919 -10.83 15.40 -14.59
CA SER G 919 -10.87 14.75 -15.89
C SER G 919 -9.53 14.85 -16.61
N ILE G 920 -8.87 16.01 -16.52
CA ILE G 920 -7.57 16.16 -17.16
C ILE G 920 -6.52 15.29 -16.46
N GLY G 921 -6.56 15.23 -15.13
CA GLY G 921 -5.53 14.53 -14.39
C GLY G 921 -5.73 13.05 -14.16
N GLU G 922 -6.90 12.49 -14.47
CA GLU G 922 -7.09 11.05 -14.29
C GLU G 922 -6.17 10.25 -15.20
N PRO G 923 -6.05 10.56 -16.52
CA PRO G 923 -4.92 10.01 -17.27
C PRO G 923 -3.62 10.64 -16.83
N GLY G 924 -2.52 10.29 -17.47
CA GLY G 924 -1.25 10.79 -17.01
C GLY G 924 -0.48 9.71 -16.31
N THR G 925 -1.21 8.85 -15.60
CA THR G 925 -0.62 7.60 -15.14
C THR G 925 -0.45 6.63 -16.29
N GLN G 926 -1.10 6.88 -17.44
CA GLN G 926 -0.99 6.03 -18.61
C GLN G 926 -0.43 6.78 -19.82
N LEU G 927 0.27 7.88 -19.59
CA LEU G 927 1.00 8.58 -20.64
C LEU G 927 2.46 8.18 -20.62
N THR G 928 3.02 7.90 -21.80
CA THR G 928 4.33 7.28 -21.92
C THR G 928 5.49 8.17 -21.49
N MET G 929 5.26 9.47 -21.28
CA MET G 929 6.34 10.39 -20.91
C MET G 929 7.48 10.37 -21.92
N ALA G 942 12.50 13.22 -43.73
CA ALA G 942 12.23 12.92 -45.13
C ALA G 942 12.75 14.03 -46.04
N ALA G 943 13.85 13.73 -46.75
CA ALA G 943 14.43 14.71 -47.67
C ALA G 943 13.60 14.91 -48.92
N GLU G 944 12.63 14.04 -49.19
CA GLU G 944 11.78 14.17 -50.37
C GLU G 944 10.75 15.28 -50.14
N SER G 945 10.75 16.28 -51.03
CA SER G 945 9.81 17.38 -50.94
C SER G 945 8.54 17.14 -51.73
N SER G 946 8.42 15.99 -52.40
CA SER G 946 7.20 15.67 -53.12
C SER G 946 6.05 15.41 -52.15
N ILE G 947 4.87 15.90 -52.51
CA ILE G 947 3.67 15.76 -51.71
C ILE G 947 2.71 14.81 -52.43
N GLN G 948 2.07 13.92 -51.68
CA GLN G 948 1.16 12.95 -52.24
C GLN G 948 -0.28 13.29 -51.87
N VAL G 949 -1.19 13.03 -52.81
CA VAL G 949 -2.60 13.32 -52.64
C VAL G 949 -3.33 11.99 -52.42
N LYS G 950 -4.03 11.89 -51.29
CA LYS G 950 -4.67 10.62 -50.94
C LYS G 950 -5.89 10.34 -51.80
N ASN G 951 -6.73 11.35 -52.04
CA ASN G 951 -7.98 11.16 -52.76
C ASN G 951 -8.10 12.22 -53.84
N LYS G 952 -8.95 11.92 -54.83
CA LYS G 952 -9.13 12.78 -56.00
C LYS G 952 -9.98 13.99 -55.60
N GLY G 953 -9.31 14.99 -55.06
CA GLY G 953 -9.96 16.23 -54.67
C GLY G 953 -9.31 17.45 -55.29
N SER G 954 -10.12 18.39 -55.79
CA SER G 954 -9.58 19.58 -56.41
C SER G 954 -8.83 20.43 -55.40
N ILE G 955 -7.68 20.95 -55.81
CA ILE G 955 -6.85 21.75 -54.92
C ILE G 955 -7.46 23.15 -54.78
N LYS G 956 -7.48 23.65 -53.55
CA LYS G 956 -7.97 24.99 -53.24
C LYS G 956 -6.86 25.72 -52.49
N LEU G 957 -6.02 26.45 -53.23
CA LEU G 957 -4.90 27.16 -52.63
C LEU G 957 -5.38 28.50 -52.08
N SER G 958 -5.01 28.78 -50.83
CA SER G 958 -5.46 29.99 -50.15
C SER G 958 -4.27 30.76 -49.60
N ASN G 959 -4.41 32.08 -49.55
CA ASN G 959 -3.37 32.99 -49.06
C ASN G 959 -2.06 32.78 -49.82
N VAL G 960 -2.10 33.05 -51.12
CA VAL G 960 -0.96 32.87 -52.00
C VAL G 960 -0.77 34.11 -52.85
N LYS G 961 0.45 34.31 -53.33
CA LYS G 961 0.80 35.39 -54.23
C LYS G 961 1.16 34.79 -55.58
N SER G 962 0.47 35.24 -56.63
CA SER G 962 0.67 34.71 -57.97
C SER G 962 1.76 35.50 -58.67
N VAL G 963 2.86 34.83 -58.98
CA VAL G 963 3.98 35.42 -59.71
C VAL G 963 4.27 34.57 -60.93
N VAL G 964 4.34 35.21 -62.10
CA VAL G 964 4.59 34.48 -63.34
C VAL G 964 6.04 34.00 -63.36
N ASN G 965 6.22 32.71 -63.62
CA ASN G 965 7.53 32.09 -63.65
C ASN G 965 7.97 31.92 -65.11
N SER G 966 9.10 31.23 -65.30
CA SER G 966 9.61 30.97 -66.65
C SER G 966 8.70 30.04 -67.43
N SER G 967 7.79 29.34 -66.76
CA SER G 967 6.86 28.43 -67.43
C SER G 967 5.42 28.79 -67.05
N GLY G 968 4.46 27.94 -67.43
CA GLY G 968 3.07 28.18 -67.10
C GLY G 968 2.78 28.13 -65.61
N LYS G 969 3.63 27.45 -64.84
CA LYS G 969 3.45 27.39 -63.40
C LYS G 969 3.79 28.73 -62.76
N LEU G 970 3.33 28.90 -61.52
CA LEU G 970 3.54 30.12 -60.76
C LEU G 970 4.31 29.82 -59.49
N VAL G 971 5.07 30.81 -59.03
CA VAL G 971 5.87 30.69 -57.81
C VAL G 971 5.27 31.62 -56.76
N ILE G 972 5.06 31.10 -55.56
CA ILE G 972 4.43 31.86 -54.48
C ILE G 972 5.51 32.51 -53.64
N THR G 973 5.38 33.82 -53.43
CA THR G 973 6.32 34.59 -52.63
C THR G 973 5.87 34.78 -51.19
N SER G 974 4.69 34.28 -50.83
CA SER G 974 4.18 34.42 -49.47
C SER G 974 4.53 33.18 -48.67
N ARG G 975 5.13 33.38 -47.49
CA ARG G 975 5.58 32.25 -46.68
C ARG G 975 4.41 31.40 -46.22
N ASN G 976 3.32 32.03 -45.79
CA ASN G 976 2.17 31.31 -45.25
C ASN G 976 1.25 30.92 -46.40
N THR G 977 1.22 29.63 -46.72
CA THR G 977 0.37 29.10 -47.78
C THR G 977 -0.33 27.84 -47.29
N GLU G 978 -1.57 27.66 -47.72
CA GLU G 978 -2.40 26.54 -47.30
C GLU G 978 -3.05 25.92 -48.52
N LEU G 979 -3.29 24.62 -48.45
CA LEU G 979 -3.94 23.87 -49.50
C LEU G 979 -5.19 23.19 -48.96
N LYS G 980 -6.19 23.04 -49.82
CA LYS G 980 -7.45 22.39 -49.45
C LYS G 980 -7.87 21.47 -50.57
N LEU G 981 -8.64 20.43 -50.22
CA LEU G 981 -9.15 19.46 -51.17
C LEU G 981 -10.66 19.47 -51.12
N ILE G 982 -11.29 19.74 -52.26
CA ILE G 982 -12.75 19.72 -52.41
C ILE G 982 -13.07 18.75 -53.52
N ASP G 983 -13.72 17.64 -53.18
CA ASP G 983 -14.09 16.63 -54.17
C ASP G 983 -15.55 16.75 -54.60
N GLU G 984 -16.48 16.68 -53.65
CA GLU G 984 -17.90 16.86 -53.93
C GLU G 984 -18.60 17.76 -52.94
N PHE G 985 -18.06 17.95 -51.74
CA PHE G 985 -18.66 18.80 -50.72
C PHE G 985 -17.61 19.79 -50.21
N GLY G 986 -18.04 20.71 -49.35
CA GLY G 986 -17.15 21.71 -48.83
C GLY G 986 -16.21 21.23 -47.74
N ARG G 987 -16.38 20.00 -47.27
CA ARG G 987 -15.53 19.48 -46.20
C ARG G 987 -14.13 19.18 -46.75
N THR G 988 -13.15 19.95 -46.29
CA THR G 988 -11.79 19.73 -46.73
C THR G 988 -11.23 18.45 -46.11
N LYS G 989 -10.20 17.91 -46.74
CA LYS G 989 -9.59 16.69 -46.24
C LYS G 989 -8.10 16.81 -46.01
N GLU G 990 -7.37 17.51 -46.89
CA GLU G 990 -5.93 17.64 -46.79
C GLU G 990 -5.55 19.11 -46.73
N SER G 991 -4.56 19.42 -45.89
CA SER G 991 -4.00 20.77 -45.80
C SER G 991 -2.54 20.84 -46.24
N TYR G 992 -1.69 20.01 -45.66
CA TYR G 992 -0.26 20.04 -45.92
C TYR G 992 0.32 21.43 -45.65
N LYS G 993 1.46 21.74 -46.26
CA LYS G 993 2.07 23.04 -46.09
C LYS G 993 3.01 23.30 -47.25
N VAL G 994 2.98 24.53 -47.76
CA VAL G 994 3.79 24.94 -48.89
C VAL G 994 4.69 26.09 -48.44
N PRO G 995 6.01 25.97 -48.54
CA PRO G 995 6.89 27.07 -48.17
C PRO G 995 6.97 28.11 -49.28
N TYR G 996 7.63 29.22 -48.94
CA TYR G 996 7.82 30.29 -49.91
C TYR G 996 8.72 29.85 -51.05
N GLY G 997 8.46 30.41 -52.24
CA GLY G 997 9.26 30.07 -53.41
C GLY G 997 8.98 28.71 -53.98
N ALA G 998 7.79 28.16 -53.74
CA ALA G 998 7.42 26.86 -54.26
C ALA G 998 6.79 26.98 -55.64
N VAL G 999 6.87 25.88 -56.39
CA VAL G 999 6.30 25.80 -57.73
C VAL G 999 5.22 24.72 -57.73
N LEU G 1000 4.00 25.09 -58.10
CA LEU G 1000 2.90 24.14 -58.11
C LEU G 1000 2.89 23.36 -59.42
N ALA G 1001 2.78 22.04 -59.31
CA ALA G 1001 2.72 21.20 -60.50
C ALA G 1001 1.39 21.35 -61.22
N LYS G 1002 0.30 21.49 -60.47
CA LYS G 1002 -1.02 21.66 -61.03
C LYS G 1002 -1.62 22.96 -60.52
N GLY G 1003 -2.29 23.70 -61.41
CA GLY G 1003 -2.83 24.99 -61.05
C GLY G 1003 -3.99 24.90 -60.08
N ASP G 1004 -4.35 26.05 -59.53
CA ASP G 1004 -5.44 26.11 -58.56
C ASP G 1004 -6.78 25.83 -59.24
N GLY G 1005 -7.64 25.11 -58.53
CA GLY G 1005 -8.99 24.84 -59.01
C GLY G 1005 -9.15 23.61 -59.87
N GLU G 1006 -8.07 22.92 -60.24
CA GLU G 1006 -8.17 21.72 -61.05
C GLU G 1006 -8.38 20.50 -60.17
N GLN G 1007 -9.14 19.54 -60.68
CA GLN G 1007 -9.45 18.31 -59.95
C GLN G 1007 -8.39 17.27 -60.28
N VAL G 1008 -7.40 17.15 -59.39
CA VAL G 1008 -6.35 16.15 -59.57
C VAL G 1008 -6.90 14.77 -59.26
N ALA G 1009 -6.53 13.78 -60.08
CA ALA G 1009 -6.98 12.41 -59.89
C ALA G 1009 -6.44 11.78 -58.62
N GLY G 1010 -5.44 12.38 -57.98
CA GLY G 1010 -4.88 11.85 -56.77
C GLY G 1010 -3.69 10.93 -57.03
N GLY G 1011 -2.87 10.76 -56.00
CA GLY G 1011 -1.68 9.94 -56.12
C GLY G 1011 -0.54 10.58 -56.88
N GLU G 1012 -0.64 11.87 -57.19
CA GLU G 1012 0.39 12.56 -57.94
C GLU G 1012 0.74 13.87 -57.24
N THR G 1013 1.98 14.30 -57.40
CA THR G 1013 2.43 15.54 -56.79
C THR G 1013 1.78 16.74 -57.48
N VAL G 1014 1.26 17.67 -56.69
CA VAL G 1014 0.63 18.87 -57.21
C VAL G 1014 1.47 20.12 -56.99
N ALA G 1015 2.51 20.05 -56.17
CA ALA G 1015 3.40 21.18 -55.95
C ALA G 1015 4.78 20.65 -55.61
N ASN G 1016 5.81 21.33 -56.12
CA ASN G 1016 7.19 20.92 -55.89
C ASN G 1016 8.01 22.12 -55.44
N TRP G 1017 8.92 21.88 -54.49
CA TRP G 1017 9.77 22.93 -53.97
C TRP G 1017 11.08 22.31 -53.51
N ASP G 1018 12.10 23.15 -53.37
CA ASP G 1018 13.39 22.68 -52.88
C ASP G 1018 13.30 22.44 -51.38
N PRO G 1019 13.60 21.22 -50.90
CA PRO G 1019 13.50 20.95 -49.46
C PRO G 1019 14.64 21.51 -48.64
N HIS G 1020 15.63 22.13 -49.26
CA HIS G 1020 16.79 22.66 -48.55
C HIS G 1020 17.00 24.16 -48.73
N THR G 1021 16.63 24.72 -49.89
CA THR G 1021 16.88 26.12 -50.19
C THR G 1021 15.57 26.82 -50.55
N MET G 1022 15.46 28.08 -50.15
CA MET G 1022 14.30 28.89 -50.48
C MET G 1022 14.68 29.86 -51.60
N PRO G 1023 14.24 29.61 -52.83
CA PRO G 1023 14.61 30.51 -53.93
C PRO G 1023 13.94 31.87 -53.80
N VAL G 1024 14.61 32.88 -54.34
CA VAL G 1024 14.10 34.25 -54.37
C VAL G 1024 13.87 34.63 -55.82
N ILE G 1025 12.61 34.92 -56.17
CA ILE G 1025 12.25 35.21 -57.56
C ILE G 1025 12.77 36.58 -57.95
N THR G 1026 12.79 36.87 -59.24
CA THR G 1026 13.22 38.16 -59.77
C THR G 1026 11.98 38.94 -60.23
N GLU G 1027 11.78 40.12 -59.65
CA GLU G 1027 10.64 40.95 -60.04
C GLU G 1027 10.81 41.52 -61.44
N VAL G 1028 12.04 41.79 -61.86
CA VAL G 1028 12.34 42.36 -63.17
C VAL G 1028 13.06 41.31 -64.00
N SER G 1029 12.59 41.10 -65.22
CA SER G 1029 13.19 40.12 -66.12
C SER G 1029 14.21 40.80 -67.02
N GLY G 1030 15.40 40.23 -67.08
CA GLY G 1030 16.46 40.78 -67.90
C GLY G 1030 17.81 40.43 -67.31
N PHE G 1031 18.81 41.22 -67.70
CA PHE G 1031 20.18 40.97 -67.27
C PHE G 1031 20.31 41.20 -65.76
N VAL G 1032 21.13 40.38 -65.12
CA VAL G 1032 21.40 40.52 -63.70
C VAL G 1032 22.46 41.59 -63.49
N ARG G 1033 22.16 42.56 -62.64
CA ARG G 1033 23.06 43.68 -62.37
C ARG G 1033 23.80 43.40 -61.07
N PHE G 1034 25.12 43.34 -61.13
CA PHE G 1034 25.98 43.11 -59.97
C PHE G 1034 26.76 44.39 -59.67
N THR G 1035 26.71 44.82 -58.42
CA THR G 1035 27.33 46.06 -57.98
C THR G 1035 28.42 45.78 -56.95
N ASP G 1036 29.53 46.49 -57.07
CA ASP G 1036 30.67 46.36 -56.16
C ASP G 1036 31.15 44.91 -56.07
N MET G 1037 31.57 44.39 -57.23
CA MET G 1037 31.91 42.98 -57.38
C MET G 1037 33.42 42.81 -57.22
N ILE G 1038 33.83 42.04 -56.21
CA ILE G 1038 35.22 41.92 -55.79
C ILE G 1038 35.68 40.49 -56.01
N ASP G 1039 36.84 40.35 -56.65
CA ASP G 1039 37.45 39.05 -56.93
C ASP G 1039 38.57 38.78 -55.93
N GLY G 1040 38.57 37.58 -55.35
CA GLY G 1040 39.56 37.19 -54.36
C GLY G 1040 39.10 37.32 -52.92
N GLN G 1041 38.09 38.14 -52.67
CA GLN G 1041 37.49 38.30 -51.36
C GLN G 1041 36.02 37.92 -51.35
N THR G 1042 35.26 38.37 -52.34
CA THR G 1042 33.87 37.95 -52.50
C THR G 1042 33.70 36.96 -53.65
N ILE G 1043 34.74 36.15 -53.91
CA ILE G 1043 34.68 35.14 -54.96
C ILE G 1043 35.02 33.80 -54.33
N THR G 1044 34.17 32.80 -54.55
CA THR G 1044 34.44 31.43 -54.15
C THR G 1044 34.15 30.53 -55.34
N ARG G 1045 35.18 30.16 -56.08
CA ARG G 1045 35.01 29.31 -57.25
C ARG G 1045 34.55 27.92 -56.83
N GLN G 1046 33.61 27.38 -57.60
CA GLN G 1046 33.07 26.06 -57.31
C GLN G 1046 33.62 25.01 -58.27
N SER G 1054 29.19 31.81 -64.33
CA SER G 1054 29.76 30.76 -63.49
C SER G 1054 29.19 30.82 -62.08
N SER G 1055 29.27 29.70 -61.37
CA SER G 1055 28.77 29.61 -59.99
C SER G 1055 29.79 30.26 -59.07
N LEU G 1056 29.53 31.50 -58.68
CA LEU G 1056 30.43 32.26 -57.83
C LEU G 1056 29.65 32.90 -56.70
N VAL G 1057 30.28 33.00 -55.53
CA VAL G 1057 29.63 33.61 -54.38
C VAL G 1057 29.50 35.12 -54.60
N VAL G 1058 28.52 35.71 -53.92
CA VAL G 1058 28.23 37.13 -54.09
C VAL G 1058 29.12 37.94 -53.14
N LEU G 1059 28.94 37.74 -51.84
CA LEU G 1059 29.70 38.47 -50.84
C LEU G 1059 29.56 37.76 -49.50
N ASP G 1060 30.44 38.13 -48.57
CA ASP G 1060 30.42 37.62 -47.21
C ASP G 1060 30.35 38.80 -46.25
N SER G 1061 29.32 38.82 -45.40
CA SER G 1061 29.17 39.92 -44.45
C SER G 1061 30.31 39.95 -43.44
N ALA G 1062 30.73 38.78 -42.95
CA ALA G 1062 31.83 38.73 -41.99
C ALA G 1062 33.14 39.20 -42.63
N GLU G 1063 33.38 38.81 -43.88
CA GLU G 1063 34.61 39.24 -44.56
C GLU G 1063 34.61 40.75 -44.79
N ARG G 1064 33.47 41.31 -45.18
CA ARG G 1064 33.39 42.74 -45.43
C ARG G 1064 33.24 43.52 -44.14
N ARG G 1072 26.92 43.99 -48.41
CA ARG G 1072 25.96 43.39 -49.32
C ARG G 1072 25.30 44.46 -50.21
N PRO G 1073 25.94 44.75 -51.34
CA PRO G 1073 25.37 45.74 -52.26
C PRO G 1073 24.01 45.30 -52.78
N ALA G 1074 23.13 46.28 -52.98
CA ALA G 1074 21.77 46.05 -53.46
C ALA G 1074 21.60 46.72 -54.81
N LEU G 1075 21.09 45.97 -55.79
CA LEU G 1075 20.87 46.51 -57.12
C LEU G 1075 19.63 45.85 -57.72
N LYS G 1076 18.99 46.56 -58.64
CA LYS G 1076 17.81 46.05 -59.32
C LYS G 1076 18.21 45.31 -60.59
N ILE G 1077 17.34 44.38 -61.01
CA ILE G 1077 17.60 43.61 -62.22
C ILE G 1077 17.47 44.51 -63.43
N VAL G 1078 18.45 44.42 -64.34
CA VAL G 1078 18.44 45.25 -65.53
C VAL G 1078 17.29 44.83 -66.44
N ASP G 1079 16.76 45.79 -67.20
CA ASP G 1079 15.67 45.51 -68.11
C ASP G 1079 16.13 44.64 -69.26
N ALA G 1080 17.11 45.11 -70.03
CA ALA G 1080 17.68 44.36 -71.13
C ALA G 1080 19.16 44.06 -70.90
N GLN G 1081 20.00 45.10 -70.85
CA GLN G 1081 21.43 44.91 -70.59
C GLN G 1081 21.84 45.58 -69.29
N GLY G 1082 21.51 46.87 -69.15
CA GLY G 1082 21.90 47.61 -67.97
C GLY G 1082 20.92 48.68 -67.53
N ASN G 1083 19.72 48.66 -68.11
CA ASN G 1083 18.71 49.66 -67.79
C ASN G 1083 18.25 49.53 -66.34
N ASP G 1084 17.88 50.66 -65.75
CA ASP G 1084 17.44 50.70 -64.36
C ASP G 1084 15.92 50.61 -64.29
N VAL G 1085 15.42 49.68 -63.49
CA VAL G 1085 13.99 49.50 -63.33
C VAL G 1085 13.58 49.69 -61.87
N ALA G 1094 13.50 47.73 -57.03
CA ALA G 1094 13.83 46.41 -56.52
C ALA G 1094 15.21 46.40 -55.87
N GLN G 1095 15.29 45.86 -54.66
CA GLN G 1095 16.52 45.78 -53.90
C GLN G 1095 16.89 44.31 -53.70
N TYR G 1096 18.14 43.97 -54.02
CA TYR G 1096 18.63 42.61 -53.89
C TYR G 1096 19.45 42.50 -52.62
N PHE G 1097 19.08 41.57 -51.74
CA PHE G 1097 19.76 41.36 -50.47
C PHE G 1097 20.60 40.09 -50.56
N LEU G 1098 21.87 40.20 -50.17
CA LEU G 1098 22.80 39.07 -50.20
C LEU G 1098 23.26 38.75 -48.78
N PRO G 1099 22.64 37.78 -48.11
CA PRO G 1099 23.10 37.42 -46.75
C PRO G 1099 24.40 36.65 -46.78
N GLY G 1100 24.82 36.16 -45.61
CA GLY G 1100 26.06 35.40 -45.54
C GLY G 1100 25.98 34.13 -46.40
N LYS G 1101 27.08 33.85 -47.09
CA LYS G 1101 27.22 32.67 -47.95
C LYS G 1101 26.23 32.65 -49.11
N ALA G 1102 25.67 33.80 -49.46
CA ALA G 1102 24.77 33.88 -50.61
C ALA G 1102 25.58 33.87 -51.90
N ILE G 1103 25.21 32.97 -52.81
CA ILE G 1103 25.93 32.79 -54.07
C ILE G 1103 24.93 32.90 -55.22
N VAL G 1104 25.31 33.65 -56.25
CA VAL G 1104 24.51 33.79 -57.46
C VAL G 1104 25.34 33.23 -58.61
N GLN G 1105 24.80 32.22 -59.30
CA GLN G 1105 25.48 31.58 -60.42
C GLN G 1105 25.23 32.29 -61.74
N LEU G 1106 24.45 33.35 -61.75
CA LEU G 1106 24.14 34.10 -62.96
C LEU G 1106 25.04 35.33 -63.04
N GLU G 1107 25.85 35.40 -64.09
CA GLU G 1107 26.74 36.54 -64.29
C GLU G 1107 25.97 37.71 -64.89
N ASP G 1108 26.65 38.84 -64.99
CA ASP G 1108 26.05 40.04 -65.58
C ASP G 1108 25.74 39.79 -67.06
N GLY G 1109 24.60 40.30 -67.50
CA GLY G 1109 24.18 40.11 -68.87
C GLY G 1109 23.57 38.76 -69.18
N VAL G 1110 23.23 37.98 -68.15
CA VAL G 1110 22.66 36.65 -68.38
C VAL G 1110 21.26 36.73 -68.98
N GLN G 1111 20.59 37.87 -68.85
CA GLN G 1111 19.24 38.08 -69.39
C GLN G 1111 18.27 37.02 -68.86
N ILE G 1112 18.23 36.89 -67.53
CA ILE G 1112 17.37 35.90 -66.89
C ILE G 1112 15.94 36.40 -66.88
N SER G 1113 14.99 35.48 -67.03
CA SER G 1113 13.58 35.82 -67.01
C SER G 1113 13.08 35.94 -65.58
N SER G 1114 11.90 36.54 -65.43
CA SER G 1114 11.30 36.71 -64.12
C SER G 1114 10.86 35.36 -63.55
N GLY G 1115 10.98 35.24 -62.23
CA GLY G 1115 10.60 34.02 -61.54
C GLY G 1115 11.65 32.93 -61.54
N ASP G 1116 12.83 33.19 -62.10
CA ASP G 1116 13.91 32.21 -62.12
C ASP G 1116 14.96 32.55 -61.09
N THR G 1117 15.44 31.52 -60.39
CA THR G 1117 16.42 31.70 -59.32
C THR G 1117 17.43 30.56 -59.38
N LEU G 1118 18.70 30.90 -59.15
CA LEU G 1118 19.75 29.91 -59.06
C LEU G 1118 19.86 29.42 -57.60
N ALA G 1119 20.83 28.55 -57.35
CA ALA G 1119 21.04 28.04 -56.00
C ALA G 1119 21.54 29.16 -55.10
N ARG G 1120 20.89 29.32 -53.95
CA ARG G 1120 21.26 30.38 -53.01
C ARG G 1120 22.34 29.95 -52.03
N ILE G 1121 22.52 28.65 -51.82
CA ILE G 1121 23.53 28.11 -50.91
C ILE G 1121 23.31 28.67 -49.51
N PRO G 1122 22.26 28.27 -48.80
CA PRO G 1122 22.03 28.81 -47.45
C PRO G 1122 23.18 28.49 -46.52
N GLN G 1123 23.49 29.44 -45.65
CA GLN G 1123 24.57 29.28 -44.69
C GLN G 1123 24.16 28.36 -43.54
N GLY G 1133 7.87 16.19 -26.40
CA GLY G 1133 7.08 14.97 -26.37
C GLY G 1133 6.84 14.44 -24.97
N GLY G 1134 6.11 13.34 -24.88
CA GLY G 1134 5.76 12.77 -23.60
C GLY G 1134 4.70 13.61 -22.91
N LEU G 1135 4.56 13.39 -21.62
CA LEU G 1135 3.69 14.34 -20.94
C LEU G 1135 4.36 14.91 -19.70
N PRO G 1136 5.65 15.16 -19.71
CA PRO G 1136 6.20 16.31 -19.03
C PRO G 1136 5.97 17.55 -19.87
N ARG G 1137 4.84 17.62 -20.54
CA ARG G 1137 4.51 18.73 -21.42
C ARG G 1137 3.16 19.33 -21.11
N VAL G 1138 2.18 18.51 -20.76
CA VAL G 1138 0.94 19.03 -20.23
C VAL G 1138 1.22 19.85 -18.99
N ALA G 1139 2.23 19.47 -18.21
CA ALA G 1139 2.73 20.36 -17.17
C ALA G 1139 3.37 21.60 -17.77
N ASP G 1140 4.10 21.44 -18.88
CA ASP G 1140 4.78 22.58 -19.48
C ASP G 1140 3.80 23.55 -20.12
N LEU G 1141 2.80 23.03 -20.84
CA LEU G 1141 1.82 23.92 -21.48
C LEU G 1141 0.98 24.65 -20.45
N PHE G 1142 0.58 23.98 -19.39
CA PHE G 1142 -0.22 24.63 -18.36
C PHE G 1142 0.61 25.52 -17.45
N GLU G 1143 1.92 25.33 -17.40
CA GLU G 1143 2.77 26.24 -16.65
C GLU G 1143 3.13 27.49 -17.43
N ALA G 1144 2.80 27.54 -18.72
CA ALA G 1144 3.13 28.66 -19.59
C ALA G 1144 4.64 28.92 -19.60
N ARG G 1145 5.42 27.83 -19.56
CA ARG G 1145 6.86 27.95 -19.65
C ARG G 1145 7.27 28.35 -21.05
N ARG G 1146 8.14 29.34 -21.16
CA ARG G 1146 8.57 29.79 -22.48
C ARG G 1146 9.59 28.80 -23.05
N PRO G 1147 9.56 28.56 -24.35
CA PRO G 1147 10.49 27.60 -24.96
C PRO G 1147 11.91 28.14 -24.96
N LYS G 1148 12.85 27.23 -25.22
CA LYS G 1148 14.26 27.60 -25.22
C LYS G 1148 14.56 28.61 -26.32
N GLU G 1149 14.01 28.40 -27.51
CA GLU G 1149 14.19 29.30 -28.64
C GLU G 1149 12.83 29.87 -29.04
N PRO G 1150 12.58 31.15 -28.80
CA PRO G 1150 11.30 31.74 -29.16
C PRO G 1150 11.32 32.36 -30.55
N ALA G 1151 10.16 32.32 -31.19
CA ALA G 1151 9.96 32.87 -32.52
C ALA G 1151 9.23 34.20 -32.39
N ILE G 1152 9.93 35.29 -32.69
CA ILE G 1152 9.34 36.62 -32.52
C ILE G 1152 8.31 36.86 -33.61
N LEU G 1153 7.33 37.71 -33.28
CA LEU G 1153 6.28 38.10 -34.21
C LEU G 1153 6.39 39.59 -34.51
N ALA G 1154 5.44 40.11 -35.29
CA ALA G 1154 5.53 41.49 -35.75
C ALA G 1154 4.25 42.28 -35.48
N GLU G 1155 4.22 43.52 -35.94
CA GLU G 1155 3.11 44.45 -35.75
C GLU G 1155 2.28 44.52 -37.04
N ILE G 1156 1.34 45.46 -37.07
CA ILE G 1156 0.34 45.51 -38.15
C ILE G 1156 1.01 45.65 -39.51
N SER G 1157 2.00 46.53 -39.62
CA SER G 1157 2.70 46.75 -40.88
C SER G 1157 4.19 46.53 -40.66
N GLY G 1158 4.67 45.35 -41.08
CA GLY G 1158 6.08 45.03 -40.96
C GLY G 1158 6.89 45.40 -42.18
N ILE G 1159 7.09 46.70 -42.39
CA ILE G 1159 7.84 47.16 -43.55
C ILE G 1159 9.32 46.78 -43.38
N VAL G 1160 9.97 46.50 -44.51
CA VAL G 1160 11.36 46.06 -44.49
C VAL G 1160 12.27 47.22 -44.14
N SER G 1161 13.16 47.00 -43.16
CA SER G 1161 14.17 47.99 -42.82
C SER G 1161 15.54 47.37 -42.56
N PHE G 1162 15.66 46.04 -42.62
CA PHE G 1162 16.92 45.33 -42.37
C PHE G 1162 17.52 45.71 -41.03
N GLY G 1163 18.60 46.49 -41.05
CA GLY G 1163 19.26 46.91 -39.83
C GLY G 1163 19.30 48.41 -39.66
N LYS G 1164 19.51 48.88 -38.42
CA LYS G 1164 19.59 50.31 -38.14
C LYS G 1164 20.46 50.48 -36.90
N GLU G 1165 21.72 50.88 -37.13
CA GLU G 1165 22.69 51.06 -36.05
C GLU G 1165 22.82 49.79 -35.20
N THR G 1166 22.95 48.65 -35.89
CA THR G 1166 23.01 47.37 -35.21
C THR G 1166 24.24 47.28 -34.30
N LYS G 1167 25.41 47.55 -34.86
CA LYS G 1167 26.68 47.55 -34.14
C LYS G 1167 26.84 46.23 -33.38
N GLY G 1168 27.56 46.25 -32.25
CA GLY G 1168 27.79 45.03 -31.50
C GLY G 1168 26.54 44.47 -30.86
N LYS G 1169 25.69 45.34 -30.29
CA LYS G 1169 24.49 44.90 -29.59
C LYS G 1169 23.51 44.31 -30.60
N ARG G 1170 23.30 42.99 -30.50
CA ARG G 1170 22.43 42.27 -31.43
C ARG G 1170 22.85 42.51 -32.88
N ARG G 1171 21.89 42.49 -33.79
CA ARG G 1171 22.16 42.73 -35.21
C ARG G 1171 20.85 42.89 -35.94
N LEU G 1172 20.91 43.60 -37.06
CA LEU G 1172 19.77 43.77 -37.98
C LEU G 1172 18.56 44.34 -37.25
N VAL G 1173 18.71 45.57 -36.77
CA VAL G 1173 17.63 46.26 -36.06
C VAL G 1173 16.54 46.58 -37.08
N ILE G 1174 15.44 45.84 -37.02
CA ILE G 1174 14.33 46.03 -37.96
C ILE G 1174 13.46 47.19 -37.48
N THR G 1175 13.15 48.10 -38.40
CA THR G 1175 12.36 49.30 -38.09
C THR G 1175 11.20 49.40 -39.07
N PRO G 1176 10.12 48.66 -38.82
CA PRO G 1176 8.92 48.81 -39.66
C PRO G 1176 8.21 50.11 -39.33
N VAL G 1177 8.10 51.00 -40.34
CA VAL G 1177 7.52 52.31 -40.10
C VAL G 1177 6.07 52.19 -39.65
N ASP G 1178 5.28 51.40 -40.38
CA ASP G 1178 3.87 51.17 -40.05
C ASP G 1178 3.09 52.46 -39.91
N GLY G 1179 3.40 53.42 -40.78
CA GLY G 1179 2.73 54.71 -40.74
C GLY G 1179 3.25 55.62 -39.65
N SER G 1180 3.18 55.15 -38.40
CA SER G 1180 3.65 55.94 -37.27
C SER G 1180 4.11 54.99 -36.17
N ASP G 1181 4.95 55.52 -35.27
CA ASP G 1181 5.48 54.81 -34.12
C ASP G 1181 6.10 53.49 -34.52
N PRO G 1182 7.26 53.50 -35.19
CA PRO G 1182 7.91 52.24 -35.56
C PRO G 1182 8.34 51.44 -34.34
N TYR G 1183 8.30 50.13 -34.48
CA TYR G 1183 8.69 49.22 -33.41
C TYR G 1183 10.15 48.82 -33.60
N GLU G 1184 10.96 49.02 -32.56
CA GLU G 1184 12.39 48.72 -32.62
C GLU G 1184 12.64 47.37 -31.97
N GLU G 1185 13.23 46.45 -32.73
CA GLU G 1185 13.54 45.12 -32.25
C GLU G 1185 15.01 44.82 -32.47
N MET G 1186 15.59 44.04 -31.55
CA MET G 1186 16.98 43.64 -31.61
C MET G 1186 17.06 42.13 -31.76
N ILE G 1187 17.84 41.66 -32.73
CA ILE G 1187 17.99 40.24 -33.01
C ILE G 1187 19.46 39.88 -32.82
N PRO G 1188 19.77 38.86 -32.02
CA PRO G 1188 21.19 38.53 -31.76
C PRO G 1188 21.92 37.94 -32.96
N LYS G 1189 21.26 37.83 -34.11
CA LYS G 1189 21.82 37.31 -35.37
C LYS G 1189 22.12 35.82 -35.33
N TRP G 1190 21.95 35.16 -34.18
CA TRP G 1190 22.11 33.72 -34.13
C TRP G 1190 20.99 32.98 -34.85
N ARG G 1191 19.89 33.67 -35.17
CA ARG G 1191 18.76 33.09 -35.88
C ARG G 1191 18.53 33.84 -37.18
N GLN G 1192 18.30 33.10 -38.25
CA GLN G 1192 18.07 33.69 -39.55
C GLN G 1192 16.70 34.36 -39.61
N LEU G 1193 16.58 35.32 -40.52
CA LEU G 1193 15.33 36.05 -40.72
C LEU G 1193 14.60 35.46 -41.91
N ASN G 1194 13.32 35.14 -41.72
CA ASN G 1194 12.54 34.50 -42.79
C ASN G 1194 12.15 35.49 -43.87
N VAL G 1195 11.48 36.58 -43.50
CA VAL G 1195 10.98 37.55 -44.45
C VAL G 1195 12.13 38.47 -44.84
N PHE G 1196 12.31 38.68 -46.15
CA PHE G 1196 13.39 39.54 -46.63
C PHE G 1196 12.86 40.93 -47.01
N GLU G 1197 11.75 40.98 -47.74
CA GLU G 1197 11.15 42.25 -48.16
C GLU G 1197 10.12 42.69 -47.11
N GLY G 1198 9.35 43.72 -47.44
CA GLY G 1198 8.32 44.20 -46.54
C GLY G 1198 7.06 43.36 -46.60
N GLU G 1199 6.44 43.32 -47.77
CA GLU G 1199 5.25 42.51 -48.06
C GLU G 1199 4.07 42.83 -47.15
N ARG G 1200 4.11 43.97 -46.46
CA ARG G 1200 3.05 44.38 -45.53
C ARG G 1200 2.77 43.28 -44.51
N VAL G 1201 3.79 42.98 -43.71
CA VAL G 1201 3.69 41.92 -42.70
C VAL G 1201 2.65 42.32 -41.66
N GLU G 1202 1.62 41.50 -41.52
CA GLU G 1202 0.54 41.79 -40.58
C GLU G 1202 0.95 41.40 -39.16
N ARG G 1203 0.19 41.91 -38.19
CA ARG G 1203 0.45 41.60 -36.80
C ARG G 1203 0.23 40.12 -36.53
N GLY G 1204 1.16 39.51 -35.79
CA GLY G 1204 1.11 38.09 -35.53
C GLY G 1204 1.75 37.22 -36.58
N ASP G 1205 2.25 37.80 -37.66
CA ASP G 1205 2.91 37.02 -38.69
C ASP G 1205 4.27 36.51 -38.17
N VAL G 1206 4.74 35.44 -38.80
CA VAL G 1206 5.95 34.75 -38.36
C VAL G 1206 7.14 35.48 -38.97
N ILE G 1207 7.80 36.32 -38.15
CA ILE G 1207 9.03 36.97 -38.60
C ILE G 1207 10.16 35.97 -38.71
N SER G 1208 10.30 35.09 -37.71
CA SER G 1208 11.32 34.05 -37.72
C SER G 1208 10.70 32.74 -37.26
N ASP G 1209 11.21 31.64 -37.81
CA ASP G 1209 10.64 30.33 -37.52
C ASP G 1209 11.02 29.86 -36.12
N GLY G 1210 10.31 28.85 -35.65
CA GLY G 1210 10.55 28.27 -34.35
C GLY G 1210 9.30 28.21 -33.49
N PRO G 1211 9.37 27.47 -32.38
CA PRO G 1211 8.22 27.44 -31.45
C PRO G 1211 7.99 28.82 -30.86
N GLU G 1212 6.71 29.16 -30.66
CA GLU G 1212 6.33 30.45 -30.15
C GLU G 1212 5.81 30.34 -28.72
N ALA G 1213 6.26 31.25 -27.86
CA ALA G 1213 5.82 31.23 -26.48
C ALA G 1213 4.36 31.66 -26.38
N PRO G 1214 3.60 31.11 -25.43
CA PRO G 1214 2.19 31.49 -25.30
C PRO G 1214 1.96 32.90 -24.83
N HIS G 1215 2.94 33.53 -24.17
CA HIS G 1215 2.75 34.91 -23.72
C HIS G 1215 2.55 35.85 -24.90
N ASP G 1216 3.34 35.68 -25.96
CA ASP G 1216 3.25 36.60 -27.10
C ASP G 1216 1.94 36.41 -27.86
N ILE G 1217 1.42 35.17 -27.91
CA ILE G 1217 0.21 34.91 -28.68
C ILE G 1217 -0.95 35.73 -28.14
N LEU G 1218 -1.10 35.76 -26.81
CA LEU G 1218 -2.19 36.53 -26.21
C LEU G 1218 -2.02 38.02 -26.47
N ARG G 1219 -0.79 38.52 -26.36
CA ARG G 1219 -0.55 39.95 -26.53
C ARG G 1219 -0.86 40.41 -27.95
N LEU G 1220 -0.51 39.60 -28.94
CA LEU G 1220 -0.55 40.03 -30.33
C LEU G 1220 -1.72 39.46 -31.12
N ARG G 1221 -2.05 38.18 -30.93
CA ARG G 1221 -3.05 37.52 -31.76
C ARG G 1221 -4.44 37.49 -31.14
N GLY G 1222 -4.57 37.72 -29.85
CA GLY G 1222 -5.87 37.78 -29.20
C GLY G 1222 -6.08 36.63 -28.24
N VAL G 1223 -7.17 36.74 -27.48
CA VAL G 1223 -7.49 35.73 -26.47
C VAL G 1223 -7.87 34.41 -27.14
N HIS G 1224 -8.59 34.49 -28.26
CA HIS G 1224 -9.06 33.27 -28.91
C HIS G 1224 -7.89 32.47 -29.49
N ALA G 1225 -6.83 33.14 -29.94
CA ALA G 1225 -5.71 32.43 -30.54
C ALA G 1225 -4.97 31.57 -29.52
N VAL G 1226 -4.77 32.09 -28.30
CA VAL G 1226 -4.01 31.34 -27.31
C VAL G 1226 -4.81 30.12 -26.84
N THR G 1227 -6.14 30.23 -26.75
CA THR G 1227 -6.93 29.06 -26.36
C THR G 1227 -6.83 27.97 -27.41
N ARG G 1228 -7.01 28.33 -28.69
CA ARG G 1228 -6.88 27.35 -29.75
C ARG G 1228 -5.47 26.78 -29.81
N TYR G 1229 -4.46 27.61 -29.55
CA TYR G 1229 -3.09 27.14 -29.50
C TYR G 1229 -2.90 26.11 -28.40
N ILE G 1230 -3.38 26.43 -27.20
CA ILE G 1230 -3.17 25.53 -26.06
C ILE G 1230 -4.02 24.28 -26.20
N VAL G 1231 -5.28 24.43 -26.61
CA VAL G 1231 -6.19 23.28 -26.69
C VAL G 1231 -5.66 22.27 -27.71
N ASN G 1232 -5.18 22.74 -28.86
CA ASN G 1232 -4.76 21.84 -29.92
C ASN G 1232 -3.52 21.05 -29.52
N GLU G 1233 -2.53 21.71 -28.93
CA GLU G 1233 -1.29 21.02 -28.62
C GLU G 1233 -1.45 20.05 -27.46
N VAL G 1234 -2.15 20.46 -26.40
CA VAL G 1234 -2.34 19.56 -25.26
C VAL G 1234 -3.21 18.37 -25.66
N GLN G 1235 -4.08 18.55 -26.66
CA GLN G 1235 -4.89 17.43 -27.12
C GLN G 1235 -4.08 16.43 -27.93
N ASP G 1236 -3.03 16.88 -28.59
CA ASP G 1236 -2.19 15.95 -29.35
C ASP G 1236 -1.55 14.92 -28.44
N VAL G 1237 -1.18 15.32 -27.22
CA VAL G 1237 -0.60 14.37 -26.28
C VAL G 1237 -1.62 13.30 -25.89
N TYR G 1238 -2.87 13.71 -25.65
CA TYR G 1238 -3.88 12.75 -25.22
C TYR G 1238 -4.39 11.90 -26.37
N ARG G 1239 -4.51 12.46 -27.56
CA ARG G 1239 -5.05 11.68 -28.68
C ARG G 1239 -4.03 10.70 -29.23
N LEU G 1240 -2.74 10.98 -29.09
CA LEU G 1240 -1.72 10.09 -29.60
C LEU G 1240 -1.73 8.75 -28.86
N GLN G 1241 -1.91 8.77 -27.55
CA GLN G 1241 -1.94 7.54 -26.76
C GLN G 1241 -3.33 6.90 -26.73
N GLY G 1242 -4.35 7.55 -27.25
CA GLY G 1242 -5.67 6.98 -27.27
C GLY G 1242 -6.47 7.26 -26.01
N VAL G 1243 -6.59 8.54 -25.65
CA VAL G 1243 -7.39 8.97 -24.52
C VAL G 1243 -8.34 10.06 -25.01
N LYS G 1244 -9.62 9.90 -24.70
CA LYS G 1244 -10.65 10.83 -25.14
C LYS G 1244 -11.04 11.73 -23.97
N ILE G 1245 -10.79 13.03 -24.12
CA ILE G 1245 -11.18 14.03 -23.13
C ILE G 1245 -11.77 15.23 -23.87
N ASN G 1246 -12.92 15.71 -23.38
CA ASN G 1246 -13.62 16.79 -24.07
C ASN G 1246 -12.88 18.11 -23.92
N ASP G 1247 -13.03 18.97 -24.93
CA ASP G 1247 -12.30 20.23 -24.96
C ASP G 1247 -12.78 21.20 -23.89
N LYS G 1248 -13.99 21.03 -23.37
CA LYS G 1248 -14.52 21.98 -22.39
C LYS G 1248 -13.70 21.96 -21.11
N HIS G 1249 -13.12 20.82 -20.75
CA HIS G 1249 -12.31 20.74 -19.54
C HIS G 1249 -11.00 21.48 -19.67
N ILE G 1250 -10.40 21.48 -20.87
CA ILE G 1250 -9.17 22.23 -21.07
C ILE G 1250 -9.45 23.73 -21.07
N GLU G 1251 -10.57 24.14 -21.67
CA GLU G 1251 -10.87 25.57 -21.74
C GLU G 1251 -11.19 26.16 -20.37
N VAL G 1252 -11.72 25.35 -19.46
CA VAL G 1252 -12.00 25.85 -18.12
C VAL G 1252 -10.70 26.23 -17.42
N ILE G 1253 -9.66 25.42 -17.58
CA ILE G 1253 -8.37 25.73 -16.97
C ILE G 1253 -7.78 27.00 -17.59
N VAL G 1254 -7.91 27.15 -18.91
CA VAL G 1254 -7.37 28.34 -19.57
C VAL G 1254 -8.04 29.60 -19.05
N ARG G 1255 -9.35 29.55 -18.82
CA ARG G 1255 -10.05 30.72 -18.31
C ARG G 1255 -9.50 31.12 -16.94
N GLN G 1256 -9.25 30.15 -16.07
CA GLN G 1256 -8.60 30.45 -14.80
C GLN G 1256 -7.18 30.93 -14.98
N MET G 1257 -6.58 30.67 -16.14
CA MET G 1257 -5.21 31.06 -16.41
C MET G 1257 -5.10 32.49 -16.94
N LEU G 1258 -6.22 33.13 -17.28
CA LEU G 1258 -6.24 34.44 -17.92
C LEU G 1258 -6.87 35.50 -17.04
N ARG G 1259 -6.63 35.42 -15.74
CA ARG G 1259 -7.08 36.45 -14.81
C ARG G 1259 -5.95 37.45 -14.60
N LYS G 1260 -6.14 38.37 -13.65
CA LYS G 1260 -5.09 39.30 -13.23
C LYS G 1260 -4.59 40.14 -14.41
N ALA G 1261 -5.47 40.96 -14.95
CA ALA G 1261 -5.11 41.87 -16.03
C ALA G 1261 -4.21 42.99 -15.51
N THR G 1262 -3.40 43.54 -16.41
CA THR G 1262 -2.56 44.69 -16.12
C THR G 1262 -3.14 45.92 -16.79
N ILE G 1263 -3.26 47.00 -16.04
CA ILE G 1263 -3.90 48.23 -16.50
C ILE G 1263 -2.84 49.11 -17.15
N VAL G 1264 -3.12 49.62 -18.34
CA VAL G 1264 -2.18 50.41 -19.11
C VAL G 1264 -2.51 51.91 -19.08
N ASN G 1265 -3.61 52.29 -18.43
CA ASN G 1265 -4.04 53.69 -18.40
C ASN G 1265 -4.39 54.05 -16.96
N ALA G 1266 -5.05 55.18 -16.79
CA ALA G 1266 -5.45 55.64 -15.47
C ALA G 1266 -6.81 56.30 -15.57
N GLY G 1267 -7.21 57.00 -14.50
CA GLY G 1267 -8.49 57.68 -14.43
C GLY G 1267 -9.42 57.12 -13.38
N SER G 1268 -9.24 55.87 -12.98
CA SER G 1268 -10.09 55.23 -11.97
C SER G 1268 -9.24 54.59 -10.88
N SER G 1269 -8.24 55.32 -10.39
CA SER G 1269 -7.40 54.91 -9.28
C SER G 1269 -6.66 53.60 -9.56
N ASP G 1270 -6.33 53.35 -10.83
CA ASP G 1270 -5.55 52.19 -11.22
C ASP G 1270 -4.55 52.62 -12.29
N PHE G 1271 -3.32 52.12 -12.18
CA PHE G 1271 -2.28 52.46 -13.15
C PHE G 1271 -1.12 51.48 -13.02
N LEU G 1272 -0.69 50.94 -14.16
CA LEU G 1272 0.45 50.02 -14.30
C LEU G 1272 0.53 49.03 -13.13
N GLU G 1273 -0.56 48.30 -12.94
CA GLU G 1273 -0.64 47.34 -11.85
C GLU G 1273 -1.47 46.15 -12.30
N GLY G 1274 -1.23 45.01 -11.66
CA GLY G 1274 -2.00 43.82 -11.94
C GLY G 1274 -3.26 43.75 -11.11
N GLU G 1275 -4.42 43.76 -11.76
CA GLU G 1275 -5.70 43.71 -11.08
C GLU G 1275 -6.58 42.64 -11.70
N GLN G 1276 -7.44 42.05 -10.89
CA GLN G 1276 -8.34 41.01 -11.36
C GLN G 1276 -9.25 41.55 -12.46
N VAL G 1277 -9.42 40.74 -13.51
CA VAL G 1277 -10.21 41.18 -14.66
C VAL G 1277 -11.66 41.40 -14.25
N GLU G 1278 -12.17 40.57 -13.34
CA GLU G 1278 -13.55 40.75 -12.89
C GLU G 1278 -13.74 42.10 -12.21
N TYR G 1279 -12.78 42.50 -11.37
CA TYR G 1279 -12.88 43.79 -10.71
C TYR G 1279 -12.76 44.94 -11.71
N SER G 1280 -11.87 44.80 -12.69
CA SER G 1280 -11.75 45.84 -13.71
C SER G 1280 -13.01 45.94 -14.55
N ARG G 1281 -13.62 44.81 -14.89
CA ARG G 1281 -14.82 44.82 -15.74
C ARG G 1281 -15.99 45.52 -15.07
N VAL G 1282 -16.19 45.29 -13.78
CA VAL G 1282 -17.30 45.95 -13.08
C VAL G 1282 -17.01 47.43 -12.90
N LYS G 1283 -15.73 47.80 -12.78
CA LYS G 1283 -15.38 49.21 -12.59
C LYS G 1283 -15.63 50.01 -13.86
N ILE G 1284 -15.20 49.51 -15.01
CA ILE G 1284 -15.40 50.24 -16.26
C ILE G 1284 -16.88 50.33 -16.59
N ALA G 1285 -17.63 49.26 -16.35
CA ALA G 1285 -19.07 49.29 -16.61
C ALA G 1285 -19.75 50.32 -15.72
N ASN G 1286 -19.33 50.43 -14.46
CA ASN G 1286 -19.87 51.45 -13.58
C ASN G 1286 -19.50 52.83 -14.09
N ARG G 1287 -18.24 53.03 -14.47
CA ARG G 1287 -17.81 54.33 -14.98
C ARG G 1287 -18.45 54.65 -16.32
N GLU G 1288 -18.55 53.66 -17.21
CA GLU G 1288 -19.19 53.89 -18.51
C GLU G 1288 -20.68 54.15 -18.35
N LEU G 1289 -21.32 53.53 -17.36
CA LEU G 1289 -22.72 53.81 -17.10
C LEU G 1289 -22.93 55.26 -16.71
N GLU G 1290 -22.03 55.81 -15.89
CA GLU G 1290 -22.08 57.21 -15.52
C GLU G 1290 -21.66 58.07 -16.72
N ALA G 1291 -21.76 59.39 -16.55
CA ALA G 1291 -21.41 60.31 -17.63
C ALA G 1291 -19.93 60.22 -17.97
N ASN G 1292 -19.07 60.03 -16.96
CA ASN G 1292 -17.62 60.03 -17.15
C ASN G 1292 -17.16 58.73 -17.82
N GLY G 1293 -17.60 58.56 -19.06
CA GLY G 1293 -17.24 57.37 -19.81
C GLY G 1293 -15.76 57.27 -20.15
N LYS G 1294 -15.08 58.42 -20.22
CA LYS G 1294 -13.65 58.42 -20.52
C LYS G 1294 -12.82 57.92 -19.36
N VAL G 1295 -13.38 57.85 -18.15
CA VAL G 1295 -12.64 57.36 -16.99
C VAL G 1295 -12.26 55.89 -17.18
N GLY G 1296 -13.13 55.12 -17.83
CA GLY G 1296 -12.82 53.74 -18.12
C GLY G 1296 -11.52 53.57 -18.86
N ALA G 1297 -10.59 52.83 -18.26
CA ALA G 1297 -9.22 52.75 -18.72
C ALA G 1297 -8.95 51.41 -19.38
N THR G 1298 -8.36 51.44 -20.58
CA THR G 1298 -8.07 50.23 -21.31
C THR G 1298 -7.02 49.40 -20.57
N TYR G 1299 -7.23 48.09 -20.55
CA TYR G 1299 -6.40 47.16 -19.81
C TYR G 1299 -5.59 46.29 -20.75
N SER G 1300 -4.64 45.56 -20.18
CA SER G 1300 -3.82 44.60 -20.92
C SER G 1300 -3.88 43.27 -20.17
N ARG G 1301 -4.50 42.27 -20.79
CA ARG G 1301 -4.67 40.98 -20.13
C ARG G 1301 -3.34 40.25 -20.05
N ASP G 1302 -3.23 39.36 -19.07
CA ASP G 1302 -2.02 38.59 -18.84
C ASP G 1302 -2.32 37.10 -18.92
N LEU G 1303 -1.24 36.31 -19.03
CA LEU G 1303 -1.33 34.85 -19.02
C LEU G 1303 -0.25 34.32 -18.09
N LEU G 1304 -0.66 33.84 -16.92
CA LEU G 1304 0.24 33.34 -15.91
C LEU G 1304 0.20 31.82 -15.86
N GLY G 1305 1.16 31.23 -15.17
CA GLY G 1305 1.15 29.80 -14.98
C GLY G 1305 0.17 29.37 -13.90
N ILE G 1306 -0.28 28.12 -14.00
CA ILE G 1306 -1.21 27.59 -13.01
C ILE G 1306 -0.58 27.48 -11.63
N THR G 1307 0.75 27.43 -11.54
CA THR G 1307 1.38 27.53 -10.22
C THR G 1307 1.41 28.96 -9.73
N LYS G 1308 1.52 29.93 -10.62
CA LYS G 1308 1.50 31.34 -10.23
C LYS G 1308 0.08 31.89 -10.15
N ALA G 1309 -0.78 31.52 -11.09
CA ALA G 1309 -2.17 32.00 -11.05
C ALA G 1309 -2.90 31.48 -9.83
N SER G 1310 -2.66 30.23 -9.44
CA SER G 1310 -3.32 29.69 -8.26
C SER G 1310 -2.84 30.34 -6.98
N LEU G 1311 -1.64 30.92 -6.99
CA LEU G 1311 -1.10 31.57 -5.81
C LEU G 1311 -1.50 33.04 -5.72
N ALA G 1312 -1.90 33.63 -6.84
CA ALA G 1312 -2.36 35.02 -6.88
C ALA G 1312 -3.87 35.12 -6.65
N THR G 1313 -4.45 34.15 -5.95
CA THR G 1313 -5.85 34.24 -5.57
C THR G 1313 -6.04 35.38 -4.57
N GLU G 1314 -7.17 36.08 -4.72
CA GLU G 1314 -7.41 37.26 -3.90
C GLU G 1314 -7.44 36.94 -2.41
N SER G 1315 -8.12 35.87 -2.02
CA SER G 1315 -8.18 35.48 -0.62
C SER G 1315 -6.89 34.78 -0.21
N PHE G 1316 -6.52 34.95 1.06
CA PHE G 1316 -5.24 34.46 1.54
C PHE G 1316 -5.33 33.12 2.28
N ILE G 1317 -6.52 32.67 2.68
CA ILE G 1317 -6.63 31.34 3.27
C ILE G 1317 -6.38 30.27 2.21
N SER G 1318 -7.05 30.38 1.08
CA SER G 1318 -6.62 29.63 -0.08
C SER G 1318 -5.34 30.25 -0.61
N ALA G 1319 -4.54 29.43 -1.31
CA ALA G 1319 -3.19 29.75 -1.77
C ALA G 1319 -2.19 29.83 -0.64
N ALA G 1320 -2.62 29.69 0.61
CA ALA G 1320 -1.72 29.47 1.73
C ALA G 1320 -1.86 28.07 2.31
N SER G 1321 -2.66 27.21 1.67
CA SER G 1321 -2.77 25.81 2.03
C SER G 1321 -2.28 24.90 0.91
N PHE G 1322 -1.64 25.47 -0.10
CA PHE G 1322 -1.19 24.74 -1.29
C PHE G 1322 0.28 24.95 -1.58
N GLN G 1323 0.79 26.16 -1.33
CA GLN G 1323 2.11 26.55 -1.80
C GLN G 1323 2.94 26.99 -0.61
N GLU G 1324 4.07 27.66 -0.86
CA GLU G 1324 4.89 28.14 0.24
C GLU G 1324 4.06 28.99 1.19
N THR G 1325 3.84 28.45 2.38
CA THR G 1325 3.01 29.10 3.38
C THR G 1325 3.70 30.29 4.03
N THR G 1326 5.03 30.23 4.14
CA THR G 1326 5.76 31.33 4.77
C THR G 1326 5.60 32.61 3.99
N ARG G 1327 5.66 32.54 2.66
CA ARG G 1327 5.60 33.74 1.84
C ARG G 1327 4.19 34.34 1.83
N VAL G 1328 3.17 33.49 1.71
CA VAL G 1328 1.80 34.02 1.58
C VAL G 1328 1.35 34.65 2.89
N LEU G 1329 1.66 34.03 4.02
CA LEU G 1329 1.15 34.53 5.30
C LEU G 1329 1.76 35.87 5.66
N THR G 1330 3.07 36.03 5.47
CA THR G 1330 3.70 37.29 5.86
C THR G 1330 3.21 38.43 4.98
N GLU G 1331 3.04 38.17 3.67
CA GLU G 1331 2.58 39.22 2.78
C GLU G 1331 1.17 39.68 3.14
N ALA G 1332 0.29 38.73 3.48
CA ALA G 1332 -1.03 39.09 3.95
C ALA G 1332 -0.96 39.82 5.29
N ALA G 1333 -0.04 39.41 6.15
CA ALA G 1333 0.08 40.05 7.46
C ALA G 1333 0.49 41.51 7.34
N VAL G 1334 1.35 41.81 6.38
CA VAL G 1334 1.78 43.20 6.17
C VAL G 1334 0.61 44.03 5.64
N ALA G 1335 -0.09 43.52 4.62
CA ALA G 1335 -1.16 44.28 4.00
C ALA G 1335 -2.49 44.18 4.75
N GLY G 1336 -2.63 43.21 5.65
CA GLY G 1336 -3.84 43.09 6.44
C GLY G 1336 -5.10 42.80 5.65
N LYS G 1337 -5.04 41.84 4.73
CA LYS G 1337 -6.15 41.53 3.87
C LYS G 1337 -7.24 40.78 4.63
N ARG G 1338 -8.30 40.40 3.90
CA ARG G 1338 -9.40 39.61 4.43
C ARG G 1338 -9.64 38.42 3.52
N ASP G 1339 -10.36 37.42 4.04
CA ASP G 1339 -10.63 36.20 3.29
C ASP G 1339 -12.01 36.21 2.65
N GLU G 1340 -13.05 36.52 3.44
CA GLU G 1340 -14.43 36.64 2.98
C GLU G 1340 -15.07 35.31 2.58
N LEU G 1341 -14.27 34.24 2.56
CA LEU G 1341 -14.77 32.87 2.41
C LEU G 1341 -15.71 32.74 1.21
N ARG G 1342 -15.13 32.91 0.02
CA ARG G 1342 -15.90 32.81 -1.21
C ARG G 1342 -15.64 31.52 -1.97
N GLY G 1343 -14.46 30.91 -1.84
CA GLY G 1343 -14.12 29.74 -2.60
C GLY G 1343 -14.59 28.44 -1.96
N LEU G 1344 -14.31 27.34 -2.66
CA LEU G 1344 -14.65 26.02 -2.15
C LEU G 1344 -13.64 25.50 -1.14
N LYS G 1345 -12.36 25.81 -1.32
CA LYS G 1345 -11.35 25.40 -0.36
C LYS G 1345 -11.57 26.06 1.00
N GLU G 1346 -11.98 27.32 1.00
CA GLU G 1346 -12.10 28.07 2.24
C GLU G 1346 -13.22 27.52 3.12
N ASN G 1347 -14.40 27.32 2.53
CA ASN G 1347 -15.52 26.81 3.31
C ASN G 1347 -15.30 25.38 3.75
N VAL G 1348 -14.43 24.63 3.07
CA VAL G 1348 -14.08 23.29 3.53
C VAL G 1348 -13.23 23.38 4.79
N ILE G 1349 -12.26 24.29 4.81
CA ILE G 1349 -11.39 24.41 5.98
C ILE G 1349 -12.19 24.84 7.20
N VAL G 1350 -13.02 25.87 7.04
CA VAL G 1350 -13.81 26.36 8.17
C VAL G 1350 -14.83 25.31 8.60
N GLY G 1351 -15.47 24.65 7.65
CA GLY G 1351 -16.45 23.62 7.94
C GLY G 1351 -17.86 23.94 7.51
N ARG G 1352 -18.09 25.10 6.90
CA ARG G 1352 -19.43 25.47 6.45
C ARG G 1352 -19.74 24.79 5.12
N LEU G 1353 -21.01 24.89 4.72
CA LEU G 1353 -21.45 24.28 3.47
C LEU G 1353 -20.75 24.96 2.30
N ILE G 1354 -20.17 24.16 1.40
CA ILE G 1354 -19.46 24.71 0.25
C ILE G 1354 -20.48 25.40 -0.65
N PRO G 1355 -20.08 26.44 -1.39
CA PRO G 1355 -21.03 27.09 -2.33
C PRO G 1355 -21.11 26.38 -3.67
N ALA G 1356 -21.51 25.10 -3.64
CA ALA G 1356 -21.67 24.34 -4.86
C ALA G 1356 -22.68 23.23 -4.61
N GLY G 1357 -23.41 22.86 -5.66
CA GLY G 1357 -24.36 21.77 -5.54
C GLY G 1357 -25.46 22.09 -4.55
N THR G 1358 -25.69 21.16 -3.62
CA THR G 1358 -26.75 21.35 -2.64
C THR G 1358 -26.45 22.49 -1.68
N GLY G 1359 -25.20 22.89 -1.54
CA GLY G 1359 -24.89 24.04 -0.73
C GLY G 1359 -25.06 25.36 -1.42
N TYR G 1360 -25.37 25.36 -2.71
CA TYR G 1360 -25.49 26.62 -3.45
C TYR G 1360 -26.76 27.37 -3.07
N ALA G 1361 -27.84 26.65 -2.82
CA ALA G 1361 -29.10 27.31 -2.47
C ALA G 1361 -28.98 28.07 -1.16
N TYR G 1362 -28.39 27.44 -0.14
CA TYR G 1362 -28.31 28.06 1.17
C TYR G 1362 -27.40 29.28 1.15
N HIS G 1363 -26.25 29.18 0.48
CA HIS G 1363 -25.32 30.31 0.42
C HIS G 1363 -25.93 31.49 -0.33
N GLN G 1364 -26.73 31.22 -1.36
CA GLN G 1364 -27.42 32.31 -2.06
C GLN G 1364 -28.41 33.00 -1.14
N ASP G 1365 -29.18 32.23 -0.37
CA ASP G 1365 -30.16 32.84 0.52
C ASP G 1365 -29.47 33.55 1.69
N ARG G 1366 -28.28 33.10 2.07
CA ARG G 1366 -27.51 33.85 3.06
C ARG G 1366 -27.06 35.20 2.49
N MET G 1367 -26.66 35.22 1.21
CA MET G 1367 -26.17 36.45 0.62
C MET G 1367 -27.26 37.52 0.56
N ARG G 1368 -28.50 37.12 0.24
CA ARG G 1368 -29.59 38.08 0.19
C ARG G 1368 -29.87 38.68 1.56
N ARG G 1369 -29.53 37.95 2.63
CA ARG G 1369 -29.64 38.51 3.97
C ARG G 1369 -28.59 39.58 4.21
N ARG G 1370 -27.35 39.31 3.80
CA ARG G 1370 -26.27 40.28 3.99
C ARG G 1370 -26.49 41.53 3.13
N ALA G 1371 -26.94 41.33 1.89
CA ALA G 1371 -27.17 42.47 1.00
C ALA G 1371 -28.29 43.35 1.51
N ALA G 1372 -29.38 42.74 2.01
CA ALA G 1372 -30.51 43.50 2.52
C ALA G 1372 -30.34 43.92 3.98
N GLY G 1373 -29.27 43.52 4.64
CA GLY G 1373 -29.05 43.87 6.03
C GLY G 1373 -29.77 42.94 6.99
N ALA H 1 -39.89 0.85 -3.73
CA ALA H 1 -38.48 1.21 -3.81
C ALA H 1 -38.17 1.91 -5.13
N ARG H 2 -37.60 3.11 -5.04
CA ARG H 2 -37.26 3.92 -6.20
C ARG H 2 -35.78 3.71 -6.50
N VAL H 3 -35.47 2.75 -7.36
CA VAL H 3 -34.09 2.48 -7.73
C VAL H 3 -33.51 3.61 -8.57
N THR H 4 -34.35 4.30 -9.34
CA THR H 4 -33.92 5.41 -10.18
C THR H 4 -34.82 6.61 -9.92
N VAL H 5 -34.22 7.78 -9.78
CA VAL H 5 -34.95 8.98 -9.43
C VAL H 5 -35.06 9.88 -10.66
N GLN H 6 -35.00 9.29 -11.85
CA GLN H 6 -35.04 10.08 -13.07
C GLN H 6 -36.36 10.82 -13.23
N ASP H 7 -37.47 10.14 -12.96
CA ASP H 7 -38.77 10.78 -13.07
C ASP H 7 -38.94 11.87 -12.01
N ALA H 8 -38.52 11.61 -10.78
CA ALA H 8 -38.56 12.65 -9.76
C ALA H 8 -37.67 13.82 -10.15
N VAL H 9 -36.54 13.55 -10.80
CA VAL H 9 -35.68 14.61 -11.29
C VAL H 9 -36.42 15.47 -12.31
N GLU H 10 -37.05 14.83 -13.29
CA GLU H 10 -37.67 15.59 -14.37
C GLU H 10 -38.94 16.31 -13.92
N LYS H 11 -39.57 15.87 -12.83
CA LYS H 11 -40.75 16.58 -12.34
C LYS H 11 -40.38 18.00 -11.91
N ILE H 12 -39.28 18.14 -11.18
CA ILE H 12 -38.74 19.43 -10.79
C ILE H 12 -37.25 19.40 -11.07
N GLY H 13 -36.85 19.93 -12.22
CA GLY H 13 -35.54 19.59 -12.73
C GLY H 13 -34.40 20.43 -12.21
N ASN H 14 -33.73 19.94 -11.18
CA ASN H 14 -32.42 20.44 -10.80
C ASN H 14 -31.44 19.36 -10.35
N ARG H 15 -31.91 18.21 -9.85
CA ARG H 15 -31.07 17.14 -9.31
C ARG H 15 -30.39 17.64 -8.04
N PHE H 16 -30.56 18.92 -7.72
CA PHE H 16 -30.01 19.56 -6.54
C PHE H 16 -31.09 20.11 -5.63
N ASP H 17 -32.18 20.63 -6.19
CA ASP H 17 -33.28 21.13 -5.37
C ASP H 17 -34.14 20.00 -4.83
N LEU H 18 -34.33 18.92 -5.59
CA LEU H 18 -35.18 17.85 -5.09
C LEU H 18 -34.59 17.22 -3.85
N VAL H 19 -33.27 17.26 -3.68
CA VAL H 19 -32.67 16.80 -2.44
C VAL H 19 -33.17 17.64 -1.28
N LEU H 20 -33.20 18.97 -1.45
CA LEU H 20 -33.70 19.85 -0.41
C LEU H 20 -35.17 19.58 -0.13
N VAL H 21 -35.98 19.43 -1.18
CA VAL H 21 -37.42 19.22 -0.99
C VAL H 21 -37.68 17.90 -0.27
N ALA H 22 -37.00 16.83 -0.71
CA ALA H 22 -37.17 15.53 -0.09
C ALA H 22 -36.68 15.55 1.35
N ALA H 23 -35.58 16.26 1.63
CA ALA H 23 -35.11 16.36 3.00
C ALA H 23 -36.13 17.06 3.88
N ARG H 24 -36.74 18.13 3.39
CA ARG H 24 -37.75 18.84 4.16
C ARG H 24 -38.96 17.94 4.42
N ARG H 25 -39.42 17.23 3.39
CA ARG H 25 -40.57 16.35 3.57
C ARG H 25 -40.26 15.21 4.54
N ALA H 26 -39.07 14.64 4.43
CA ALA H 26 -38.67 13.57 5.34
C ALA H 26 -38.58 14.08 6.77
N ARG H 27 -38.06 15.29 6.97
CA ARG H 27 -38.02 15.85 8.32
C ARG H 27 -39.43 16.04 8.87
N GLN H 28 -40.34 16.54 8.03
CA GLN H 28 -41.71 16.72 8.49
C GLN H 28 -42.34 15.40 8.89
N MET H 29 -42.10 14.34 8.12
CA MET H 29 -42.72 13.06 8.39
C MET H 29 -42.00 12.24 9.46
N GLN H 30 -40.77 12.60 9.80
CA GLN H 30 -39.99 11.85 10.76
C GLN H 30 -39.97 12.47 12.15
N VAL H 31 -39.74 13.79 12.24
CA VAL H 31 -39.77 14.44 13.53
C VAL H 31 -41.16 14.34 14.15
N GLY H 32 -42.19 14.56 13.34
CA GLY H 32 -43.56 14.42 13.80
C GLY H 32 -44.49 15.43 13.14
N GLY H 33 -45.79 15.22 13.30
CA GLY H 33 -46.76 16.16 12.76
C GLY H 33 -47.03 16.02 11.27
N LYS H 34 -46.89 14.82 10.73
CA LYS H 34 -47.22 14.59 9.32
C LYS H 34 -47.52 13.11 9.11
N ASP H 35 -48.30 12.83 8.07
CA ASP H 35 -48.60 11.48 7.66
C ASP H 35 -48.44 11.35 6.15
N PRO H 36 -47.96 10.21 5.66
CA PRO H 36 -47.74 10.06 4.22
C PRO H 36 -49.05 10.10 3.45
N LEU H 37 -49.00 10.67 2.25
CA LEU H 37 -50.15 10.70 1.36
C LEU H 37 -50.14 9.55 0.35
N VAL H 38 -49.16 8.66 0.42
CA VAL H 38 -49.05 7.50 -0.46
C VAL H 38 -48.92 6.28 0.42
N PRO H 39 -49.31 5.08 -0.04
CA PRO H 39 -49.29 3.93 0.88
C PRO H 39 -47.87 3.59 1.33
N GLU H 40 -47.75 3.26 2.61
CA GLU H 40 -46.46 3.00 3.22
C GLU H 40 -46.11 1.53 3.05
N GLU H 41 -45.00 1.26 2.39
CA GLU H 41 -44.53 -0.11 2.14
C GLU H 41 -43.41 -0.49 3.09
N ASN H 42 -43.54 -0.07 4.35
CA ASN H 42 -42.60 -0.37 5.44
C ASN H 42 -41.17 0.07 5.13
N ASP H 43 -41.03 1.01 4.19
CA ASP H 43 -39.74 1.57 3.83
C ASP H 43 -39.49 2.87 4.59
N LYS H 44 -38.26 3.34 4.51
CA LYS H 44 -37.88 4.54 5.25
C LYS H 44 -38.53 5.77 4.63
N THR H 45 -38.55 6.86 5.40
CA THR H 45 -39.21 8.08 4.95
C THR H 45 -38.52 8.71 3.75
N THR H 46 -37.25 8.37 3.50
CA THR H 46 -36.53 8.92 2.36
C THR H 46 -37.22 8.56 1.05
N VAL H 47 -37.33 7.26 0.77
CA VAL H 47 -37.97 6.85 -0.47
C VAL H 47 -39.45 7.18 -0.46
N ILE H 48 -40.07 7.33 0.71
CA ILE H 48 -41.48 7.75 0.73
C ILE H 48 -41.61 9.20 0.25
N ALA H 49 -40.71 10.08 0.71
CA ALA H 49 -40.72 11.44 0.21
C ALA H 49 -40.41 11.49 -1.28
N LEU H 50 -39.46 10.67 -1.73
CA LEU H 50 -39.15 10.63 -3.15
C LEU H 50 -40.33 10.15 -3.97
N ARG H 51 -41.05 9.13 -3.49
CA ARG H 51 -42.24 8.66 -4.19
C ARG H 51 -43.34 9.72 -4.19
N GLU H 52 -43.48 10.44 -3.08
CA GLU H 52 -44.44 11.54 -3.03
C GLU H 52 -44.14 12.57 -4.10
N ILE H 53 -42.86 12.94 -4.24
CA ILE H 53 -42.48 13.90 -5.28
C ILE H 53 -42.73 13.33 -6.66
N GLU H 54 -42.45 12.04 -6.84
CA GLU H 54 -42.63 11.40 -8.15
C GLU H 54 -44.09 11.42 -8.57
N GLU H 55 -45.00 11.12 -7.64
CA GLU H 55 -46.42 11.18 -7.96
C GLU H 55 -46.90 12.60 -8.21
N GLY H 56 -46.14 13.60 -7.79
CA GLY H 56 -46.47 14.99 -8.04
C GLY H 56 -47.26 15.68 -6.95
N LEU H 57 -47.40 15.07 -5.78
CA LEU H 57 -48.22 15.62 -4.71
C LEU H 57 -47.45 16.52 -3.75
N ILE H 58 -46.13 16.66 -3.93
CA ILE H 58 -45.33 17.47 -3.02
C ILE H 58 -44.22 18.15 -3.82
N ASN H 59 -44.12 19.46 -3.68
CA ASN H 59 -42.99 20.23 -4.21
C ASN H 59 -42.77 21.41 -3.28
N ASN H 60 -41.98 22.39 -3.74
CA ASN H 60 -41.65 23.52 -2.87
C ASN H 60 -42.85 24.42 -2.65
N GLN H 61 -43.57 24.77 -3.73
CA GLN H 61 -44.72 25.66 -3.58
C GLN H 61 -45.83 25.02 -2.76
N ILE H 62 -46.10 23.74 -2.99
CA ILE H 62 -47.13 23.06 -2.23
C ILE H 62 -46.77 22.98 -0.76
N LEU H 63 -45.50 22.66 -0.47
CA LEU H 63 -45.06 22.62 0.92
C LEU H 63 -45.18 23.98 1.58
N ASP H 64 -44.81 25.04 0.85
CA ASP H 64 -44.87 26.39 1.42
C ASP H 64 -46.31 26.81 1.69
N VAL H 65 -47.23 26.52 0.77
CA VAL H 65 -48.62 26.91 1.00
C VAL H 65 -49.23 26.09 2.12
N ARG H 66 -48.86 24.81 2.24
CA ARG H 66 -49.32 24.02 3.38
C ARG H 66 -48.79 24.59 4.69
N GLU H 67 -47.52 24.98 4.72
CA GLU H 67 -46.95 25.56 5.93
C GLU H 67 -47.67 26.85 6.30
N ARG H 68 -47.98 27.67 5.30
CA ARG H 68 -48.75 28.88 5.55
C ARG H 68 -50.14 28.55 6.10
N GLN H 69 -50.78 27.52 5.56
CA GLN H 69 -52.10 27.13 6.05
C GLN H 69 -52.05 26.69 7.50
N GLU H 70 -51.06 25.87 7.87
CA GLU H 70 -50.94 25.48 9.28
C GLU H 70 -50.59 26.66 10.18
N GLN H 71 -49.75 27.59 9.70
CA GLN H 71 -49.44 28.77 10.50
C GLN H 71 -50.68 29.61 10.73
N GLN H 72 -51.53 29.75 9.71
CA GLN H 72 -52.80 30.46 9.88
C GLN H 72 -53.74 29.72 10.81
N GLU H 73 -53.69 28.38 10.79
CA GLU H 73 -54.55 27.61 11.68
C GLU H 73 -54.20 27.87 13.14
N GLN H 74 -52.91 27.95 13.46
CA GLN H 74 -52.48 28.21 14.83
C GLN H 74 -52.42 29.71 15.10
N GLY I 1 23.59 -9.24 32.50
CA GLY I 1 22.54 -9.63 31.57
C GLY I 1 21.31 -10.20 32.25
N THR I 2 20.20 -9.48 32.12
CA THR I 2 18.95 -9.92 32.73
C THR I 2 18.30 -11.00 31.88
N PRO I 3 18.06 -12.20 32.42
CA PRO I 3 17.41 -13.24 31.62
C PRO I 3 15.99 -12.87 31.17
N SER I 4 15.35 -11.92 31.83
CA SER I 4 14.01 -11.49 31.44
C SER I 4 14.02 -10.94 30.02
N GLY I 5 12.98 -11.22 29.24
CA GLY I 5 12.95 -10.83 27.85
C GLY I 5 11.64 -10.27 27.35
N ASN I 6 10.93 -9.53 28.20
CA ASN I 6 9.63 -8.99 27.82
C ASN I 6 9.80 -7.86 26.81
N GLY I 7 10.17 -8.20 25.58
CA GLY I 7 10.43 -7.20 24.56
C GLY I 7 9.19 -6.67 23.86
N VAL I 8 8.85 -5.43 24.15
CA VAL I 8 7.72 -4.76 23.50
C VAL I 8 8.14 -3.50 22.75
N ASP I 9 9.43 -3.30 22.52
CA ASP I 9 9.92 -2.10 21.85
C ASP I 9 9.42 -2.03 20.42
N GLN I 10 1.11 14.20 19.58
CA GLN I 10 -0.33 14.27 19.79
C GLN I 10 -0.72 13.78 21.18
N GLY I 11 -1.57 12.76 21.21
CA GLY I 11 -2.06 12.26 22.49
C GLY I 11 -3.08 11.17 22.27
N GLU I 12 -3.87 10.90 23.31
CA GLU I 12 -4.88 9.84 23.26
C GLU I 12 -5.81 10.04 24.46
N THR I 13 -7.08 10.37 24.19
CA THR I 13 -8.03 10.56 25.28
C THR I 13 -8.40 9.22 25.91
N THR I 14 -8.47 9.21 27.24
CA THR I 14 -8.81 8.01 27.99
C THR I 14 -10.13 8.21 28.73
N GLN I 15 -10.93 7.16 28.77
CA GLN I 15 -12.25 7.22 29.41
C GLN I 15 -12.13 6.90 30.90
N SER I 16 -12.91 7.62 31.70
CA SER I 16 -12.94 7.42 33.15
C SER I 16 -14.40 7.35 33.58
N LEU I 17 -14.61 7.29 34.89
CA LEU I 17 -15.98 7.19 35.42
C LEU I 17 -16.80 8.43 35.07
N GLN I 18 -16.22 9.61 35.22
CA GLN I 18 -16.97 10.84 35.00
C GLN I 18 -17.35 11.00 33.54
N ASP I 19 -16.44 10.69 32.62
CA ASP I 19 -16.76 10.80 31.19
C ASP I 19 -17.83 9.79 30.80
N TYR I 20 -17.74 8.56 31.32
CA TYR I 20 -18.75 7.55 31.03
C TYR I 20 -20.12 7.99 31.55
N LEU I 21 -20.15 8.57 32.75
CA LEU I 21 -21.43 9.00 33.31
C LEU I 21 -21.97 10.21 32.56
N MET I 22 -21.10 11.11 32.11
CA MET I 22 -21.53 12.16 31.19
C MET I 22 -22.18 11.59 29.95
N TRP I 23 -21.55 10.59 29.34
CA TRP I 23 -22.08 10.01 28.12
C TRP I 23 -23.43 9.36 28.38
N GLN I 24 -23.58 8.68 29.50
CA GLN I 24 -24.87 8.07 29.82
C GLN I 24 -25.93 9.13 30.09
N VAL I 25 -25.54 10.23 30.75
CA VAL I 25 -26.50 11.28 31.06
C VAL I 25 -27.00 11.95 29.79
N GLU I 26 -26.09 12.22 28.84
CA GLU I 26 -26.49 12.92 27.63
C GLU I 26 -27.47 12.12 26.79
N LEU I 27 -27.51 10.79 26.95
CA LEU I 27 -28.41 9.94 26.17
C LEU I 27 -29.73 9.65 26.88
N THR I 28 -29.91 10.15 28.07
CA THR I 28 -31.15 9.87 28.78
C THR I 28 -32.13 11.03 28.62
N PRO I 29 -33.45 10.75 28.64
CA PRO I 29 -34.43 11.85 28.50
C PRO I 29 -34.48 12.74 29.73
N PHE I 30 -33.92 13.93 29.62
CA PHE I 30 -33.87 14.87 30.73
C PHE I 30 -34.17 16.26 30.21
N THR I 31 -34.74 17.10 31.06
CA THR I 31 -34.91 18.51 30.76
C THR I 31 -33.70 19.30 31.23
N ASP I 32 -33.68 20.59 30.90
CA ASP I 32 -32.49 21.41 31.15
C ASP I 32 -32.14 21.44 32.63
N THR I 33 -33.14 21.63 33.50
CA THR I 33 -32.86 21.61 34.93
C THR I 33 -32.41 20.23 35.38
N ASP I 34 -33.01 19.17 34.82
CA ASP I 34 -32.59 17.81 35.16
C ASP I 34 -31.17 17.53 34.69
N ARG I 35 -30.82 18.00 33.48
CA ARG I 35 -29.45 17.85 33.02
C ARG I 35 -28.48 18.60 33.92
N ALA I 36 -28.85 19.82 34.33
CA ALA I 36 -27.97 20.62 35.19
C ALA I 36 -27.76 19.95 36.54
N ILE I 37 -28.84 19.47 37.17
CA ILE I 37 -28.70 18.83 38.48
C ILE I 37 -27.93 17.52 38.35
N ALA I 38 -28.14 16.78 37.24
CA ALA I 38 -27.39 15.56 37.02
C ALA I 38 -25.90 15.84 36.90
N THR I 39 -25.53 16.88 36.16
CA THR I 39 -24.12 17.26 36.07
C THR I 39 -23.58 17.65 37.44
N SER I 40 -24.36 18.42 38.20
CA SER I 40 -23.90 18.87 39.51
C SER I 40 -23.65 17.69 40.44
N ILE I 41 -24.57 16.72 40.46
CA ILE I 41 -24.41 15.59 41.38
C ILE I 41 -23.38 14.59 40.87
N VAL I 42 -23.11 14.55 39.56
CA VAL I 42 -22.09 13.63 39.06
C VAL I 42 -20.68 14.20 39.16
N ASP I 43 -20.54 15.53 39.20
CA ASP I 43 -19.21 16.09 39.38
C ASP I 43 -18.69 15.91 40.80
N ALA I 44 -19.55 15.44 41.72
CA ALA I 44 -19.14 15.13 43.08
C ALA I 44 -18.79 13.66 43.27
N VAL I 45 -18.78 12.87 42.20
CA VAL I 45 -18.49 11.44 42.31
C VAL I 45 -16.98 11.23 42.29
N ASP I 46 -16.48 10.50 43.27
CA ASP I 46 -15.05 10.21 43.36
C ASP I 46 -14.70 9.04 42.42
N ASP I 47 -13.44 8.63 42.47
CA ASP I 47 -12.99 7.53 41.62
C ASP I 47 -13.59 6.20 42.06
N THR I 48 -13.87 6.03 43.35
CA THR I 48 -14.44 4.79 43.86
C THR I 48 -15.94 4.68 43.62
N GLY I 49 -16.61 5.77 43.26
CA GLY I 49 -18.02 5.76 42.99
C GLY I 49 -18.91 6.25 44.11
N TYR I 50 -18.34 6.73 45.20
CA TYR I 50 -19.11 7.29 46.31
C TYR I 50 -19.08 8.80 46.24
N LEU I 51 -20.25 9.43 46.35
CA LEU I 51 -20.31 10.88 46.32
C LEU I 51 -19.68 11.47 47.56
N THR I 52 -18.82 12.46 47.37
CA THR I 52 -18.10 13.06 48.49
C THR I 52 -18.97 14.01 49.29
N ILE I 53 -19.84 14.77 48.62
CA ILE I 53 -20.58 15.84 49.26
C ILE I 53 -22.02 15.41 49.45
N GLN I 54 -22.73 16.14 50.31
CA GLN I 54 -24.11 15.84 50.65
C GLN I 54 -25.07 16.44 49.62
N ILE I 55 -26.33 15.99 49.71
CA ILE I 55 -27.36 16.50 48.81
C ILE I 55 -27.65 17.98 49.09
N GLU I 56 -27.61 18.37 50.36
CA GLU I 56 -27.90 19.76 50.72
C GLU I 56 -26.90 20.72 50.08
N ASP I 57 -25.62 20.34 50.04
CA ASP I 57 -24.63 21.17 49.37
C ASP I 57 -24.95 21.31 47.89
N ILE I 58 -25.42 20.24 47.27
CA ILE I 58 -25.79 20.30 45.85
C ILE I 58 -26.95 21.26 45.65
N VAL I 59 -27.96 21.18 46.52
CA VAL I 59 -29.11 22.06 46.44
C VAL I 59 -28.66 23.52 46.59
N ASP I 60 -27.75 23.78 47.53
CA ASP I 60 -27.23 25.13 47.69
C ASP I 60 -26.45 25.57 46.46
N SER I 61 -25.71 24.65 45.85
CA SER I 61 -24.93 24.97 44.65
C SER I 61 -25.85 25.38 43.50
N ILE I 62 -26.97 24.69 43.33
CA ILE I 62 -27.93 25.08 42.29
C ILE I 62 -28.47 26.47 42.57
N GLY I 63 -28.89 26.72 43.81
CA GLY I 63 -29.29 28.05 44.22
C GLY I 63 -30.46 28.63 43.45
N ASP I 64 -31.50 27.83 43.20
CA ASP I 64 -32.69 28.30 42.51
C ASP I 64 -33.94 27.78 43.21
N ASP I 65 -35.03 28.50 43.03
CA ASP I 65 -36.30 28.09 43.60
C ASP I 65 -36.85 26.86 42.86
N GLU I 66 -37.68 26.11 43.59
CA GLU I 66 -38.30 24.88 43.07
C GLU I 66 -37.25 23.85 42.67
N ILE I 67 -36.09 23.88 43.32
CA ILE I 67 -35.05 22.88 43.11
C ILE I 67 -34.76 22.21 44.46
N GLY I 68 -35.80 22.05 45.27
CA GLY I 68 -35.67 21.46 46.58
C GLY I 68 -35.06 20.07 46.61
N LEU I 69 -34.83 19.54 47.82
CA LEU I 69 -34.12 18.27 47.95
C LEU I 69 -34.90 17.10 47.35
N GLU I 70 -36.21 17.24 47.16
CA GLU I 70 -36.99 16.14 46.62
C GLU I 70 -36.59 15.82 45.19
N GLU I 71 -36.56 16.84 44.32
CA GLU I 71 -36.19 16.61 42.92
C GLU I 71 -34.72 16.25 42.79
N VAL I 72 -33.87 16.81 43.65
CA VAL I 72 -32.46 16.45 43.63
C VAL I 72 -32.28 14.99 43.98
N GLU I 73 -33.01 14.51 44.99
CA GLU I 73 -32.96 13.09 45.35
C GLU I 73 -33.53 12.23 44.24
N ALA I 74 -34.58 12.70 43.56
CA ALA I 74 -35.13 11.94 42.43
C ALA I 74 -34.10 11.78 41.32
N VAL I 75 -33.41 12.87 40.98
CA VAL I 75 -32.36 12.79 39.96
C VAL I 75 -31.21 11.93 40.43
N LEU I 76 -30.89 11.97 41.73
CA LEU I 76 -29.85 11.09 42.27
C LEU I 76 -30.22 9.62 42.08
N LYS I 77 -31.45 9.26 42.46
CA LYS I 77 -31.88 7.88 42.29
C LYS I 77 -31.94 7.47 40.83
N ARG I 78 -32.32 8.40 39.96
CA ARG I 78 -32.28 8.11 38.52
C ARG I 78 -30.87 7.85 38.04
N ILE I 79 -29.90 8.64 38.52
CA ILE I 79 -28.52 8.48 38.07
C ILE I 79 -27.85 7.25 38.68
N GLN I 80 -28.34 6.76 39.81
CA GLN I 80 -27.79 5.52 40.36
C GLN I 80 -28.12 4.31 39.50
N ARG I 81 -29.09 4.42 38.61
CA ARG I 81 -29.50 3.31 37.76
C ARG I 81 -28.74 3.30 36.45
N PHE I 82 -27.41 3.35 36.52
CA PHE I 82 -26.56 3.42 35.34
C PHE I 82 -25.80 2.11 35.17
N ASP I 83 -24.92 2.07 34.16
CA ASP I 83 -24.19 0.85 33.86
C ASP I 83 -23.35 0.36 35.04
N PRO I 84 -22.54 1.20 35.72
CA PRO I 84 -21.96 0.72 36.98
C PRO I 84 -22.95 0.92 38.12
N VAL I 85 -23.87 -0.05 38.26
CA VAL I 85 -24.93 0.07 39.24
C VAL I 85 -24.35 0.18 40.64
N GLY I 86 -24.83 1.17 41.40
CA GLY I 86 -24.30 1.47 42.71
C GLY I 86 -23.43 2.72 42.77
N VAL I 87 -23.28 3.44 41.68
CA VAL I 87 -22.45 4.63 41.64
C VAL I 87 -23.18 5.79 42.32
N ALA I 88 -22.41 6.64 43.01
CA ALA I 88 -22.93 7.86 43.63
C ALA I 88 -23.94 7.54 44.72
N ALA I 89 -23.53 6.67 45.63
CA ALA I 89 -24.35 6.31 46.79
C ALA I 89 -23.95 7.17 47.99
N LYS I 90 -24.94 7.43 48.86
CA LYS I 90 -24.67 8.23 50.04
C LYS I 90 -23.65 7.54 50.95
N ASP I 91 -23.78 6.24 51.14
CA ASP I 91 -22.88 5.47 51.99
C ASP I 91 -22.95 4.01 51.56
N LEU I 92 -22.41 3.12 52.41
CA LEU I 92 -22.39 1.71 52.09
C LEU I 92 -23.80 1.13 52.02
N ARG I 93 -24.62 1.37 53.05
CA ARG I 93 -25.93 0.75 53.11
C ARG I 93 -26.80 1.16 51.93
N ASP I 94 -26.65 2.41 51.47
CA ASP I 94 -27.36 2.82 50.26
C ASP I 94 -26.88 2.03 49.05
N CYS I 95 -25.58 1.73 48.99
CA CYS I 95 -25.06 0.93 47.89
C CYS I 95 -25.65 -0.48 47.90
N LEU I 96 -25.70 -1.12 49.08
CA LEU I 96 -26.33 -2.43 49.14
C LEU I 96 -27.81 -2.37 48.77
N LEU I 97 -28.52 -1.35 49.25
CA LEU I 97 -29.94 -1.23 48.92
C LEU I 97 -30.15 -1.06 47.42
N ILE I 98 -29.32 -0.21 46.78
CA ILE I 98 -29.50 0.04 45.36
C ILE I 98 -29.09 -1.18 44.53
N GLN I 99 -28.13 -1.96 45.01
CA GLN I 99 -27.75 -3.17 44.28
C GLN I 99 -28.81 -4.26 44.43
N LEU I 100 -29.39 -4.40 45.61
CA LEU I 100 -30.40 -5.42 45.85
C LEU I 100 -31.78 -5.02 45.34
N SER I 101 -31.99 -3.74 45.03
CA SER I 101 -33.31 -3.30 44.57
C SER I 101 -33.66 -3.94 43.23
N GLN I 102 -32.69 -4.04 42.33
CA GLN I 102 -32.91 -4.63 41.01
C GLN I 102 -32.50 -6.09 41.06
N PHE I 103 -33.49 -6.97 41.21
CA PHE I 103 -33.25 -8.41 41.20
C PHE I 103 -34.52 -9.11 40.69
N ALA I 104 -34.47 -10.43 40.67
CA ALA I 104 -35.59 -11.22 40.17
C ALA I 104 -36.77 -11.23 41.14
N LYS I 105 -36.60 -10.73 42.36
CA LYS I 105 -37.62 -10.70 43.41
C LYS I 105 -38.12 -12.10 43.76
N GLU I 106 -37.41 -13.15 43.34
CA GLU I 106 -37.79 -14.52 43.64
C GLU I 106 -36.62 -15.31 44.24
N THR I 107 -35.53 -14.64 44.62
CA THR I 107 -34.44 -15.32 45.28
C THR I 107 -34.92 -15.83 46.65
N PRO I 108 -34.37 -16.95 47.12
CA PRO I 108 -34.88 -17.54 48.37
C PRO I 108 -34.75 -16.64 49.58
N TRP I 109 -33.89 -15.63 49.53
CA TRP I 109 -33.56 -14.82 50.70
C TRP I 109 -33.49 -13.34 50.33
N LEU I 110 -34.38 -12.90 49.44
CA LEU I 110 -34.42 -11.49 49.07
C LEU I 110 -34.92 -10.64 50.23
N GLU I 111 -36.01 -11.03 50.87
CA GLU I 111 -36.57 -10.24 51.97
C GLU I 111 -35.66 -10.26 53.18
N GLU I 112 -35.06 -11.42 53.48
CA GLU I 112 -34.21 -11.55 54.65
C GLU I 112 -32.93 -10.71 54.54
N ALA I 113 -32.52 -10.35 53.32
CA ALA I 113 -31.31 -9.58 53.11
C ALA I 113 -31.57 -8.20 52.55
N ARG I 114 -32.83 -7.83 52.29
CA ARG I 114 -33.11 -6.53 51.69
C ARG I 114 -32.95 -5.41 52.73
N LEU I 115 -33.72 -5.46 53.80
CA LEU I 115 -33.68 -4.43 54.82
C LEU I 115 -33.42 -4.95 56.23
N ILE I 116 -33.53 -6.25 56.46
CA ILE I 116 -33.31 -6.80 57.80
C ILE I 116 -31.87 -6.57 58.23
N ILE I 117 -30.91 -6.84 57.33
CA ILE I 117 -29.50 -6.72 57.65
C ILE I 117 -28.84 -5.56 56.93
N SER I 118 -29.25 -5.25 55.69
CA SER I 118 -28.66 -4.11 54.99
C SER I 118 -29.09 -2.79 55.61
N ASP I 119 -30.36 -2.67 55.97
CA ASP I 119 -30.90 -1.43 56.53
C ASP I 119 -30.92 -1.41 58.05
N HIS I 120 -30.47 -2.49 58.71
CA HIS I 120 -30.47 -2.53 60.16
C HIS I 120 -29.40 -3.50 60.62
N LEU I 121 -28.87 -3.25 61.82
CA LEU I 121 -27.83 -4.09 62.43
C LEU I 121 -26.61 -4.22 61.53
N ASP I 122 -26.22 -3.11 60.89
CA ASP I 122 -25.00 -3.11 60.10
C ASP I 122 -23.77 -3.33 60.97
N LEU I 123 -23.74 -2.73 62.16
CA LEU I 123 -22.64 -2.97 63.08
C LEU I 123 -22.59 -4.42 63.53
N LEU I 124 -23.76 -5.04 63.70
CA LEU I 124 -23.79 -6.46 64.02
C LEU I 124 -23.16 -7.29 62.90
N ALA I 125 -23.48 -6.96 61.64
CA ALA I 125 -22.85 -7.64 60.52
C ALA I 125 -21.35 -7.38 60.49
N ASN I 126 -20.92 -6.21 60.94
CA ASN I 126 -19.49 -5.94 61.09
C ASN I 126 -18.87 -6.89 62.12
N HIS I 127 -19.59 -7.15 63.20
CA HIS I 127 -19.13 -8.08 64.24
C HIS I 127 -19.56 -9.50 63.88
N ASP I 128 -19.44 -10.42 64.83
CA ASP I 128 -19.83 -11.81 64.59
C ASP I 128 -21.33 -11.98 64.41
N PHE I 129 -22.13 -10.99 64.82
CA PHE I 129 -23.59 -11.02 64.69
C PHE I 129 -24.20 -12.24 65.38
N ARG I 130 -23.64 -12.63 66.52
CA ARG I 130 -24.21 -13.75 67.27
C ARG I 130 -25.60 -13.40 67.79
N THR I 131 -25.77 -12.20 68.33
CA THR I 131 -27.07 -11.78 68.83
C THR I 131 -28.02 -11.33 67.73
N LEU I 132 -27.50 -11.11 66.51
CA LEU I 132 -28.36 -10.69 65.41
C LEU I 132 -29.39 -11.76 65.07
N MET I 133 -29.02 -13.03 65.17
CA MET I 133 -29.98 -14.11 64.93
C MET I 133 -31.13 -14.05 65.92
N ARG I 134 -30.82 -13.80 67.20
CA ARG I 134 -31.88 -13.65 68.19
C ARG I 134 -32.72 -12.41 67.91
N VAL I 135 -32.09 -11.32 67.48
CA VAL I 135 -32.83 -10.09 67.19
C VAL I 135 -33.77 -10.31 66.01
N THR I 136 -33.29 -10.97 64.96
CA THR I 136 -34.09 -11.17 63.76
C THR I 136 -35.07 -12.33 63.88
N ARG I 137 -35.07 -13.05 65.02
CA ARG I 137 -35.96 -14.19 65.24
C ARG I 137 -35.78 -15.26 64.16
N LEU I 138 -34.53 -15.47 63.75
CA LEU I 138 -34.20 -16.48 62.76
C LEU I 138 -32.98 -17.25 63.24
N LYS I 139 -32.85 -18.49 62.75
CA LYS I 139 -31.74 -19.34 63.14
C LYS I 139 -30.43 -18.80 62.58
N GLU I 140 -29.33 -19.30 63.13
CA GLU I 140 -28.01 -18.91 62.63
C GLU I 140 -27.69 -19.54 61.29
N GLU I 141 -28.35 -20.65 60.95
CA GLU I 141 -28.05 -21.32 59.68
C GLU I 141 -28.41 -20.46 58.48
N VAL I 142 -29.57 -19.81 58.52
CA VAL I 142 -29.98 -18.96 57.41
C VAL I 142 -29.11 -17.71 57.34
N LEU I 143 -28.78 -17.12 58.50
CA LEU I 143 -27.96 -15.92 58.50
C LEU I 143 -26.54 -16.20 58.03
N LYS I 144 -26.03 -17.42 58.28
CA LYS I 144 -24.67 -17.75 57.87
C LYS I 144 -24.51 -17.63 56.35
N GLU I 145 -25.50 -18.08 55.60
CA GLU I 145 -25.48 -17.92 54.15
C GLU I 145 -26.03 -16.57 53.70
N ALA I 146 -26.85 -15.91 54.52
CA ALA I 146 -27.30 -14.57 54.18
C ALA I 146 -26.13 -13.60 54.16
N VAL I 147 -25.18 -13.79 55.08
CA VAL I 147 -23.97 -12.97 55.06
C VAL I 147 -23.21 -13.15 53.76
N ASN I 148 -23.07 -14.40 53.30
CA ASN I 148 -22.40 -14.64 52.04
C ASN I 148 -23.16 -14.03 50.86
N LEU I 149 -24.49 -14.14 50.89
CA LEU I 149 -25.30 -13.55 49.83
C LEU I 149 -25.13 -12.03 49.78
N ILE I 150 -25.08 -11.39 50.94
CA ILE I 150 -24.82 -9.96 50.99
C ILE I 150 -23.43 -9.66 50.44
N GLN I 151 -22.44 -10.46 50.84
CA GLN I 151 -21.07 -10.25 50.38
C GLN I 151 -20.92 -10.49 48.89
N SER I 152 -21.85 -11.23 48.28
CA SER I 152 -21.79 -11.43 46.83
C SER I 152 -21.96 -10.11 46.08
N LEU I 153 -22.64 -9.14 46.68
CA LEU I 153 -22.77 -7.83 46.06
C LEU I 153 -21.42 -7.13 46.00
N ASP I 154 -21.26 -6.28 45.00
CA ASP I 154 -20.00 -5.58 44.81
C ASP I 154 -19.78 -4.58 45.95
N PRO I 155 -18.63 -4.63 46.63
CA PRO I 155 -18.37 -3.70 47.73
C PRO I 155 -18.36 -2.24 47.28
N ARG I 156 -17.52 -1.91 46.30
CA ARG I 156 -17.44 -0.56 45.75
C ARG I 156 -17.61 -0.64 44.24
N PRO I 157 -18.85 -0.72 43.76
CA PRO I 157 -19.07 -0.67 42.31
C PRO I 157 -18.72 0.70 41.75
N GLY I 158 -18.39 0.72 40.47
CA GLY I 158 -17.98 1.92 39.80
C GLY I 158 -16.49 2.04 39.56
N GLN I 159 -15.68 1.25 40.27
CA GLN I 159 -14.26 1.19 39.99
C GLN I 159 -13.92 0.19 38.89
N SER I 160 -14.87 -0.65 38.49
CA SER I 160 -14.64 -1.62 37.44
C SER I 160 -14.50 -0.99 36.06
N ILE I 161 -14.93 0.25 35.89
CA ILE I 161 -14.80 0.92 34.60
C ILE I 161 -13.45 1.62 34.45
N GLN I 162 -12.70 1.80 35.53
CA GLN I 162 -11.39 2.42 35.45
C GLN I 162 -10.43 1.52 34.70
N THR I 163 -9.84 2.02 33.61
CA THR I 163 -8.91 1.23 32.83
C THR I 163 -7.65 0.89 33.64
N GLY I 164 -7.15 1.85 34.40
CA GLY I 164 -5.95 1.63 35.20
C GLY I 164 -4.69 1.43 34.38
N GLU I 165 -4.53 2.21 33.31
CA GLU I 165 -3.31 2.12 32.51
C GLU I 165 -2.03 2.48 33.29
N PRO I 166 -1.98 3.54 34.15
CA PRO I 166 -0.69 3.89 34.75
C PRO I 166 -0.29 2.87 35.81
N GLU I 167 0.80 2.15 35.55
CA GLU I 167 1.26 1.11 36.45
C GLU I 167 2.25 1.62 37.49
N TYR I 168 2.52 2.92 37.54
CA TYR I 168 3.36 3.54 38.56
C TYR I 168 4.72 2.84 38.69
N VAL I 169 5.37 2.62 37.55
CA VAL I 169 6.72 2.06 37.56
C VAL I 169 7.66 2.97 38.31
N ILE I 170 8.48 2.40 39.18
CA ILE I 170 9.55 3.12 39.86
C ILE I 170 10.87 2.62 39.28
N PRO I 171 11.66 3.47 38.64
CA PRO I 171 12.85 2.98 37.93
C PRO I 171 14.00 2.58 38.83
N ASP I 172 13.97 2.94 40.12
CA ASP I 172 15.03 2.60 41.07
C ASP I 172 16.37 3.14 40.57
N VAL I 173 16.45 4.47 40.58
CA VAL I 173 17.56 5.23 39.98
C VAL I 173 18.92 4.80 40.51
N LEU I 174 18.95 4.11 41.64
CA LEU I 174 20.17 3.50 42.15
C LEU I 174 19.84 2.12 42.71
N VAL I 175 20.84 1.25 42.72
CA VAL I 175 20.65 -0.13 43.15
C VAL I 175 21.66 -0.47 44.25
N ARG I 176 21.30 -1.46 45.06
CA ARG I 176 22.15 -1.93 46.14
C ARG I 176 22.32 -3.44 46.02
N LYS I 177 23.56 -3.90 46.14
CA LYS I 177 23.89 -5.32 46.07
C LYS I 177 24.66 -5.73 47.32
N VAL I 178 24.72 -7.03 47.56
CA VAL I 178 25.41 -7.58 48.72
C VAL I 178 26.87 -7.81 48.36
N ASN I 179 27.77 -7.32 49.20
CA ASN I 179 29.21 -7.50 49.02
C ASN I 179 29.83 -7.73 50.39
N ASP I 180 31.17 -7.66 50.43
CA ASP I 180 31.86 -7.75 51.71
C ASP I 180 31.50 -6.56 52.60
N ARG I 181 31.43 -5.37 52.02
CA ARG I 181 31.00 -4.17 52.72
C ARG I 181 29.68 -3.63 52.20
N TRP I 182 29.00 -4.38 51.33
CA TRP I 182 27.67 -4.02 50.81
C TRP I 182 27.71 -2.68 50.08
N VAL I 183 28.48 -2.63 48.99
CA VAL I 183 28.64 -1.39 48.24
C VAL I 183 27.34 -1.05 47.51
N VAL I 184 27.17 0.24 47.21
CA VAL I 184 25.98 0.76 46.54
C VAL I 184 26.43 1.56 45.33
N GLU I 185 25.80 1.32 44.19
CA GLU I 185 26.07 2.05 42.96
C GLU I 185 24.80 2.77 42.50
N LEU I 186 24.88 3.39 41.32
CA LEU I 186 23.80 4.17 40.77
C LEU I 186 23.53 3.74 39.34
N ASN I 187 22.25 3.65 38.98
CA ASN I 187 21.84 3.25 37.63
C ASN I 187 20.73 4.20 37.15
N SER I 188 20.98 5.49 37.29
CA SER I 188 20.02 6.51 36.86
C SER I 188 20.10 6.74 35.35
N SER I 189 27.13 23.55 33.75
CA SER I 189 27.28 22.56 34.80
C SER I 189 26.23 21.45 34.65
N LEU I 190 25.24 21.46 35.55
CA LEU I 190 24.17 20.47 35.55
C LEU I 190 24.72 19.04 35.60
N GLU I 191 25.81 18.86 36.35
CA GLU I 191 26.44 17.56 36.50
C GLU I 191 26.72 17.18 37.95
N SER I 192 26.66 18.12 38.89
CA SER I 192 26.89 17.80 40.29
C SER I 192 25.70 17.14 40.96
N ALA I 193 24.54 17.09 40.30
CA ALA I 193 23.37 16.46 40.90
C ALA I 193 23.61 14.98 41.15
N ASN I 194 24.19 14.28 40.17
CA ASN I 194 24.48 12.86 40.35
C ASN I 194 25.51 12.64 41.44
N ASP I 195 26.51 13.51 41.53
CA ASP I 195 27.50 13.40 42.59
C ASP I 195 26.88 13.60 43.96
N THR I 196 26.00 14.59 44.09
CA THR I 196 25.31 14.80 45.37
C THR I 196 24.43 13.60 45.71
N LEU I 197 23.74 13.05 44.72
CA LEU I 197 22.91 11.86 44.94
C LEU I 197 23.75 10.69 45.45
N LEU I 198 24.88 10.43 44.78
CA LEU I 198 25.71 9.32 45.21
C LEU I 198 26.28 9.55 46.61
N ARG I 199 26.68 10.80 46.91
CA ARG I 199 27.23 11.09 48.23
C ARG I 199 26.19 10.90 49.33
N VAL I 200 24.98 11.43 49.14
CA VAL I 200 23.95 11.31 50.15
C VAL I 200 23.54 9.84 50.32
N SER I 201 23.40 9.11 49.21
CA SER I 201 23.01 7.71 49.31
C SER I 201 24.08 6.89 50.01
N ARG I 202 25.36 7.13 49.68
CA ARG I 202 26.43 6.39 50.33
C ARG I 202 26.51 6.70 51.82
N CYS I 203 26.36 7.98 52.19
CA CYS I 203 26.39 8.33 53.60
C CYS I 203 25.24 7.68 54.36
N ILE I 204 24.03 7.70 53.79
CA ILE I 204 22.90 7.06 54.44
C ILE I 204 23.13 5.55 54.57
N VAL I 205 23.66 4.93 53.51
CA VAL I 205 23.88 3.49 53.52
C VAL I 205 24.89 3.11 54.59
N GLU I 206 26.00 3.85 54.67
CA GLU I 206 26.98 3.57 55.71
C GLU I 206 26.39 3.83 57.10
N GLN I 207 25.47 4.78 57.21
CA GLN I 207 24.76 4.96 58.47
C GLN I 207 23.72 3.85 58.67
N GLN I 208 23.03 3.47 57.61
CA GLN I 208 21.96 2.47 57.70
C GLN I 208 22.47 1.06 57.47
N GLN I 209 23.77 0.84 57.71
CA GLN I 209 24.35 -0.47 57.46
C GLN I 209 23.66 -1.56 58.27
N ALA I 210 23.25 -1.23 59.50
CA ALA I 210 22.57 -2.20 60.34
C ALA I 210 21.22 -2.61 59.76
N PHE I 211 20.48 -1.67 59.16
CA PHE I 211 19.14 -1.97 58.68
C PHE I 211 19.19 -2.96 57.52
N PHE I 212 20.17 -2.81 56.62
CA PHE I 212 20.36 -3.78 55.55
C PHE I 212 21.00 -5.08 56.03
N GLU I 213 21.49 -5.13 57.27
CA GLU I 213 22.22 -6.29 57.77
C GLU I 213 21.34 -7.10 58.70
N GLN I 214 21.31 -8.42 58.48
CA GLN I 214 20.59 -9.38 59.32
C GLN I 214 19.11 -9.04 59.29
N GLY I 215 18.48 -8.72 60.42
CA GLY I 215 17.05 -8.50 60.44
C GLY I 215 16.63 -7.25 59.68
N GLU I 216 15.35 -7.22 59.31
CA GLU I 216 14.81 -6.10 58.56
C GLU I 216 14.63 -4.85 59.41
N GLU I 217 14.71 -4.95 60.73
CA GLU I 217 14.46 -3.82 61.62
C GLU I 217 15.66 -3.62 62.54
N TYR I 218 16.61 -2.80 62.09
CA TYR I 218 17.73 -2.34 62.89
C TYR I 218 17.95 -0.86 62.63
N MET I 219 16.85 -0.11 62.66
CA MET I 219 16.85 1.28 62.24
C MET I 219 17.28 2.20 63.38
N LYS I 220 17.86 3.34 63.02
CA LYS I 220 18.29 4.34 63.98
C LYS I 220 17.68 5.70 63.65
N PRO I 221 17.46 6.55 64.66
CA PRO I 221 16.84 7.85 64.40
C PRO I 221 17.76 8.81 63.66
N MET I 222 17.88 8.61 62.35
CA MET I 222 18.78 9.41 61.52
C MET I 222 18.13 10.78 61.30
N VAL I 223 18.67 11.81 61.94
CA VAL I 223 18.17 13.18 61.84
C VAL I 223 19.05 13.95 60.86
N LEU I 224 18.46 14.95 60.19
CA LEU I 224 19.15 15.67 59.13
C LEU I 224 20.46 16.29 59.60
N ALA I 225 20.58 16.60 60.89
CA ALA I 225 21.81 17.20 61.40
C ALA I 225 23.00 16.25 61.26
N ASP I 226 22.78 14.97 61.53
CA ASP I 226 23.88 14.00 61.46
C ASP I 226 24.45 13.91 60.04
N ILE I 227 23.58 13.69 59.06
CA ILE I 227 24.04 13.59 57.68
C ILE I 227 24.57 14.93 57.19
N ALA I 228 23.98 16.04 57.67
CA ALA I 228 24.47 17.36 57.31
C ALA I 228 25.90 17.56 57.76
N GLN I 229 26.22 17.14 58.98
CA GLN I 229 27.61 17.20 59.45
C GLN I 229 28.49 16.20 58.69
N ALA I 230 27.93 15.04 58.32
CA ALA I 230 28.71 14.06 57.59
C ALA I 230 29.15 14.59 56.22
N VAL I 231 28.26 15.29 55.52
CA VAL I 231 28.57 15.81 54.19
C VAL I 231 28.97 17.28 54.23
N GLU I 232 28.97 17.91 55.40
CA GLU I 232 29.33 19.32 55.57
C GLU I 232 28.48 20.22 54.68
N MET I 233 27.17 20.05 54.76
CA MET I 233 26.23 20.81 53.95
C MET I 233 24.93 20.94 54.73
N HIS I 234 24.30 22.11 54.64
CA HIS I 234 23.09 22.39 55.39
C HIS I 234 21.98 21.40 55.01
N GLU I 235 21.02 21.25 55.93
CA GLU I 235 20.04 20.18 55.82
C GLU I 235 19.02 20.42 54.70
N SER I 236 18.83 21.68 54.29
CA SER I 236 17.72 22.00 53.40
C SER I 236 17.87 21.30 52.04
N THR I 237 19.02 21.46 51.39
CA THR I 237 19.18 20.93 50.04
C THR I 237 19.26 19.41 50.06
N ILE I 238 19.96 18.83 51.03
CA ILE I 238 20.05 17.38 51.13
C ILE I 238 18.70 16.76 51.45
N SER I 239 17.83 17.49 52.15
CA SER I 239 16.47 17.01 52.35
C SER I 239 15.64 17.15 51.08
N ARG I 240 15.83 18.24 50.33
CA ARG I 240 15.07 18.45 49.11
C ARG I 240 15.41 17.40 48.06
N VAL I 241 16.69 17.08 47.91
CA VAL I 241 17.13 16.21 46.82
C VAL I 241 16.61 14.78 47.00
N THR I 242 16.41 14.34 48.25
CA THR I 242 15.97 12.98 48.53
C THR I 242 14.47 12.86 48.69
N THR I 243 13.70 13.69 47.99
CA THR I 243 12.25 13.68 48.17
C THR I 243 11.61 12.45 47.53
N GLN I 244 12.09 12.06 46.34
CA GLN I 244 11.45 11.00 45.58
C GLN I 244 12.40 9.89 45.14
N LYS I 245 13.71 10.12 45.14
CA LYS I 245 14.65 9.12 44.66
C LYS I 245 14.53 7.83 45.47
N TYR I 246 14.53 6.70 44.77
CA TYR I 246 14.37 5.39 45.39
C TYR I 246 15.54 4.50 45.02
N LEU I 247 15.99 3.69 45.98
CA LEU I 247 17.04 2.72 45.77
C LEU I 247 16.45 1.35 45.48
N HIS I 248 17.31 0.41 45.10
CA HIS I 248 16.91 -0.98 44.87
C HIS I 248 17.68 -1.87 45.83
N SER I 249 16.95 -2.70 46.57
CA SER I 249 17.56 -3.66 47.47
C SER I 249 16.86 -5.01 47.33
N PRO I 250 17.57 -6.10 47.60
CA PRO I 250 16.91 -7.42 47.55
C PRO I 250 15.74 -7.53 48.51
N ARG I 251 15.83 -6.90 49.68
CA ARG I 251 14.75 -6.91 50.65
C ARG I 251 14.45 -5.55 51.27
N GLY I 252 15.16 -4.50 50.88
CA GLY I 252 14.97 -3.21 51.50
C GLY I 252 13.69 -2.52 51.06
N ILE I 253 13.26 -1.56 51.87
CA ILE I 253 12.07 -0.78 51.58
C ILE I 253 12.43 0.30 50.56
N PHE I 254 11.64 0.38 49.49
CA PHE I 254 11.93 1.27 48.37
C PHE I 254 11.47 2.67 48.75
N GLU I 255 12.32 3.37 49.49
CA GLU I 255 11.97 4.69 50.00
C GLU I 255 13.25 5.45 50.33
N LEU I 256 13.12 6.77 50.46
CA LEU I 256 14.20 7.61 50.95
C LEU I 256 13.79 8.55 52.08
N LYS I 257 12.52 8.93 52.18
CA LYS I 257 12.04 9.70 53.32
C LYS I 257 11.76 8.82 54.54
N TYR I 258 11.51 7.52 54.33
CA TYR I 258 11.38 6.61 55.46
C TYR I 258 12.70 6.49 56.21
N PHE I 259 13.82 6.63 55.51
CA PHE I 259 15.12 6.65 56.16
C PHE I 259 15.34 7.91 56.99
N PHE I 260 14.48 8.91 56.85
CA PHE I 260 14.59 10.14 57.63
C PHE I 260 13.64 10.07 58.83
N SER I 261 14.12 9.42 59.89
CA SER I 261 13.35 9.24 61.10
C SER I 261 14.00 9.97 62.27
N SER I 262 13.19 10.70 63.02
CA SER I 262 13.62 11.41 64.23
C SER I 262 12.63 11.04 65.33
N HIS I 263 12.88 9.92 66.00
CA HIS I 263 11.93 9.34 66.93
C HIS I 263 12.65 8.85 68.18
N VAL I 264 13.44 9.72 68.80
CA VAL I 264 14.24 9.39 69.98
C VAL I 264 13.40 8.66 71.03
N ASN I 265 12.15 9.12 71.21
CA ASN I 265 11.11 8.42 72.00
C ASN I 265 11.58 8.06 73.42
N THR I 266 12.67 8.67 73.88
CA THR I 266 13.22 8.43 75.21
C THR I 266 13.42 6.93 75.48
N GLU I 267 14.20 6.31 74.60
CA GLU I 267 14.52 4.89 74.74
C GLU I 267 15.32 4.66 76.02
N GLY I 268 15.07 3.52 76.66
CA GLY I 268 15.79 3.20 77.88
C GLY I 268 17.28 3.08 77.66
N GLY I 269 17.68 2.39 76.60
CA GLY I 269 19.08 2.30 76.25
C GLY I 269 19.45 3.22 75.09
N GLY I 270 20.07 4.36 75.41
CA GLY I 270 20.42 5.31 74.36
C GLY I 270 19.18 5.86 73.69
N GLU I 271 19.14 5.75 72.36
CA GLU I 271 18.02 6.22 71.57
C GLU I 271 17.62 5.16 70.55
N ALA I 272 16.36 5.21 70.14
CA ALA I 272 15.83 4.26 69.18
C ALA I 272 14.94 5.02 68.19
N SER I 273 14.27 4.27 67.32
CA SER I 273 13.39 4.83 66.30
C SER I 273 11.99 4.26 66.47
N SER I 274 10.98 5.07 66.11
CA SER I 274 9.59 4.63 66.21
C SER I 274 9.30 3.48 65.26
N THR I 275 10.06 3.36 64.17
CA THR I 275 9.86 2.25 63.24
C THR I 275 10.18 0.92 63.91
N ALA I 276 11.23 0.88 64.74
CA ALA I 276 11.57 -0.33 65.46
C ALA I 276 10.44 -0.75 66.40
N ILE I 277 9.93 0.19 67.19
CA ILE I 277 8.86 -0.11 68.14
C ILE I 277 7.60 -0.53 67.40
N ARG I 278 7.36 0.07 66.23
CA ARG I 278 6.17 -0.26 65.46
C ARG I 278 6.26 -1.66 64.88
N ALA I 279 7.42 -2.01 64.32
CA ALA I 279 7.65 -3.37 63.85
C ALA I 279 7.48 -4.37 64.98
N LEU I 280 8.02 -4.04 66.16
CA LEU I 280 7.83 -4.88 67.33
C LEU I 280 6.35 -5.02 67.65
N VAL I 281 5.61 -3.92 67.57
CA VAL I 281 4.21 -3.94 67.95
C VAL I 281 3.41 -4.86 67.04
N LYS I 282 3.55 -4.69 65.73
CA LYS I 282 2.82 -5.56 64.80
C LYS I 282 3.28 -7.01 64.87
N LYS I 283 4.58 -7.27 64.95
CA LYS I 283 4.94 -8.69 64.96
C LYS I 283 4.79 -9.31 66.35
N LEU I 284 4.41 -8.52 67.36
CA LEU I 284 4.04 -9.11 68.64
C LEU I 284 2.53 -9.31 68.73
N ILE I 285 1.75 -8.35 68.21
CA ILE I 285 0.30 -8.49 68.22
C ILE I 285 -0.13 -9.60 67.27
N ALA I 286 0.57 -9.74 66.14
CA ALA I 286 0.26 -10.82 65.21
C ALA I 286 0.48 -12.19 65.86
N ALA I 287 1.57 -12.33 66.62
CA ALA I 287 1.88 -13.58 67.31
C ALA I 287 1.37 -13.48 68.75
N GLU I 288 0.09 -13.80 68.93
CA GLU I 288 -0.55 -13.77 70.23
C GLU I 288 -1.53 -14.93 70.32
N ASN I 289 -2.25 -14.99 71.44
CA ASN I 289 -3.27 -15.99 71.64
C ASN I 289 -4.47 -15.71 70.73
N PRO I 290 -5.31 -16.70 70.48
CA PRO I 290 -6.53 -16.45 69.68
C PRO I 290 -7.40 -15.35 70.27
N ALA I 291 -7.47 -15.26 71.60
CA ALA I 291 -8.15 -14.13 72.23
C ALA I 291 -7.45 -12.82 71.90
N LYS I 292 -6.11 -12.82 71.94
CA LYS I 292 -5.28 -11.67 71.61
C LYS I 292 -5.69 -10.42 72.38
N PRO I 293 -5.41 -10.35 73.69
CA PRO I 293 -5.72 -9.13 74.44
C PRO I 293 -5.13 -7.89 73.80
N LEU I 294 -3.81 -7.87 73.64
CA LEU I 294 -3.11 -6.78 72.96
C LEU I 294 -3.46 -5.43 73.57
N SER I 295 -3.54 -5.38 74.90
CA SER I 295 -3.87 -4.15 75.59
C SER I 295 -2.76 -3.12 75.39
N ASP I 296 -3.16 -1.85 75.26
CA ASP I 296 -2.17 -0.78 75.08
C ASP I 296 -1.26 -0.68 76.28
N SER I 297 -1.81 -0.77 77.49
CA SER I 297 -0.98 -0.78 78.70
C SER I 297 -0.08 -2.01 78.72
N LYS I 298 -0.64 -3.17 78.36
CA LYS I 298 0.17 -4.40 78.32
C LYS I 298 1.26 -4.29 77.27
N LEU I 299 0.95 -3.73 76.10
CA LEU I 299 1.96 -3.55 75.07
C LEU I 299 3.06 -2.61 75.53
N THR I 300 2.69 -1.51 76.20
CA THR I 300 3.69 -0.59 76.71
C THR I 300 4.57 -1.25 77.77
N SER I 301 3.96 -2.05 78.65
CA SER I 301 4.74 -2.74 79.66
C SER I 301 5.70 -3.75 79.02
N MET I 302 5.24 -4.47 78.00
CA MET I 302 6.11 -5.40 77.30
C MET I 302 7.27 -4.68 76.61
N LEU I 303 6.98 -3.54 75.99
CA LEU I 303 8.04 -2.76 75.35
C LEU I 303 9.04 -2.25 76.37
N SER I 304 8.57 -1.79 77.53
CA SER I 304 9.47 -1.32 78.57
C SER I 304 10.33 -2.46 79.11
N GLU I 305 9.75 -3.66 79.25
CA GLU I 305 10.53 -4.82 79.67
C GLU I 305 11.58 -5.17 78.64
N GLN I 306 11.22 -5.09 77.35
CA GLN I 306 12.19 -5.35 76.29
C GLN I 306 13.25 -4.27 76.19
N GLY I 307 13.02 -3.11 76.80
CA GLY I 307 13.97 -2.02 76.77
C GLY I 307 13.51 -0.76 76.07
N ILE I 308 12.28 -0.71 75.55
CA ILE I 308 11.76 0.46 74.86
C ILE I 308 10.82 1.17 75.82
N MET I 309 11.29 2.29 76.39
CA MET I 309 10.49 3.07 77.33
C MET I 309 9.46 3.87 76.54
N VAL I 310 8.31 3.25 76.29
CA VAL I 310 7.22 3.86 75.55
C VAL I 310 5.98 3.89 76.44
N ALA I 311 5.30 5.03 76.47
CA ALA I 311 4.13 5.20 77.31
C ALA I 311 2.95 4.43 76.72
N ARG I 312 1.81 4.50 77.41
CA ARG I 312 0.62 3.76 77.01
C ARG I 312 0.10 4.25 75.66
N ARG I 313 0.06 5.57 75.45
CA ARG I 313 -0.54 6.10 74.23
C ARG I 313 0.33 5.89 73.00
N THR I 314 1.64 5.71 73.18
CA THR I 314 2.52 5.52 72.04
C THR I 314 2.18 4.24 71.29
N VAL I 315 2.00 3.14 72.03
CA VAL I 315 1.64 1.86 71.40
C VAL I 315 0.26 1.96 70.76
N ALA I 316 -0.67 2.63 71.43
CA ALA I 316 -2.03 2.77 70.89
C ALA I 316 -2.02 3.52 69.57
N LYS I 317 -1.27 4.63 69.49
CA LYS I 317 -1.22 5.39 68.26
C LYS I 317 -0.37 4.71 67.19
N TYR I 318 0.59 3.88 67.58
CA TYR I 318 1.30 3.06 66.60
C TYR I 318 0.36 2.02 65.98
N ARG I 319 -0.47 1.39 66.82
CA ARG I 319 -1.42 0.40 66.32
C ARG I 319 -2.48 1.07 65.44
N GLU I 320 -2.97 2.24 65.85
CA GLU I 320 -4.04 2.92 65.12
C GLU I 320 -3.61 3.34 63.72
N SER I 321 -2.31 3.38 63.45
CA SER I 321 -1.84 3.80 62.12
C SER I 321 -2.24 2.79 61.05
N LEU I 322 -1.98 1.50 61.30
CA LEU I 322 -2.28 0.47 60.29
C LEU I 322 -2.83 -0.81 60.91
N SER I 323 -3.49 -0.74 62.07
CA SER I 323 -4.00 -1.93 62.72
C SER I 323 -5.21 -1.56 63.56
N ILE I 324 -5.94 -2.57 64.02
CA ILE I 324 -7.13 -2.39 64.85
C ILE I 324 -7.01 -3.27 66.08
N PRO I 325 -7.60 -2.83 67.20
CA PRO I 325 -7.51 -3.62 68.43
C PRO I 325 -8.35 -4.88 68.34
N PRO I 326 -7.78 -6.02 68.70
CA PRO I 326 -8.50 -7.31 68.66
C PRO I 326 -9.23 -7.60 69.97
N SER I 327 -10.39 -6.94 70.12
CA SER I 327 -11.22 -7.03 71.33
C SER I 327 -10.45 -6.59 72.57
N ASN I 328 -9.53 -5.64 72.40
CA ASN I 328 -8.78 -5.13 73.54
C ASN I 328 -9.66 -4.33 74.49
N GLN I 329 -10.60 -3.57 73.95
CA GLN I 329 -11.51 -2.77 74.77
C GLN I 329 -12.53 -3.65 75.49
#